data_4D1I
#
_entry.id   4D1I
#
_cell.length_a   98.911
_cell.length_b   115.783
_cell.length_c   116.036
_cell.angle_alpha   90.21
_cell.angle_beta   90.25
_cell.angle_gamma   90.38
#
_symmetry.space_group_name_H-M   'P 1'
#
loop_
_entity.id
_entity.type
_entity.pdbx_description
1 polymer 'BETA-GALACTOSIDASE, PUTATIVE, BGL35A'
2 non-polymer 'SODIUM ION'
3 non-polymer 'ACETATE ION'
4 water water
#
_entity_poly.entity_id   1
_entity_poly.type   'polypeptide(L)'
_entity_poly.pdbx_seq_one_letter_code
;AAPLPELLSNNGKHALMVDGAPYIILGSQTNNSSNYPDALKDVWPSMEKMGANTLSIPVAWEQIEPVEGQFDFSFVDVLL
KEARQRKVRLVLLWFATWKNNAPHYAPAWVKLDNARFPRVVKEDGDTLNSLSPLGQNTLAADKKAFVELMKYLAKRDKDH
TVIMVQVQNEVGTYGAVRDYSPMAQAVFNAAVPDDLIQKLQLKPGTWSQVFGRDADEFFHAYQIARYCDEVTVAGKAIKN
LPMYVNVALRNPFNPGLPGQYSSGGGTDNVLHIWKAAAPNIDLIAPDIYFRDYKTVSKVLELYTRPDNALFVAEIGNDQP
FARYLFPTLGKGGIGFSPFGMDDTDYTNYPLGAKVYNDETIEQFAQVYRLVNPMMREWARLSYQGQVWGVAEPLDSTTET
QKIWNAEATPEEKEQHKKDRASALTQQLDLGLWDAEVTYGRPMFWVTPPEGNTPAAGGALIAQLDDNEYLVTAYKARVEF
KPSQELAGKKFMIERVEEGRFEKGKWVMERVWNGDQTDWGLNFTDRPHLLRVKMASYSVQ
;
_entity_poly.pdbx_strand_id   A,B,C,D,E,F,G,H
#
# COMPACT_ATOMS: atom_id res chain seq x y z
N ALA A 2 69.59 -10.22 3.79
CA ALA A 2 69.92 -10.24 2.34
C ALA A 2 70.67 -8.98 1.98
N PRO A 3 71.58 -9.08 1.02
CA PRO A 3 72.36 -7.90 0.71
C PRO A 3 71.54 -6.88 -0.06
N LEU A 4 71.90 -5.60 0.07
CA LEU A 4 71.22 -4.53 -0.63
C LEU A 4 71.28 -4.73 -2.14
N PRO A 5 70.19 -4.38 -2.85
CA PRO A 5 70.31 -4.27 -4.28
C PRO A 5 71.36 -3.23 -4.61
N GLU A 6 72.08 -3.44 -5.70
CA GLU A 6 72.99 -2.40 -6.19
C GLU A 6 73.28 -2.49 -7.67
N LEU A 7 73.57 -1.35 -8.26
CA LEU A 7 73.92 -1.29 -9.64
C LEU A 7 75.44 -1.36 -9.77
N LEU A 8 75.94 -2.42 -10.41
CA LEU A 8 77.38 -2.58 -10.63
C LEU A 8 77.70 -2.17 -12.04
N SER A 9 78.85 -1.50 -12.21
CA SER A 9 79.36 -1.13 -13.50
C SER A 9 80.82 -1.58 -13.58
N ASN A 10 81.17 -2.36 -14.59
CA ASN A 10 82.52 -2.86 -14.76
C ASN A 10 82.80 -3.19 -16.23
N ASN A 11 83.95 -2.75 -16.73
CA ASN A 11 84.40 -3.09 -18.09
C ASN A 11 83.41 -2.59 -19.15
N GLY A 12 82.82 -1.42 -18.92
CA GLY A 12 81.73 -0.90 -19.76
C GLY A 12 80.40 -1.67 -19.73
N LYS A 13 80.23 -2.59 -18.79
CA LYS A 13 79.02 -3.38 -18.68
C LYS A 13 78.35 -3.13 -17.32
N HIS A 14 77.11 -3.53 -17.16
CA HIS A 14 76.35 -3.22 -15.94
C HIS A 14 75.48 -4.37 -15.52
N ALA A 15 75.20 -4.43 -14.22
CA ALA A 15 74.25 -5.39 -13.68
C ALA A 15 73.49 -4.78 -12.51
N LEU A 16 72.19 -5.06 -12.45
CA LEU A 16 71.40 -4.74 -11.27
C LEU A 16 71.43 -5.98 -10.42
N MET A 17 72.15 -5.89 -9.30
CA MET A 17 72.25 -6.97 -8.35
C MET A 17 71.07 -6.95 -7.42
N VAL A 18 70.36 -8.07 -7.36
CA VAL A 18 69.28 -8.25 -6.43
C VAL A 18 69.46 -9.58 -5.73
N ASP A 19 69.44 -9.55 -4.41
CA ASP A 19 69.74 -10.71 -3.59
C ASP A 19 71.08 -11.36 -3.95
N GLY A 20 72.07 -10.53 -4.27
CA GLY A 20 73.42 -10.98 -4.52
C GLY A 20 73.74 -11.53 -5.91
N ALA A 21 72.87 -11.32 -6.90
CA ALA A 21 73.16 -11.76 -8.26
C ALA A 21 72.45 -10.87 -9.26
N PRO A 22 72.94 -10.85 -10.51
CA PRO A 22 72.28 -10.02 -11.51
C PRO A 22 70.81 -10.40 -11.71
N TYR A 23 70.01 -9.39 -12.03
CA TYR A 23 68.57 -9.48 -12.10
C TYR A 23 68.10 -8.67 -13.32
N ILE A 24 67.06 -9.16 -14.01
CA ILE A 24 66.39 -8.39 -15.04
C ILE A 24 64.99 -8.00 -14.56
N ILE A 25 64.70 -6.71 -14.62
CA ILE A 25 63.35 -6.24 -14.39
C ILE A 25 62.49 -6.56 -15.62
N LEU A 26 61.61 -7.53 -15.49
CA LEU A 26 60.57 -7.76 -16.49
C LEU A 26 59.34 -7.11 -15.89
N GLY A 27 59.14 -5.85 -16.25
CA GLY A 27 58.31 -4.98 -15.43
C GLY A 27 56.88 -4.81 -15.92
N SER A 28 56.05 -4.28 -15.04
CA SER A 28 54.84 -3.60 -15.42
C SER A 28 54.74 -2.33 -14.60
N GLN A 29 54.15 -1.27 -15.16
CA GLN A 29 53.98 0.00 -14.45
C GLN A 29 52.51 0.37 -14.48
N THR A 30 52.03 0.87 -13.36
CA THR A 30 50.65 1.31 -13.27
C THR A 30 50.41 2.59 -14.04
N ASN A 31 49.13 2.87 -14.29
CA ASN A 31 48.71 4.22 -14.62
C ASN A 31 48.93 5.18 -13.45
N ASN A 32 48.79 6.49 -13.71
CA ASN A 32 49.24 7.52 -12.76
C ASN A 32 48.36 7.69 -11.51
N SER A 33 47.17 7.08 -11.47
CA SER A 33 46.25 7.28 -10.37
C SER A 33 45.91 5.98 -9.65
N SER A 34 46.86 5.05 -9.69
CA SER A 34 46.63 3.71 -9.14
C SER A 34 47.38 3.55 -7.82
N ASN A 35 47.96 4.64 -7.31
CA ASN A 35 48.80 4.61 -6.11
C ASN A 35 47.99 4.70 -4.79
N TYR A 36 46.90 3.93 -4.70
CA TYR A 36 46.06 3.89 -3.51
C TYR A 36 45.63 2.44 -3.24
N PRO A 37 45.38 2.11 -1.95
CA PRO A 37 45.08 0.72 -1.60
C PRO A 37 43.92 0.13 -2.39
N ASP A 38 42.88 0.92 -2.59
CA ASP A 38 41.69 0.46 -3.30
C ASP A 38 41.94 0.17 -4.79
N ALA A 39 42.95 0.80 -5.38
CA ALA A 39 43.21 0.58 -6.79
C ALA A 39 44.04 -0.68 -7.07
N LEU A 40 44.71 -1.23 -6.05
CA LEU A 40 45.63 -2.34 -6.28
C LEU A 40 44.95 -3.60 -6.81
N LYS A 41 43.66 -3.78 -6.51
CA LYS A 41 42.93 -4.93 -7.06
C LYS A 41 42.83 -4.85 -8.58
N ASP A 42 42.99 -3.65 -9.15
CA ASP A 42 42.99 -3.47 -10.61
C ASP A 42 44.38 -3.48 -11.23
N VAL A 43 45.41 -3.69 -10.39
CA VAL A 43 46.79 -3.78 -10.83
C VAL A 43 47.28 -5.24 -10.84
N TRP A 44 47.07 -5.97 -9.74
CA TRP A 44 47.69 -7.30 -9.62
C TRP A 44 47.30 -8.30 -10.69
N PRO A 45 46.03 -8.35 -11.10
CA PRO A 45 45.70 -9.36 -12.09
C PRO A 45 46.46 -9.17 -13.42
N SER A 46 46.60 -7.93 -13.88
CA SER A 46 47.43 -7.65 -15.06
C SER A 46 48.87 -8.11 -14.90
N MET A 47 49.42 -7.87 -13.72
CA MET A 47 50.78 -8.27 -13.46
C MET A 47 50.94 -9.79 -13.62
N GLU A 48 49.99 -10.53 -13.06
CA GLU A 48 49.99 -11.98 -13.11
C GLU A 48 49.85 -12.47 -14.54
N LYS A 49 48.90 -11.92 -15.28
CA LYS A 49 48.73 -12.30 -16.68
C LYS A 49 49.96 -11.99 -17.51
N MET A 50 50.65 -10.91 -17.16
CA MET A 50 51.81 -10.51 -17.89
C MET A 50 53.02 -11.39 -17.59
N GLY A 51 53.05 -12.00 -16.42
CA GLY A 51 54.24 -12.67 -15.94
C GLY A 51 55.35 -11.72 -15.52
N ALA A 52 54.99 -10.50 -15.10
CA ALA A 52 55.99 -9.51 -14.68
C ALA A 52 56.58 -9.91 -13.33
N ASN A 53 57.87 -9.63 -13.11
CA ASN A 53 58.51 -9.90 -11.79
C ASN A 53 58.66 -8.65 -10.93
N THR A 54 58.42 -7.46 -11.51
CA THR A 54 58.61 -6.20 -10.80
C THR A 54 57.54 -5.19 -11.18
N LEU A 55 56.94 -4.56 -10.17
CA LEU A 55 55.92 -3.51 -10.41
C LEU A 55 56.51 -2.12 -10.13
N SER A 56 56.40 -1.23 -11.10
CA SER A 56 56.72 0.17 -10.90
C SER A 56 55.45 0.93 -10.60
N ILE A 57 55.43 1.69 -9.51
CA ILE A 57 54.18 2.32 -9.05
C ILE A 57 54.53 3.59 -8.30
N PRO A 58 53.72 4.65 -8.44
CA PRO A 58 54.06 5.89 -7.76
C PRO A 58 53.89 5.85 -6.24
N VAL A 59 54.72 6.63 -5.56
CA VAL A 59 54.46 7.09 -4.22
C VAL A 59 54.57 8.60 -4.25
N ALA A 60 53.48 9.28 -3.96
CA ALA A 60 53.34 10.71 -4.19
C ALA A 60 53.62 11.47 -2.92
N TRP A 61 54.29 12.61 -3.07
CA TRP A 61 54.56 13.49 -1.93
C TRP A 61 53.23 13.91 -1.30
N GLU A 62 52.23 14.22 -2.13
CA GLU A 62 50.92 14.65 -1.61
C GLU A 62 50.28 13.65 -0.70
N GLN A 63 50.52 12.35 -0.93
CA GLN A 63 49.88 11.32 -0.09
C GLN A 63 50.67 10.99 1.16
N ILE A 64 51.99 11.09 1.12
CA ILE A 64 52.77 10.78 2.32
C ILE A 64 52.93 11.97 3.27
N GLU A 65 52.79 13.18 2.77
CA GLU A 65 52.87 14.39 3.61
C GLU A 65 51.76 15.38 3.29
N PRO A 66 50.50 14.96 3.49
CA PRO A 66 49.37 15.78 3.04
C PRO A 66 49.28 17.12 3.81
N VAL A 67 49.76 17.09 5.07
CA VAL A 67 49.94 18.29 5.91
C VAL A 67 51.42 18.27 6.36
N GLU A 68 52.10 19.40 6.34
CA GLU A 68 53.53 19.42 6.68
C GLU A 68 53.79 19.10 8.16
N GLY A 69 54.82 18.40 8.64
CA GLY A 69 55.16 17.05 8.41
C GLY A 69 54.30 16.15 9.29
N GLN A 70 53.13 15.89 8.77
CA GLN A 70 52.27 14.83 9.27
C GLN A 70 52.33 13.71 8.23
N PHE A 71 53.19 12.73 8.47
CA PHE A 71 53.48 11.68 7.50
C PHE A 71 52.49 10.53 7.53
N ASP A 72 52.15 10.00 6.34
CA ASP A 72 51.18 8.93 6.20
C ASP A 72 51.76 7.89 5.23
N PHE A 73 52.15 6.73 5.75
CA PHE A 73 52.69 5.65 4.92
C PHE A 73 51.73 4.47 4.79
N SER A 74 50.44 4.72 4.99
CA SER A 74 49.44 3.64 4.96
C SER A 74 49.38 2.98 3.56
N PHE A 75 49.58 3.75 2.48
CA PHE A 75 49.63 3.13 1.15
C PHE A 75 50.82 2.19 1.02
N VAL A 76 52.00 2.67 1.45
CA VAL A 76 53.22 1.90 1.31
C VAL A 76 53.12 0.61 2.08
N ASP A 77 52.55 0.68 3.27
CA ASP A 77 52.34 -0.52 4.09
C ASP A 77 51.56 -1.60 3.35
N VAL A 78 50.41 -1.22 2.80
CA VAL A 78 49.56 -2.17 2.04
C VAL A 78 50.27 -2.66 0.78
N LEU A 79 50.92 -1.75 0.07
CA LEU A 79 51.66 -2.10 -1.16
C LEU A 79 52.74 -3.15 -0.91
N LEU A 80 53.54 -2.93 0.11
CA LEU A 80 54.61 -3.89 0.47
C LEU A 80 54.05 -5.25 0.75
N LYS A 81 53.02 -5.29 1.56
CA LYS A 81 52.45 -6.55 1.96
C LYS A 81 51.83 -7.31 0.81
N GLU A 82 51.10 -6.61 -0.06
CA GLU A 82 50.46 -7.27 -1.21
C GLU A 82 51.49 -7.72 -2.24
N ALA A 83 52.57 -6.94 -2.42
CA ALA A 83 53.67 -7.36 -3.30
C ALA A 83 54.33 -8.62 -2.80
N ARG A 84 54.56 -8.69 -1.49
CA ARG A 84 55.22 -9.86 -0.91
C ARG A 84 54.38 -11.11 -1.03
N GLN A 85 53.08 -10.97 -0.79
CA GLN A 85 52.19 -12.10 -0.96
C GLN A 85 52.25 -12.69 -2.39
N ARG A 86 52.43 -11.81 -3.37
CA ARG A 86 52.50 -12.24 -4.76
C ARG A 86 53.93 -12.59 -5.20
N LYS A 87 54.90 -12.40 -4.32
CA LYS A 87 56.31 -12.67 -4.60
C LYS A 87 56.86 -11.86 -5.78
N VAL A 88 56.56 -10.59 -5.80
CA VAL A 88 57.09 -9.69 -6.83
C VAL A 88 57.88 -8.60 -6.14
N ARG A 89 58.69 -7.92 -6.91
CA ARG A 89 59.47 -6.81 -6.37
C ARG A 89 58.87 -5.49 -6.83
N LEU A 90 59.37 -4.41 -6.25
CA LEU A 90 58.84 -3.05 -6.50
C LEU A 90 59.91 -2.06 -6.87
N VAL A 91 59.57 -1.19 -7.81
CA VAL A 91 60.30 0.06 -8.03
C VAL A 91 59.32 1.19 -7.67
N LEU A 92 59.65 1.99 -6.66
CA LEU A 92 58.78 3.09 -6.24
C LEU A 92 59.14 4.34 -7.03
N LEU A 93 58.14 5.05 -7.52
CA LEU A 93 58.34 6.27 -8.29
C LEU A 93 57.98 7.49 -7.43
N TRP A 94 59.00 8.26 -7.04
CA TRP A 94 58.83 9.42 -6.15
C TRP A 94 58.32 10.60 -6.98
N PHE A 95 57.00 10.82 -6.91
CA PHE A 95 56.34 11.88 -7.62
C PHE A 95 56.30 13.07 -6.66
N ALA A 96 57.10 14.09 -6.92
CA ALA A 96 57.28 15.15 -5.95
C ALA A 96 57.43 16.52 -6.61
N THR A 97 58.62 17.11 -6.60
CA THR A 97 58.84 18.44 -7.17
C THR A 97 58.49 18.49 -8.65
N TRP A 98 58.88 17.44 -9.40
CA TRP A 98 58.46 17.31 -10.79
C TRP A 98 57.74 15.96 -11.03
N LYS A 99 56.63 16.05 -11.74
CA LYS A 99 56.00 14.93 -12.41
C LYS A 99 55.58 15.48 -13.74
N ASN A 100 56.22 15.02 -14.81
CA ASN A 100 56.02 15.53 -16.15
C ASN A 100 56.12 17.07 -16.12
N ASN A 101 57.21 17.57 -15.54
CA ASN A 101 57.55 19.00 -15.49
C ASN A 101 56.82 19.83 -14.45
N ALA A 102 55.77 19.27 -13.84
CA ALA A 102 54.84 20.03 -13.00
C ALA A 102 54.78 19.53 -11.54
N PRO A 103 54.25 20.36 -10.63
CA PRO A 103 54.12 20.01 -9.22
C PRO A 103 52.76 19.45 -8.77
N HIS A 104 52.03 18.79 -9.64
CA HIS A 104 50.67 18.35 -9.31
C HIS A 104 50.62 17.33 -8.21
N TYR A 105 51.68 16.56 -8.04
CA TYR A 105 51.72 15.56 -6.95
C TYR A 105 52.39 16.06 -5.69
N ALA A 106 52.85 17.30 -5.70
CA ALA A 106 53.32 17.91 -4.44
C ALA A 106 52.08 18.26 -3.58
N PRO A 107 52.23 18.23 -2.25
CA PRO A 107 51.12 18.59 -1.36
C PRO A 107 50.55 19.97 -1.67
N ALA A 108 49.30 20.18 -1.32
CA ALA A 108 48.64 21.49 -1.55
C ALA A 108 49.46 22.64 -0.92
N TRP A 109 49.99 22.41 0.27
CA TRP A 109 50.78 23.41 0.96
C TRP A 109 52.10 23.73 0.25
N VAL A 110 52.51 22.88 -0.70
CA VAL A 110 53.63 23.21 -1.56
C VAL A 110 53.17 23.85 -2.85
N LYS A 111 52.33 23.15 -3.61
CA LYS A 111 52.02 23.60 -4.95
C LYS A 111 51.19 24.88 -5.01
N LEU A 112 50.50 25.20 -3.93
CA LEU A 112 49.71 26.45 -3.93
C LEU A 112 50.46 27.65 -3.26
N ASP A 113 51.71 27.46 -2.85
CA ASP A 113 52.49 28.53 -2.17
C ASP A 113 53.73 28.91 -2.99
N ASN A 114 53.52 29.72 -4.00
CA ASN A 114 54.57 30.06 -4.94
C ASN A 114 55.66 30.92 -4.32
N ALA A 115 55.28 31.73 -3.34
CA ALA A 115 56.24 32.59 -2.64
C ALA A 115 57.31 31.74 -1.96
N ARG A 116 56.88 30.70 -1.26
CA ARG A 116 57.80 29.82 -0.58
C ARG A 116 58.49 28.82 -1.56
N PHE A 117 57.74 28.36 -2.57
CA PHE A 117 58.18 27.32 -3.48
C PHE A 117 57.97 27.80 -4.91
N PRO A 118 58.94 28.54 -5.45
CA PRO A 118 58.71 29.32 -6.66
C PRO A 118 58.81 28.58 -7.97
N ARG A 119 58.00 29.06 -8.92
CA ARG A 119 57.93 28.57 -10.26
C ARG A 119 58.91 29.24 -11.19
N VAL A 120 59.23 28.52 -12.24
CA VAL A 120 59.94 29.03 -13.38
C VAL A 120 59.22 30.25 -13.95
N VAL A 121 60.01 31.30 -14.19
CA VAL A 121 59.51 32.54 -14.79
C VAL A 121 60.13 32.63 -16.19
N LYS A 122 59.28 32.85 -17.17
CA LYS A 122 59.71 33.01 -18.54
C LYS A 122 60.45 34.34 -18.74
N GLU A 123 61.14 34.44 -19.87
CA GLU A 123 61.91 35.64 -20.19
C GLU A 123 60.96 36.84 -20.29
N ASP A 124 59.74 36.61 -20.79
CA ASP A 124 58.74 37.68 -20.91
C ASP A 124 58.02 38.00 -19.60
N GLY A 125 58.44 37.41 -18.50
CA GLY A 125 57.84 37.68 -17.19
C GLY A 125 56.67 36.79 -16.80
N ASP A 126 56.04 36.08 -17.74
CA ASP A 126 54.96 35.13 -17.35
C ASP A 126 55.52 33.92 -16.57
N THR A 127 54.66 33.28 -15.80
CA THR A 127 55.04 32.19 -14.94
C THR A 127 54.50 30.87 -15.51
N LEU A 128 55.31 29.81 -15.43
CA LEU A 128 54.90 28.47 -15.85
C LEU A 128 54.70 27.58 -14.64
N ASN A 129 53.84 26.58 -14.77
CA ASN A 129 53.57 25.69 -13.64
C ASN A 129 54.62 24.55 -13.62
N SER A 130 55.85 24.96 -13.30
CA SER A 130 57.00 24.09 -13.21
C SER A 130 57.89 24.72 -12.13
N LEU A 131 58.19 23.98 -11.08
CA LEU A 131 58.93 24.54 -9.97
C LEU A 131 60.40 24.75 -10.33
N SER A 132 60.94 25.91 -9.95
CA SER A 132 62.34 26.23 -10.24
C SER A 132 63.28 25.36 -9.44
N PRO A 133 64.30 24.81 -10.10
CA PRO A 133 65.31 24.03 -9.35
C PRO A 133 66.18 24.88 -8.43
N LEU A 134 66.10 26.20 -8.57
CA LEU A 134 66.83 27.10 -7.63
C LEU A 134 66.05 27.47 -6.38
N GLY A 135 64.84 26.93 -6.22
CA GLY A 135 64.07 27.18 -5.03
C GLY A 135 64.61 26.37 -3.88
N GLN A 136 65.29 27.04 -2.95
CA GLN A 136 65.95 26.33 -1.85
C GLN A 136 64.98 25.74 -0.85
N ASN A 137 63.85 26.40 -0.65
CA ASN A 137 62.86 25.85 0.26
C ASN A 137 62.29 24.53 -0.32
N THR A 138 62.08 24.54 -1.63
CA THR A 138 61.48 23.41 -2.33
C THR A 138 62.38 22.19 -2.18
N LEU A 139 63.67 22.40 -2.42
CA LEU A 139 64.65 21.33 -2.29
C LEU A 139 64.65 20.76 -0.90
N ALA A 140 64.68 21.63 0.12
CA ALA A 140 64.74 21.16 1.51
C ALA A 140 63.51 20.35 1.85
N ALA A 141 62.36 20.79 1.36
CA ALA A 141 61.10 20.14 1.70
C ALA A 141 60.99 18.75 1.01
N ASP A 142 61.30 18.72 -0.27
CA ASP A 142 61.29 17.45 -1.06
C ASP A 142 62.25 16.46 -0.37
N LYS A 143 63.49 16.90 -0.17
CA LYS A 143 64.50 16.12 0.53
C LYS A 143 64.01 15.56 1.86
N LYS A 144 63.39 16.42 2.68
CA LYS A 144 62.90 15.96 3.98
C LYS A 144 61.87 14.83 3.84
N ALA A 145 60.93 14.99 2.91
CA ALA A 145 59.88 14.00 2.74
C ALA A 145 60.45 12.69 2.17
N PHE A 146 61.36 12.83 1.20
CA PHE A 146 62.02 11.66 0.58
C PHE A 146 62.79 10.89 1.62
N VAL A 147 63.46 11.60 2.52
CA VAL A 147 64.15 10.97 3.64
C VAL A 147 63.19 10.16 4.50
N GLU A 148 62.02 10.70 4.80
CA GLU A 148 61.04 9.98 5.61
C GLU A 148 60.61 8.71 4.89
N LEU A 149 60.48 8.78 3.58
CA LEU A 149 60.07 7.58 2.81
C LEU A 149 61.15 6.52 2.93
N MET A 150 62.40 6.95 2.79
CA MET A 150 63.54 6.02 2.85
C MET A 150 63.69 5.44 4.25
N LYS A 151 63.35 6.23 5.27
CA LYS A 151 63.33 5.72 6.65
C LYS A 151 62.30 4.66 6.84
N TYR A 152 61.14 4.85 6.20
CA TYR A 152 60.09 3.85 6.26
C TYR A 152 60.60 2.52 5.67
N LEU A 153 61.25 2.60 4.52
CA LEU A 153 61.81 1.39 3.90
C LEU A 153 62.97 0.77 4.71
N ALA A 154 63.84 1.62 5.29
CA ALA A 154 64.91 1.11 6.18
C ALA A 154 64.35 0.30 7.35
N LYS A 155 63.25 0.78 7.94
CA LYS A 155 62.64 0.10 9.07
C LYS A 155 61.66 -1.02 8.69
N ARG A 156 60.99 -0.91 7.55
CA ARG A 156 59.90 -1.85 7.23
C ARG A 156 60.12 -2.76 6.00
N ASP A 157 61.28 -2.67 5.36
CA ASP A 157 61.54 -3.46 4.15
C ASP A 157 62.96 -4.02 4.14
N LYS A 158 63.28 -4.79 5.18
CA LYS A 158 64.62 -5.29 5.40
C LYS A 158 65.03 -6.34 4.37
N ASP A 159 64.07 -7.00 3.72
CA ASP A 159 64.39 -7.96 2.67
C ASP A 159 64.37 -7.30 1.28
N HIS A 160 64.20 -5.99 1.24
CA HIS A 160 64.31 -5.21 0.00
C HIS A 160 63.28 -5.65 -1.05
N THR A 161 62.01 -5.73 -0.67
CA THR A 161 60.94 -5.90 -1.63
C THR A 161 61.08 -4.78 -2.68
N VAL A 162 61.33 -3.56 -2.22
CA VAL A 162 61.65 -2.44 -3.06
C VAL A 162 63.13 -2.51 -3.44
N ILE A 163 63.40 -2.62 -4.74
CA ILE A 163 64.77 -2.84 -5.23
C ILE A 163 65.40 -1.59 -5.83
N MET A 164 64.60 -0.58 -6.13
CA MET A 164 65.08 0.64 -6.74
C MET A 164 64.04 1.76 -6.56
N VAL A 165 64.50 2.99 -6.56
CA VAL A 165 63.61 4.17 -6.43
C VAL A 165 63.88 5.16 -7.54
N GLN A 166 62.81 5.58 -8.21
CA GLN A 166 62.92 6.64 -9.22
C GLN A 166 62.72 7.97 -8.49
N VAL A 167 63.67 8.87 -8.67
CA VAL A 167 63.65 10.18 -7.99
C VAL A 167 63.05 11.21 -8.94
N GLN A 168 61.87 11.70 -8.59
CA GLN A 168 61.04 12.55 -9.47
C GLN A 168 60.49 11.71 -10.65
N ASN A 169 59.73 12.35 -11.53
CA ASN A 169 59.26 11.70 -12.74
C ASN A 169 59.29 12.71 -13.87
N GLU A 170 60.08 12.43 -14.90
CA GLU A 170 60.20 13.31 -16.09
C GLU A 170 60.33 14.80 -15.69
N VAL A 171 61.49 15.12 -15.11
CA VAL A 171 61.83 16.48 -14.70
C VAL A 171 62.01 17.35 -15.93
N GLY A 172 62.01 18.66 -15.69
CA GLY A 172 62.23 19.63 -16.74
C GLY A 172 61.13 20.68 -16.81
N THR A 173 61.12 21.42 -17.91
CA THR A 173 60.13 22.46 -18.13
C THR A 173 59.69 22.50 -19.58
N TYR A 174 58.36 22.49 -19.80
CA TYR A 174 57.79 22.81 -21.10
C TYR A 174 57.45 24.32 -21.13
N GLY A 175 57.65 24.93 -22.29
CA GLY A 175 57.24 26.32 -22.52
C GLY A 175 58.34 27.35 -22.28
N ALA A 176 59.47 26.92 -21.73
CA ALA A 176 60.67 27.78 -21.55
C ALA A 176 61.91 26.89 -21.41
N VAL A 177 63.09 27.49 -21.62
CA VAL A 177 64.31 26.71 -21.61
C VAL A 177 64.84 26.58 -20.19
N ARG A 178 64.59 27.60 -19.38
CA ARG A 178 65.09 27.65 -17.99
C ARG A 178 64.25 28.63 -17.19
N ASP A 179 64.60 28.78 -15.93
CA ASP A 179 64.07 29.84 -15.06
C ASP A 179 64.82 31.14 -15.39
N TYR A 180 64.06 32.18 -15.68
CA TYR A 180 64.59 33.52 -15.94
C TYR A 180 64.21 34.51 -14.84
N SER A 181 63.79 34.00 -13.68
CA SER A 181 63.52 34.84 -12.54
C SER A 181 64.78 35.58 -12.09
N PRO A 182 64.62 36.68 -11.35
CA PRO A 182 65.79 37.40 -10.80
C PRO A 182 66.71 36.47 -10.02
N MET A 183 66.15 35.61 -9.19
CA MET A 183 66.93 34.63 -8.44
C MET A 183 67.77 33.73 -9.36
N ALA A 184 67.19 33.28 -10.46
CA ALA A 184 67.90 32.38 -11.38
C ALA A 184 68.92 33.17 -12.20
N GLN A 185 68.51 34.36 -12.62
CA GLN A 185 69.37 35.24 -13.43
C GLN A 185 70.68 35.58 -12.69
N ALA A 186 70.60 35.78 -11.38
CA ALA A 186 71.80 36.03 -10.58
C ALA A 186 72.79 34.86 -10.61
N VAL A 187 72.28 33.64 -10.62
CA VAL A 187 73.15 32.45 -10.69
C VAL A 187 73.69 32.26 -12.10
N PHE A 188 72.83 32.47 -13.10
CA PHE A 188 73.21 32.36 -14.50
C PHE A 188 74.33 33.34 -14.86
N ASN A 189 74.24 34.56 -14.31
CA ASN A 189 75.26 35.60 -14.55
C ASN A 189 76.57 35.37 -13.82
N ALA A 190 76.54 34.57 -12.76
CA ALA A 190 77.72 34.20 -12.01
C ALA A 190 78.58 33.14 -12.75
N ALA A 191 79.71 32.82 -12.14
CA ALA A 191 80.62 31.83 -12.66
C ALA A 191 79.98 30.44 -12.67
N VAL A 192 80.25 29.68 -13.73
CA VAL A 192 79.94 28.25 -13.75
C VAL A 192 80.72 27.59 -12.61
N PRO A 193 80.06 26.72 -11.81
CA PRO A 193 80.79 26.10 -10.71
C PRO A 193 82.05 25.34 -11.16
N ASP A 194 83.10 25.43 -10.33
CA ASP A 194 84.41 24.87 -10.63
C ASP A 194 84.33 23.39 -10.99
N ASP A 195 83.60 22.64 -10.15
CA ASP A 195 83.50 21.19 -10.31
C ASP A 195 83.02 20.79 -11.70
N LEU A 196 82.03 21.50 -12.21
CA LEU A 196 81.53 21.21 -13.54
C LEU A 196 82.58 21.57 -14.60
N ILE A 197 83.24 22.71 -14.42
CA ILE A 197 84.29 23.14 -15.34
C ILE A 197 85.41 22.10 -15.41
N GLN A 198 85.82 21.59 -14.24
CA GLN A 198 86.88 20.56 -14.18
C GLN A 198 86.47 19.27 -14.84
N LYS A 199 85.27 18.79 -14.50
CA LYS A 199 84.77 17.52 -15.04
C LYS A 199 84.58 17.52 -16.54
N LEU A 200 84.07 18.62 -17.09
CA LEU A 200 84.02 18.74 -18.53
C LEU A 200 85.41 19.33 -18.62
N GLN A 201 86.05 19.43 -19.76
CA GLN A 201 87.43 19.89 -19.60
C GLN A 201 87.40 21.30 -20.13
N LEU A 202 86.79 22.25 -19.41
CA LEU A 202 86.43 23.55 -20.00
C LEU A 202 87.23 24.73 -19.38
N LYS A 203 87.24 25.87 -20.07
CA LYS A 203 87.85 27.10 -19.55
C LYS A 203 86.84 27.81 -18.64
N PRO A 204 87.27 28.28 -17.43
CA PRO A 204 86.36 28.97 -16.53
C PRO A 204 85.66 30.17 -17.16
N GLY A 205 84.52 30.53 -16.58
CA GLY A 205 83.70 31.61 -17.08
C GLY A 205 82.30 31.57 -16.48
N THR A 206 81.47 32.52 -16.92
CA THR A 206 80.04 32.54 -16.64
C THR A 206 79.33 31.59 -17.63
N TRP A 207 78.06 31.30 -17.34
CA TRP A 207 77.29 30.36 -18.15
C TRP A 207 77.29 30.74 -19.62
N SER A 208 77.01 32.00 -19.92
CA SER A 208 76.94 32.45 -21.33
C SER A 208 78.32 32.35 -22.01
N GLN A 209 79.37 32.67 -21.27
CA GLN A 209 80.73 32.64 -21.80
C GLN A 209 81.18 31.23 -22.07
N VAL A 210 80.97 30.31 -21.13
CA VAL A 210 81.49 28.97 -21.36
C VAL A 210 80.61 28.14 -22.32
N PHE A 211 79.29 28.34 -22.34
CA PHE A 211 78.41 27.47 -23.14
C PHE A 211 77.76 28.10 -24.35
N GLY A 212 77.85 29.42 -24.48
CA GLY A 212 77.28 30.11 -25.66
C GLY A 212 75.80 29.83 -25.90
N ARG A 213 75.47 29.40 -27.12
CA ARG A 213 74.10 29.08 -27.53
C ARG A 213 73.39 28.00 -26.67
N ASP A 214 74.15 27.16 -25.98
CA ASP A 214 73.58 26.13 -25.10
C ASP A 214 73.49 26.53 -23.64
N ALA A 215 73.84 27.78 -23.31
CA ALA A 215 73.93 28.16 -21.90
C ALA A 215 72.59 28.00 -21.15
N ASP A 216 71.51 28.44 -21.76
CA ASP A 216 70.19 28.41 -21.09
C ASP A 216 69.79 26.96 -20.75
N GLU A 217 69.86 26.07 -21.74
CA GLU A 217 69.48 24.66 -21.56
C GLU A 217 70.41 23.94 -20.62
N PHE A 218 71.71 24.12 -20.81
CA PHE A 218 72.67 23.45 -19.96
C PHE A 218 72.56 23.91 -18.52
N PHE A 219 72.27 25.22 -18.33
CA PHE A 219 72.03 25.76 -16.98
C PHE A 219 70.85 25.06 -16.30
N HIS A 220 69.74 24.95 -17.00
CA HIS A 220 68.53 24.30 -16.42
C HIS A 220 68.83 22.83 -16.07
N ALA A 221 69.46 22.12 -16.99
CA ALA A 221 69.87 20.73 -16.77
C ALA A 221 70.76 20.59 -15.57
N TYR A 222 71.76 21.48 -15.46
CA TYR A 222 72.67 21.44 -14.33
C TYR A 222 71.95 21.66 -13.02
N GLN A 223 71.14 22.70 -12.96
CA GLN A 223 70.43 22.99 -11.69
C GLN A 223 69.49 21.85 -11.31
N ILE A 224 68.77 21.31 -12.27
CA ILE A 224 67.85 20.19 -11.95
C ILE A 224 68.62 18.97 -11.50
N ALA A 225 69.70 18.68 -12.21
CA ALA A 225 70.56 17.55 -11.86
C ALA A 225 71.08 17.67 -10.45
N ARG A 226 71.55 18.86 -10.08
CA ARG A 226 72.03 19.08 -8.69
C ARG A 226 70.93 18.87 -7.68
N TYR A 227 69.76 19.42 -7.98
CA TYR A 227 68.58 19.23 -7.11
C TYR A 227 68.28 17.75 -6.91
N CYS A 228 68.19 17.03 -8.02
CA CYS A 228 67.91 15.57 -7.91
C CYS A 228 69.05 14.82 -7.21
N ASP A 229 70.29 15.23 -7.45
CA ASP A 229 71.43 14.55 -6.80
C ASP A 229 71.39 14.73 -5.29
N GLU A 230 71.04 15.93 -4.84
CA GLU A 230 70.92 16.17 -3.41
C GLU A 230 69.82 15.36 -2.75
N VAL A 231 68.67 15.28 -3.41
CA VAL A 231 67.58 14.45 -2.89
C VAL A 231 68.04 13.00 -2.80
N THR A 232 68.68 12.55 -3.87
CA THR A 232 69.21 11.18 -3.96
C THR A 232 70.20 10.88 -2.82
N VAL A 233 71.18 11.76 -2.63
CA VAL A 233 72.19 11.53 -1.58
C VAL A 233 71.55 11.44 -0.21
N ALA A 234 70.61 12.33 0.07
CA ALA A 234 69.94 12.34 1.36
C ALA A 234 69.18 11.04 1.61
N GLY A 235 68.48 10.56 0.59
CA GLY A 235 67.75 9.30 0.73
C GLY A 235 68.67 8.10 0.86
N LYS A 236 69.74 8.06 0.05
CA LYS A 236 70.72 6.97 0.09
C LYS A 236 71.48 6.89 1.41
N ALA A 237 71.68 8.04 2.06
CA ALA A 237 72.27 8.06 3.41
C ALA A 237 71.41 7.29 4.40
N ILE A 238 70.10 7.19 4.15
CA ILE A 238 69.20 6.39 5.01
C ILE A 238 69.20 4.92 4.59
N LYS A 239 69.00 4.67 3.30
CA LYS A 239 69.09 3.31 2.77
C LYS A 239 69.63 3.43 1.38
N ASN A 240 70.75 2.78 1.12
CA ASN A 240 71.51 2.99 -0.13
C ASN A 240 70.99 2.10 -1.27
N LEU A 241 69.72 2.28 -1.63
CA LEU A 241 69.15 1.59 -2.78
C LEU A 241 69.60 2.28 -4.04
N PRO A 242 69.66 1.53 -5.15
CA PRO A 242 69.87 2.17 -6.43
C PRO A 242 68.76 3.20 -6.71
N MET A 243 69.11 4.32 -7.37
CA MET A 243 68.13 5.32 -7.68
C MET A 243 68.43 5.90 -9.03
N TYR A 244 67.39 6.32 -9.71
CA TYR A 244 67.51 6.74 -11.09
C TYR A 244 66.51 7.83 -11.43
N VAL A 245 66.75 8.48 -12.56
CA VAL A 245 65.80 9.41 -13.11
C VAL A 245 65.34 8.95 -14.47
N ASN A 246 64.09 9.29 -14.81
CA ASN A 246 63.51 8.92 -16.09
C ASN A 246 63.26 10.12 -17.00
N VAL A 247 63.51 9.93 -18.30
CA VAL A 247 63.56 11.08 -19.23
C VAL A 247 62.37 11.17 -20.18
N ALA A 248 61.73 12.33 -20.20
CA ALA A 248 60.83 12.70 -21.29
C ALA A 248 61.71 13.03 -22.50
N LEU A 249 61.76 12.11 -23.44
CA LEU A 249 62.76 12.14 -24.48
C LEU A 249 62.48 13.21 -25.50
N ARG A 250 63.54 13.79 -26.04
CA ARG A 250 63.41 14.52 -27.29
C ARG A 250 63.66 13.56 -28.43
N ASN A 251 63.10 13.85 -29.58
CA ASN A 251 63.37 13.06 -30.74
C ASN A 251 64.87 13.18 -31.10
N PRO A 252 65.59 12.05 -31.13
CA PRO A 252 67.02 12.13 -31.29
C PRO A 252 67.46 12.58 -32.69
N PHE A 253 66.61 12.41 -33.68
CA PHE A 253 66.92 12.81 -35.05
C PHE A 253 66.48 14.23 -35.38
N ASN A 254 65.45 14.73 -34.71
CA ASN A 254 64.79 15.95 -35.09
C ASN A 254 64.12 16.52 -33.85
N PRO A 255 64.93 17.01 -32.90
CA PRO A 255 64.45 17.26 -31.54
C PRO A 255 63.54 18.48 -31.40
N GLY A 256 63.67 19.44 -32.30
CA GLY A 256 63.05 20.75 -32.07
C GLY A 256 63.80 21.47 -30.97
N LEU A 257 63.16 22.46 -30.36
CA LEU A 257 63.82 23.33 -29.40
C LEU A 257 63.51 22.93 -27.97
N PRO A 258 64.46 23.12 -27.04
CA PRO A 258 64.17 22.94 -25.63
C PRO A 258 63.01 23.83 -25.19
N GLY A 259 62.06 23.27 -24.43
CA GLY A 259 60.78 23.96 -24.13
C GLY A 259 59.64 23.40 -24.95
N GLN A 260 59.90 23.06 -26.21
CA GLN A 260 58.99 22.21 -26.97
C GLN A 260 59.10 20.80 -26.40
N TYR A 261 60.32 20.29 -26.30
CA TYR A 261 60.57 19.12 -25.47
C TYR A 261 60.82 19.59 -24.06
N SER A 262 60.85 18.66 -23.11
CA SER A 262 61.03 19.02 -21.73
C SER A 262 62.49 19.43 -21.48
N SER A 263 62.72 20.74 -21.37
CA SER A 263 64.07 21.26 -21.16
C SER A 263 64.60 20.95 -19.77
N GLY A 264 65.85 20.51 -19.71
CA GLY A 264 66.53 20.31 -18.43
C GLY A 264 66.55 18.86 -17.94
N GLY A 265 65.67 18.01 -18.48
CA GLY A 265 65.73 16.58 -18.16
C GLY A 265 66.93 15.97 -18.86
N GLY A 266 67.16 14.68 -18.64
CA GLY A 266 68.34 14.00 -19.21
C GLY A 266 68.25 13.66 -20.69
N THR A 267 67.96 14.65 -21.52
CA THR A 267 67.90 14.43 -22.94
C THR A 267 69.32 14.16 -23.47
N ASP A 268 69.40 13.62 -24.66
CA ASP A 268 70.66 13.08 -25.16
C ASP A 268 71.79 14.11 -25.27
N ASN A 269 71.43 15.38 -25.49
CA ASN A 269 72.40 16.47 -25.59
C ASN A 269 72.91 16.97 -24.26
N VAL A 270 72.30 16.56 -23.15
CA VAL A 270 72.76 17.00 -21.84
C VAL A 270 73.13 15.87 -20.90
N LEU A 271 73.31 14.66 -21.43
CA LEU A 271 73.75 13.56 -20.60
C LEU A 271 75.10 13.85 -19.95
N HIS A 272 76.00 14.51 -20.66
CA HIS A 272 77.30 14.88 -20.09
C HIS A 272 77.17 15.85 -18.93
N ILE A 273 76.22 16.79 -19.01
CA ILE A 273 75.93 17.69 -17.89
C ILE A 273 75.39 16.90 -16.69
N TRP A 274 74.39 16.05 -16.94
CA TRP A 274 73.79 15.24 -15.90
C TRP A 274 74.79 14.31 -15.22
N LYS A 275 75.66 13.67 -16.00
CA LYS A 275 76.65 12.76 -15.40
C LYS A 275 77.66 13.52 -14.54
N ALA A 276 78.06 14.69 -14.98
CA ALA A 276 79.01 15.52 -14.22
C ALA A 276 78.37 16.11 -12.97
N ALA A 277 77.12 16.56 -13.10
CA ALA A 277 76.41 17.21 -12.00
C ALA A 277 75.83 16.28 -10.94
N ALA A 278 75.49 15.04 -11.32
CA ALA A 278 74.77 14.16 -10.44
C ALA A 278 75.44 12.79 -10.36
N PRO A 279 76.65 12.75 -9.76
CA PRO A 279 77.37 11.50 -9.65
C PRO A 279 76.74 10.45 -8.74
N ASN A 280 75.75 10.84 -7.95
CA ASN A 280 75.10 9.89 -7.04
C ASN A 280 73.84 9.23 -7.60
N ILE A 281 73.37 9.72 -8.75
CA ILE A 281 72.24 9.09 -9.42
C ILE A 281 72.80 7.93 -10.26
N ASP A 282 72.28 6.72 -10.04
CA ASP A 282 72.85 5.51 -10.66
C ASP A 282 72.74 5.43 -12.16
N LEU A 283 71.58 5.79 -12.71
CA LEU A 283 71.43 5.77 -14.15
C LEU A 283 70.32 6.74 -14.60
N ILE A 284 70.35 7.06 -15.89
CA ILE A 284 69.41 7.93 -16.52
C ILE A 284 68.66 7.07 -17.55
N ALA A 285 67.35 6.94 -17.35
CA ALA A 285 66.53 5.96 -18.04
C ALA A 285 65.59 6.59 -19.05
N PRO A 286 65.58 6.05 -20.28
CA PRO A 286 64.67 6.62 -21.28
C PRO A 286 63.23 6.13 -21.10
N ASP A 287 62.28 7.03 -21.29
CA ASP A 287 60.84 6.70 -21.41
C ASP A 287 60.47 6.69 -22.89
N ILE A 288 60.19 5.51 -23.44
CA ILE A 288 60.10 5.36 -24.88
C ILE A 288 58.69 5.23 -25.38
N TYR A 289 58.26 6.25 -26.13
CA TYR A 289 56.94 6.21 -26.75
C TYR A 289 57.00 6.40 -28.27
N PHE A 290 58.20 6.52 -28.84
CA PHE A 290 58.36 6.44 -30.30
C PHE A 290 58.03 5.02 -30.73
N ARG A 291 57.22 4.84 -31.77
CA ARG A 291 56.78 3.51 -32.20
CA ARG A 291 56.78 3.50 -32.20
C ARG A 291 57.74 2.84 -33.19
N ASP A 292 58.41 3.67 -33.98
CA ASP A 292 59.17 3.22 -35.14
C ASP A 292 60.57 2.71 -34.78
N TYR A 293 60.92 1.58 -35.38
CA TYR A 293 62.14 0.87 -35.08
C TYR A 293 63.38 1.74 -35.12
N LYS A 294 63.54 2.56 -36.15
CA LYS A 294 64.76 3.37 -36.29
C LYS A 294 64.98 4.34 -35.13
N THR A 295 63.90 5.02 -34.70
CA THR A 295 64.01 5.97 -33.63
C THR A 295 64.23 5.28 -32.29
N VAL A 296 63.48 4.21 -32.03
CA VAL A 296 63.66 3.45 -30.79
C VAL A 296 65.11 2.92 -30.73
N SER A 297 65.59 2.34 -31.83
CA SER A 297 66.94 1.79 -31.85
C SER A 297 67.97 2.87 -31.54
N LYS A 298 67.76 4.08 -32.07
CA LYS A 298 68.66 5.18 -31.78
C LYS A 298 68.64 5.57 -30.31
N VAL A 299 67.45 5.56 -29.70
CA VAL A 299 67.34 5.90 -28.29
C VAL A 299 68.11 4.87 -27.48
N LEU A 300 67.93 3.59 -27.79
CA LEU A 300 68.62 2.52 -27.05
C LEU A 300 70.13 2.67 -27.20
N GLU A 301 70.59 3.11 -28.37
CA GLU A 301 72.03 3.35 -28.62
C GLU A 301 72.53 4.51 -27.76
N LEU A 302 71.78 5.62 -27.74
CA LEU A 302 72.22 6.79 -27.01
C LEU A 302 72.24 6.61 -25.49
N TYR A 303 71.33 5.81 -24.95
CA TYR A 303 71.23 5.66 -23.52
C TYR A 303 72.02 4.50 -22.97
N THR A 304 72.58 3.67 -23.85
CA THR A 304 73.47 2.60 -23.41
C THR A 304 74.90 3.10 -23.55
N ARG A 305 75.58 3.30 -22.42
CA ARG A 305 76.89 3.89 -22.42
C ARG A 305 77.73 3.20 -21.37
N PRO A 306 79.06 3.33 -21.48
CA PRO A 306 79.88 2.79 -20.41
C PRO A 306 79.53 3.38 -19.05
N ASP A 307 79.13 4.65 -19.02
CA ASP A 307 78.73 5.30 -17.77
C ASP A 307 77.24 5.24 -17.48
N ASN A 308 76.48 4.45 -18.24
CA ASN A 308 75.01 4.46 -18.09
C ASN A 308 74.38 3.12 -18.45
N ALA A 309 73.94 2.40 -17.42
CA ALA A 309 73.20 1.16 -17.63
C ALA A 309 71.91 1.52 -18.32
N LEU A 310 71.45 0.63 -19.19
CA LEU A 310 70.18 0.78 -19.90
C LEU A 310 69.03 0.20 -19.12
N PHE A 311 68.09 1.07 -18.76
CA PHE A 311 66.82 0.65 -18.18
C PHE A 311 65.71 1.37 -18.92
N VAL A 312 64.84 0.61 -19.58
CA VAL A 312 63.69 1.19 -20.28
C VAL A 312 62.61 1.34 -19.22
N ALA A 313 62.65 2.49 -18.55
CA ALA A 313 61.84 2.74 -17.35
C ALA A 313 60.36 2.83 -17.68
N GLU A 314 60.05 3.30 -18.89
CA GLU A 314 58.68 3.28 -19.39
C GLU A 314 58.76 2.96 -20.84
N ILE A 315 57.80 2.20 -21.32
CA ILE A 315 57.61 2.08 -22.76
C ILE A 315 56.10 1.96 -23.02
N GLY A 316 55.65 2.35 -24.20
CA GLY A 316 54.26 2.22 -24.57
C GLY A 316 53.74 0.80 -24.49
N ASN A 317 52.45 0.64 -24.20
CA ASN A 317 51.88 -0.69 -24.04
C ASN A 317 51.12 -1.17 -25.25
N ASP A 318 51.22 -0.47 -26.37
CA ASP A 318 50.64 -0.98 -27.59
C ASP A 318 51.51 -2.12 -28.14
N GLN A 319 50.91 -2.94 -28.97
CA GLN A 319 51.55 -4.13 -29.53
C GLN A 319 52.96 -3.93 -30.09
N PRO A 320 53.22 -2.83 -30.84
CA PRO A 320 54.52 -2.75 -31.52
C PRO A 320 55.70 -2.62 -30.58
N PHE A 321 55.44 -2.24 -29.34
CA PHE A 321 56.49 -2.01 -28.37
C PHE A 321 57.05 -3.29 -27.75
N ALA A 322 56.30 -4.38 -27.75
CA ALA A 322 56.72 -5.62 -27.04
C ALA A 322 58.06 -6.17 -27.55
N ARG A 323 58.29 -6.08 -28.86
CA ARG A 323 59.50 -6.66 -29.45
C ARG A 323 60.76 -5.91 -29.05
N TYR A 324 60.63 -4.66 -28.54
CA TYR A 324 61.82 -3.90 -28.14
C TYR A 324 62.46 -4.46 -26.89
N LEU A 325 61.79 -5.42 -26.24
CA LEU A 325 62.43 -6.15 -25.15
C LEU A 325 63.73 -6.81 -25.65
N PHE A 326 63.71 -7.30 -26.88
CA PHE A 326 64.84 -8.09 -27.38
C PHE A 326 66.13 -7.27 -27.52
N PRO A 327 66.11 -6.16 -28.28
CA PRO A 327 67.32 -5.34 -28.32
C PRO A 327 67.69 -4.68 -26.98
N THR A 328 66.69 -4.40 -26.14
CA THR A 328 66.95 -3.85 -24.83
C THR A 328 67.87 -4.81 -24.09
N LEU A 329 67.49 -6.08 -24.05
CA LEU A 329 68.28 -7.08 -23.34
C LEU A 329 69.59 -7.35 -24.05
N GLY A 330 69.56 -7.33 -25.38
CA GLY A 330 70.76 -7.53 -26.20
C GLY A 330 71.84 -6.47 -25.97
N LYS A 331 71.42 -5.26 -25.61
CA LYS A 331 72.37 -4.20 -25.24
C LYS A 331 72.90 -4.32 -23.82
N GLY A 332 72.50 -5.36 -23.09
CA GLY A 332 72.84 -5.49 -21.69
C GLY A 332 71.89 -4.76 -20.76
N GLY A 333 70.70 -4.43 -21.26
CA GLY A 333 69.70 -3.74 -20.43
C GLY A 333 69.34 -4.51 -19.18
N ILE A 334 69.10 -3.78 -18.10
CA ILE A 334 68.77 -4.39 -16.82
C ILE A 334 67.26 -4.49 -16.62
N GLY A 335 66.51 -3.89 -17.51
CA GLY A 335 65.04 -3.94 -17.37
C GLY A 335 64.23 -3.20 -18.41
N PHE A 336 62.92 -3.40 -18.32
CA PHE A 336 61.95 -3.04 -19.35
C PHE A 336 60.59 -2.98 -18.65
N SER A 337 59.89 -1.85 -18.74
CA SER A 337 58.68 -1.64 -17.95
C SER A 337 57.57 -0.92 -18.75
N PRO A 338 56.71 -1.71 -19.42
CA PRO A 338 55.58 -1.12 -20.16
C PRO A 338 54.63 -0.35 -19.23
N PHE A 339 54.22 0.82 -19.71
CA PHE A 339 53.43 1.74 -18.95
C PHE A 339 51.94 1.50 -19.11
N GLY A 340 51.22 1.60 -18.00
CA GLY A 340 49.77 1.60 -18.03
C GLY A 340 49.21 0.19 -18.04
N MET A 341 49.88 -0.72 -17.35
CA MET A 341 49.41 -2.11 -17.27
C MET A 341 48.48 -2.31 -16.06
N ASP A 342 47.34 -1.64 -16.08
CA ASP A 342 46.31 -1.88 -15.07
C ASP A 342 44.93 -1.64 -15.67
N ASP A 343 43.92 -2.07 -14.95
CA ASP A 343 42.55 -2.00 -15.46
C ASP A 343 41.76 -0.88 -14.76
N THR A 344 42.36 0.30 -14.63
CA THR A 344 41.72 1.39 -13.91
C THR A 344 40.98 2.33 -14.87
N ASP A 345 40.59 1.80 -16.03
CA ASP A 345 39.73 2.52 -16.94
C ASP A 345 40.43 3.76 -17.50
N TYR A 346 41.63 3.57 -18.02
CA TYR A 346 42.32 4.64 -18.71
C TYR A 346 43.16 4.06 -19.79
N THR A 347 43.17 4.70 -20.96
CA THR A 347 44.13 4.38 -22.00
C THR A 347 44.82 5.69 -22.41
N ASN A 348 46.17 5.67 -22.37
CA ASN A 348 46.98 6.83 -22.77
C ASN A 348 47.18 6.91 -24.28
N TYR A 349 46.39 6.14 -25.03
CA TYR A 349 46.35 6.30 -26.47
C TYR A 349 46.20 7.80 -26.77
N PRO A 350 46.92 8.33 -27.78
CA PRO A 350 47.78 7.75 -28.84
C PRO A 350 49.15 7.19 -28.42
N LEU A 351 49.62 7.48 -27.19
CA LEU A 351 50.94 6.97 -26.74
C LEU A 351 51.00 5.44 -26.59
N GLY A 352 49.92 4.85 -26.07
CA GLY A 352 49.83 3.40 -25.91
C GLY A 352 48.67 2.77 -26.68
N ALA A 353 48.18 1.66 -26.13
CA ALA A 353 47.16 0.88 -26.77
C ALA A 353 45.82 1.64 -26.77
N LYS A 354 45.05 1.49 -27.85
CA LYS A 354 43.72 2.14 -27.93
C LYS A 354 42.76 1.49 -26.92
N VAL A 355 42.82 0.18 -26.74
CA VAL A 355 41.98 -0.49 -25.72
C VAL A 355 42.85 -1.33 -24.81
N TYR A 356 42.41 -1.50 -23.56
CA TYR A 356 43.12 -2.30 -22.58
C TYR A 356 42.32 -3.54 -22.26
N ASN A 357 42.83 -4.68 -22.71
CA ASN A 357 42.21 -5.96 -22.48
C ASN A 357 43.30 -7.06 -22.40
N ASP A 358 42.86 -8.30 -22.27
CA ASP A 358 43.76 -9.41 -22.15
C ASP A 358 44.73 -9.55 -23.34
N GLU A 359 44.26 -9.19 -24.54
CA GLU A 359 45.10 -9.24 -25.72
C GLU A 359 46.25 -8.22 -25.66
N THR A 360 45.99 -7.02 -25.15
CA THR A 360 47.04 -6.04 -24.89
C THR A 360 48.16 -6.64 -24.01
N ILE A 361 47.73 -7.27 -22.92
CA ILE A 361 48.68 -7.82 -21.95
C ILE A 361 49.44 -9.00 -22.58
N GLU A 362 48.73 -9.79 -23.38
CA GLU A 362 49.30 -11.01 -23.93
C GLU A 362 50.46 -10.73 -24.88
N GLN A 363 50.48 -9.58 -25.54
CA GLN A 363 51.61 -9.28 -26.43
C GLN A 363 52.92 -9.23 -25.61
N PHE A 364 52.84 -8.74 -24.36
CA PHE A 364 54.02 -8.66 -23.48
C PHE A 364 54.24 -9.99 -22.78
N ALA A 365 53.15 -10.67 -22.41
CA ALA A 365 53.28 -11.97 -21.75
C ALA A 365 54.04 -12.96 -22.61
N GLN A 366 53.82 -12.88 -23.91
CA GLN A 366 54.45 -13.83 -24.83
C GLN A 366 55.96 -13.65 -24.90
N VAL A 367 56.44 -12.41 -24.86
CA VAL A 367 57.87 -12.18 -24.87
C VAL A 367 58.49 -12.41 -23.49
N TYR A 368 57.80 -12.04 -22.41
CA TYR A 368 58.32 -12.30 -21.06
C TYR A 368 58.47 -13.80 -20.79
N ARG A 369 57.61 -14.62 -21.42
CA ARG A 369 57.71 -16.09 -21.27
C ARG A 369 59.00 -16.66 -21.83
N LEU A 370 59.65 -15.94 -22.74
CA LEU A 370 60.95 -16.37 -23.25
C LEU A 370 62.09 -16.13 -22.25
N VAL A 371 61.95 -15.10 -21.43
CA VAL A 371 63.02 -14.68 -20.55
C VAL A 371 62.87 -15.21 -19.14
N ASN A 372 61.66 -15.21 -18.62
CA ASN A 372 61.41 -15.69 -17.27
C ASN A 372 62.09 -17.00 -16.92
N PRO A 373 62.02 -18.02 -17.79
CA PRO A 373 62.58 -19.31 -17.38
C PRO A 373 64.11 -19.32 -17.28
N MET A 374 64.79 -18.32 -17.86
CA MET A 374 66.24 -18.17 -17.72
C MET A 374 66.64 -16.85 -17.12
N MET A 375 65.79 -16.18 -16.36
CA MET A 375 66.07 -14.78 -16.02
C MET A 375 67.44 -14.58 -15.34
N ARG A 376 67.73 -15.35 -14.31
CA ARG A 376 69.02 -15.19 -13.58
C ARG A 376 70.22 -15.57 -14.47
N GLU A 377 70.06 -16.61 -15.27
CA GLU A 377 71.13 -17.09 -16.09
C GLU A 377 71.43 -16.05 -17.16
N TRP A 378 70.38 -15.54 -17.81
CA TRP A 378 70.55 -14.46 -18.77
C TRP A 378 71.23 -13.23 -18.14
N ALA A 379 70.78 -12.81 -16.98
CA ALA A 379 71.30 -11.60 -16.35
C ALA A 379 72.80 -11.71 -16.12
N ARG A 380 73.23 -12.88 -15.64
CA ARG A 380 74.68 -13.15 -15.42
C ARG A 380 75.45 -13.12 -16.73
N LEU A 381 74.93 -13.78 -17.74
CA LEU A 381 75.62 -13.81 -19.04
C LEU A 381 75.71 -12.43 -19.65
N SER A 382 74.66 -11.64 -19.47
CA SER A 382 74.65 -10.27 -20.00
C SER A 382 75.75 -9.41 -19.34
N TYR A 383 75.92 -9.57 -18.04
CA TYR A 383 76.90 -8.79 -17.30
C TYR A 383 78.33 -9.26 -17.58
N GLN A 384 78.52 -10.57 -17.61
CA GLN A 384 79.85 -11.19 -17.58
C GLN A 384 80.33 -11.70 -18.89
N GLY A 385 79.46 -11.76 -19.87
CA GLY A 385 79.77 -12.46 -21.10
C GLY A 385 79.23 -11.72 -22.29
N GLN A 386 78.85 -12.47 -23.30
CA GLN A 386 78.46 -11.89 -24.52
C GLN A 386 77.02 -12.28 -24.79
N VAL A 387 76.18 -11.26 -24.98
CA VAL A 387 74.80 -11.44 -25.37
C VAL A 387 74.49 -10.57 -26.59
N TRP A 388 73.42 -10.95 -27.28
CA TRP A 388 72.91 -10.21 -28.41
C TRP A 388 71.41 -10.26 -28.38
N GLY A 389 70.80 -9.32 -29.06
CA GLY A 389 69.35 -9.26 -29.11
C GLY A 389 68.89 -8.39 -30.24
N VAL A 390 67.91 -8.86 -31.01
CA VAL A 390 67.39 -8.11 -32.16
C VAL A 390 65.88 -8.17 -32.21
N ALA A 391 65.28 -7.13 -32.80
CA ALA A 391 63.85 -7.10 -33.06
C ALA A 391 63.64 -6.92 -34.56
N GLU A 392 62.46 -7.32 -35.00
CA GLU A 392 62.04 -7.19 -36.39
C GLU A 392 62.18 -5.73 -36.82
N PRO A 393 63.00 -5.47 -37.83
CA PRO A 393 63.44 -4.09 -38.08
C PRO A 393 62.57 -3.26 -39.02
N LEU A 394 61.49 -3.81 -39.55
CA LEU A 394 60.52 -3.04 -40.33
C LEU A 394 59.24 -2.95 -39.52
N ASP A 395 58.68 -1.75 -39.46
CA ASP A 395 57.42 -1.53 -38.77
C ASP A 395 56.28 -2.08 -39.61
N SER A 396 55.11 -2.29 -39.02
CA SER A 396 53.98 -2.82 -39.77
C SER A 396 53.67 -1.86 -40.92
N THR A 397 53.29 -2.42 -42.07
CA THR A 397 53.00 -1.59 -43.24
C THR A 397 51.80 -0.64 -43.00
N THR A 398 51.97 0.64 -43.28
CA THR A 398 50.89 1.64 -43.14
C THR A 398 49.83 1.50 -44.23
N GLU A 399 48.69 2.16 -44.02
CA GLU A 399 47.62 2.24 -45.04
C GLU A 399 48.12 3.03 -46.26
N THR A 400 48.83 4.14 -45.99
CA THR A 400 49.55 4.91 -47.04
C THR A 400 50.51 4.03 -47.86
N GLN A 401 51.26 3.18 -47.17
CA GLN A 401 52.18 2.25 -47.85
C GLN A 401 51.42 1.13 -48.55
N LYS A 402 50.27 0.74 -48.02
CA LYS A 402 49.42 -0.26 -48.68
C LYS A 402 48.85 0.30 -50.00
N ILE A 403 48.40 1.55 -49.98
CA ILE A 403 47.94 2.24 -51.19
C ILE A 403 49.09 2.30 -52.22
N TRP A 404 50.21 2.89 -51.83
CA TRP A 404 51.39 2.99 -52.70
C TRP A 404 51.85 1.61 -53.23
N ASN A 405 51.84 0.60 -52.37
CA ASN A 405 52.10 -0.80 -52.77
C ASN A 405 51.23 -1.26 -53.94
N ALA A 406 49.92 -1.04 -53.82
CA ALA A 406 48.95 -1.48 -54.83
C ALA A 406 49.09 -0.76 -56.20
N GLU A 407 49.32 0.56 -56.15
CA GLU A 407 49.50 1.38 -57.35
C GLU A 407 50.82 1.11 -58.11
N ALA A 408 51.66 0.20 -57.62
CA ALA A 408 53.03 -0.02 -58.15
C ALA A 408 53.05 -1.02 -59.30
N THR A 409 53.99 -0.80 -60.23
CA THR A 409 54.25 -1.68 -61.37
C THR A 409 54.68 -3.08 -60.97
N PRO A 410 54.32 -4.10 -61.76
CA PRO A 410 54.78 -5.45 -61.41
C PRO A 410 56.29 -5.62 -61.18
N GLU A 411 57.13 -4.89 -61.92
CA GLU A 411 58.59 -4.91 -61.72
C GLU A 411 58.97 -4.25 -60.38
N GLU A 412 58.24 -3.18 -60.05
CA GLU A 412 58.45 -2.44 -58.80
C GLU A 412 57.99 -3.23 -57.57
N LYS A 413 56.87 -3.94 -57.70
CA LYS A 413 56.40 -4.85 -56.65
C LYS A 413 57.42 -5.97 -56.34
N GLU A 414 58.01 -6.58 -57.37
CA GLU A 414 59.01 -7.64 -57.18
C GLU A 414 60.29 -7.06 -56.55
N GLN A 415 60.65 -5.84 -56.95
CA GLN A 415 61.80 -5.16 -56.38
C GLN A 415 61.57 -4.81 -54.91
N HIS A 416 60.33 -4.46 -54.58
CA HIS A 416 59.99 -4.08 -53.23
C HIS A 416 60.06 -5.28 -52.30
N LYS A 417 59.56 -6.43 -52.77
CA LYS A 417 59.65 -7.68 -52.04
C LYS A 417 61.09 -8.07 -51.74
N LYS A 418 61.97 -7.90 -52.73
CA LYS A 418 63.39 -8.18 -52.54
C LYS A 418 64.01 -7.23 -51.53
N ASP A 419 63.66 -5.96 -51.62
CA ASP A 419 64.16 -4.96 -50.70
C ASP A 419 63.72 -5.26 -49.26
N ARG A 420 62.47 -5.69 -49.10
CA ARG A 420 61.91 -6.01 -47.79
C ARG A 420 62.57 -7.26 -47.21
N ALA A 421 62.74 -8.31 -48.02
CA ALA A 421 63.44 -9.54 -47.58
C ALA A 421 64.82 -9.21 -47.05
N SER A 422 65.54 -8.38 -47.79
CA SER A 422 66.87 -7.99 -47.39
C SER A 422 66.87 -7.15 -46.08
N ALA A 423 65.91 -6.24 -45.95
CA ALA A 423 65.79 -5.44 -44.71
C ALA A 423 65.39 -6.33 -43.52
N LEU A 424 64.66 -7.42 -43.80
CA LEU A 424 64.20 -8.36 -42.79
C LEU A 424 65.20 -9.49 -42.51
N THR A 425 66.48 -9.25 -42.80
CA THR A 425 67.55 -10.21 -42.59
C THR A 425 68.63 -9.53 -41.78
N GLN A 426 68.93 -10.02 -40.57
CA GLN A 426 69.94 -9.40 -39.73
C GLN A 426 71.10 -10.35 -39.47
N GLN A 427 72.31 -9.80 -39.47
CA GLN A 427 73.53 -10.58 -39.23
C GLN A 427 74.03 -10.27 -37.84
N LEU A 428 74.45 -11.31 -37.12
CA LEU A 428 75.11 -11.15 -35.82
C LEU A 428 76.41 -11.93 -35.80
N ASP A 429 77.47 -11.28 -35.36
CA ASP A 429 78.82 -11.85 -35.33
C ASP A 429 79.04 -12.39 -33.95
N LEU A 430 79.04 -13.72 -33.81
CA LEU A 430 79.10 -14.37 -32.49
C LEU A 430 80.48 -14.93 -32.17
N GLY A 431 81.50 -14.44 -32.88
CA GLY A 431 82.87 -14.94 -32.69
C GLY A 431 83.27 -15.85 -33.84
N LEU A 432 83.38 -17.14 -33.55
CA LEU A 432 83.68 -18.17 -34.56
C LEU A 432 82.47 -18.50 -35.43
N TRP A 433 81.28 -18.11 -34.97
CA TRP A 433 80.04 -18.37 -35.67
C TRP A 433 79.26 -17.05 -35.83
N ASP A 434 78.48 -16.97 -36.90
CA ASP A 434 77.52 -15.89 -37.08
C ASP A 434 76.12 -16.47 -37.02
N ALA A 435 75.15 -15.62 -36.70
CA ALA A 435 73.75 -15.97 -36.83
C ALA A 435 73.10 -15.03 -37.80
N GLU A 436 72.17 -15.56 -38.57
CA GLU A 436 71.34 -14.76 -39.42
C GLU A 436 69.90 -14.90 -38.94
N VAL A 437 69.27 -13.76 -38.66
CA VAL A 437 67.91 -13.76 -38.17
C VAL A 437 67.00 -13.20 -39.27
N THR A 438 65.92 -13.94 -39.55
CA THR A 438 64.94 -13.53 -40.55
C THR A 438 63.53 -13.63 -39.99
N TYR A 439 62.60 -12.87 -40.56
CA TYR A 439 61.26 -12.73 -39.97
C TYR A 439 60.13 -12.98 -41.00
N GLY A 440 59.20 -13.84 -40.63
CA GLY A 440 57.96 -14.05 -41.40
C GLY A 440 58.20 -14.96 -42.60
N ARG A 441 58.45 -16.23 -42.31
CA ARG A 441 58.64 -17.24 -43.34
C ARG A 441 58.25 -18.62 -42.80
N PRO A 442 58.00 -19.58 -43.70
CA PRO A 442 57.65 -20.93 -43.23
C PRO A 442 58.79 -21.56 -42.44
N MET A 443 58.47 -22.65 -41.75
CA MET A 443 59.41 -23.40 -40.89
C MET A 443 60.20 -24.48 -41.65
N PHE A 444 59.99 -24.53 -42.96
CA PHE A 444 60.49 -25.59 -43.85
C PHE A 444 60.84 -24.88 -45.16
N TRP A 445 61.93 -25.32 -45.80
CA TRP A 445 62.43 -24.72 -47.04
C TRP A 445 62.94 -23.30 -46.83
N VAL A 446 63.21 -22.60 -47.94
CA VAL A 446 64.01 -21.39 -47.92
C VAL A 446 63.36 -20.17 -48.62
N THR A 447 62.04 -20.19 -48.76
CA THR A 447 61.35 -19.03 -49.32
C THR A 447 61.65 -17.75 -48.48
N PRO A 448 61.95 -16.63 -49.16
CA PRO A 448 62.44 -15.43 -48.47
C PRO A 448 61.44 -14.80 -47.47
N PRO A 449 61.95 -14.09 -46.46
CA PRO A 449 61.12 -13.50 -45.41
C PRO A 449 60.27 -12.32 -45.90
N GLU A 450 59.02 -12.30 -45.47
CA GLU A 450 58.10 -11.24 -45.81
C GLU A 450 57.61 -10.45 -44.57
N GLY A 451 58.09 -10.80 -43.37
CA GLY A 451 57.74 -10.10 -42.16
C GLY A 451 56.49 -10.66 -41.53
N ASN A 452 56.34 -10.38 -40.23
CA ASN A 452 55.14 -10.74 -39.51
C ASN A 452 54.14 -9.61 -39.63
N THR A 453 52.87 -9.96 -39.51
CA THR A 453 51.79 -9.00 -39.59
C THR A 453 50.94 -9.11 -38.34
N PRO A 454 51.04 -8.14 -37.41
CA PRO A 454 51.90 -6.98 -37.36
C PRO A 454 53.38 -7.35 -37.08
N ALA A 455 54.28 -6.38 -37.24
CA ALA A 455 55.69 -6.58 -36.91
C ALA A 455 55.81 -6.93 -35.42
N ALA A 456 56.57 -7.98 -35.11
CA ALA A 456 56.55 -8.55 -33.76
C ALA A 456 57.75 -9.39 -33.32
N GLY A 457 58.58 -9.79 -34.28
CA GLY A 457 59.57 -10.82 -34.03
C GLY A 457 60.80 -10.34 -33.33
N GLY A 458 61.57 -11.30 -32.81
CA GLY A 458 62.87 -10.99 -32.26
C GLY A 458 63.62 -12.24 -31.84
N ALA A 459 64.85 -12.02 -31.35
CA ALA A 459 65.73 -13.11 -30.96
C ALA A 459 66.74 -12.66 -29.89
N LEU A 460 67.05 -13.57 -28.98
CA LEU A 460 68.07 -13.40 -27.98
C LEU A 460 69.09 -14.53 -28.14
N ILE A 461 70.36 -14.17 -28.03
CA ILE A 461 71.46 -15.14 -28.06
C ILE A 461 72.48 -14.79 -26.95
N ALA A 462 72.89 -15.80 -26.20
CA ALA A 462 73.99 -15.64 -25.25
C ALA A 462 75.06 -16.66 -25.57
N GLN A 463 76.32 -16.25 -25.47
CA GLN A 463 77.42 -17.20 -25.73
C GLN A 463 77.75 -17.96 -24.47
N LEU A 464 77.71 -19.28 -24.52
CA LEU A 464 78.14 -20.13 -23.41
C LEU A 464 79.61 -20.56 -23.50
N ASP A 465 80.10 -20.74 -24.72
CA ASP A 465 81.48 -21.16 -24.95
C ASP A 465 81.80 -20.85 -26.39
N ASP A 466 83.02 -21.14 -26.83
CA ASP A 466 83.43 -20.81 -28.19
C ASP A 466 82.43 -21.24 -29.27
N ASN A 467 81.83 -22.41 -29.06
CA ASN A 467 81.00 -23.05 -30.08
C ASN A 467 79.59 -23.34 -29.62
N GLU A 468 79.20 -22.72 -28.50
CA GLU A 468 77.93 -23.03 -27.87
C GLU A 468 77.18 -21.79 -27.44
N TYR A 469 75.89 -21.76 -27.74
CA TYR A 469 75.06 -20.59 -27.52
C TYR A 469 73.70 -20.98 -26.95
N LEU A 470 73.17 -20.10 -26.13
CA LEU A 470 71.82 -20.17 -25.67
C LEU A 470 71.00 -19.28 -26.62
N VAL A 471 69.88 -19.82 -27.11
CA VAL A 471 69.09 -19.13 -28.12
C VAL A 471 67.60 -19.25 -27.78
N THR A 472 66.90 -18.13 -27.82
CA THR A 472 65.43 -18.16 -27.83
C THR A 472 64.94 -17.03 -28.71
N ALA A 473 63.86 -17.27 -29.45
CA ALA A 473 63.36 -16.28 -30.37
C ALA A 473 61.87 -16.42 -30.55
N TYR A 474 61.33 -15.56 -31.37
CA TYR A 474 59.91 -15.34 -31.40
C TYR A 474 59.56 -14.90 -32.80
N LYS A 475 58.70 -15.65 -33.45
CA LYS A 475 58.21 -15.30 -34.81
C LYS A 475 59.36 -14.97 -35.75
N ALA A 476 60.32 -15.87 -35.78
CA ALA A 476 61.57 -15.63 -36.49
C ALA A 476 62.31 -16.94 -36.74
N ARG A 477 63.23 -16.88 -37.69
CA ARG A 477 64.17 -17.97 -37.92
C ARG A 477 65.57 -17.49 -37.56
N VAL A 478 66.31 -18.34 -36.87
CA VAL A 478 67.72 -18.11 -36.55
C VAL A 478 68.58 -19.22 -37.21
N GLU A 479 69.52 -18.83 -38.06
CA GLU A 479 70.40 -19.78 -38.73
C GLU A 479 71.87 -19.46 -38.41
N PHE A 480 72.64 -20.49 -38.09
CA PHE A 480 74.04 -20.36 -37.75
C PHE A 480 74.94 -20.74 -38.92
N LYS A 481 76.06 -20.04 -39.04
CA LYS A 481 77.07 -20.31 -40.07
C LYS A 481 78.44 -19.90 -39.54
N PRO A 482 79.53 -20.35 -40.21
CA PRO A 482 80.87 -19.94 -39.74
C PRO A 482 81.07 -18.45 -39.93
N SER A 483 81.77 -17.81 -38.99
CA SER A 483 82.02 -16.37 -39.07
C SER A 483 83.16 -16.05 -40.05
N GLN A 484 84.05 -17.02 -40.28
CA GLN A 484 85.24 -16.85 -41.14
C GLN A 484 85.35 -18.09 -42.05
N GLU A 485 85.97 -17.90 -43.23
CA GLU A 485 86.24 -19.01 -44.14
C GLU A 485 86.85 -20.17 -43.37
N LEU A 486 86.38 -21.38 -43.60
CA LEU A 486 86.95 -22.54 -42.93
C LEU A 486 87.94 -22.91 -44.03
N ALA A 487 89.02 -23.64 -43.76
CA ALA A 487 90.00 -23.90 -44.83
C ALA A 487 90.05 -25.39 -45.16
N GLY A 488 89.12 -25.89 -45.98
CA GLY A 488 89.02 -27.35 -46.19
C GLY A 488 88.32 -28.05 -45.04
N LYS A 489 87.76 -27.29 -44.11
CA LYS A 489 86.78 -27.89 -43.22
C LYS A 489 85.32 -27.63 -43.64
N LYS A 490 84.43 -28.50 -43.20
CA LYS A 490 83.00 -28.29 -43.34
C LYS A 490 82.43 -27.90 -41.97
N PHE A 491 81.16 -27.57 -41.90
CA PHE A 491 80.53 -27.30 -40.59
C PHE A 491 79.13 -27.88 -40.51
N MET A 492 78.69 -28.11 -39.30
CA MET A 492 77.30 -28.45 -39.05
CA MET A 492 77.30 -28.46 -39.05
C MET A 492 76.92 -28.04 -37.64
N ILE A 493 75.63 -28.11 -37.38
CA ILE A 493 75.12 -28.13 -36.02
C ILE A 493 75.57 -29.44 -35.42
N GLU A 494 76.18 -29.40 -34.24
CA GLU A 494 76.52 -30.64 -33.55
C GLU A 494 75.33 -31.15 -32.77
N ARG A 495 74.69 -30.24 -32.02
CA ARG A 495 73.54 -30.59 -31.23
C ARG A 495 72.74 -29.36 -30.84
N VAL A 496 71.41 -29.46 -30.99
CA VAL A 496 70.48 -28.48 -30.43
C VAL A 496 69.63 -29.17 -29.37
N GLU A 497 69.68 -28.70 -28.13
CA GLU A 497 68.81 -29.19 -27.05
C GLU A 497 67.79 -28.13 -26.64
N GLU A 498 66.52 -28.52 -26.52
CA GLU A 498 65.53 -27.68 -25.88
C GLU A 498 65.47 -28.08 -24.41
N GLY A 499 65.43 -27.10 -23.52
CA GLY A 499 65.35 -27.42 -22.11
C GLY A 499 65.11 -26.22 -21.21
N ARG A 500 65.55 -26.35 -19.97
CA ARG A 500 65.35 -25.32 -18.97
C ARG A 500 66.41 -25.40 -17.89
N PHE A 501 66.49 -24.35 -17.09
CA PHE A 501 67.40 -24.31 -15.94
C PHE A 501 66.60 -24.63 -14.70
N GLU A 502 67.09 -25.58 -13.92
CA GLU A 502 66.48 -25.98 -12.66
C GLU A 502 67.56 -25.88 -11.59
N LYS A 503 67.37 -25.02 -10.60
CA LYS A 503 68.39 -24.77 -9.57
C LYS A 503 69.73 -24.39 -10.23
N GLY A 504 69.69 -23.56 -11.26
CA GLY A 504 70.91 -23.18 -12.02
C GLY A 504 71.55 -24.23 -12.93
N LYS A 505 70.97 -25.43 -13.00
CA LYS A 505 71.50 -26.51 -13.86
C LYS A 505 70.61 -26.75 -15.08
N TRP A 506 71.24 -26.95 -16.23
CA TRP A 506 70.53 -27.25 -17.47
C TRP A 506 69.89 -28.63 -17.44
N VAL A 507 68.59 -28.68 -17.73
CA VAL A 507 67.84 -29.93 -17.88
C VAL A 507 67.33 -30.03 -19.34
N MET A 508 67.76 -31.08 -20.05
CA MET A 508 67.37 -31.30 -21.42
C MET A 508 65.97 -31.88 -21.48
N GLU A 509 65.14 -31.37 -22.37
CA GLU A 509 63.80 -31.90 -22.58
C GLU A 509 63.79 -32.73 -23.85
N ARG A 510 64.38 -32.21 -24.92
CA ARG A 510 64.45 -32.91 -26.17
C ARG A 510 65.55 -32.35 -27.04
N VAL A 511 65.94 -33.12 -28.05
CA VAL A 511 66.91 -32.67 -29.05
C VAL A 511 66.16 -32.26 -30.30
N TRP A 512 66.41 -31.05 -30.77
CA TRP A 512 65.90 -30.65 -32.08
C TRP A 512 66.83 -31.23 -33.13
N ASN A 513 66.27 -31.88 -34.13
CA ASN A 513 67.06 -32.39 -35.23
C ASN A 513 66.16 -32.58 -36.44
N GLY A 514 66.72 -33.12 -37.51
CA GLY A 514 65.95 -33.29 -38.73
C GLY A 514 65.31 -32.00 -39.22
N ASP A 515 64.00 -32.08 -39.52
CA ASP A 515 63.22 -30.97 -40.06
C ASP A 515 63.42 -29.75 -39.17
N GLN A 516 63.56 -29.96 -37.87
CA GLN A 516 63.63 -28.84 -36.93
C GLN A 516 64.96 -28.09 -36.95
N THR A 517 66.00 -28.66 -37.57
CA THR A 517 67.26 -27.97 -37.72
C THR A 517 67.78 -27.88 -39.16
N ASP A 518 67.04 -28.43 -40.13
CA ASP A 518 67.47 -28.39 -41.52
C ASP A 518 67.40 -27.01 -42.14
N TRP A 519 66.47 -26.17 -41.67
CA TRP A 519 66.16 -24.89 -42.28
C TRP A 519 66.24 -23.78 -41.24
N GLY A 520 67.35 -23.77 -40.51
CA GLY A 520 67.47 -22.88 -39.38
C GLY A 520 66.64 -23.36 -38.20
N LEU A 521 66.56 -22.52 -37.18
CA LEU A 521 65.78 -22.77 -35.99
C LEU A 521 64.58 -21.82 -36.03
N ASN A 522 63.39 -22.40 -36.20
CA ASN A 522 62.17 -21.65 -36.47
C ASN A 522 61.30 -21.57 -35.22
N PHE A 523 60.95 -20.34 -34.86
CA PHE A 523 60.17 -20.04 -33.65
C PHE A 523 58.87 -19.35 -34.06
N THR A 524 57.80 -19.71 -33.37
CA THR A 524 56.50 -19.09 -33.55
C THR A 524 56.26 -18.20 -32.33
N ASP A 525 55.07 -18.29 -31.74
CA ASP A 525 54.75 -17.51 -30.56
C ASP A 525 55.00 -18.28 -29.27
N ARG A 526 55.29 -19.56 -29.36
CA ARG A 526 55.52 -20.36 -28.15
C ARG A 526 56.98 -20.30 -27.69
N PRO A 527 57.23 -20.43 -26.39
CA PRO A 527 58.58 -20.33 -25.83
C PRO A 527 59.38 -21.62 -25.98
N HIS A 528 60.57 -21.49 -26.51
CA HIS A 528 61.53 -22.60 -26.56
C HIS A 528 62.90 -22.03 -26.24
N LEU A 529 63.57 -22.62 -25.24
CA LEU A 529 64.93 -22.21 -24.91
C LEU A 529 65.89 -23.29 -25.38
N LEU A 530 66.82 -22.93 -26.25
CA LEU A 530 67.72 -23.89 -26.91
C LEU A 530 69.17 -23.66 -26.51
N ARG A 531 69.92 -24.75 -26.38
CA ARG A 531 71.38 -24.73 -26.35
C ARG A 531 71.88 -25.29 -27.66
N VAL A 532 72.60 -24.47 -28.41
CA VAL A 532 73.03 -24.78 -29.74
C VAL A 532 74.56 -24.95 -29.71
N LYS A 533 75.03 -26.13 -30.08
CA LYS A 533 76.46 -26.39 -30.22
C LYS A 533 76.81 -26.58 -31.68
N MET A 534 77.76 -25.78 -32.17
CA MET A 534 78.20 -25.84 -33.57
C MET A 534 79.56 -26.55 -33.66
N ALA A 535 79.87 -27.10 -34.83
CA ALA A 535 81.16 -27.76 -35.05
C ALA A 535 81.64 -27.61 -36.46
N SER A 536 82.92 -27.31 -36.62
CA SER A 536 83.60 -27.45 -37.88
C SER A 536 84.30 -28.80 -37.83
N TYR A 537 84.45 -29.44 -38.97
CA TYR A 537 85.05 -30.75 -39.00
C TYR A 537 85.83 -30.92 -40.29
N SER A 538 86.86 -31.74 -40.20
CA SER A 538 87.71 -32.03 -41.34
C SER A 538 87.11 -33.08 -42.25
N VAL A 539 87.28 -32.89 -43.56
CA VAL A 539 86.98 -33.90 -44.58
C VAL A 539 88.21 -34.21 -45.46
N GLN A 540 89.39 -33.85 -44.98
CA GLN A 540 90.61 -33.97 -45.79
C GLN A 540 90.92 -35.44 -46.04
N ALA B 2 52.76 -64.69 -27.68
CA ALA B 2 52.10 -64.29 -28.97
C ALA B 2 53.07 -64.45 -30.12
N PRO B 3 52.57 -64.83 -31.29
CA PRO B 3 53.50 -65.05 -32.38
C PRO B 3 54.08 -63.75 -32.92
N LEU B 4 55.30 -63.81 -33.45
CA LEU B 4 55.94 -62.63 -34.04
C LEU B 4 55.11 -62.04 -35.14
N PRO B 5 55.11 -60.71 -35.26
CA PRO B 5 54.58 -60.10 -36.46
C PRO B 5 55.39 -60.59 -37.65
N GLU B 6 54.74 -60.75 -38.80
CA GLU B 6 55.46 -61.05 -40.00
C GLU B 6 54.72 -60.61 -41.25
N LEU B 7 55.47 -60.29 -42.27
CA LEU B 7 54.92 -59.93 -43.55
C LEU B 7 54.82 -61.19 -44.42
N LEU B 8 53.60 -61.58 -44.79
CA LEU B 8 53.37 -62.73 -45.67
C LEU B 8 53.12 -62.24 -47.07
N SER B 9 53.61 -62.99 -48.04
CA SER B 9 53.38 -62.72 -49.45
C SER B 9 52.96 -64.03 -50.15
N ASN B 10 51.80 -64.03 -50.81
CA ASN B 10 51.29 -65.20 -51.55
C ASN B 10 50.36 -64.78 -52.62
N ASN B 11 50.47 -65.46 -53.75
CA ASN B 11 49.53 -65.26 -54.85
C ASN B 11 49.55 -63.80 -55.33
N GLY B 12 50.71 -63.15 -55.29
CA GLY B 12 50.82 -61.71 -55.59
C GLY B 12 50.14 -60.78 -54.58
N LYS B 13 49.76 -61.29 -53.41
CA LYS B 13 49.10 -60.48 -52.38
C LYS B 13 49.92 -60.50 -51.09
N HIS B 14 49.62 -59.62 -50.15
CA HIS B 14 50.44 -59.47 -48.95
C HIS B 14 49.59 -59.23 -47.74
N ALA B 15 50.13 -59.58 -46.57
CA ALA B 15 49.51 -59.27 -45.31
C ALA B 15 50.56 -59.03 -44.26
N LEU B 16 50.30 -58.02 -43.42
CA LEU B 16 51.08 -57.83 -42.24
C LEU B 16 50.34 -58.58 -41.15
N MET B 17 50.94 -59.66 -40.69
CA MET B 17 50.39 -60.47 -39.61
C MET B 17 50.80 -59.88 -38.28
N VAL B 18 49.83 -59.59 -37.44
CA VAL B 18 50.08 -59.17 -36.09
C VAL B 18 49.19 -60.00 -35.17
N ASP B 19 49.81 -60.62 -34.17
CA ASP B 19 49.10 -61.51 -33.24
C ASP B 19 48.38 -62.63 -33.99
N GLY B 20 48.98 -63.11 -35.06
CA GLY B 20 48.48 -64.26 -35.80
C GLY B 20 47.38 -64.00 -36.83
N ALA B 21 47.11 -62.74 -37.18
CA ALA B 21 46.12 -62.45 -38.20
C ALA B 21 46.46 -61.16 -38.94
N PRO B 22 46.00 -61.02 -40.19
CA PRO B 22 46.28 -59.77 -40.91
C PRO B 22 45.84 -58.51 -40.15
N TYR B 23 46.62 -57.43 -40.35
CA TYR B 23 46.50 -56.18 -39.59
C TYR B 23 46.70 -55.02 -40.57
N ILE B 24 45.96 -53.91 -40.34
CA ILE B 24 46.16 -52.67 -41.10
C ILE B 24 46.71 -51.61 -40.14
N ILE B 25 47.82 -51.00 -40.53
CA ILE B 25 48.35 -49.87 -39.78
C ILE B 25 47.57 -48.61 -40.16
N LEU B 26 46.71 -48.17 -39.25
CA LEU B 26 46.02 -46.88 -39.36
C LEU B 26 46.83 -45.96 -38.51
N GLY B 27 47.84 -45.36 -39.15
CA GLY B 27 48.99 -44.83 -38.42
C GLY B 27 48.94 -43.33 -38.12
N SER B 28 49.82 -42.92 -37.23
CA SER B 28 50.25 -41.54 -37.12
C SER B 28 51.77 -41.57 -36.93
N GLN B 29 52.46 -40.55 -37.43
CA GLN B 29 53.91 -40.40 -37.25
C GLN B 29 54.24 -39.02 -36.65
N THR B 30 55.18 -39.01 -35.71
CA THR B 30 55.56 -37.80 -35.03
C THR B 30 56.40 -36.94 -35.96
N ASN B 31 56.52 -35.67 -35.58
CA ASN B 31 57.55 -34.83 -36.14
C ASN B 31 58.93 -35.37 -35.72
N ASN B 32 59.98 -34.83 -36.31
CA ASN B 32 61.33 -35.37 -36.18
C ASN B 32 62.04 -35.18 -34.86
N SER B 33 61.52 -34.33 -33.99
CA SER B 33 62.18 -34.02 -32.72
C SER B 33 61.26 -34.36 -31.53
N SER B 34 60.44 -35.40 -31.68
CA SER B 34 59.51 -35.81 -30.64
C SER B 34 59.92 -37.10 -29.97
N ASN B 35 61.13 -37.57 -30.26
CA ASN B 35 61.63 -38.85 -29.79
C ASN B 35 62.28 -38.77 -28.39
N TYR B 36 61.61 -38.10 -27.46
CA TYR B 36 62.09 -37.94 -26.09
C TYR B 36 60.92 -38.05 -25.13
N PRO B 37 61.19 -38.55 -23.92
CA PRO B 37 60.08 -38.77 -22.96
C PRO B 37 59.20 -37.54 -22.75
N ASP B 38 59.82 -36.37 -22.63
CA ASP B 38 59.08 -35.12 -22.36
C ASP B 38 58.17 -34.71 -23.52
N ALA B 39 58.48 -35.14 -24.73
CA ALA B 39 57.67 -34.75 -25.89
C ALA B 39 56.43 -35.62 -26.08
N LEU B 40 56.38 -36.80 -25.46
CA LEU B 40 55.29 -37.74 -25.70
C LEU B 40 53.92 -37.22 -25.27
N LYS B 41 53.88 -36.31 -24.29
CA LYS B 41 52.59 -35.69 -23.92
C LYS B 41 51.99 -34.85 -25.06
N ASP B 42 52.82 -34.43 -26.02
CA ASP B 42 52.36 -33.72 -27.19
C ASP B 42 52.07 -34.60 -28.38
N VAL B 43 52.22 -35.91 -28.19
CA VAL B 43 51.97 -36.93 -29.24
C VAL B 43 50.72 -37.74 -28.97
N TRP B 44 50.54 -38.22 -27.74
CA TRP B 44 49.41 -39.11 -27.47
C TRP B 44 48.02 -38.50 -27.72
N PRO B 45 47.80 -37.23 -27.34
CA PRO B 45 46.44 -36.71 -27.57
C PRO B 45 46.03 -36.69 -29.06
N SER B 46 46.94 -36.29 -29.95
CA SER B 46 46.70 -36.39 -31.38
C SER B 46 46.35 -37.80 -31.81
N MET B 47 47.08 -38.78 -31.29
CA MET B 47 46.83 -40.16 -31.67
C MET B 47 45.41 -40.62 -31.31
N GLU B 48 44.99 -40.25 -30.11
CA GLU B 48 43.67 -40.54 -29.61
C GLU B 48 42.59 -39.84 -30.48
N LYS B 49 42.77 -38.57 -30.77
CA LYS B 49 41.81 -37.82 -31.58
C LYS B 49 41.73 -38.41 -32.98
N MET B 50 42.84 -38.91 -33.47
CA MET B 50 42.90 -39.48 -34.79
C MET B 50 42.24 -40.86 -34.87
N GLY B 51 42.21 -41.58 -33.77
CA GLY B 51 41.82 -42.98 -33.79
C GLY B 51 42.88 -43.87 -34.43
N ALA B 52 44.16 -43.47 -34.39
CA ALA B 52 45.25 -44.28 -34.94
C ALA B 52 45.50 -45.51 -34.08
N ASN B 53 45.84 -46.63 -34.70
CA ASN B 53 46.18 -47.85 -33.93
C ASN B 53 47.67 -48.07 -33.78
N THR B 54 48.47 -47.32 -34.55
CA THR B 54 49.91 -47.56 -34.58
C THR B 54 50.65 -46.23 -34.67
N LEU B 55 51.66 -46.04 -33.83
CA LEU B 55 52.50 -44.83 -33.87
C LEU B 55 53.85 -45.15 -34.49
N SER B 56 54.22 -44.40 -35.53
CA SER B 56 55.58 -44.38 -36.04
C SER B 56 56.41 -43.24 -35.37
N ILE B 57 57.56 -43.56 -34.79
CA ILE B 57 58.32 -42.58 -34.04
C ILE B 57 59.79 -42.92 -34.14
N PRO B 58 60.66 -41.90 -34.25
CA PRO B 58 62.09 -42.23 -34.32
C PRO B 58 62.72 -42.80 -33.05
N VAL B 59 63.71 -43.66 -33.25
CA VAL B 59 64.70 -43.97 -32.23
C VAL B 59 66.04 -43.68 -32.90
N ALA B 60 66.78 -42.74 -32.32
CA ALA B 60 67.97 -42.18 -32.95
C ALA B 60 69.23 -42.83 -32.41
N TRP B 61 70.18 -43.06 -33.32
CA TRP B 61 71.47 -43.62 -32.92
C TRP B 61 72.12 -42.69 -31.89
N GLU B 62 72.04 -41.38 -32.13
CA GLU B 62 72.64 -40.40 -31.19
C GLU B 62 72.12 -40.53 -29.77
N GLN B 63 70.87 -40.95 -29.59
CA GLN B 63 70.29 -41.04 -28.25
C GLN B 63 70.54 -42.38 -27.58
N ILE B 64 70.64 -43.47 -28.36
CA ILE B 64 70.87 -44.77 -27.74
C ILE B 64 72.36 -45.06 -27.53
N GLU B 65 73.24 -44.38 -28.28
CA GLU B 65 74.69 -44.57 -28.12
C GLU B 65 75.41 -43.24 -28.15
N PRO B 66 75.12 -42.38 -27.16
CA PRO B 66 75.68 -41.02 -27.20
C PRO B 66 77.21 -40.99 -27.08
N VAL B 67 77.74 -41.99 -26.38
CA VAL B 67 79.18 -42.23 -26.25
C VAL B 67 79.38 -43.69 -26.67
N GLU B 68 80.40 -44.00 -27.45
CA GLU B 68 80.57 -45.37 -27.97
C GLU B 68 80.90 -46.37 -26.85
N GLY B 69 80.48 -47.63 -26.74
CA GLY B 69 79.18 -48.15 -26.61
C GLY B 69 78.74 -48.06 -25.14
N GLN B 70 78.25 -46.87 -24.82
CA GLN B 70 77.55 -46.65 -23.59
C GLN B 70 76.08 -46.47 -24.02
N PHE B 71 75.33 -47.55 -23.92
CA PHE B 71 73.96 -47.59 -24.46
C PHE B 71 72.91 -47.06 -23.50
N ASP B 72 71.91 -46.38 -24.04
CA ASP B 72 70.89 -45.70 -23.23
C ASP B 72 69.53 -45.97 -23.89
N PHE B 73 68.72 -46.82 -23.27
CA PHE B 73 67.38 -47.14 -23.79
C PHE B 73 66.27 -46.53 -22.96
N SER B 74 66.57 -45.49 -22.21
CA SER B 74 65.57 -44.86 -21.34
C SER B 74 64.37 -44.33 -22.13
N PHE B 75 64.59 -43.84 -23.36
CA PHE B 75 63.46 -43.37 -24.16
C PHE B 75 62.57 -44.54 -24.57
N VAL B 76 63.18 -45.62 -25.03
CA VAL B 76 62.46 -46.77 -25.49
C VAL B 76 61.64 -47.38 -24.36
N ASP B 77 62.22 -47.43 -23.16
CA ASP B 77 61.50 -47.93 -21.98
C ASP B 77 60.19 -47.15 -21.77
N VAL B 78 60.27 -45.81 -21.75
CA VAL B 78 59.10 -44.96 -21.52
C VAL B 78 58.10 -45.10 -22.64
N LEU B 79 58.61 -45.11 -23.86
CA LEU B 79 57.77 -45.23 -25.03
C LEU B 79 56.93 -46.52 -25.00
N LEU B 80 57.58 -47.64 -24.74
CA LEU B 80 56.89 -48.92 -24.69
C LEU B 80 55.77 -48.91 -23.68
N LYS B 81 56.08 -48.39 -22.50
CA LYS B 81 55.15 -48.40 -21.38
C LYS B 81 53.94 -47.53 -21.69
N GLU B 82 54.18 -46.36 -22.28
CA GLU B 82 53.10 -45.42 -22.57
C GLU B 82 52.23 -45.89 -23.74
N ALA B 83 52.85 -46.52 -24.73
CA ALA B 83 52.11 -47.14 -25.83
C ALA B 83 51.18 -48.27 -25.36
N ARG B 84 51.69 -49.11 -24.47
CA ARG B 84 50.88 -50.19 -23.91
C ARG B 84 49.70 -49.66 -23.12
N GLN B 85 49.92 -48.61 -22.32
CA GLN B 85 48.83 -47.99 -21.53
C GLN B 85 47.71 -47.57 -22.42
N ARG B 86 48.07 -47.06 -23.60
CA ARG B 86 47.09 -46.56 -24.56
C ARG B 86 46.60 -47.62 -25.54
N LYS B 87 47.14 -48.82 -25.44
CA LYS B 87 46.75 -49.94 -26.32
C LYS B 87 46.94 -49.63 -27.80
N VAL B 88 48.11 -49.07 -28.12
CA VAL B 88 48.50 -48.88 -29.49
C VAL B 88 49.78 -49.63 -29.76
N ARG B 89 50.08 -49.81 -31.03
CA ARG B 89 51.30 -50.47 -31.43
C ARG B 89 52.29 -49.44 -31.99
N LEU B 90 53.54 -49.90 -32.20
CA LEU B 90 54.63 -49.03 -32.56
C LEU B 90 55.36 -49.52 -33.78
N VAL B 91 55.77 -48.55 -34.61
CA VAL B 91 56.78 -48.76 -35.62
C VAL B 91 57.95 -47.84 -35.27
N LEU B 92 59.11 -48.41 -35.00
CA LEU B 92 60.26 -47.62 -34.63
C LEU B 92 61.05 -47.27 -35.87
N LEU B 93 61.48 -46.02 -35.95
CA LEU B 93 62.22 -45.52 -37.11
C LEU B 93 63.70 -45.34 -36.72
N TRP B 94 64.55 -46.20 -37.23
CA TRP B 94 65.99 -46.21 -36.89
C TRP B 94 66.67 -45.12 -37.67
N PHE B 95 66.91 -43.99 -37.01
CA PHE B 95 67.55 -42.83 -37.63
C PHE B 95 69.05 -42.97 -37.30
N ALA B 96 69.86 -43.26 -38.29
CA ALA B 96 71.23 -43.64 -38.04
C ALA B 96 72.19 -43.15 -39.12
N THR B 97 72.73 -44.04 -39.95
CA THR B 97 73.67 -43.64 -41.00
C THR B 97 73.04 -42.63 -41.97
N TRP B 98 71.78 -42.86 -42.34
CA TRP B 98 71.04 -41.85 -43.14
C TRP B 98 69.73 -41.46 -42.47
N LYS B 99 69.52 -40.16 -42.43
CA LYS B 99 68.21 -39.57 -42.20
C LYS B 99 68.09 -38.45 -43.22
N ASN B 100 67.20 -38.60 -44.18
CA ASN B 100 67.10 -37.66 -45.31
C ASN B 100 68.49 -37.39 -45.92
N ASN B 101 69.19 -38.47 -46.24
CA ASN B 101 70.51 -38.46 -46.89
C ASN B 101 71.72 -38.19 -46.01
N ALA B 102 71.49 -37.72 -44.78
CA ALA B 102 72.52 -37.13 -43.97
C ALA B 102 72.70 -37.85 -42.62
N PRO B 103 73.84 -37.64 -41.97
CA PRO B 103 74.14 -38.28 -40.68
C PRO B 103 73.83 -37.44 -39.42
N HIS B 104 72.86 -36.54 -39.48
CA HIS B 104 72.61 -35.66 -38.35
C HIS B 104 72.18 -36.40 -37.08
N TYR B 105 71.54 -37.57 -37.22
CA TYR B 105 71.11 -38.33 -36.05
C TYR B 105 72.13 -39.37 -35.60
N ALA B 106 73.25 -39.48 -36.31
CA ALA B 106 74.33 -40.33 -35.82
C ALA B 106 75.00 -39.61 -34.64
N PRO B 107 75.58 -40.37 -33.68
CA PRO B 107 76.27 -39.75 -32.54
C PRO B 107 77.36 -38.79 -33.02
N ALA B 108 77.71 -37.82 -32.16
CA ALA B 108 78.78 -36.86 -32.49
C ALA B 108 80.08 -37.58 -32.86
N TRP B 109 80.40 -38.65 -32.13
CA TRP B 109 81.62 -39.42 -32.38
C TRP B 109 81.60 -40.18 -33.72
N VAL B 110 80.44 -40.26 -34.36
CA VAL B 110 80.36 -40.70 -35.70
C VAL B 110 80.40 -39.52 -36.68
N LYS B 111 79.42 -38.61 -36.56
CA LYS B 111 79.23 -37.62 -37.63
C LYS B 111 80.33 -36.58 -37.69
N LEU B 112 81.11 -36.44 -36.64
CA LEU B 112 82.24 -35.49 -36.66
C LEU B 112 83.61 -36.16 -36.96
N ASP B 113 83.61 -37.46 -37.26
CA ASP B 113 84.86 -38.19 -37.56
C ASP B 113 84.85 -38.77 -38.95
N ASN B 114 85.13 -37.90 -39.93
CA ASN B 114 85.05 -38.27 -41.32
C ASN B 114 86.11 -39.29 -41.72
N ALA B 115 87.27 -39.25 -41.05
CA ALA B 115 88.36 -40.20 -41.35
C ALA B 115 87.90 -41.63 -41.10
N ARG B 116 87.26 -41.85 -39.96
CA ARG B 116 86.78 -43.15 -39.61
C ARG B 116 85.47 -43.50 -40.35
N PHE B 117 84.60 -42.49 -40.53
CA PHE B 117 83.27 -42.69 -41.08
C PHE B 117 83.09 -41.73 -42.26
N PRO B 118 83.55 -42.12 -43.45
CA PRO B 118 83.70 -41.19 -44.55
C PRO B 118 82.46 -40.85 -45.36
N ARG B 119 82.46 -39.60 -45.83
CA ARG B 119 81.42 -39.03 -46.63
C ARG B 119 81.62 -39.26 -48.10
N VAL B 120 80.51 -39.19 -48.81
CA VAL B 120 80.47 -39.15 -50.26
C VAL B 120 81.32 -38.00 -50.76
N VAL B 121 82.14 -38.30 -51.76
CA VAL B 121 82.99 -37.33 -52.43
C VAL B 121 82.48 -37.18 -53.83
N LYS B 122 82.25 -35.93 -54.23
CA LYS B 122 81.79 -35.63 -55.58
C LYS B 122 82.88 -35.87 -56.61
N GLU B 123 82.49 -35.89 -57.87
CA GLU B 123 83.44 -36.11 -58.95
C GLU B 123 84.49 -35.00 -58.97
N ASP B 124 84.08 -33.78 -58.61
CA ASP B 124 84.97 -32.62 -58.59
C ASP B 124 85.82 -32.54 -57.33
N GLY B 125 85.76 -33.56 -56.49
CA GLY B 125 86.54 -33.60 -55.28
C GLY B 125 85.93 -32.99 -54.04
N ASP B 126 84.87 -32.19 -54.17
CA ASP B 126 84.18 -31.67 -52.96
C ASP B 126 83.46 -32.78 -52.21
N THR B 127 83.21 -32.54 -50.92
CA THR B 127 82.59 -33.52 -50.05
C THR B 127 81.16 -33.11 -49.71
N LEU B 128 80.26 -34.08 -49.67
CA LEU B 128 78.86 -33.83 -49.29
C LEU B 128 78.61 -34.42 -47.92
N ASN B 129 77.65 -33.86 -47.18
CA ASN B 129 77.30 -34.37 -45.88
C ASN B 129 76.31 -35.56 -46.00
N SER B 130 76.84 -36.66 -46.53
CA SER B 130 76.09 -37.86 -46.76
C SER B 130 77.14 -38.99 -46.62
N LEU B 131 76.92 -39.92 -45.71
CA LEU B 131 77.92 -40.94 -45.45
C LEU B 131 77.97 -41.97 -46.57
N SER B 132 79.18 -42.33 -46.99
CA SER B 132 79.34 -43.31 -48.08
C SER B 132 78.92 -44.71 -47.63
N PRO B 133 78.10 -45.40 -48.44
CA PRO B 133 77.75 -46.77 -48.10
C PRO B 133 78.94 -47.77 -48.18
N LEU B 134 80.07 -47.33 -48.73
CA LEU B 134 81.28 -48.15 -48.75
C LEU B 134 82.18 -47.98 -47.51
N GLY B 135 81.73 -47.16 -46.55
CA GLY B 135 82.46 -46.99 -45.33
C GLY B 135 82.25 -48.20 -44.46
N GLN B 136 83.26 -49.06 -44.35
CA GLN B 136 83.11 -50.30 -43.58
C GLN B 136 83.02 -50.09 -42.10
N ASN B 137 83.68 -49.06 -41.58
CA ASN B 137 83.59 -48.79 -40.15
C ASN B 137 82.16 -48.34 -39.83
N THR B 138 81.59 -47.58 -40.75
CA THR B 138 80.26 -47.00 -40.52
C THR B 138 79.24 -48.13 -40.42
N LEU B 139 79.31 -49.06 -41.38
CA LEU B 139 78.42 -50.20 -41.41
C LEU B 139 78.52 -51.01 -40.13
N ALA B 140 79.76 -51.31 -39.70
CA ALA B 140 79.94 -52.07 -38.45
C ALA B 140 79.36 -51.37 -37.25
N ALA B 141 79.54 -50.07 -37.17
CA ALA B 141 79.09 -49.31 -36.01
C ALA B 141 77.53 -49.22 -35.97
N ASP B 142 76.95 -48.90 -37.10
CA ASP B 142 75.47 -48.83 -37.21
C ASP B 142 74.90 -50.18 -36.81
N LYS B 143 75.40 -51.23 -37.47
CA LYS B 143 74.99 -52.61 -37.19
C LYS B 143 75.07 -52.93 -35.69
N LYS B 144 76.18 -52.59 -35.06
CA LYS B 144 76.35 -52.90 -33.66
C LYS B 144 75.28 -52.22 -32.80
N ALA B 145 75.01 -50.95 -33.08
CA ALA B 145 74.01 -50.21 -32.28
C ALA B 145 72.60 -50.75 -32.54
N PHE B 146 72.33 -51.06 -33.80
CA PHE B 146 71.02 -51.60 -34.20
C PHE B 146 70.78 -52.92 -33.50
N VAL B 147 71.82 -53.73 -33.44
CA VAL B 147 71.74 -55.00 -32.72
C VAL B 147 71.38 -54.80 -31.25
N GLU B 148 71.98 -53.79 -30.62
CA GLU B 148 71.67 -53.50 -29.23
C GLU B 148 70.20 -53.09 -29.08
N LEU B 149 69.69 -52.36 -30.05
CA LEU B 149 68.30 -51.94 -29.97
C LEU B 149 67.42 -53.18 -30.05
N MET B 150 67.74 -54.07 -30.99
CA MET B 150 66.92 -55.26 -31.20
C MET B 150 67.02 -56.20 -29.97
N LYS B 151 68.17 -56.19 -29.32
CA LYS B 151 68.33 -56.95 -28.04
C LYS B 151 67.45 -56.41 -26.95
N TYR B 152 67.32 -55.08 -26.88
CA TYR B 152 66.44 -54.49 -25.92
C TYR B 152 65.01 -54.93 -26.17
N LEU B 153 64.57 -54.90 -27.42
CA LEU B 153 63.22 -55.37 -27.74
C LEU B 153 63.03 -56.87 -27.45
N ALA B 154 64.03 -57.69 -27.79
CA ALA B 154 63.92 -59.13 -27.49
C ALA B 154 63.69 -59.35 -26.00
N LYS B 155 64.37 -58.57 -25.14
CA LYS B 155 64.29 -58.76 -23.68
C LYS B 155 63.08 -58.03 -23.07
N ARG B 156 62.66 -56.92 -23.67
CA ARG B 156 61.66 -56.07 -23.03
C ARG B 156 60.33 -55.89 -23.74
N ASP B 157 60.12 -56.56 -24.86
CA ASP B 157 58.92 -56.40 -25.65
C ASP B 157 58.42 -57.73 -26.20
N LYS B 158 58.18 -58.65 -25.27
CA LYS B 158 57.82 -60.04 -25.62
C LYS B 158 56.43 -60.16 -26.20
N ASP B 159 55.55 -59.19 -25.97
CA ASP B 159 54.24 -59.19 -26.62
C ASP B 159 54.24 -58.37 -27.94
N HIS B 160 55.40 -57.90 -28.36
CA HIS B 160 55.58 -57.23 -29.67
C HIS B 160 54.72 -55.97 -29.78
N THR B 161 54.79 -55.11 -28.78
CA THR B 161 54.20 -53.78 -28.89
C THR B 161 54.75 -53.12 -30.19
N VAL B 162 56.06 -53.26 -30.39
CA VAL B 162 56.72 -52.87 -31.63
C VAL B 162 56.49 -53.98 -32.66
N ILE B 163 55.83 -53.61 -33.77
CA ILE B 163 55.44 -54.59 -34.76
C ILE B 163 56.31 -54.56 -36.01
N MET B 164 57.06 -53.49 -36.22
CA MET B 164 57.90 -53.33 -37.39
C MET B 164 58.96 -52.24 -37.12
N VAL B 165 60.08 -52.33 -37.83
CA VAL B 165 61.21 -51.39 -37.69
C VAL B 165 61.61 -50.87 -39.06
N GLN B 166 61.67 -49.55 -39.18
CA GLN B 166 62.20 -48.90 -40.37
C GLN B 166 63.70 -48.77 -40.19
N VAL B 167 64.44 -49.28 -41.14
CA VAL B 167 65.90 -49.27 -41.10
C VAL B 167 66.41 -48.07 -41.89
N GLN B 168 66.99 -47.09 -41.18
CA GLN B 168 67.36 -45.78 -41.72
C GLN B 168 66.08 -44.97 -42.05
N ASN B 169 66.24 -43.77 -42.57
CA ASN B 169 65.15 -42.94 -43.01
C ASN B 169 65.56 -42.15 -44.25
N GLU B 170 64.87 -42.40 -45.35
CA GLU B 170 65.15 -41.78 -46.65
C GLU B 170 66.64 -41.73 -47.00
N VAL B 171 67.18 -42.91 -47.28
CA VAL B 171 68.59 -43.06 -47.63
C VAL B 171 68.84 -42.41 -48.98
N GLY B 172 70.13 -42.20 -49.27
CA GLY B 172 70.55 -41.70 -50.55
C GLY B 172 71.44 -40.48 -50.42
N THR B 173 71.62 -39.79 -51.54
CA THR B 173 72.46 -38.61 -51.57
C THR B 173 71.85 -37.55 -52.46
N TYR B 174 71.76 -36.32 -51.93
CA TYR B 174 71.48 -35.14 -52.73
C TYR B 174 72.78 -34.48 -53.14
N GLY B 175 72.82 -33.94 -54.35
CA GLY B 175 73.99 -33.17 -54.83
C GLY B 175 75.05 -33.99 -55.58
N ALA B 176 74.90 -35.32 -55.62
CA ALA B 176 75.73 -36.21 -56.44
C ALA B 176 74.98 -37.52 -56.68
N VAL B 177 75.43 -38.29 -57.67
CA VAL B 177 74.78 -39.54 -58.01
C VAL B 177 75.28 -40.70 -57.15
N ARG B 178 76.57 -40.65 -56.78
CA ARG B 178 77.21 -41.70 -55.99
C ARG B 178 78.46 -41.14 -55.31
N ASP B 179 79.15 -42.00 -54.55
CA ASP B 179 80.48 -41.71 -53.99
C ASP B 179 81.51 -41.91 -55.09
N TYR B 180 82.33 -40.87 -55.32
CA TYR B 180 83.40 -40.90 -56.30
C TYR B 180 84.76 -40.89 -55.65
N SER B 181 84.83 -41.20 -54.35
CA SER B 181 86.08 -41.27 -53.66
C SER B 181 86.93 -42.38 -54.28
N PRO B 182 88.25 -42.32 -54.07
CA PRO B 182 89.13 -43.43 -54.51
C PRO B 182 88.63 -44.80 -54.03
N MET B 183 88.22 -44.89 -52.77
CA MET B 183 87.68 -46.13 -52.23
C MET B 183 86.48 -46.64 -53.03
N ALA B 184 85.57 -45.74 -53.40
CA ALA B 184 84.36 -46.13 -54.13
C ALA B 184 84.72 -46.44 -55.57
N GLN B 185 85.60 -45.62 -56.13
CA GLN B 185 86.03 -45.80 -57.51
C GLN B 185 86.63 -47.19 -57.73
N ALA B 186 87.40 -47.70 -56.77
CA ALA B 186 88.00 -49.03 -56.87
C ALA B 186 86.96 -50.14 -56.96
N VAL B 187 85.83 -49.96 -56.27
CA VAL B 187 84.73 -50.93 -56.34
C VAL B 187 83.95 -50.76 -57.65
N PHE B 188 83.72 -49.52 -58.05
CA PHE B 188 83.00 -49.21 -59.30
C PHE B 188 83.73 -49.76 -60.51
N ASN B 189 85.06 -49.67 -60.47
CA ASN B 189 85.89 -50.18 -61.58
C ASN B 189 85.97 -51.69 -61.64
N ALA B 190 85.69 -52.34 -60.51
CA ALA B 190 85.72 -53.79 -60.42
C ALA B 190 84.46 -54.43 -61.03
N ALA B 191 84.46 -55.76 -61.06
CA ALA B 191 83.34 -56.52 -61.59
C ALA B 191 82.09 -56.31 -60.75
N VAL B 192 80.95 -56.22 -61.42
CA VAL B 192 79.66 -56.24 -60.75
C VAL B 192 79.55 -57.60 -60.05
N PRO B 193 79.12 -57.63 -58.77
CA PRO B 193 79.06 -58.91 -58.07
C PRO B 193 78.18 -59.93 -58.81
N ASP B 194 78.62 -61.17 -58.77
CA ASP B 194 77.97 -62.28 -59.51
C ASP B 194 76.50 -62.36 -59.18
N ASP B 195 76.19 -62.33 -57.89
CA ASP B 195 74.83 -62.51 -57.39
C ASP B 195 73.87 -61.56 -58.09
N LEU B 196 74.29 -60.31 -58.23
CA LEU B 196 73.44 -59.30 -58.87
C LEU B 196 73.31 -59.60 -60.35
N ILE B 197 74.42 -59.98 -60.98
CA ILE B 197 74.41 -60.36 -62.39
C ILE B 197 73.44 -61.53 -62.65
N GLN B 198 73.49 -62.56 -61.79
CA GLN B 198 72.62 -63.76 -61.91
C GLN B 198 71.14 -63.36 -61.71
N LYS B 199 70.86 -62.61 -60.65
CA LYS B 199 69.48 -62.21 -60.34
C LYS B 199 68.84 -61.34 -61.42
N LEU B 200 69.59 -60.43 -62.00
CA LEU B 200 69.06 -59.64 -63.13
C LEU B 200 69.22 -60.28 -64.50
N GLN B 201 69.84 -61.46 -64.57
CA GLN B 201 69.95 -62.16 -65.85
C GLN B 201 70.68 -61.29 -66.88
N LEU B 202 71.83 -60.80 -66.47
CA LEU B 202 72.67 -59.94 -67.30
C LEU B 202 74.03 -60.61 -67.63
N LYS B 203 74.76 -60.01 -68.57
CA LYS B 203 76.11 -60.48 -68.94
C LYS B 203 77.13 -59.85 -67.98
N PRO B 204 78.09 -60.67 -67.46
CA PRO B 204 79.12 -60.16 -66.54
C PRO B 204 79.89 -58.99 -67.11
N GLY B 205 80.47 -58.21 -66.20
CA GLY B 205 81.23 -57.03 -66.54
C GLY B 205 81.43 -56.12 -65.32
N THR B 206 82.09 -54.99 -65.58
CA THR B 206 82.26 -53.95 -64.60
C THR B 206 80.98 -53.12 -64.60
N TRP B 207 80.85 -52.25 -63.60
CA TRP B 207 79.64 -51.40 -63.49
C TRP B 207 79.35 -50.60 -64.75
N SER B 208 80.35 -49.92 -65.29
CA SER B 208 80.14 -49.11 -66.52
C SER B 208 79.76 -49.97 -67.71
N GLN B 209 80.40 -51.13 -67.82
CA GLN B 209 80.12 -52.03 -68.94
C GLN B 209 78.73 -52.60 -68.86
N VAL B 210 78.29 -53.07 -67.69
CA VAL B 210 77.00 -53.74 -67.64
C VAL B 210 75.83 -52.75 -67.60
N PHE B 211 76.01 -51.59 -66.98
CA PHE B 211 74.88 -50.65 -66.83
C PHE B 211 74.93 -49.35 -67.61
N GLY B 212 76.07 -49.05 -68.24
CA GLY B 212 76.17 -47.86 -69.13
C GLY B 212 75.80 -46.55 -68.44
N ARG B 213 74.89 -45.78 -69.04
CA ARG B 213 74.43 -44.51 -68.47
C ARG B 213 73.87 -44.60 -67.05
N ASP B 214 73.40 -45.77 -66.64
CA ASP B 214 72.80 -45.94 -65.29
C ASP B 214 73.81 -46.44 -64.26
N ALA B 215 75.07 -46.59 -64.64
CA ALA B 215 76.03 -47.26 -63.77
C ALA B 215 76.23 -46.50 -62.45
N ASP B 216 76.35 -45.19 -62.51
CA ASP B 216 76.59 -44.40 -61.28
C ASP B 216 75.42 -44.55 -60.29
N GLU B 217 74.20 -44.37 -60.77
CA GLU B 217 72.99 -44.45 -59.90
C GLU B 217 72.74 -45.84 -59.40
N PHE B 218 72.85 -46.82 -60.30
CA PHE B 218 72.60 -48.21 -59.91
C PHE B 218 73.66 -48.67 -58.92
N PHE B 219 74.90 -48.22 -59.10
CA PHE B 219 75.98 -48.51 -58.14
C PHE B 219 75.67 -48.00 -56.73
N HIS B 220 75.25 -46.75 -56.64
CA HIS B 220 74.90 -46.15 -55.33
C HIS B 220 73.74 -46.88 -54.69
N ALA B 221 72.69 -47.16 -55.47
CA ALA B 221 71.56 -47.94 -55.00
C ALA B 221 71.98 -49.29 -54.48
N TYR B 222 72.81 -50.00 -55.27
CA TYR B 222 73.27 -51.31 -54.85
C TYR B 222 74.03 -51.25 -53.53
N GLN B 223 75.00 -50.34 -53.43
CA GLN B 223 75.81 -50.28 -52.22
C GLN B 223 74.96 -49.89 -50.99
N ILE B 224 74.02 -48.99 -51.16
CA ILE B 224 73.17 -48.61 -50.03
C ILE B 224 72.28 -49.80 -49.65
N ALA B 225 71.71 -50.44 -50.66
CA ALA B 225 70.87 -51.59 -50.42
C ALA B 225 71.60 -52.66 -49.64
N ARG B 226 72.82 -52.96 -50.05
CA ARG B 226 73.62 -53.98 -49.33
C ARG B 226 73.87 -53.57 -47.89
N TYR B 227 74.22 -52.29 -47.69
CA TYR B 227 74.44 -51.75 -46.36
C TYR B 227 73.19 -51.95 -45.49
N CYS B 228 72.05 -51.53 -46.03
CA CYS B 228 70.80 -51.67 -45.27
C CYS B 228 70.43 -53.14 -45.05
N ASP B 229 70.71 -53.99 -46.02
CA ASP B 229 70.39 -55.42 -45.88
C ASP B 229 71.21 -56.05 -44.77
N GLU B 230 72.49 -55.70 -44.68
CA GLU B 230 73.35 -56.21 -43.61
C GLU B 230 72.91 -55.77 -42.23
N VAL B 231 72.55 -54.50 -42.08
CA VAL B 231 72.01 -54.02 -40.82
C VAL B 231 70.73 -54.78 -40.47
N THR B 232 69.86 -54.93 -41.46
CA THR B 232 68.58 -55.66 -41.29
C THR B 232 68.83 -57.11 -40.83
N VAL B 233 69.72 -57.82 -41.52
CA VAL B 233 69.97 -59.23 -41.16
C VAL B 233 70.46 -59.35 -39.73
N ALA B 234 71.39 -58.47 -39.36
CA ALA B 234 71.97 -58.52 -38.02
C ALA B 234 70.92 -58.28 -36.95
N GLY B 235 70.03 -57.33 -37.19
CA GLY B 235 68.96 -57.08 -36.23
C GLY B 235 67.94 -58.19 -36.17
N LYS B 236 67.57 -58.71 -37.34
CA LYS B 236 66.61 -59.83 -37.41
C LYS B 236 67.12 -61.12 -36.76
N ALA B 237 68.44 -61.32 -36.79
CA ALA B 237 69.04 -62.47 -36.07
C ALA B 237 68.76 -62.40 -34.57
N ILE B 238 68.54 -61.19 -34.03
CA ILE B 238 68.21 -61.02 -32.62
C ILE B 238 66.71 -61.17 -32.42
N LYS B 239 65.92 -60.44 -33.20
CA LYS B 239 64.50 -60.58 -33.16
C LYS B 239 63.97 -60.35 -34.56
N ASN B 240 63.28 -61.34 -35.10
CA ASN B 240 62.94 -61.36 -36.52
C ASN B 240 61.63 -60.60 -36.80
N LEU B 241 61.63 -59.30 -36.49
CA LEU B 241 60.50 -58.45 -36.81
C LEU B 241 60.57 -58.09 -38.29
N PRO B 242 59.40 -57.82 -38.92
CA PRO B 242 59.40 -57.21 -40.23
C PRO B 242 60.20 -55.89 -40.23
N MET B 243 60.93 -55.62 -41.31
CA MET B 243 61.68 -54.38 -41.41
C MET B 243 61.61 -53.87 -42.83
N TYR B 244 61.68 -52.55 -42.95
CA TYR B 244 61.46 -51.91 -44.25
C TYR B 244 62.28 -50.66 -44.39
N VAL B 245 62.37 -50.15 -45.62
CA VAL B 245 62.96 -48.85 -45.89
C VAL B 245 61.94 -47.92 -46.54
N ASN B 246 62.08 -46.62 -46.28
CA ASN B 246 61.16 -45.60 -46.78
C ASN B 246 61.84 -44.65 -47.77
N VAL B 247 61.14 -44.33 -48.82
CA VAL B 247 61.76 -43.70 -49.99
C VAL B 247 61.41 -42.22 -50.15
N ALA B 248 62.44 -41.37 -50.23
CA ALA B 248 62.31 -40.02 -50.73
C ALA B 248 62.06 -40.15 -52.21
N LEU B 249 60.81 -39.97 -52.61
CA LEU B 249 60.37 -40.30 -53.96
C LEU B 249 60.89 -39.33 -54.97
N ARG B 250 61.18 -39.84 -56.15
CA ARG B 250 61.30 -38.97 -57.31
C ARG B 250 59.93 -38.87 -57.94
N ASN B 251 59.67 -37.79 -58.65
CA ASN B 251 58.46 -37.67 -59.39
C ASN B 251 58.43 -38.74 -60.48
N PRO B 252 57.41 -39.61 -60.46
CA PRO B 252 57.40 -40.72 -61.41
C PRO B 252 57.18 -40.31 -62.87
N PHE B 253 56.58 -39.15 -63.12
CA PHE B 253 56.35 -38.68 -64.48
C PHE B 253 57.46 -37.77 -65.03
N ASN B 254 58.19 -37.11 -64.14
CA ASN B 254 59.13 -36.07 -64.52
C ASN B 254 60.16 -36.00 -63.39
N PRO B 255 60.98 -37.06 -63.26
CA PRO B 255 61.86 -37.19 -62.09
C PRO B 255 62.99 -36.16 -61.94
N GLY B 256 63.45 -35.58 -63.03
CA GLY B 256 64.75 -34.91 -63.00
C GLY B 256 65.88 -35.91 -62.80
N LEU B 257 67.04 -35.43 -62.38
CA LEU B 257 68.27 -36.25 -62.38
C LEU B 257 68.55 -36.76 -60.99
N PRO B 258 69.16 -37.95 -60.89
CA PRO B 258 69.62 -38.40 -59.55
C PRO B 258 70.62 -37.40 -58.95
N GLY B 259 70.47 -37.10 -57.66
CA GLY B 259 71.17 -36.00 -57.04
C GLY B 259 70.30 -34.77 -56.84
N GLN B 260 69.43 -34.49 -57.81
CA GLN B 260 68.31 -33.56 -57.57
C GLN B 260 67.28 -34.24 -56.69
N TYR B 261 66.86 -35.44 -57.08
CA TYR B 261 66.22 -36.32 -56.12
C TYR B 261 67.29 -37.08 -55.36
N SER B 262 66.87 -37.80 -54.32
CA SER B 262 67.80 -38.51 -53.48
C SER B 262 68.31 -39.79 -54.19
N SER B 263 69.54 -39.73 -54.73
CA SER B 263 70.08 -40.83 -55.49
C SER B 263 70.39 -42.01 -54.61
N GLY B 264 70.02 -43.21 -55.05
CA GLY B 264 70.39 -44.44 -54.36
C GLY B 264 69.34 -45.01 -53.46
N GLY B 265 68.36 -44.20 -53.06
CA GLY B 265 67.20 -44.73 -52.36
C GLY B 265 66.34 -45.57 -53.30
N GLY B 266 65.28 -46.17 -52.79
CA GLY B 266 64.44 -47.08 -53.57
C GLY B 266 63.47 -46.38 -54.52
N THR B 267 64.00 -45.52 -55.37
CA THR B 267 63.17 -44.85 -56.38
C THR B 267 62.72 -45.86 -57.46
N ASP B 268 61.69 -45.49 -58.20
CA ASP B 268 60.97 -46.46 -59.03
C ASP B 268 61.86 -47.11 -60.10
N ASN B 269 62.90 -46.40 -60.54
CA ASN B 269 63.86 -46.93 -61.52
C ASN B 269 64.91 -47.89 -60.94
N VAL B 270 65.02 -47.99 -59.62
CA VAL B 270 66.00 -48.90 -59.02
C VAL B 270 65.40 -49.92 -58.10
N LEU B 271 64.08 -50.12 -58.17
CA LEU B 271 63.44 -51.15 -57.34
C LEU B 271 63.99 -52.53 -57.66
N HIS B 272 64.29 -52.81 -58.92
CA HIS B 272 64.89 -54.09 -59.30
C HIS B 272 66.28 -54.31 -58.70
N ILE B 273 67.07 -53.24 -58.59
CA ILE B 273 68.37 -53.32 -57.91
C ILE B 273 68.16 -53.62 -56.43
N TRP B 274 67.28 -52.83 -55.80
CA TRP B 274 67.01 -52.99 -54.36
C TRP B 274 66.48 -54.39 -54.04
N LYS B 275 65.56 -54.90 -54.84
CA LYS B 275 65.01 -56.24 -54.58
C LYS B 275 66.09 -57.34 -54.72
N ALA B 276 66.96 -57.19 -55.71
CA ALA B 276 68.04 -58.17 -55.93
C ALA B 276 69.08 -58.07 -54.83
N ALA B 277 69.41 -56.84 -54.42
CA ALA B 277 70.50 -56.60 -53.46
C ALA B 277 70.11 -56.81 -52.01
N ALA B 278 68.84 -56.64 -51.67
CA ALA B 278 68.44 -56.65 -50.26
C ALA B 278 67.25 -57.58 -50.02
N PRO B 279 67.48 -58.89 -50.15
CA PRO B 279 66.38 -59.86 -50.03
C PRO B 279 65.85 -59.97 -48.62
N ASN B 280 66.55 -59.44 -47.64
CA ASN B 280 66.11 -59.53 -46.26
C ASN B 280 65.27 -58.34 -45.79
N ILE B 281 65.17 -57.30 -46.62
CA ILE B 281 64.30 -56.17 -46.33
C ILE B 281 62.90 -56.54 -46.83
N ASP B 282 61.91 -56.48 -45.95
CA ASP B 282 60.59 -56.97 -46.27
C ASP B 282 59.88 -56.18 -47.35
N LEU B 283 59.95 -54.84 -47.29
CA LEU B 283 59.32 -54.04 -48.31
C LEU B 283 59.99 -52.67 -48.43
N ILE B 284 59.67 -52.02 -49.53
CA ILE B 284 60.14 -50.69 -49.86
C ILE B 284 58.90 -49.78 -49.92
N ALA B 285 58.88 -48.80 -49.04
CA ALA B 285 57.70 -47.97 -48.76
C ALA B 285 57.83 -46.54 -49.28
N PRO B 286 56.83 -46.07 -50.05
CA PRO B 286 56.86 -44.69 -50.52
C PRO B 286 56.46 -43.67 -49.46
N ASP B 287 57.18 -42.54 -49.45
CA ASP B 287 56.84 -41.36 -48.63
C ASP B 287 56.17 -40.36 -49.55
N ILE B 288 54.87 -40.20 -49.41
CA ILE B 288 54.09 -39.48 -50.40
C ILE B 288 53.77 -38.03 -49.97
N TYR B 289 54.36 -37.06 -50.67
CA TYR B 289 54.04 -35.64 -50.44
C TYR B 289 53.53 -34.92 -51.71
N PHE B 290 53.39 -35.65 -52.82
CA PHE B 290 52.68 -35.11 -53.99
C PHE B 290 51.21 -34.98 -53.60
N ARG B 291 50.59 -33.84 -53.90
CA ARG B 291 49.18 -33.61 -53.51
C ARG B 291 48.15 -34.14 -54.53
N ASP B 292 48.56 -34.15 -55.81
CA ASP B 292 47.63 -34.33 -56.92
C ASP B 292 47.34 -35.79 -57.19
N TYR B 293 46.05 -36.08 -57.41
CA TYR B 293 45.56 -37.41 -57.58
C TYR B 293 46.36 -38.23 -58.58
N LYS B 294 46.68 -37.67 -59.74
CA LYS B 294 47.32 -38.48 -60.79
C LYS B 294 48.70 -38.99 -60.38
N THR B 295 49.46 -38.13 -59.72
CA THR B 295 50.82 -38.47 -59.34
C THR B 295 50.80 -39.45 -58.16
N VAL B 296 49.94 -39.20 -57.19
CA VAL B 296 49.79 -40.12 -56.07
C VAL B 296 49.35 -41.49 -56.57
N SER B 297 48.34 -41.54 -57.46
CA SER B 297 47.87 -42.81 -57.99
C SER B 297 49.01 -43.57 -58.68
N LYS B 298 49.86 -42.86 -59.44
CA LYS B 298 50.97 -43.48 -60.11
C LYS B 298 51.97 -44.07 -59.11
N VAL B 299 52.23 -43.34 -58.03
CA VAL B 299 53.15 -43.85 -57.01
C VAL B 299 52.60 -45.11 -56.40
N LEU B 300 51.31 -45.10 -56.06
CA LEU B 300 50.68 -46.32 -55.48
C LEU B 300 50.80 -47.49 -56.44
N GLU B 301 50.65 -47.23 -57.74
CA GLU B 301 50.73 -48.27 -58.76
C GLU B 301 52.16 -48.84 -58.81
N LEU B 302 53.15 -47.96 -58.82
CA LEU B 302 54.54 -48.39 -58.94
C LEU B 302 55.07 -49.14 -57.72
N TYR B 303 54.58 -48.80 -56.53
CA TYR B 303 55.07 -49.47 -55.33
C TYR B 303 54.27 -50.69 -54.91
N THR B 304 53.12 -50.94 -55.55
CA THR B 304 52.34 -52.15 -55.28
C THR B 304 52.71 -53.19 -56.33
N ARG B 305 53.41 -54.22 -55.88
CA ARG B 305 53.96 -55.22 -56.81
C ARG B 305 53.79 -56.59 -56.20
N PRO B 306 53.85 -57.65 -57.04
CA PRO B 306 53.86 -58.98 -56.46
C PRO B 306 55.00 -59.19 -55.44
N ASP B 307 56.14 -58.56 -55.67
CA ASP B 307 57.26 -58.67 -54.75
C ASP B 307 57.34 -57.52 -53.73
N ASN B 308 56.30 -56.69 -53.61
CA ASN B 308 56.37 -55.53 -52.72
C ASN B 308 55.02 -55.16 -52.18
N ALA B 309 54.80 -55.45 -50.90
CA ALA B 309 53.61 -55.00 -50.19
C ALA B 309 53.61 -53.49 -50.15
N LEU B 310 52.43 -52.90 -50.25
CA LEU B 310 52.28 -51.44 -50.19
C LEU B 310 52.09 -50.98 -48.77
N PHE B 311 53.01 -50.14 -48.33
CA PHE B 311 52.89 -49.43 -47.06
C PHE B 311 53.20 -47.96 -47.32
N VAL B 312 52.20 -47.10 -47.09
CA VAL B 312 52.43 -45.67 -47.21
C VAL B 312 53.03 -45.19 -45.89
N ALA B 313 54.37 -45.26 -45.82
CA ALA B 313 55.11 -45.07 -44.58
C ALA B 313 55.05 -43.64 -44.09
N GLU B 314 54.92 -42.68 -45.01
CA GLU B 314 54.66 -41.29 -44.68
C GLU B 314 53.72 -40.76 -45.72
N ILE B 315 52.83 -39.86 -45.30
CA ILE B 315 52.06 -39.06 -46.24
C ILE B 315 51.81 -37.70 -45.59
N GLY B 316 51.66 -36.66 -46.42
CA GLY B 316 51.38 -35.34 -45.90
C GLY B 316 50.13 -35.31 -45.03
N ASN B 317 50.09 -34.37 -44.09
CA ASN B 317 48.97 -34.27 -43.18
C ASN B 317 47.99 -33.18 -43.54
N ASP B 318 48.12 -32.58 -44.72
CA ASP B 318 47.13 -31.63 -45.14
C ASP B 318 45.87 -32.36 -45.62
N GLN B 319 44.76 -31.64 -45.61
CA GLN B 319 43.44 -32.23 -45.92
C GLN B 319 43.37 -33.10 -47.18
N PRO B 320 44.01 -32.71 -48.28
CA PRO B 320 43.82 -33.48 -49.50
C PRO B 320 44.38 -34.89 -49.48
N PHE B 321 45.28 -35.16 -48.54
CA PHE B 321 45.92 -36.46 -48.45
C PHE B 321 45.04 -37.56 -47.78
N ALA B 322 44.06 -37.15 -46.98
CA ALA B 322 43.28 -38.13 -46.20
C ALA B 322 42.59 -39.16 -47.11
N ARG B 323 42.07 -38.72 -48.25
CA ARG B 323 41.30 -39.61 -49.13
C ARG B 323 42.15 -40.70 -49.80
N TYR B 324 43.47 -40.54 -49.79
CA TYR B 324 44.34 -41.56 -50.38
C TYR B 324 44.41 -42.84 -49.54
N LEU B 325 43.85 -42.80 -48.34
CA LEU B 325 43.66 -44.04 -47.59
C LEU B 325 42.87 -45.06 -48.42
N PHE B 326 41.87 -44.58 -49.17
CA PHE B 326 40.95 -45.49 -49.84
C PHE B 326 41.63 -46.32 -50.93
N PRO B 327 42.29 -45.67 -51.89
CA PRO B 327 43.04 -46.48 -52.87
C PRO B 327 44.23 -47.25 -52.30
N THR B 328 44.85 -46.73 -51.25
CA THR B 328 45.91 -47.46 -50.55
C THR B 328 45.39 -48.82 -50.08
N LEU B 329 44.26 -48.82 -49.36
CA LEU B 329 43.65 -50.07 -48.92
C LEU B 329 43.12 -50.91 -50.07
N GLY B 330 42.56 -50.26 -51.08
CA GLY B 330 42.03 -50.95 -52.24
C GLY B 330 43.08 -51.73 -53.04
N LYS B 331 44.33 -51.26 -53.01
CA LYS B 331 45.43 -51.99 -53.62
C LYS B 331 45.93 -53.13 -52.77
N GLY B 332 45.32 -53.36 -51.59
CA GLY B 332 45.83 -54.33 -50.65
C GLY B 332 46.92 -53.79 -49.73
N GLY B 333 47.03 -52.46 -49.62
CA GLY B 333 47.98 -51.86 -48.71
C GLY B 333 47.84 -52.34 -47.28
N ILE B 334 48.97 -52.47 -46.59
CA ILE B 334 48.99 -52.92 -45.20
C ILE B 334 48.97 -51.76 -44.20
N GLY B 335 49.09 -50.53 -44.71
CA GLY B 335 49.12 -49.39 -43.81
C GLY B 335 49.35 -48.04 -44.44
N PHE B 336 49.16 -47.02 -43.61
CA PHE B 336 49.04 -45.62 -44.04
C PHE B 336 49.39 -44.77 -42.82
N SER B 337 50.35 -43.85 -42.96
CA SER B 337 50.87 -43.12 -41.79
C SER B 337 51.16 -41.64 -42.08
N PRO B 338 50.17 -40.75 -41.83
CA PRO B 338 50.34 -39.35 -41.99
C PRO B 338 51.44 -38.78 -41.07
N PHE B 339 52.26 -37.92 -41.66
CA PHE B 339 53.44 -37.39 -41.00
C PHE B 339 53.15 -36.10 -40.27
N GLY B 340 53.73 -35.99 -39.07
CA GLY B 340 53.69 -34.77 -38.32
C GLY B 340 52.43 -34.62 -37.48
N MET B 341 51.93 -35.73 -36.95
CA MET B 341 50.70 -35.71 -36.13
C MET B 341 51.06 -35.55 -34.67
N ASP B 342 51.64 -34.40 -34.33
CA ASP B 342 51.85 -34.06 -32.92
C ASP B 342 51.81 -32.54 -32.74
N ASP B 343 51.75 -32.11 -31.50
CA ASP B 343 51.58 -30.71 -31.21
C ASP B 343 52.87 -30.09 -30.67
N THR B 344 53.98 -30.36 -31.35
CA THR B 344 55.29 -29.91 -30.86
C THR B 344 55.72 -28.61 -31.57
N ASP B 345 54.75 -27.84 -32.05
CA ASP B 345 55.00 -26.48 -32.54
C ASP B 345 55.87 -26.53 -33.77
N TYR B 346 55.45 -27.35 -34.72
CA TYR B 346 56.10 -27.39 -36.02
C TYR B 346 55.07 -27.71 -37.07
N THR B 347 55.11 -27.00 -38.19
CA THR B 347 54.38 -27.42 -39.37
C THR B 347 55.36 -27.49 -40.52
N ASN B 348 55.39 -28.65 -41.20
CA ASN B 348 56.25 -28.87 -42.37
C ASN B 348 55.66 -28.30 -43.65
N TYR B 349 54.63 -27.47 -43.51
CA TYR B 349 54.11 -26.71 -44.65
C TYR B 349 55.30 -26.04 -45.37
N PRO B 350 55.32 -26.03 -46.72
CA PRO B 350 54.36 -26.45 -47.78
C PRO B 350 54.07 -27.97 -47.97
N LEU B 351 54.86 -28.88 -47.39
CA LEU B 351 54.64 -30.33 -47.56
C LEU B 351 53.34 -30.85 -46.89
N GLY B 352 53.04 -30.31 -45.71
CA GLY B 352 51.81 -30.67 -45.02
C GLY B 352 50.92 -29.48 -44.75
N ALA B 353 50.15 -29.58 -43.68
CA ALA B 353 49.13 -28.58 -43.34
C ALA B 353 49.80 -27.28 -42.90
N LYS B 354 49.17 -26.15 -43.25
CA LYS B 354 49.70 -24.83 -42.84
C LYS B 354 49.57 -24.65 -41.33
N VAL B 355 48.49 -25.12 -40.74
CA VAL B 355 48.35 -25.06 -39.27
C VAL B 355 48.03 -26.45 -38.72
N TYR B 356 48.45 -26.69 -37.48
CA TYR B 356 48.16 -27.95 -36.81
C TYR B 356 47.17 -27.74 -35.67
N ASN B 357 45.95 -28.22 -35.89
CA ASN B 357 44.90 -28.11 -34.90
C ASN B 357 43.96 -29.31 -35.02
N ASP B 358 42.90 -29.29 -34.22
CA ASP B 358 41.95 -30.39 -34.21
C ASP B 358 41.33 -30.67 -35.56
N GLU B 359 41.12 -29.62 -36.35
CA GLU B 359 40.53 -29.78 -37.68
C GLU B 359 41.49 -30.57 -38.60
N THR B 360 42.79 -30.32 -38.47
CA THR B 360 43.80 -31.07 -39.25
C THR B 360 43.68 -32.57 -38.97
N ILE B 361 43.56 -32.88 -37.69
CA ILE B 361 43.48 -34.26 -37.22
C ILE B 361 42.17 -34.88 -37.66
N GLU B 362 41.09 -34.09 -37.59
CA GLU B 362 39.76 -34.60 -37.87
C GLU B 362 39.59 -35.09 -39.32
N GLN B 363 40.32 -34.51 -40.28
CA GLN B 363 40.22 -35.00 -41.65
C GLN B 363 40.65 -36.48 -41.75
N PHE B 364 41.65 -36.87 -40.97
CA PHE B 364 42.09 -38.25 -40.95
C PHE B 364 41.20 -39.10 -40.01
N ALA B 365 40.77 -38.52 -38.89
CA ALA B 365 39.90 -39.26 -37.98
C ALA B 365 38.63 -39.74 -38.69
N GLN B 366 38.09 -38.89 -39.56
CA GLN B 366 36.86 -39.23 -40.26
C GLN B 366 37.00 -40.43 -41.17
N VAL B 367 38.16 -40.61 -41.81
CA VAL B 367 38.36 -41.74 -42.68
C VAL B 367 38.77 -42.97 -41.90
N TYR B 368 39.58 -42.80 -40.86
CA TYR B 368 39.92 -43.94 -40.00
C TYR B 368 38.68 -44.56 -39.33
N ARG B 369 37.68 -43.74 -39.02
CA ARG B 369 36.43 -44.23 -38.42
C ARG B 369 35.67 -45.21 -39.33
N LEU B 370 35.93 -45.17 -40.64
CA LEU B 370 35.33 -46.14 -41.57
C LEU B 370 36.00 -47.50 -41.51
N VAL B 371 37.29 -47.52 -41.17
CA VAL B 371 38.06 -48.75 -41.23
C VAL B 371 38.21 -49.42 -39.85
N ASN B 372 38.44 -48.62 -38.82
CA ASN B 372 38.59 -49.15 -37.50
C ASN B 372 37.58 -50.25 -37.13
N PRO B 373 36.28 -50.02 -37.38
CA PRO B 373 35.30 -50.99 -36.84
C PRO B 373 35.35 -52.33 -37.55
N MET B 374 35.99 -52.40 -38.73
CA MET B 374 36.18 -53.64 -39.45
C MET B 374 37.65 -53.97 -39.72
N MET B 375 38.57 -53.46 -38.91
CA MET B 375 39.98 -53.50 -39.33
C MET B 375 40.44 -54.94 -39.60
N ARG B 376 40.22 -55.86 -38.67
CA ARG B 376 40.69 -57.24 -38.86
C ARG B 376 39.98 -57.92 -40.01
N GLU B 377 38.69 -57.64 -40.16
CA GLU B 377 37.91 -58.30 -41.21
C GLU B 377 38.36 -57.80 -42.57
N TRP B 378 38.55 -56.49 -42.68
CA TRP B 378 39.09 -55.91 -43.92
C TRP B 378 40.49 -56.47 -44.26
N ALA B 379 41.36 -56.56 -43.27
CA ALA B 379 42.73 -57.02 -43.50
C ALA B 379 42.73 -58.44 -44.06
N ARG B 380 41.87 -59.31 -43.52
CA ARG B 380 41.73 -60.67 -44.02
C ARG B 380 41.20 -60.72 -45.43
N LEU B 381 40.14 -59.96 -45.69
CA LEU B 381 39.56 -59.94 -47.04
C LEU B 381 40.55 -59.40 -48.04
N SER B 382 41.34 -58.41 -47.65
CA SER B 382 42.32 -57.81 -48.55
C SER B 382 43.40 -58.83 -48.95
N TYR B 383 43.83 -59.62 -47.97
CA TYR B 383 44.87 -60.64 -48.21
C TYR B 383 44.33 -61.83 -49.01
N GLN B 384 43.14 -62.30 -48.66
CA GLN B 384 42.61 -63.60 -49.12
C GLN B 384 41.57 -63.51 -50.19
N GLY B 385 41.09 -62.31 -50.47
CA GLY B 385 39.91 -62.15 -51.30
C GLY B 385 40.03 -60.94 -52.18
N GLN B 386 38.89 -60.32 -52.45
CA GLN B 386 38.87 -59.29 -53.41
C GLN B 386 38.38 -58.05 -52.71
N VAL B 387 39.22 -57.02 -52.78
CA VAL B 387 38.87 -55.70 -52.31
C VAL B 387 39.09 -54.67 -53.40
N TRP B 388 38.43 -53.53 -53.23
CA TRP B 388 38.60 -52.40 -54.12
C TRP B 388 38.56 -51.14 -53.28
N GLY B 389 39.13 -50.09 -53.80
CA GLY B 389 39.15 -48.81 -53.09
C GLY B 389 39.45 -47.67 -54.04
N VAL B 390 38.69 -46.58 -53.92
CA VAL B 390 38.85 -45.42 -54.80
C VAL B 390 38.77 -44.14 -54.00
N ALA B 391 39.42 -43.10 -54.51
CA ALA B 391 39.33 -41.76 -53.99
C ALA B 391 38.83 -40.82 -55.09
N GLU B 392 38.26 -39.71 -54.66
CA GLU B 392 37.75 -38.68 -55.55
C GLU B 392 38.89 -38.23 -56.50
N PRO B 393 38.68 -38.39 -57.82
CA PRO B 393 39.81 -38.31 -58.75
C PRO B 393 40.12 -36.95 -59.32
N LEU B 394 39.38 -35.92 -58.94
CA LEU B 394 39.73 -34.56 -59.29
C LEU B 394 40.16 -33.83 -58.03
N ASP B 395 41.25 -33.08 -58.13
CA ASP B 395 41.73 -32.26 -57.03
C ASP B 395 40.84 -31.04 -56.86
N SER B 396 40.92 -30.38 -55.72
CA SER B 396 40.10 -29.19 -55.51
C SER B 396 40.41 -28.16 -56.59
N THR B 397 39.39 -27.46 -57.04
CA THR B 397 39.56 -26.49 -58.14
C THR B 397 40.47 -25.34 -57.71
N THR B 398 41.48 -25.06 -58.51
CA THR B 398 42.41 -23.94 -58.27
C THR B 398 41.77 -22.56 -58.53
N GLU B 399 42.40 -21.49 -58.03
CA GLU B 399 42.00 -20.11 -58.32
C GLU B 399 42.14 -19.83 -59.83
N THR B 400 43.28 -20.29 -60.40
CA THR B 400 43.52 -20.26 -61.85
C THR B 400 42.39 -20.93 -62.63
N GLN B 401 41.95 -22.10 -62.16
CA GLN B 401 40.85 -22.82 -62.78
C GLN B 401 39.50 -22.11 -62.52
N LYS B 402 39.36 -21.46 -61.37
CA LYS B 402 38.15 -20.66 -61.08
C LYS B 402 38.03 -19.46 -62.03
N ILE B 403 39.14 -18.76 -62.28
CA ILE B 403 39.19 -17.68 -63.26
C ILE B 403 38.85 -18.21 -64.67
N TRP B 404 39.60 -19.21 -65.16
CA TRP B 404 39.34 -19.83 -66.47
C TRP B 404 37.90 -20.35 -66.59
N ASN B 405 37.38 -20.97 -65.55
CA ASN B 405 35.96 -21.38 -65.50
C ASN B 405 34.96 -20.26 -65.77
N ALA B 406 35.14 -19.12 -65.10
CA ALA B 406 34.25 -17.95 -65.26
C ALA B 406 34.38 -17.40 -66.70
N GLU B 407 33.27 -17.17 -67.42
CA GLU B 407 33.34 -16.85 -68.88
C GLU B 407 33.52 -18.08 -69.78
N ALA B 408 34.52 -18.10 -70.65
CA ALA B 408 34.68 -19.20 -71.56
C ALA B 408 33.35 -19.61 -72.39
N THR B 409 32.21 -18.91 -72.22
CA THR B 409 30.93 -19.20 -72.92
C THR B 409 29.99 -20.03 -72.06
N PRO B 410 28.71 -19.61 -71.98
CA PRO B 410 27.71 -20.46 -71.36
C PRO B 410 27.73 -21.89 -71.94
N GLU B 411 28.07 -22.05 -73.22
CA GLU B 411 28.20 -23.37 -73.85
C GLU B 411 29.42 -24.13 -73.30
N GLU B 412 30.50 -23.38 -73.06
CA GLU B 412 31.74 -23.97 -72.50
C GLU B 412 31.59 -24.35 -71.02
N LYS B 413 30.87 -23.54 -70.26
CA LYS B 413 30.54 -23.85 -68.87
C LYS B 413 29.72 -25.13 -68.74
N GLU B 414 28.71 -25.32 -69.60
CA GLU B 414 27.91 -26.55 -69.60
C GLU B 414 28.74 -27.76 -70.02
N GLN B 415 29.65 -27.56 -70.97
CA GLN B 415 30.54 -28.62 -71.41
C GLN B 415 31.52 -29.02 -70.32
N HIS B 416 31.95 -28.03 -69.54
CA HIS B 416 32.92 -28.26 -68.48
C HIS B 416 32.30 -29.06 -67.34
N LYS B 417 31.06 -28.73 -66.99
CA LYS B 417 30.27 -29.45 -66.02
C LYS B 417 30.10 -30.92 -66.42
N LYS B 418 29.81 -31.15 -67.70
CA LYS B 418 29.68 -32.52 -68.23
C LYS B 418 31.00 -33.28 -68.15
N ASP B 419 32.08 -32.60 -68.50
CA ASP B 419 33.41 -33.21 -68.45
C ASP B 419 33.80 -33.59 -67.01
N ARG B 420 33.46 -32.72 -66.05
CA ARG B 420 33.76 -32.95 -64.65
C ARG B 420 32.93 -34.09 -64.11
N ALA B 421 31.63 -34.10 -64.43
CA ALA B 421 30.73 -35.18 -63.99
C ALA B 421 31.27 -36.53 -64.43
N SER B 422 31.72 -36.59 -65.67
CA SER B 422 32.25 -37.81 -66.22
C SER B 422 33.57 -38.22 -65.56
N ALA B 423 34.44 -37.25 -65.28
CA ALA B 423 35.69 -37.54 -64.56
C ALA B 423 35.41 -37.97 -63.11
N LEU B 424 34.30 -37.48 -62.54
CA LEU B 424 33.91 -37.79 -61.15
C LEU B 424 33.05 -39.04 -61.02
N THR B 425 33.12 -39.90 -62.02
CA THR B 425 32.35 -41.13 -62.06
C THR B 425 33.31 -42.28 -62.27
N GLN B 426 33.40 -43.21 -61.33
CA GLN B 426 34.34 -44.32 -61.44
C GLN B 426 33.60 -45.63 -61.53
N GLN B 427 34.11 -46.53 -62.36
CA GLN B 427 33.53 -47.87 -62.53
C GLN B 427 34.42 -48.90 -61.86
N LEU B 428 33.81 -49.85 -61.15
CA LEU B 428 34.51 -50.97 -60.57
C LEU B 428 33.80 -52.26 -60.97
N ASP B 429 34.57 -53.21 -61.46
CA ASP B 429 34.07 -54.51 -61.92
C ASP B 429 34.19 -55.48 -60.78
N LEU B 430 33.05 -55.85 -60.19
CA LEU B 430 33.06 -56.69 -58.98
C LEU B 430 32.69 -58.15 -59.26
N GLY B 431 32.82 -58.56 -60.52
CA GLY B 431 32.50 -59.93 -60.92
C GLY B 431 31.17 -59.94 -61.67
N LEU B 432 30.14 -60.49 -61.03
CA LEU B 432 28.76 -60.49 -61.57
C LEU B 432 28.08 -59.14 -61.47
N TRP B 433 28.64 -58.26 -60.64
CA TRP B 433 28.07 -56.92 -60.40
C TRP B 433 29.18 -55.87 -60.56
N ASP B 434 28.78 -54.68 -61.00
CA ASP B 434 29.67 -53.55 -61.03
C ASP B 434 29.17 -52.53 -60.03
N ALA B 435 30.07 -51.67 -59.57
CA ALA B 435 29.70 -50.50 -58.82
C ALA B 435 30.13 -49.25 -59.56
N GLU B 436 29.32 -48.22 -59.45
CA GLU B 436 29.66 -46.92 -59.97
C GLU B 436 29.75 -45.98 -58.79
N VAL B 437 30.90 -45.34 -58.64
CA VAL B 437 31.13 -44.39 -57.55
C VAL B 437 31.14 -42.97 -58.11
N THR B 438 30.33 -42.10 -57.51
CA THR B 438 30.26 -40.70 -57.91
C THR B 438 30.39 -39.78 -56.68
N TYR B 439 30.82 -38.54 -56.92
CA TYR B 439 31.19 -37.64 -55.83
C TYR B 439 30.53 -36.28 -55.92
N GLY B 440 29.94 -35.85 -54.82
CA GLY B 440 29.41 -34.47 -54.68
C GLY B 440 28.06 -34.33 -55.36
N ARG B 441 27.06 -34.97 -54.77
CA ARG B 441 25.69 -34.89 -55.28
C ARG B 441 24.70 -35.14 -54.15
N PRO B 442 23.43 -34.70 -54.34
CA PRO B 442 22.44 -34.96 -53.29
C PRO B 442 22.21 -36.45 -53.05
N MET B 443 21.53 -36.76 -51.95
CA MET B 443 21.26 -38.16 -51.53
C MET B 443 19.97 -38.72 -52.15
N PHE B 444 19.33 -37.92 -53.01
CA PHE B 444 17.98 -38.17 -53.54
C PHE B 444 18.02 -37.66 -54.98
N TRP B 445 17.35 -38.38 -55.88
CA TRP B 445 17.34 -38.09 -57.33
C TRP B 445 18.71 -38.30 -57.96
N VAL B 446 18.84 -37.85 -59.20
CA VAL B 446 19.93 -38.25 -60.07
C VAL B 446 20.73 -37.07 -60.71
N THR B 447 20.65 -35.90 -60.10
CA THR B 447 21.44 -34.76 -60.60
C THR B 447 22.96 -35.11 -60.60
N PRO B 448 23.68 -34.76 -61.69
CA PRO B 448 25.05 -35.24 -61.88
C PRO B 448 26.05 -34.73 -60.85
N PRO B 449 27.15 -35.48 -60.66
CA PRO B 449 28.13 -35.15 -59.62
C PRO B 449 28.95 -33.90 -59.99
N GLU B 450 29.15 -33.03 -59.00
CA GLU B 450 29.97 -31.84 -59.16
C GLU B 450 31.22 -31.81 -58.25
N GLY B 451 31.42 -32.86 -57.46
CA GLY B 451 32.59 -32.98 -56.61
C GLY B 451 32.37 -32.33 -55.27
N ASN B 452 33.17 -32.76 -54.30
CA ASN B 452 33.16 -32.18 -53.00
C ASN B 452 34.10 -31.01 -52.98
N THR B 453 33.85 -30.06 -52.09
CA THR B 453 34.71 -28.88 -51.94
C THR B 453 35.12 -28.74 -50.47
N PRO B 454 36.39 -29.03 -50.17
CA PRO B 454 37.47 -29.54 -51.00
C PRO B 454 37.27 -31.00 -51.42
N ALA B 455 38.04 -31.45 -52.42
CA ALA B 455 38.02 -32.86 -52.83
C ALA B 455 38.33 -33.74 -51.62
N ALA B 456 37.54 -34.78 -51.40
CA ALA B 456 37.62 -35.54 -50.12
C ALA B 456 37.04 -36.95 -50.11
N GLY B 457 36.28 -37.30 -51.14
CA GLY B 457 35.50 -38.53 -51.11
C GLY B 457 36.25 -39.79 -51.41
N GLY B 458 35.63 -40.92 -51.06
CA GLY B 458 36.17 -42.21 -51.43
C GLY B 458 35.25 -43.35 -51.06
N ALA B 459 35.67 -44.56 -51.40
CA ALA B 459 34.87 -45.76 -51.14
C ALA B 459 35.75 -46.99 -51.01
N LEU B 460 35.32 -47.92 -50.16
CA LEU B 460 35.92 -49.24 -50.03
C LEU B 460 34.85 -50.29 -50.29
N ILE B 461 35.24 -51.36 -51.01
CA ILE B 461 34.36 -52.50 -51.25
C ILE B 461 35.14 -53.81 -51.09
N ALA B 462 34.57 -54.76 -50.36
CA ALA B 462 35.14 -56.12 -50.26
C ALA B 462 34.08 -57.12 -50.71
N GLN B 463 34.49 -58.15 -51.45
CA GLN B 463 33.55 -59.14 -51.88
C GLN B 463 33.43 -60.20 -50.81
N LEU B 464 32.21 -60.46 -50.35
CA LEU B 464 31.94 -61.58 -49.40
C LEU B 464 31.53 -62.87 -50.11
N ASP B 465 30.81 -62.76 -51.21
CA ASP B 465 30.33 -63.91 -51.97
C ASP B 465 30.00 -63.42 -53.37
N ASP B 466 29.53 -64.32 -54.23
CA ASP B 466 29.20 -63.94 -55.62
C ASP B 466 28.31 -62.69 -55.75
N ASN B 467 27.36 -62.55 -54.83
CA ASN B 467 26.33 -61.52 -54.91
C ASN B 467 26.29 -60.62 -53.70
N GLU B 468 27.34 -60.65 -52.89
CA GLU B 468 27.33 -59.95 -51.63
C GLU B 468 28.65 -59.23 -51.37
N TYR B 469 28.55 -57.99 -50.92
CA TYR B 469 29.70 -57.11 -50.74
C TYR B 469 29.60 -56.34 -49.44
N LEU B 470 30.75 -56.04 -48.88
CA LEU B 470 30.88 -55.13 -47.77
C LEU B 470 31.25 -53.78 -48.36
N VAL B 471 30.56 -52.72 -47.94
CA VAL B 471 30.74 -51.42 -48.54
C VAL B 471 30.78 -50.37 -47.46
N THR B 472 31.74 -49.47 -47.55
CA THR B 472 31.71 -48.23 -46.76
C THR B 472 32.34 -47.11 -47.57
N ALA B 473 31.78 -45.92 -47.47
CA ALA B 473 32.25 -44.80 -48.31
C ALA B 473 32.05 -43.50 -47.59
N TYR B 474 32.47 -42.42 -48.24
CA TYR B 474 32.66 -41.15 -47.60
C TYR B 474 32.46 -40.05 -48.65
N LYS B 475 31.46 -39.20 -48.43
CA LYS B 475 31.15 -38.09 -49.33
C LYS B 475 31.05 -38.56 -50.77
N ALA B 476 30.27 -39.62 -50.95
CA ALA B 476 30.14 -40.26 -52.24
C ALA B 476 28.86 -41.04 -52.34
N ARG B 477 28.49 -41.35 -53.56
CA ARG B 477 27.43 -42.30 -53.84
C ARG B 477 28.01 -43.56 -54.49
N VAL B 478 27.53 -44.73 -54.03
CA VAL B 478 27.90 -46.00 -54.62
C VAL B 478 26.63 -46.66 -55.16
N GLU B 479 26.60 -46.96 -56.46
CA GLU B 479 25.47 -47.64 -57.07
C GLU B 479 25.90 -48.97 -57.68
N PHE B 480 25.10 -50.02 -57.45
CA PHE B 480 25.36 -51.34 -58.01
C PHE B 480 24.51 -51.63 -59.26
N LYS B 481 25.09 -52.35 -60.20
CA LYS B 481 24.40 -52.78 -61.43
C LYS B 481 24.99 -54.10 -61.91
N PRO B 482 24.29 -54.81 -62.81
CA PRO B 482 24.86 -56.05 -63.33
C PRO B 482 26.11 -55.78 -64.14
N SER B 483 27.09 -56.67 -64.04
CA SER B 483 28.35 -56.49 -64.78
C SER B 483 28.20 -56.86 -66.24
N GLN B 484 27.19 -57.67 -66.55
CA GLN B 484 26.98 -58.16 -67.91
C GLN B 484 25.48 -58.25 -68.18
N GLU B 485 25.13 -58.26 -69.47
CA GLU B 485 23.74 -58.35 -69.89
C GLU B 485 23.08 -59.51 -69.17
N LEU B 486 21.88 -59.29 -68.65
CA LEU B 486 21.13 -60.34 -68.00
C LEU B 486 20.40 -60.78 -69.24
N ALA B 487 19.90 -62.00 -69.31
CA ALA B 487 19.31 -62.40 -70.60
C ALA B 487 17.83 -62.41 -70.37
N GLY B 488 17.22 -61.23 -70.30
CA GLY B 488 15.79 -61.09 -70.01
C GLY B 488 15.42 -61.10 -68.53
N LYS B 489 16.38 -61.34 -67.65
CA LYS B 489 16.15 -61.19 -66.21
C LYS B 489 16.23 -59.72 -65.82
N LYS B 490 15.64 -59.40 -64.68
CA LYS B 490 15.76 -58.08 -64.08
CA LYS B 490 15.76 -58.08 -64.08
C LYS B 490 16.71 -58.19 -62.87
N PHE B 491 17.03 -57.06 -62.26
CA PHE B 491 17.85 -57.10 -61.05
C PHE B 491 17.35 -56.07 -60.03
N MET B 492 17.67 -56.33 -58.77
CA MET B 492 17.49 -55.35 -57.73
CA MET B 492 17.49 -55.36 -57.72
C MET B 492 18.48 -55.63 -56.61
N ILE B 493 18.55 -54.67 -55.70
CA ILE B 493 19.15 -54.89 -54.39
C ILE B 493 18.23 -55.88 -53.69
N GLU B 494 18.78 -56.94 -53.15
CA GLU B 494 17.97 -57.84 -52.34
C GLU B 494 17.87 -57.32 -50.93
N ARG B 495 19.00 -56.92 -50.37
CA ARG B 495 19.04 -56.41 -49.01
CA ARG B 495 19.04 -56.41 -49.03
C ARG B 495 20.32 -55.64 -48.74
N VAL B 496 20.18 -54.51 -48.08
CA VAL B 496 21.31 -53.73 -47.55
C VAL B 496 21.16 -53.67 -46.04
N GLU B 497 22.14 -54.19 -45.30
CA GLU B 497 22.17 -54.07 -43.83
C GLU B 497 23.30 -53.18 -43.37
N GLU B 498 23.00 -52.27 -42.46
CA GLU B 498 24.03 -51.54 -41.79
C GLU B 498 24.33 -52.30 -40.49
N GLY B 499 25.60 -52.43 -40.15
CA GLY B 499 25.94 -53.11 -38.92
C GLY B 499 27.42 -53.03 -38.58
N ARG B 500 27.87 -54.02 -37.79
CA ARG B 500 29.24 -54.06 -37.32
C ARG B 500 29.65 -55.50 -37.06
N PHE B 501 30.96 -55.71 -36.88
CA PHE B 501 31.50 -57.00 -36.49
C PHE B 501 31.76 -56.99 -35.00
N GLU B 502 31.28 -58.03 -34.34
CA GLU B 502 31.48 -58.18 -32.89
C GLU B 502 32.04 -59.59 -32.71
N LYS B 503 33.27 -59.69 -32.17
CA LYS B 503 33.94 -60.99 -32.03
C LYS B 503 33.97 -61.72 -33.37
N GLY B 504 34.23 -60.98 -34.46
CA GLY B 504 34.26 -61.55 -35.81
C GLY B 504 32.92 -61.92 -36.45
N LYS B 505 31.81 -61.69 -35.74
CA LYS B 505 30.48 -62.01 -36.25
C LYS B 505 29.72 -60.72 -36.63
N TRP B 506 29.06 -60.75 -37.78
CA TRP B 506 28.21 -59.63 -38.21
C TRP B 506 26.99 -59.44 -37.32
N VAL B 507 26.79 -58.21 -36.84
CA VAL B 507 25.59 -57.80 -36.08
C VAL B 507 24.84 -56.71 -36.84
N MET B 508 23.59 -57.01 -37.22
CA MET B 508 22.79 -56.07 -38.00
C MET B 508 22.26 -54.99 -37.08
N GLU B 509 22.32 -53.74 -37.50
CA GLU B 509 21.73 -52.62 -36.76
C GLU B 509 20.42 -52.19 -37.41
N ARG B 510 20.43 -52.05 -38.73
CA ARG B 510 19.22 -51.70 -39.46
C ARG B 510 19.34 -52.09 -40.91
N VAL B 511 18.21 -52.11 -41.60
CA VAL B 511 18.16 -52.33 -43.01
C VAL B 511 17.99 -50.99 -43.72
N TRP B 512 18.86 -50.69 -44.70
CA TRP B 512 18.63 -49.55 -45.56
C TRP B 512 17.67 -49.98 -46.64
N ASN B 513 16.65 -49.17 -46.87
CA ASN B 513 15.69 -49.44 -47.92
C ASN B 513 15.00 -48.13 -48.30
N GLY B 514 14.08 -48.21 -49.26
CA GLY B 514 13.33 -47.04 -49.65
C GLY B 514 14.25 -45.93 -50.17
N ASP B 515 14.07 -44.73 -49.61
CA ASP B 515 14.83 -43.55 -50.03
C ASP B 515 16.32 -43.86 -49.94
N GLN B 516 16.70 -44.65 -48.94
CA GLN B 516 18.12 -44.89 -48.70
C GLN B 516 18.79 -45.83 -49.73
N THR B 517 17.99 -46.53 -50.54
CA THR B 517 18.56 -47.36 -51.59
C THR B 517 17.98 -47.09 -52.95
N ASP B 518 17.06 -46.14 -53.08
CA ASP B 518 16.47 -45.82 -54.39
C ASP B 518 17.45 -45.16 -55.35
N TRP B 519 18.42 -44.43 -54.81
CA TRP B 519 19.31 -43.55 -55.61
C TRP B 519 20.77 -43.86 -55.26
N GLY B 520 21.10 -45.13 -55.30
CA GLY B 520 22.39 -45.58 -54.85
C GLY B 520 22.48 -45.57 -53.34
N LEU B 521 23.69 -45.77 -52.84
CA LEU B 521 23.99 -45.73 -51.43
C LEU B 521 24.82 -44.47 -51.17
N ASN B 522 24.22 -43.52 -50.45
CA ASN B 522 24.78 -42.19 -50.28
C ASN B 522 25.39 -42.03 -48.91
N PHE B 523 26.64 -41.63 -48.92
CA PHE B 523 27.43 -41.46 -47.71
C PHE B 523 27.85 -40.00 -47.55
N THR B 524 27.87 -39.53 -46.32
CA THR B 524 28.33 -38.18 -46.02
C THR B 524 29.65 -38.34 -45.29
N ASP B 525 29.84 -37.62 -44.19
CA ASP B 525 31.06 -37.71 -43.41
C ASP B 525 30.95 -38.72 -42.29
N ARG B 526 29.76 -39.26 -42.04
CA ARG B 526 29.59 -40.20 -40.93
C ARG B 526 29.85 -41.64 -41.39
N PRO B 527 30.30 -42.52 -40.45
CA PRO B 527 30.63 -43.90 -40.77
C PRO B 527 29.44 -44.83 -40.84
N HIS B 528 29.31 -45.58 -41.94
CA HIS B 528 28.32 -46.62 -42.05
C HIS B 528 28.95 -47.78 -42.77
N LEU B 529 28.89 -48.96 -42.15
CA LEU B 529 29.37 -50.15 -42.79
C LEU B 529 28.19 -50.98 -43.24
N LEU B 530 28.13 -51.30 -44.54
CA LEU B 530 26.98 -51.98 -45.14
C LEU B 530 27.37 -53.35 -45.69
N ARG B 531 26.43 -54.30 -45.58
CA ARG B 531 26.48 -55.54 -46.34
C ARG B 531 25.39 -55.48 -47.40
N VAL B 532 25.80 -55.55 -48.65
CA VAL B 532 24.93 -55.36 -49.79
C VAL B 532 24.80 -56.69 -50.50
N LYS B 533 23.56 -57.18 -50.58
CA LYS B 533 23.26 -58.37 -51.35
C LYS B 533 22.43 -58.02 -52.59
N MET B 534 22.95 -58.37 -53.78
CA MET B 534 22.29 -58.12 -55.05
C MET B 534 21.63 -59.40 -55.58
N ALA B 535 20.60 -59.24 -56.43
CA ALA B 535 19.92 -60.39 -57.02
C ALA B 535 19.43 -60.09 -58.42
N SER B 536 19.61 -61.04 -59.33
CA SER B 536 18.92 -61.04 -60.61
C SER B 536 17.74 -61.98 -60.46
N TYR B 537 16.66 -61.69 -61.18
CA TYR B 537 15.43 -62.46 -61.03
C TYR B 537 14.69 -62.51 -62.33
N SER B 538 13.96 -63.60 -62.51
CA SER B 538 13.22 -63.82 -63.71
C SER B 538 11.88 -63.11 -63.69
N VAL B 539 11.47 -62.61 -64.85
CA VAL B 539 10.10 -62.11 -65.09
C VAL B 539 9.40 -62.80 -66.26
N GLN B 540 9.92 -63.95 -66.65
CA GLN B 540 9.46 -64.62 -67.87
C GLN B 540 8.03 -65.10 -67.68
N ALA C 2 6.25 6.09 8.79
CA ALA C 2 7.07 6.92 7.87
C ALA C 2 6.21 8.05 7.28
N PRO C 3 6.84 9.19 7.01
CA PRO C 3 6.02 10.30 6.54
C PRO C 3 5.58 10.07 5.10
N LEU C 4 4.44 10.65 4.74
CA LEU C 4 3.92 10.56 3.38
C LEU C 4 4.92 11.15 2.36
N PRO C 5 5.04 10.51 1.20
CA PRO C 5 5.76 11.16 0.12
C PRO C 5 5.07 12.48 -0.17
N GLU C 6 5.83 13.48 -0.59
CA GLU C 6 5.23 14.72 -1.02
C GLU C 6 6.14 15.49 -1.94
N LEU C 7 5.51 16.25 -2.81
CA LEU C 7 6.23 17.09 -3.74
C LEU C 7 6.35 18.48 -3.12
N LEU C 8 7.57 18.91 -2.85
CA LEU C 8 7.83 20.23 -2.33
C LEU C 8 8.25 21.14 -3.46
N SER C 9 7.81 22.39 -3.38
CA SER C 9 8.22 23.44 -4.30
C SER C 9 8.63 24.70 -3.49
N ASN C 10 9.83 25.20 -3.70
CA ASN C 10 10.35 26.35 -2.98
C ASN C 10 11.44 27.04 -3.79
N ASN C 11 11.35 28.36 -3.89
CA ASN C 11 12.34 29.19 -4.54
C ASN C 11 12.55 28.80 -5.99
N GLY C 12 11.46 28.45 -6.66
CA GLY C 12 11.51 27.96 -8.03
C GLY C 12 12.15 26.57 -8.22
N LYS C 13 12.38 25.84 -7.13
CA LYS C 13 12.97 24.51 -7.19
C LYS C 13 11.99 23.48 -6.58
N HIS C 14 12.25 22.21 -6.82
CA HIS C 14 11.32 21.15 -6.43
C HIS C 14 12.04 19.95 -5.90
N ALA C 15 11.35 19.19 -5.06
CA ALA C 15 11.85 17.88 -4.62
C ALA C 15 10.69 16.92 -4.39
N LEU C 16 10.90 15.68 -4.79
CA LEU C 16 10.00 14.62 -4.42
C LEU C 16 10.56 14.05 -3.15
N MET C 17 9.84 14.27 -2.05
CA MET C 17 10.25 13.74 -0.74
C MET C 17 9.72 12.34 -0.58
N VAL C 18 10.62 11.41 -0.26
CA VAL C 18 10.24 10.03 0.02
C VAL C 18 10.97 9.60 1.28
N ASP C 19 10.21 9.12 2.27
CA ASP C 19 10.72 8.80 3.58
C ASP C 19 11.47 9.97 4.19
N GLY C 20 10.94 11.18 3.99
CA GLY C 20 11.47 12.38 4.62
C GLY C 20 12.68 13.05 3.99
N ALA C 21 13.07 12.66 2.78
CA ALA C 21 14.20 13.30 2.11
C ALA C 21 14.02 13.28 0.60
N PRO C 22 14.69 14.19 -0.11
CA PRO C 22 14.54 14.18 -1.55
C PRO C 22 14.95 12.86 -2.18
N TYR C 23 14.25 12.50 -3.26
CA TYR C 23 14.38 11.20 -3.93
C TYR C 23 14.36 11.42 -5.46
N ILE C 24 15.14 10.63 -6.19
CA ILE C 24 15.09 10.59 -7.66
C ILE C 24 14.52 9.26 -8.12
N ILE C 25 13.47 9.33 -8.92
CA ILE C 25 12.93 8.15 -9.56
C ILE C 25 13.85 7.77 -10.73
N LEU C 26 14.61 6.70 -10.54
CA LEU C 26 15.36 6.08 -11.63
C LEU C 26 14.46 4.92 -12.04
N GLY C 27 13.57 5.22 -12.97
CA GLY C 27 12.41 4.37 -13.20
C GLY C 27 12.52 3.31 -14.28
N SER C 28 11.59 2.36 -14.25
CA SER C 28 11.22 1.57 -15.41
C SER C 28 9.71 1.53 -15.47
N GLN C 29 9.13 1.48 -16.67
CA GLN C 29 7.70 1.35 -16.85
C GLN C 29 7.40 0.13 -17.72
N THR C 30 6.38 -0.62 -17.33
CA THR C 30 5.96 -1.79 -18.09
C THR C 30 5.29 -1.41 -19.40
N ASN C 31 5.20 -2.38 -20.29
CA ASN C 31 4.27 -2.28 -21.40
C ASN C 31 2.82 -2.26 -20.88
N ASN C 32 1.88 -1.97 -21.77
CA ASN C 32 0.50 -1.69 -21.38
C ASN C 32 -0.32 -2.88 -20.91
N SER C 33 0.14 -4.11 -21.14
CA SER C 33 -0.64 -5.30 -20.81
C SER C 33 0.09 -6.20 -19.80
N SER C 34 0.86 -5.57 -18.93
CA SER C 34 1.64 -6.30 -17.92
C SER C 34 1.08 -6.16 -16.53
N ASN C 35 -0.12 -5.57 -16.43
CA ASN C 35 -0.74 -5.25 -15.15
C ASN C 35 -1.52 -6.42 -14.56
N TYR C 36 -0.91 -7.61 -14.58
CA TYR C 36 -1.54 -8.83 -14.04
C TYR C 36 -0.49 -9.66 -13.31
N PRO C 37 -0.92 -10.41 -12.26
CA PRO C 37 0.03 -11.17 -11.46
C PRO C 37 0.96 -12.05 -12.30
N ASP C 38 0.41 -12.72 -13.30
CA ASP C 38 1.19 -13.66 -14.12
C ASP C 38 2.25 -12.96 -14.99
N ALA C 39 2.06 -11.68 -15.30
CA ALA C 39 3.00 -10.97 -16.14
C ALA C 39 4.20 -10.43 -15.36
N LEU C 40 4.11 -10.39 -14.04
CA LEU C 40 5.18 -9.74 -13.24
C LEU C 40 6.52 -10.46 -13.35
N LYS C 41 6.50 -11.76 -13.58
CA LYS C 41 7.77 -12.51 -13.74
C LYS C 41 8.54 -12.02 -14.97
N ASP C 42 7.85 -11.41 -15.92
CA ASP C 42 8.50 -10.83 -17.10
C ASP C 42 8.86 -9.35 -16.93
N VAL C 43 8.58 -8.79 -15.76
CA VAL C 43 8.88 -7.39 -15.42
C VAL C 43 10.08 -7.27 -14.47
N TRP C 44 10.09 -8.05 -13.39
CA TRP C 44 11.12 -7.88 -12.38
C TRP C 44 12.58 -8.06 -12.88
N PRO C 45 12.85 -9.09 -13.70
CA PRO C 45 14.23 -9.28 -14.11
C PRO C 45 14.79 -8.05 -14.84
N SER C 46 13.99 -7.43 -15.72
CA SER C 46 14.40 -6.18 -16.39
C SER C 46 14.72 -5.07 -15.41
N MET C 47 13.89 -4.96 -14.38
CA MET C 47 14.07 -3.94 -13.38
C MET C 47 15.42 -4.11 -12.69
N GLU C 48 15.72 -5.34 -12.30
CA GLU C 48 16.96 -5.67 -11.64
C GLU C 48 18.17 -5.38 -12.56
N LYS C 49 18.10 -5.81 -13.81
CA LYS C 49 19.20 -5.57 -14.77
C LYS C 49 19.41 -4.11 -15.03
N MET C 50 18.33 -3.35 -14.98
CA MET C 50 18.41 -1.92 -15.17
C MET C 50 18.94 -1.16 -13.98
N GLY C 51 18.78 -1.70 -12.79
CA GLY C 51 19.11 -0.98 -11.58
C GLY C 51 18.09 0.09 -11.24
N ALA C 52 16.85 -0.08 -11.70
CA ALA C 52 15.81 0.89 -11.42
C ALA C 52 15.40 0.82 -9.96
N ASN C 53 15.03 1.96 -9.39
CA ASN C 53 14.54 1.98 -7.99
C ASN C 53 13.01 2.10 -7.88
N THR C 54 12.35 2.39 -8.99
CA THR C 54 10.89 2.62 -8.98
C THR C 54 10.25 2.05 -10.22
N LEU C 55 9.18 1.30 -10.04
CA LEU C 55 8.44 0.73 -11.17
C LEU C 55 7.14 1.49 -11.40
N SER C 56 6.93 1.96 -12.64
CA SER C 56 5.64 2.55 -13.06
C SER C 56 4.83 1.47 -13.78
N ILE C 57 3.60 1.22 -13.33
CA ILE C 57 2.82 0.09 -13.84
C ILE C 57 1.33 0.45 -13.75
N PRO C 58 0.53 0.07 -14.75
CA PRO C 58 -0.88 0.43 -14.69
C PRO C 58 -1.69 -0.32 -13.64
N VAL C 59 -2.72 0.36 -13.14
CA VAL C 59 -3.85 -0.25 -12.47
C VAL C 59 -5.08 0.23 -13.21
N ALA C 60 -5.81 -0.71 -13.81
CA ALA C 60 -6.90 -0.41 -14.74
C ALA C 60 -8.25 -0.44 -14.06
N TRP C 61 -9.10 0.51 -14.41
CA TRP C 61 -10.43 0.57 -13.85
C TRP C 61 -11.16 -0.74 -14.19
N GLU C 62 -10.97 -1.25 -15.39
CA GLU C 62 -11.60 -2.52 -15.78
C GLU C 62 -11.26 -3.72 -14.89
N GLN C 63 -10.05 -3.73 -14.31
CA GLN C 63 -9.63 -4.84 -13.46
C GLN C 63 -10.02 -4.66 -12.02
N ILE C 64 -10.10 -3.43 -11.52
CA ILE C 64 -10.50 -3.24 -10.14
C ILE C 64 -12.01 -3.17 -9.94
N GLU C 65 -12.77 -2.84 -10.99
CA GLU C 65 -14.25 -2.78 -10.90
C GLU C 65 -14.91 -3.41 -12.11
N PRO C 66 -14.66 -4.71 -12.31
CA PRO C 66 -15.09 -5.36 -13.55
C PRO C 66 -16.63 -5.40 -13.66
N VAL C 67 -17.30 -5.40 -12.51
CA VAL C 67 -18.77 -5.29 -12.41
C VAL C 67 -19.00 -4.16 -11.43
N GLU C 68 -19.94 -3.28 -11.71
CA GLU C 68 -20.14 -2.10 -10.90
C GLU C 68 -20.49 -2.52 -9.53
N GLY C 69 -19.77 -1.88 -8.62
CA GLY C 69 -19.89 -2.20 -7.24
C GLY C 69 -19.02 -3.29 -6.75
N GLN C 70 -18.36 -4.10 -7.60
CA GLN C 70 -17.70 -5.30 -7.12
C GLN C 70 -16.21 -5.15 -7.32
N PHE C 71 -15.52 -4.71 -6.28
CA PHE C 71 -14.10 -4.33 -6.37
C PHE C 71 -13.14 -5.50 -6.20
N ASP C 72 -12.04 -5.46 -6.95
CA ASP C 72 -11.08 -6.56 -6.98
C ASP C 72 -9.68 -5.98 -6.97
N PHE C 73 -8.99 -6.08 -5.83
CA PHE C 73 -7.64 -5.56 -5.67
C PHE C 73 -6.60 -6.68 -5.59
N SER C 74 -6.92 -7.84 -6.14
CA SER C 74 -5.98 -8.96 -6.10
C SER C 74 -4.67 -8.64 -6.83
N PHE C 75 -4.72 -7.89 -7.93
CA PHE C 75 -3.47 -7.51 -8.62
C PHE C 75 -2.63 -6.61 -7.73
N VAL C 76 -3.27 -5.60 -7.13
CA VAL C 76 -2.56 -4.63 -6.33
C VAL C 76 -1.90 -5.34 -5.13
N ASP C 77 -2.61 -6.30 -4.55
CA ASP C 77 -2.07 -7.06 -3.42
C ASP C 77 -0.74 -7.72 -3.80
N VAL C 78 -0.74 -8.44 -4.92
CA VAL C 78 0.44 -9.17 -5.37
C VAL C 78 1.55 -8.20 -5.69
N LEU C 79 1.18 -7.12 -6.38
CA LEU C 79 2.16 -6.14 -6.83
C LEU C 79 2.91 -5.53 -5.64
N LEU C 80 2.17 -5.14 -4.61
CA LEU C 80 2.75 -4.56 -3.42
C LEU C 80 3.74 -5.51 -2.78
N LYS C 81 3.31 -6.75 -2.62
CA LYS C 81 4.10 -7.74 -1.93
C LYS C 81 5.38 -8.04 -2.70
N GLU C 82 5.27 -8.18 -4.01
CA GLU C 82 6.46 -8.47 -4.82
C GLU C 82 7.44 -7.28 -4.89
N ALA C 83 6.91 -6.08 -4.92
CA ALA C 83 7.74 -4.87 -4.95
C ALA C 83 8.53 -4.78 -3.65
N ARG C 84 7.87 -5.07 -2.53
CA ARG C 84 8.52 -4.99 -1.22
C ARG C 84 9.61 -6.01 -1.08
N GLN C 85 9.38 -7.22 -1.57
CA GLN C 85 10.41 -8.23 -1.54
C GLN C 85 11.65 -7.80 -2.29
N ARG C 86 11.48 -7.05 -3.36
CA ARG C 86 12.59 -6.58 -4.18
CA ARG C 86 12.59 -6.57 -4.18
C ARG C 86 13.12 -5.21 -3.74
N LYS C 87 12.50 -4.62 -2.72
CA LYS C 87 12.88 -3.33 -2.17
C LYS C 87 12.87 -2.23 -3.21
N VAL C 88 11.82 -2.19 -4.01
CA VAL C 88 11.65 -1.08 -4.97
C VAL C 88 10.38 -0.35 -4.60
N ARG C 89 10.21 0.83 -5.17
CA ARG C 89 8.98 1.58 -4.97
C ARG C 89 8.13 1.56 -6.27
N LEU C 90 6.92 2.09 -6.16
CA LEU C 90 5.94 2.01 -7.22
C LEU C 90 5.31 3.35 -7.50
N VAL C 91 5.07 3.58 -8.76
CA VAL C 91 4.17 4.60 -9.24
C VAL C 91 3.03 3.90 -9.99
N LEU C 92 1.81 4.05 -9.50
CA LEU C 92 0.67 3.36 -10.11
C LEU C 92 0.03 4.27 -11.14
N LEU C 93 -0.35 3.70 -12.26
CA LEU C 93 -0.92 4.49 -13.38
C LEU C 93 -2.40 4.16 -13.51
N TRP C 94 -3.24 5.09 -13.12
CA TRP C 94 -4.68 4.90 -13.10
C TRP C 94 -5.19 5.06 -14.54
N PHE C 95 -5.45 3.93 -15.18
CA PHE C 95 -5.94 3.86 -16.56
C PHE C 95 -7.48 3.76 -16.46
N ALA C 96 -8.18 4.82 -16.78
CA ALA C 96 -9.61 4.89 -16.46
C ALA C 96 -10.42 5.61 -17.55
N THR C 97 -10.92 6.81 -17.28
CA THR C 97 -11.67 7.56 -18.30
C THR C 97 -10.87 7.81 -19.59
N TRP C 98 -9.59 8.17 -19.47
CA TRP C 98 -8.73 8.28 -20.64
C TRP C 98 -7.47 7.43 -20.49
N LYS C 99 -7.18 6.69 -21.55
CA LYS C 99 -5.88 6.08 -21.74
C LYS C 99 -5.60 6.35 -23.20
N ASN C 100 -4.63 7.22 -23.47
CA ASN C 100 -4.34 7.65 -24.86
C ASN C 100 -5.61 8.12 -25.57
N ASN C 101 -6.33 9.00 -24.91
CA ASN C 101 -7.56 9.61 -25.42
C ASN C 101 -8.86 8.80 -25.35
N ALA C 102 -8.74 7.52 -25.04
CA ALA C 102 -9.82 6.56 -25.23
C ALA C 102 -10.18 5.79 -23.95
N PRO C 103 -11.39 5.19 -23.90
CA PRO C 103 -11.85 4.50 -22.71
C PRO C 103 -11.64 2.98 -22.71
N HIS C 104 -10.63 2.48 -23.42
CA HIS C 104 -10.46 1.02 -23.53
C HIS C 104 -10.20 0.31 -22.21
N TYR C 105 -9.62 1.01 -21.23
CA TYR C 105 -9.39 0.40 -19.91
C TYR C 105 -10.51 0.65 -18.90
N ALA C 106 -11.54 1.37 -19.30
CA ALA C 106 -12.73 1.46 -18.45
C ALA C 106 -13.50 0.12 -18.52
N PRO C 107 -14.23 -0.24 -17.45
CA PRO C 107 -15.02 -1.48 -17.47
C PRO C 107 -16.00 -1.52 -18.64
N ALA C 108 -16.39 -2.72 -19.05
CA ALA C 108 -17.36 -2.90 -20.16
C ALA C 108 -18.65 -2.13 -19.89
N TRP C 109 -19.10 -2.16 -18.65
CA TRP C 109 -20.32 -1.44 -18.24
C TRP C 109 -20.19 0.09 -18.29
N VAL C 110 -18.95 0.59 -18.40
CA VAL C 110 -18.76 2.00 -18.75
C VAL C 110 -18.61 2.21 -20.27
N LYS C 111 -17.61 1.58 -20.88
CA LYS C 111 -17.22 1.92 -22.23
C LYS C 111 -18.26 1.50 -23.27
N LEU C 112 -19.14 0.59 -22.92
CA LEU C 112 -20.20 0.18 -23.86
C LEU C 112 -21.55 0.89 -23.62
N ASP C 113 -21.60 1.83 -22.67
CA ASP C 113 -22.85 2.55 -22.36
C ASP C 113 -22.71 4.04 -22.60
N ASN C 114 -22.85 4.43 -23.86
CA ASN C 114 -22.61 5.80 -24.27
C ASN C 114 -23.67 6.77 -23.77
N ALA C 115 -24.89 6.28 -23.60
CA ALA C 115 -25.96 7.09 -23.04
C ALA C 115 -25.57 7.60 -21.65
N ARG C 116 -25.11 6.70 -20.80
CA ARG C 116 -24.78 7.05 -19.45
C ARG C 116 -23.43 7.80 -19.41
N PHE C 117 -22.52 7.37 -20.26
CA PHE C 117 -21.13 7.83 -20.20
C PHE C 117 -20.72 8.30 -21.59
N PRO C 118 -21.06 9.55 -21.93
CA PRO C 118 -21.03 9.98 -23.33
C PRO C 118 -19.69 10.37 -23.89
N ARG C 119 -19.58 10.11 -25.18
CA ARG C 119 -18.43 10.45 -26.00
C ARG C 119 -18.48 11.84 -26.59
N VAL C 120 -17.29 12.33 -26.87
CA VAL C 120 -17.10 13.52 -27.66
C VAL C 120 -17.83 13.37 -28.99
N VAL C 121 -18.54 14.43 -29.32
CA VAL C 121 -19.25 14.54 -30.60
C VAL C 121 -18.56 15.61 -31.42
N LYS C 122 -18.22 15.28 -32.64
CA LYS C 122 -17.60 16.20 -33.56
C LYS C 122 -18.59 17.29 -34.03
N GLU C 123 -18.05 18.35 -34.62
CA GLU C 123 -18.85 19.46 -35.11
C GLU C 123 -19.82 18.96 -36.19
N ASP C 124 -19.37 17.99 -36.99
CA ASP C 124 -20.22 17.41 -38.04
C ASP C 124 -21.23 16.37 -37.54
N GLY C 125 -21.32 16.17 -36.22
CA GLY C 125 -22.25 15.23 -35.65
C GLY C 125 -21.76 13.81 -35.46
N ASP C 126 -20.64 13.42 -36.07
CA ASP C 126 -20.07 12.07 -35.80
C ASP C 126 -19.50 11.98 -34.37
N THR C 127 -19.37 10.76 -33.88
CA THR C 127 -18.91 10.49 -32.53
C THR C 127 -17.51 9.88 -32.57
N LEU C 128 -16.65 10.31 -31.61
CA LEU C 128 -15.29 9.77 -31.46
C LEU C 128 -15.20 8.92 -30.21
N ASN C 129 -14.30 7.94 -30.22
CA ASN C 129 -14.18 7.05 -29.06
C ASN C 129 -13.24 7.71 -28.01
N SER C 130 -13.76 8.77 -27.41
CA SER C 130 -13.08 9.56 -26.41
C SER C 130 -14.18 10.11 -25.53
N LEU C 131 -14.14 9.82 -24.24
CA LEU C 131 -15.22 10.21 -23.35
C LEU C 131 -15.19 11.72 -23.08
N SER C 132 -16.36 12.34 -23.12
CA SER C 132 -16.45 13.79 -22.87
C SER C 132 -16.16 14.11 -21.41
N PRO C 133 -15.32 15.13 -21.17
CA PRO C 133 -15.08 15.55 -19.79
C PRO C 133 -16.32 16.19 -19.14
N LEU C 134 -17.35 16.51 -19.92
CA LEU C 134 -18.58 17.06 -19.35
C LEU C 134 -19.59 15.99 -18.92
N GLY C 135 -19.24 14.71 -19.08
CA GLY C 135 -20.13 13.63 -18.67
C GLY C 135 -20.08 13.48 -17.18
N GLN C 136 -21.13 13.91 -16.51
CA GLN C 136 -21.13 13.91 -15.06
C GLN C 136 -21.19 12.54 -14.44
N ASN C 137 -21.86 11.61 -15.09
CA ASN C 137 -21.93 10.26 -14.57
C ASN C 137 -20.52 9.62 -14.65
N THR C 138 -19.81 9.90 -15.74
CA THR C 138 -18.46 9.35 -15.96
C THR C 138 -17.52 9.83 -14.83
N LEU C 139 -17.56 11.13 -14.53
CA LEU C 139 -16.74 11.68 -13.47
C LEU C 139 -17.05 11.03 -12.15
N ALA C 140 -18.32 10.89 -11.80
CA ALA C 140 -18.69 10.29 -10.52
C ALA C 140 -18.23 8.84 -10.41
N ALA C 141 -18.33 8.11 -11.50
CA ALA C 141 -17.97 6.69 -11.49
C ALA C 141 -16.44 6.52 -11.38
N ASP C 142 -15.69 7.28 -12.16
CA ASP C 142 -14.21 7.24 -12.13
C ASP C 142 -13.77 7.58 -10.72
N LYS C 143 -14.22 8.74 -10.24
CA LYS C 143 -13.95 9.19 -8.88
C LYS C 143 -14.22 8.09 -7.83
N LYS C 144 -15.36 7.43 -7.93
CA LYS C 144 -15.72 6.43 -6.93
C LYS C 144 -14.73 5.25 -6.94
N ALA C 145 -14.35 4.80 -8.13
CA ALA C 145 -13.42 3.69 -8.23
C ALA C 145 -12.02 4.11 -7.75
N PHE C 146 -11.59 5.32 -8.13
CA PHE C 146 -10.27 5.84 -7.74
C PHE C 146 -10.20 5.96 -6.24
N VAL C 147 -11.29 6.42 -5.62
CA VAL C 147 -11.38 6.44 -4.16
C VAL C 147 -11.20 5.08 -3.55
N GLU C 148 -11.82 4.05 -4.11
CA GLU C 148 -11.64 2.69 -3.60
C GLU C 148 -10.18 2.24 -3.72
N LEU C 149 -9.51 2.63 -4.80
CA LEU C 149 -8.10 2.27 -4.94
C LEU C 149 -7.27 2.93 -3.85
N MET C 150 -7.53 4.22 -3.60
CA MET C 150 -6.80 4.97 -2.62
C MET C 150 -7.11 4.45 -1.20
N LYS C 151 -8.33 3.96 -0.98
CA LYS C 151 -8.67 3.30 0.30
C LYS C 151 -7.88 2.04 0.52
N TYR C 152 -7.69 1.26 -0.55
CA TYR C 152 -6.89 0.06 -0.46
C TYR C 152 -5.46 0.41 -0.05
N LEU C 153 -4.88 1.44 -0.68
CA LEU C 153 -3.53 1.90 -0.29
C LEU C 153 -3.47 2.46 1.15
N ALA C 154 -4.47 3.24 1.56
CA ALA C 154 -4.53 3.73 2.93
C ALA C 154 -4.48 2.59 3.96
N LYS C 155 -5.19 1.51 3.67
CA LYS C 155 -5.28 0.39 4.60
C LYS C 155 -4.18 -0.62 4.43
N ARG C 156 -3.63 -0.77 3.22
CA ARG C 156 -2.66 -1.84 2.95
C ARG C 156 -1.24 -1.43 2.54
N ASP C 157 -0.96 -0.14 2.54
CA ASP C 157 0.36 0.37 2.15
C ASP C 157 0.82 1.50 3.04
N LYS C 158 0.89 1.22 4.36
CA LYS C 158 1.20 2.25 5.36
C LYS C 158 2.64 2.72 5.30
N ASP C 159 3.53 1.94 4.72
CA ASP C 159 4.93 2.38 4.56
C ASP C 159 5.16 3.01 3.18
N HIS C 160 4.10 3.15 2.41
CA HIS C 160 4.14 3.93 1.14
C HIS C 160 5.07 3.32 0.11
N THR C 161 4.92 2.02 -0.13
CA THR C 161 5.58 1.37 -1.22
C THR C 161 5.24 2.13 -2.51
N VAL C 162 3.97 2.48 -2.66
CA VAL C 162 3.50 3.39 -3.71
C VAL C 162 3.76 4.83 -3.32
N ILE C 163 4.59 5.54 -4.10
CA ILE C 163 5.04 6.86 -3.74
C ILE C 163 4.31 7.95 -4.51
N MET C 164 3.65 7.58 -5.61
CA MET C 164 2.95 8.54 -6.44
C MET C 164 1.92 7.81 -7.29
N VAL C 165 0.88 8.52 -7.70
CA VAL C 165 -0.13 7.99 -8.60
C VAL C 165 -0.35 8.91 -9.81
N GLN C 166 -0.36 8.32 -10.98
CA GLN C 166 -0.72 9.03 -12.22
C GLN C 166 -2.20 8.91 -12.40
N VAL C 167 -2.86 10.05 -12.54
CA VAL C 167 -4.31 10.10 -12.73
C VAL C 167 -4.64 10.18 -14.21
N GLN C 168 -5.24 9.12 -14.73
CA GLN C 168 -5.47 8.90 -16.16
C GLN C 168 -4.13 8.66 -16.87
N ASN C 169 -4.19 8.47 -18.19
CA ASN C 169 -2.97 8.32 -18.98
C ASN C 169 -3.19 8.99 -20.34
N GLU C 170 -2.38 10.01 -20.62
CA GLU C 170 -2.48 10.80 -21.87
C GLU C 170 -3.94 11.16 -22.24
N VAL C 171 -4.51 12.04 -21.42
CA VAL C 171 -5.86 12.52 -21.63
C VAL C 171 -5.90 13.33 -22.94
N GLY C 172 -7.12 13.57 -23.40
CA GLY C 172 -7.36 14.44 -24.55
C GLY C 172 -8.17 13.74 -25.61
N THR C 173 -8.20 14.33 -26.81
CA THR C 173 -8.97 13.80 -27.92
C THR C 173 -8.22 13.94 -29.22
N TYR C 174 -8.12 12.84 -29.96
CA TYR C 174 -7.68 12.88 -31.36
C TYR C 174 -8.89 12.95 -32.28
N GLY C 175 -8.76 13.73 -33.36
CA GLY C 175 -9.81 13.80 -34.37
C GLY C 175 -10.80 14.93 -34.21
N ALA C 176 -10.71 15.65 -33.10
CA ALA C 176 -11.51 16.86 -32.85
C ALA C 176 -10.84 17.70 -31.77
N VAL C 177 -11.21 18.96 -31.70
CA VAL C 177 -10.56 19.90 -30.76
C VAL C 177 -11.23 19.82 -29.38
N ARG C 178 -12.55 19.59 -29.37
CA ARG C 178 -13.33 19.50 -28.16
C ARG C 178 -14.59 18.71 -28.40
N ASP C 179 -15.42 18.58 -27.36
CA ASP C 179 -16.78 18.04 -27.47
C ASP C 179 -17.67 19.15 -28.02
N TYR C 180 -18.42 18.83 -29.07
CA TYR C 180 -19.37 19.76 -29.68
C TYR C 180 -20.80 19.27 -29.51
N SER C 181 -21.02 18.35 -28.60
CA SER C 181 -22.36 17.89 -28.28
C SER C 181 -23.21 19.07 -27.76
N PRO C 182 -24.53 18.95 -27.84
CA PRO C 182 -25.41 19.97 -27.25
C PRO C 182 -25.04 20.29 -25.81
N MET C 183 -24.78 19.25 -25.03
CA MET C 183 -24.38 19.43 -23.61
C MET C 183 -23.12 20.31 -23.50
N ALA C 184 -22.13 20.06 -24.34
CA ALA C 184 -20.89 20.80 -24.28
C ALA C 184 -21.06 22.21 -24.83
N GLN C 185 -21.82 22.30 -25.92
CA GLN C 185 -22.14 23.57 -26.61
C GLN C 185 -22.78 24.58 -25.64
N ALA C 186 -23.66 24.10 -24.79
CA ALA C 186 -24.28 24.94 -23.77
C ALA C 186 -23.26 25.54 -22.79
N VAL C 187 -22.24 24.77 -22.43
CA VAL C 187 -21.25 25.26 -21.48
C VAL C 187 -20.29 26.21 -22.20
N PHE C 188 -19.92 25.87 -23.43
CA PHE C 188 -19.04 26.69 -24.24
C PHE C 188 -19.64 28.07 -24.51
N ASN C 189 -20.95 28.10 -24.74
CA ASN C 189 -21.65 29.36 -24.98
C ASN C 189 -21.80 30.21 -23.72
N ALA C 190 -21.74 29.60 -22.55
CA ALA C 190 -21.87 30.29 -21.30
C ALA C 190 -20.60 31.04 -20.93
N ALA C 191 -20.67 31.74 -19.81
CA ALA C 191 -19.55 32.49 -19.30
C ALA C 191 -18.40 31.57 -18.93
N VAL C 192 -17.18 32.01 -19.21
CA VAL C 192 -15.99 31.35 -18.64
C VAL C 192 -16.10 31.45 -17.12
N PRO C 193 -15.85 30.34 -16.38
CA PRO C 193 -15.93 30.41 -14.92
C PRO C 193 -15.03 31.49 -14.31
N ASP C 194 -15.56 32.15 -13.29
CA ASP C 194 -14.89 33.28 -12.62
C ASP C 194 -13.48 32.96 -12.21
N ASP C 195 -13.33 31.83 -11.54
CA ASP C 195 -12.05 31.41 -10.96
C ASP C 195 -10.94 31.40 -12.01
N LEU C 196 -11.26 30.89 -13.20
CA LEU C 196 -10.28 30.87 -14.27
C LEU C 196 -9.98 32.29 -14.74
N ILE C 197 -11.02 33.09 -14.87
CA ILE C 197 -10.84 34.48 -15.28
C ILE C 197 -9.95 35.22 -14.31
N GLN C 198 -10.18 35.04 -13.01
CA GLN C 198 -9.40 35.72 -11.95
C GLN C 198 -7.95 35.26 -11.98
N LYS C 199 -7.74 33.95 -12.05
CA LYS C 199 -6.38 33.40 -12.05
C LYS C 199 -5.57 33.82 -13.27
N LEU C 200 -6.17 33.82 -14.43
CA LEU C 200 -5.47 34.31 -15.60
C LEU C 200 -5.89 35.73 -15.33
N GLN C 201 -5.33 36.74 -15.93
CA GLN C 201 -5.76 38.04 -15.34
C GLN C 201 -6.62 38.63 -16.41
N LEU C 202 -7.81 38.06 -16.67
CA LEU C 202 -8.52 38.35 -17.94
C LEU C 202 -9.84 39.09 -17.71
N LYS C 203 -10.40 39.63 -18.78
CA LYS C 203 -11.72 40.27 -18.76
C LYS C 203 -12.80 39.18 -18.90
N PRO C 204 -13.83 39.19 -18.03
CA PRO C 204 -14.94 38.28 -18.15
C PRO C 204 -15.56 38.21 -19.55
N GLY C 205 -16.19 37.08 -19.82
CA GLY C 205 -16.84 36.83 -21.09
C GLY C 205 -17.13 35.35 -21.27
N THR C 206 -17.68 35.02 -22.43
CA THR C 206 -17.89 33.65 -22.84
C THR C 206 -16.59 33.13 -23.40
N TRP C 207 -16.54 31.82 -23.65
CA TRP C 207 -15.31 31.20 -24.14
C TRP C 207 -14.82 31.83 -25.42
N SER C 208 -15.71 32.03 -26.39
CA SER C 208 -15.29 32.61 -27.68
C SER C 208 -14.79 34.05 -27.50
N GLN C 209 -15.45 34.80 -26.63
CA GLN C 209 -15.13 36.20 -26.41
C GLN C 209 -13.80 36.33 -25.73
N VAL C 210 -13.57 35.54 -24.68
CA VAL C 210 -12.33 35.72 -23.95
C VAL C 210 -11.12 35.08 -24.64
N PHE C 211 -11.29 33.96 -25.36
CA PHE C 211 -10.15 33.25 -25.93
C PHE C 211 -10.02 33.27 -27.44
N GLY C 212 -11.05 33.74 -28.15
CA GLY C 212 -10.96 33.87 -29.61
C GLY C 212 -10.62 32.57 -30.34
N ARG C 213 -9.59 32.62 -31.18
CA ARG C 213 -9.12 31.48 -31.96
C ARG C 213 -8.72 30.25 -31.10
N ASP C 214 -8.38 30.45 -29.82
CA ASP C 214 -8.00 29.34 -28.92
C ASP C 214 -9.16 28.81 -28.07
N ALA C 215 -10.38 29.31 -28.29
CA ALA C 215 -11.47 28.97 -27.38
C ALA C 215 -11.75 27.45 -27.35
N ASP C 216 -11.79 26.81 -28.52
CA ASP C 216 -12.19 25.37 -28.59
C ASP C 216 -11.17 24.52 -27.81
N GLU C 217 -9.89 24.74 -28.08
CA GLU C 217 -8.82 23.97 -27.44
C GLU C 217 -8.72 24.27 -25.95
N PHE C 218 -8.75 25.55 -25.59
CA PHE C 218 -8.65 25.94 -24.18
C PHE C 218 -9.84 25.41 -23.39
N PHE C 219 -11.02 25.42 -24.01
CA PHE C 219 -12.22 24.84 -23.38
C PHE C 219 -12.05 23.35 -23.05
N HIS C 220 -11.59 22.58 -24.02
CA HIS C 220 -11.38 21.14 -23.80
C HIS C 220 -10.32 20.91 -22.70
N ALA C 221 -9.19 21.63 -22.78
CA ALA C 221 -8.16 21.56 -21.73
C ALA C 221 -8.71 21.89 -20.35
N TYR C 222 -9.48 22.97 -20.25
CA TYR C 222 -10.10 23.33 -18.98
C TYR C 222 -11.01 22.26 -18.44
N GLN C 223 -11.92 21.78 -19.25
CA GLN C 223 -12.86 20.77 -18.75
C GLN C 223 -12.14 19.49 -18.33
N ILE C 224 -11.14 19.07 -19.10
CA ILE C 224 -10.43 17.84 -18.74
C ILE C 224 -9.65 18.06 -17.44
N ALA C 225 -9.01 19.21 -17.35
CA ALA C 225 -8.24 19.56 -16.17
C ALA C 225 -9.12 19.56 -14.92
N ARG C 226 -10.32 20.16 -15.00
CA ARG C 226 -11.26 20.10 -13.88
C ARG C 226 -11.66 18.66 -13.51
N TYR C 227 -11.97 17.85 -14.51
CA TYR C 227 -12.31 16.44 -14.30
C TYR C 227 -11.18 15.75 -13.55
N CYS C 228 -9.96 15.91 -14.05
CA CYS C 228 -8.82 15.24 -13.41
C CYS C 228 -8.56 15.80 -12.01
N ASP C 229 -8.75 17.11 -11.84
CA ASP C 229 -8.53 17.70 -10.51
C ASP C 229 -9.51 17.12 -9.49
N GLU C 230 -10.76 16.95 -9.90
CA GLU C 230 -11.78 16.39 -9.00
C GLU C 230 -11.51 14.97 -8.60
N VAL C 231 -11.05 14.17 -9.56
CA VAL C 231 -10.65 12.81 -9.24
C VAL C 231 -9.48 12.82 -8.24
N THR C 232 -8.51 13.67 -8.52
CA THR C 232 -7.33 13.82 -7.70
C THR C 232 -7.69 14.23 -6.29
N VAL C 233 -8.55 15.26 -6.15
CA VAL C 233 -8.94 15.71 -4.81
C VAL C 233 -9.63 14.61 -4.01
N ALA C 234 -10.52 13.88 -4.65
CA ALA C 234 -11.24 12.82 -3.97
C ALA C 234 -10.30 11.73 -3.49
N GLY C 235 -9.33 11.35 -4.33
CA GLY C 235 -8.37 10.34 -3.92
C GLY C 235 -7.46 10.82 -2.81
N LYS C 236 -6.99 12.05 -2.93
CA LYS C 236 -6.06 12.64 -1.93
C LYS C 236 -6.73 12.80 -0.56
N ALA C 237 -8.05 13.01 -0.55
CA ALA C 237 -8.79 13.07 0.71
C ALA C 237 -8.70 11.73 1.45
N ILE C 238 -8.49 10.63 0.73
CA ILE C 238 -8.31 9.32 1.35
C ILE C 238 -6.85 9.11 1.74
N LYS C 239 -5.94 9.36 0.81
CA LYS C 239 -4.51 9.31 1.14
C LYS C 239 -3.82 10.32 0.28
N ASN C 240 -3.13 11.27 0.91
CA ASN C 240 -2.61 12.43 0.21
C ASN C 240 -1.23 12.18 -0.44
N LEU C 241 -1.19 11.24 -1.37
CA LEU C 241 0.02 10.96 -2.14
C LEU C 241 0.14 12.01 -3.23
N PRO C 242 1.37 12.27 -3.67
CA PRO C 242 1.56 13.12 -4.85
C PRO C 242 0.86 12.48 -6.02
N MET C 243 0.28 13.30 -6.89
CA MET C 243 -0.39 12.78 -8.08
C MET C 243 -0.11 13.70 -9.25
N TYR C 244 -0.04 13.10 -10.43
CA TYR C 244 0.32 13.85 -11.62
C TYR C 244 -0.44 13.37 -12.84
N VAL C 245 -0.32 14.12 -13.93
CA VAL C 245 -0.82 13.71 -15.22
C VAL C 245 0.33 13.70 -16.25
N ASN C 246 0.23 12.81 -17.23
CA ASN C 246 1.24 12.65 -18.25
C ASN C 246 0.74 13.05 -19.66
N VAL C 247 1.58 13.71 -20.42
CA VAL C 247 1.14 14.41 -21.64
C VAL C 247 1.59 13.71 -22.93
N ALA C 248 0.64 13.43 -23.81
CA ALA C 248 0.90 13.12 -25.20
C ALA C 248 1.29 14.45 -25.86
N LEU C 249 2.59 14.61 -26.06
CA LEU C 249 3.14 15.90 -26.41
C LEU C 249 2.78 16.28 -27.83
N ARG C 250 2.62 17.57 -28.05
CA ARG C 250 2.70 18.12 -29.41
C ARG C 250 4.14 18.53 -29.68
N ASN C 251 4.52 18.55 -30.94
CA ASN C 251 5.85 19.01 -31.29
C ASN C 251 5.94 20.49 -30.95
N PRO C 252 6.85 20.85 -30.03
CA PRO C 252 6.92 22.25 -29.61
C PRO C 252 7.34 23.25 -30.70
N PHE C 253 8.06 22.82 -31.71
CA PHE C 253 8.48 23.71 -32.80
C PHE C 253 7.50 23.77 -33.99
N ASN C 254 6.68 22.73 -34.14
CA ASN C 254 5.87 22.55 -35.35
C ASN C 254 4.69 21.64 -34.98
N PRO C 255 3.78 22.15 -34.14
CA PRO C 255 2.80 21.28 -33.48
C PRO C 255 1.71 20.71 -34.40
N GLY C 256 1.42 21.37 -35.52
CA GLY C 256 0.19 21.08 -36.24
C GLY C 256 -1.01 21.53 -35.44
N LEU C 257 -2.17 20.97 -35.74
CA LEU C 257 -3.42 21.44 -35.16
C LEU C 257 -3.89 20.53 -34.04
N PRO C 258 -4.59 21.10 -33.06
CA PRO C 258 -5.19 20.24 -32.02
C PRO C 258 -6.17 19.27 -32.65
N GLY C 259 -6.15 18.01 -32.22
CA GLY C 259 -6.91 16.96 -32.89
C GLY C 259 -6.02 16.08 -33.76
N GLN C 260 -5.02 16.69 -34.40
CA GLN C 260 -3.91 15.95 -34.94
C GLN C 260 -3.04 15.48 -33.76
N TYR C 261 -2.64 16.41 -32.91
CA TYR C 261 -2.13 16.01 -31.60
C TYR C 261 -3.31 15.83 -30.66
N SER C 262 -3.04 15.29 -29.47
CA SER C 262 -4.11 15.04 -28.53
C SER C 262 -4.59 16.35 -27.89
N SER C 263 -5.73 16.83 -28.35
CA SER C 263 -6.26 18.12 -27.86
C SER C 263 -6.74 18.01 -26.42
N GLY C 264 -6.39 18.98 -25.60
CA GLY C 264 -6.92 19.08 -24.23
C GLY C 264 -6.00 18.57 -23.15
N GLY C 265 -5.01 17.75 -23.53
CA GLY C 265 -4.00 17.33 -22.57
C GLY C 265 -3.10 18.50 -22.25
N GLY C 266 -2.15 18.30 -21.35
CA GLY C 266 -1.27 19.41 -20.89
C GLY C 266 -0.18 19.78 -21.87
N THR C 267 -0.56 20.07 -23.12
CA THR C 267 0.43 20.50 -24.11
C THR C 267 0.96 21.91 -23.76
N ASP C 268 2.08 22.29 -24.37
CA ASP C 268 2.84 23.46 -23.92
C ASP C 268 2.04 24.77 -24.00
N ASN C 269 1.08 24.82 -24.92
CA ASN C 269 0.23 26.01 -25.09
C ASN C 269 -0.93 26.12 -24.12
N VAL C 270 -1.20 25.07 -23.35
CA VAL C 270 -2.26 25.11 -22.37
C VAL C 270 -1.84 24.80 -20.96
N LEU C 271 -0.55 24.87 -20.67
CA LEU C 271 -0.10 24.68 -19.31
C LEU C 271 -0.69 25.70 -18.37
N HIS C 272 -0.83 26.94 -18.83
CA HIS C 272 -1.43 27.97 -18.01
C HIS C 272 -2.89 27.64 -17.65
N ILE C 273 -3.63 27.04 -18.60
CA ILE C 273 -5.01 26.63 -18.33
C ILE C 273 -5.05 25.50 -17.30
N TRP C 274 -4.19 24.49 -17.51
CA TRP C 274 -4.08 23.35 -16.59
C TRP C 274 -3.67 23.74 -15.19
N LYS C 275 -2.72 24.67 -15.07
CA LYS C 275 -2.28 25.11 -13.74
C LYS C 275 -3.38 25.87 -13.00
N ALA C 276 -4.12 26.69 -13.73
CA ALA C 276 -5.22 27.47 -13.13
C ALA C 276 -6.41 26.59 -12.77
N ALA C 277 -6.73 25.65 -13.65
CA ALA C 277 -7.87 24.77 -13.47
C ALA C 277 -7.67 23.62 -12.48
N ALA C 278 -6.44 23.15 -12.31
CA ALA C 278 -6.20 21.94 -11.54
C ALA C 278 -5.10 22.14 -10.48
N PRO C 279 -5.40 22.94 -9.45
CA PRO C 279 -4.39 23.28 -8.44
C PRO C 279 -4.04 22.11 -7.54
N ASN C 280 -4.80 21.05 -7.57
CA ASN C 280 -4.52 19.90 -6.73
C ASN C 280 -3.64 18.84 -7.41
N ILE C 281 -3.40 18.99 -8.72
CA ILE C 281 -2.53 18.06 -9.43
C ILE C 281 -1.11 18.58 -9.23
N ASP C 282 -0.25 17.74 -8.70
CA ASP C 282 1.09 18.19 -8.31
C ASP C 282 1.98 18.64 -9.45
N LEU C 283 1.96 17.92 -10.55
CA LEU C 283 2.78 18.28 -11.69
C LEU C 283 2.21 17.73 -13.00
N ILE C 284 2.70 18.28 -14.09
CA ILE C 284 2.34 17.87 -15.43
C ILE C 284 3.61 17.35 -16.09
N ALA C 285 3.61 16.09 -16.46
CA ALA C 285 4.78 15.34 -16.90
C ALA C 285 4.80 15.04 -18.39
N PRO C 286 5.89 15.39 -19.07
CA PRO C 286 6.00 15.05 -20.49
C PRO C 286 6.30 13.57 -20.75
N ASP C 287 5.65 13.01 -21.76
CA ASP C 287 5.98 11.69 -22.32
C ASP C 287 6.81 11.87 -23.58
N ILE C 288 8.08 11.54 -23.52
CA ILE C 288 9.01 11.99 -24.55
C ILE C 288 9.39 10.87 -25.52
N TYR C 289 8.93 10.98 -26.78
CA TYR C 289 9.30 10.01 -27.79
C TYR C 289 9.97 10.68 -29.01
N PHE C 290 10.18 11.98 -28.99
CA PHE C 290 11.05 12.67 -29.98
C PHE C 290 12.48 12.19 -29.74
N ARG C 291 13.19 11.80 -30.78
CA ARG C 291 14.54 11.25 -30.63
CA ARG C 291 14.53 11.24 -30.65
C ARG C 291 15.62 12.31 -30.63
N ASP C 292 15.36 13.41 -31.32
CA ASP C 292 16.36 14.40 -31.63
C ASP C 292 16.60 15.37 -30.49
N TYR C 293 17.88 15.64 -30.25
CA TYR C 293 18.31 16.47 -29.14
C TYR C 293 17.61 17.80 -29.04
N LYS C 294 17.45 18.52 -30.15
CA LYS C 294 16.89 19.87 -30.09
C LYS C 294 15.44 19.89 -29.58
N THR C 295 14.66 18.93 -30.04
CA THR C 295 13.29 18.86 -29.68
C THR C 295 13.14 18.37 -28.23
N VAL C 296 13.87 17.33 -27.86
CA VAL C 296 13.86 16.84 -26.48
C VAL C 296 14.29 17.98 -25.52
N SER C 297 15.37 18.67 -25.84
CA SER C 297 15.82 19.78 -25.00
C SER C 297 14.74 20.85 -24.82
N LYS C 298 14.03 21.19 -25.91
CA LYS C 298 12.98 22.17 -25.85
C LYS C 298 11.83 21.70 -24.96
N VAL C 299 11.49 20.43 -25.05
CA VAL C 299 10.43 19.87 -24.19
C VAL C 299 10.85 19.98 -22.73
N LEU C 300 12.09 19.62 -22.41
CA LEU C 300 12.58 19.72 -21.02
C LEU C 300 12.53 21.15 -20.53
N GLU C 301 12.84 22.11 -21.40
CA GLU C 301 12.80 23.52 -21.05
C GLU C 301 11.37 23.95 -20.75
N LEU C 302 10.43 23.58 -21.61
CA LEU C 302 9.04 23.99 -21.45
C LEU C 302 8.32 23.38 -20.25
N TYR C 303 8.69 22.17 -19.87
CA TYR C 303 8.04 21.51 -18.77
C TYR C 303 8.71 21.76 -17.41
N THR C 304 9.90 22.37 -17.41
CA THR C 304 10.57 22.73 -16.17
C THR C 304 10.26 24.18 -15.87
N ARG C 305 9.44 24.41 -14.85
CA ARG C 305 8.93 25.75 -14.53
C ARG C 305 8.93 25.96 -13.03
N PRO C 306 8.89 27.22 -12.58
CA PRO C 306 8.76 27.45 -11.15
C PRO C 306 7.53 26.76 -10.57
N ASP C 307 6.46 26.69 -11.35
CA ASP C 307 5.22 26.02 -10.88
C ASP C 307 5.11 24.56 -11.32
N ASN C 308 6.19 23.96 -11.85
CA ASN C 308 6.10 22.60 -12.40
C ASN C 308 7.41 21.87 -12.28
N ALA C 309 7.47 20.91 -11.36
CA ALA C 309 8.58 20.02 -11.24
C ALA C 309 8.66 19.19 -12.51
N LEU C 310 9.88 18.90 -12.94
CA LEU C 310 10.13 18.05 -14.12
C LEU C 310 10.17 16.60 -13.76
N PHE C 311 9.27 15.83 -14.35
CA PHE C 311 9.28 14.38 -14.26
C PHE C 311 9.09 13.82 -15.65
N VAL C 312 10.07 13.06 -16.15
CA VAL C 312 9.97 12.43 -17.45
C VAL C 312 9.26 11.11 -17.23
N ALA C 313 7.92 11.19 -17.30
CA ALA C 313 7.05 10.10 -16.89
C ALA C 313 7.15 8.91 -17.84
N GLU C 314 7.44 9.18 -19.11
CA GLU C 314 7.72 8.16 -20.09
C GLU C 314 8.78 8.69 -20.99
N ILE C 315 9.65 7.79 -21.46
CA ILE C 315 10.56 8.14 -22.53
C ILE C 315 10.81 6.86 -23.31
N GLY C 316 11.14 6.99 -24.58
CA GLY C 316 11.43 5.83 -25.40
C GLY C 316 12.57 5.01 -24.85
N ASN C 317 12.54 3.70 -25.12
CA ASN C 317 13.57 2.81 -24.62
C ASN C 317 14.67 2.46 -25.64
N ASP C 318 14.66 3.11 -26.80
CA ASP C 318 15.78 2.95 -27.72
C ASP C 318 17.04 3.67 -27.21
N GLN C 319 18.19 3.22 -27.69
CA GLN C 319 19.49 3.72 -27.21
C GLN C 319 19.66 5.22 -27.12
N PRO C 320 19.17 5.99 -28.12
CA PRO C 320 19.43 7.42 -28.08
C PRO C 320 18.80 8.17 -26.89
N PHE C 321 17.79 7.56 -26.28
CA PHE C 321 17.07 8.22 -25.20
C PHE C 321 17.81 8.21 -23.85
N ALA C 322 18.71 7.25 -23.66
CA ALA C 322 19.34 7.07 -22.33
C ALA C 322 20.07 8.32 -21.86
N ARG C 323 20.72 9.04 -22.79
CA ARG C 323 21.52 10.20 -22.41
C ARG C 323 20.70 11.37 -21.90
N TYR C 324 19.38 11.37 -22.18
CA TYR C 324 18.53 12.46 -21.72
C TYR C 324 18.30 12.42 -20.21
N LEU C 325 18.75 11.35 -19.56
CA LEU C 325 18.76 11.35 -18.08
C LEU C 325 19.56 12.53 -17.57
N PHE C 326 20.66 12.85 -18.26
CA PHE C 326 21.59 13.88 -17.76
C PHE C 326 20.99 15.28 -17.68
N PRO C 327 20.47 15.81 -18.81
CA PRO C 327 19.81 17.11 -18.72
C PRO C 327 18.53 17.10 -17.88
N THR C 328 17.87 15.96 -17.81
CA THR C 328 16.68 15.83 -16.95
C THR C 328 17.06 16.13 -15.49
N LEU C 329 18.11 15.48 -15.03
CA LEU C 329 18.59 15.67 -13.66
C LEU C 329 19.19 17.04 -13.48
N GLY C 330 19.88 17.52 -14.52
CA GLY C 330 20.47 18.86 -14.49
C GLY C 330 19.48 19.99 -14.35
N LYS C 331 18.28 19.79 -14.87
CA LYS C 331 17.22 20.77 -14.67
C LYS C 331 16.54 20.67 -13.31
N GLY C 332 16.99 19.77 -12.45
CA GLY C 332 16.34 19.54 -11.18
C GLY C 332 15.21 18.54 -11.25
N GLY C 333 15.20 17.75 -12.32
CA GLY C 333 14.18 16.72 -12.50
C GLY C 333 14.14 15.77 -11.31
N ILE C 334 12.93 15.33 -10.97
CA ILE C 334 12.72 14.39 -9.87
C ILE C 334 12.70 12.94 -10.36
N GLY C 335 12.70 12.73 -11.66
CA GLY C 335 12.66 11.36 -12.17
C GLY C 335 12.61 11.18 -13.66
N PHE C 336 12.73 9.92 -14.08
CA PHE C 336 12.97 9.54 -15.47
C PHE C 336 12.55 8.09 -15.58
N SER C 337 11.67 7.78 -16.53
CA SER C 337 11.06 6.45 -16.60
C SER C 337 10.88 5.91 -18.03
N PRO C 338 11.86 5.12 -18.50
CA PRO C 338 11.78 4.58 -19.85
C PRO C 338 10.63 3.58 -19.98
N PHE C 339 9.93 3.68 -21.09
CA PHE C 339 8.74 2.91 -21.33
C PHE C 339 9.03 1.58 -21.99
N GLY C 340 8.34 0.55 -21.52
CA GLY C 340 8.35 -0.74 -22.17
C GLY C 340 9.51 -1.62 -21.73
N MET C 341 9.90 -1.51 -20.47
CA MET C 341 11.01 -2.30 -19.92
C MET C 341 10.53 -3.62 -19.33
N ASP C 342 10.00 -4.49 -20.19
CA ASP C 342 9.63 -5.82 -19.77
C ASP C 342 9.73 -6.75 -20.95
N ASP C 343 9.67 -8.04 -20.65
CA ASP C 343 9.88 -9.05 -21.69
C ASP C 343 8.58 -9.75 -22.07
N THR C 344 7.53 -8.96 -22.29
CA THR C 344 6.21 -9.52 -22.58
C THR C 344 5.94 -9.60 -24.08
N ASP C 345 6.99 -9.66 -24.88
CA ASP C 345 6.88 -9.94 -26.31
C ASP C 345 6.18 -8.83 -27.04
N TYR C 346 6.62 -7.61 -26.80
CA TYR C 346 6.10 -6.46 -27.49
C TYR C 346 7.21 -5.46 -27.64
N THR C 347 7.34 -4.89 -28.83
CA THR C 347 8.20 -3.72 -29.03
C THR C 347 7.35 -2.64 -29.68
N ASN C 348 7.34 -1.44 -29.05
CA ASN C 348 6.58 -0.28 -29.57
C ASN C 348 7.34 0.46 -30.66
N TYR C 349 8.40 -0.16 -31.17
CA TYR C 349 9.07 0.36 -32.34
C TYR C 349 8.02 0.71 -33.39
N PRO C 350 8.15 1.87 -34.05
CA PRO C 350 9.19 2.90 -34.19
C PRO C 350 9.39 3.86 -33.00
N LEU C 351 8.48 3.91 -32.01
CA LEU C 351 8.65 4.80 -30.84
CA LEU C 351 8.64 4.81 -30.84
C LEU C 351 9.82 4.43 -29.92
N GLY C 352 10.05 3.13 -29.73
CA GLY C 352 11.18 2.64 -28.94
C GLY C 352 12.11 1.74 -29.72
N ALA C 353 12.74 0.83 -29.00
CA ALA C 353 13.76 -0.06 -29.54
C ALA C 353 13.14 -1.09 -30.49
N LYS C 354 13.87 -1.44 -31.55
CA LYS C 354 13.39 -2.45 -32.50
C LYS C 354 13.34 -3.83 -31.85
N VAL C 355 14.33 -4.17 -31.03
CA VAL C 355 14.31 -5.45 -30.32
C VAL C 355 14.49 -5.19 -28.82
N TYR C 356 13.94 -6.10 -28.00
CA TYR C 356 14.06 -6.01 -26.54
C TYR C 356 14.92 -7.14 -26.00
N ASN C 357 16.12 -6.77 -25.56
CA ASN C 357 17.08 -7.74 -25.05
C ASN C 357 17.97 -7.05 -24.02
N ASP C 358 18.95 -7.79 -23.50
CA ASP C 358 19.82 -7.29 -22.46
C ASP C 358 20.57 -6.04 -22.85
N GLU C 359 20.93 -5.94 -24.13
CA GLU C 359 21.60 -4.74 -24.62
C GLU C 359 20.71 -3.49 -24.54
N THR C 360 19.43 -3.65 -24.85
CA THR C 360 18.49 -2.53 -24.73
C THR C 360 18.50 -1.99 -23.31
N ILE C 361 18.44 -2.92 -22.38
CA ILE C 361 18.38 -2.58 -20.96
C ILE C 361 19.69 -1.92 -20.53
N GLU C 362 20.80 -2.47 -21.01
CA GLU C 362 22.10 -2.04 -20.58
C GLU C 362 22.38 -0.57 -20.89
N GLN C 363 21.78 0.00 -21.96
CA GLN C 363 22.02 1.38 -22.28
C GLN C 363 21.53 2.28 -21.15
N PHE C 364 20.45 1.86 -20.48
CA PHE C 364 19.92 2.60 -19.33
C PHE C 364 20.64 2.19 -18.06
N ALA C 365 20.98 0.92 -17.93
CA ALA C 365 21.73 0.48 -16.73
C ALA C 365 23.02 1.26 -16.56
N GLN C 366 23.70 1.53 -17.68
CA GLN C 366 24.97 2.21 -17.62
C GLN C 366 24.87 3.62 -17.10
N VAL C 367 23.79 4.32 -17.42
CA VAL C 367 23.63 5.68 -16.93
C VAL C 367 23.04 5.71 -15.50
N TYR C 368 22.14 4.78 -15.20
CA TYR C 368 21.62 4.65 -13.80
C TYR C 368 22.75 4.34 -12.80
N ARG C 369 23.77 3.60 -13.24
CA ARG C 369 24.92 3.30 -12.38
C ARG C 369 25.70 4.52 -11.95
N LEU C 370 25.60 5.62 -12.69
CA LEU C 370 26.22 6.87 -12.29
C LEU C 370 25.50 7.55 -11.17
N VAL C 371 24.21 7.35 -11.10
CA VAL C 371 23.36 8.12 -10.18
C VAL C 371 23.04 7.32 -8.93
N ASN C 372 22.74 6.04 -9.09
CA ASN C 372 22.39 5.18 -7.94
C ASN C 372 23.30 5.34 -6.74
N PRO C 373 24.63 5.36 -6.94
CA PRO C 373 25.51 5.40 -5.74
C PRO C 373 25.45 6.71 -4.98
N MET C 374 24.95 7.79 -5.60
CA MET C 374 24.78 9.07 -4.95
C MET C 374 23.33 9.55 -4.95
N MET C 375 22.35 8.66 -5.07
CA MET C 375 20.98 9.12 -5.37
C MET C 375 20.46 10.15 -4.35
N ARG C 376 20.55 9.84 -3.07
CA ARG C 376 20.02 10.74 -2.03
C ARG C 376 20.81 12.04 -1.96
N GLU C 377 22.12 11.96 -2.14
CA GLU C 377 22.99 13.12 -2.05
C GLU C 377 22.71 14.04 -3.25
N TRP C 378 22.61 13.46 -4.43
CA TRP C 378 22.21 14.22 -5.61
C TRP C 378 20.85 14.91 -5.42
N ALA C 379 19.86 14.15 -4.98
CA ALA C 379 18.51 14.69 -4.85
C ALA C 379 18.48 15.93 -3.95
N ARG C 380 19.21 15.87 -2.82
CA ARG C 380 19.31 17.00 -1.91
C ARG C 380 19.99 18.19 -2.57
N LEU C 381 21.11 17.95 -3.23
CA LEU C 381 21.85 19.04 -3.87
C LEU C 381 21.03 19.68 -4.97
N SER C 382 20.27 18.87 -5.69
CA SER C 382 19.41 19.38 -6.75
C SER C 382 18.32 20.32 -6.19
N TYR C 383 17.75 19.96 -5.06
CA TYR C 383 16.69 20.75 -4.44
C TYR C 383 17.23 22.02 -3.76
N GLN C 384 18.35 21.88 -3.06
CA GLN C 384 18.86 22.91 -2.15
C GLN C 384 20.02 23.69 -2.66
N GLY C 385 20.60 23.26 -3.78
CA GLY C 385 21.85 23.84 -4.22
C GLY C 385 21.88 23.95 -5.72
N GLN C 386 23.04 23.82 -6.28
CA GLN C 386 23.20 24.07 -7.67
C GLN C 386 23.67 22.79 -8.31
N VAL C 387 22.92 22.39 -9.33
CA VAL C 387 23.30 21.25 -10.17
C VAL C 387 23.24 21.62 -11.64
N TRP C 388 23.91 20.82 -12.44
CA TRP C 388 23.92 21.00 -13.88
C TRP C 388 23.95 19.61 -14.50
N GLY C 389 23.52 19.52 -15.75
CA GLY C 389 23.52 18.26 -16.48
C GLY C 389 23.38 18.49 -17.98
N VAL C 390 24.18 17.76 -18.78
CA VAL C 390 24.20 17.92 -20.22
C VAL C 390 24.29 16.56 -20.87
N ALA C 391 23.75 16.50 -22.08
CA ALA C 391 23.87 15.34 -22.94
C ALA C 391 24.55 15.76 -24.25
N GLU C 392 25.14 14.77 -24.90
CA GLU C 392 25.78 14.93 -26.20
C GLU C 392 24.79 15.56 -27.21
N PRO C 393 25.10 16.76 -27.71
CA PRO C 393 24.10 17.57 -28.39
C PRO C 393 23.93 17.37 -29.89
N LEU C 394 24.67 16.46 -30.49
CA LEU C 394 24.44 16.07 -31.85
C LEU C 394 23.91 14.64 -31.83
N ASP C 395 22.89 14.39 -32.65
CA ASP C 395 22.34 13.06 -32.83
C ASP C 395 23.28 12.23 -33.71
N SER C 396 23.15 10.92 -33.70
CA SER C 396 24.02 10.06 -34.49
C SER C 396 23.93 10.49 -35.95
N THR C 397 25.05 10.46 -36.65
CA THR C 397 25.11 10.88 -38.05
C THR C 397 24.23 9.99 -38.92
N THR C 398 23.37 10.62 -39.74
CA THR C 398 22.49 9.93 -40.66
C THR C 398 23.27 9.32 -41.85
N GLU C 399 22.62 8.37 -42.54
CA GLU C 399 23.20 7.77 -43.76
C GLU C 399 23.35 8.84 -44.85
N THR C 400 22.31 9.67 -44.99
CA THR C 400 22.32 10.84 -45.86
C THR C 400 23.49 11.79 -45.55
N GLN C 401 23.75 12.03 -44.26
CA GLN C 401 24.91 12.83 -43.85
C GLN C 401 26.24 12.09 -44.09
N LYS C 402 26.24 10.77 -43.93
CA LYS C 402 27.45 9.96 -44.20
C LYS C 402 27.82 10.02 -45.70
N ILE C 403 26.82 9.90 -46.58
CA ILE C 403 27.03 10.04 -48.02
C ILE C 403 27.56 11.44 -48.32
N TRP C 404 26.84 12.47 -47.91
CA TRP C 404 27.24 13.87 -48.14
C TRP C 404 28.64 14.14 -47.60
N ASN C 405 28.93 13.64 -46.40
CA ASN C 405 30.28 13.75 -45.82
C ASN C 405 31.39 13.22 -46.73
N ALA C 406 31.19 12.02 -47.28
CA ALA C 406 32.18 11.36 -48.16
C ALA C 406 32.41 12.09 -49.51
N GLU C 407 31.32 12.56 -50.12
CA GLU C 407 31.38 13.25 -51.42
C GLU C 407 32.02 14.65 -51.34
N ALA C 408 32.41 15.10 -50.14
CA ALA C 408 32.79 16.51 -49.93
C ALA C 408 34.25 16.77 -50.20
N THR C 409 34.54 18.00 -50.63
CA THR C 409 35.89 18.50 -50.86
C THR C 409 36.76 18.52 -49.61
N PRO C 410 38.07 18.28 -49.77
CA PRO C 410 38.93 18.25 -48.59
C PRO C 410 38.85 19.49 -47.66
N GLU C 411 38.66 20.68 -48.23
CA GLU C 411 38.48 21.91 -47.45
C GLU C 411 37.15 21.89 -46.70
N GLU C 412 36.12 21.34 -47.36
CA GLU C 412 34.77 21.25 -46.80
C GLU C 412 34.70 20.20 -45.68
N LYS C 413 35.40 19.08 -45.86
CA LYS C 413 35.51 18.05 -44.84
C LYS C 413 36.18 18.60 -43.57
N GLU C 414 37.25 19.37 -43.73
CA GLU C 414 37.93 19.96 -42.58
C GLU C 414 37.05 21.00 -41.89
N GLN C 415 36.28 21.77 -42.66
CA GLN C 415 35.35 22.76 -42.10
C GLN C 415 34.20 22.07 -41.35
N HIS C 416 33.78 20.92 -41.85
CA HIS C 416 32.69 20.18 -41.23
C HIS C 416 33.10 19.59 -39.89
N LYS C 417 34.32 19.02 -39.84
CA LYS C 417 34.91 18.52 -38.60
C LYS C 417 35.02 19.61 -37.57
N LYS C 418 35.45 20.81 -37.99
CA LYS C 418 35.55 21.96 -37.09
C LYS C 418 34.18 22.37 -36.56
N ASP C 419 33.18 22.38 -37.44
CA ASP C 419 31.82 22.74 -37.07
C ASP C 419 31.26 21.74 -36.06
N ARG C 420 31.50 20.46 -36.29
CA ARG C 420 31.05 19.40 -35.39
C ARG C 420 31.76 19.48 -34.02
N ALA C 421 33.08 19.67 -34.03
CA ALA C 421 33.85 19.82 -32.80
C ALA C 421 33.27 20.93 -31.95
N SER C 422 32.98 22.06 -32.58
CA SER C 422 32.43 23.19 -31.89
C SER C 422 31.01 22.91 -31.33
N ALA C 423 30.18 22.22 -32.12
CA ALA C 423 28.85 21.84 -31.65
C ALA C 423 28.93 20.82 -30.50
N LEU C 424 30.01 20.02 -30.48
CA LEU C 424 30.23 18.99 -29.47
C LEU C 424 31.02 19.49 -28.27
N THR C 425 30.98 20.80 -28.05
CA THR C 425 31.65 21.44 -26.94
C THR C 425 30.64 22.29 -26.18
N GLN C 426 30.39 21.98 -24.92
CA GLN C 426 29.40 22.74 -24.15
C GLN C 426 30.06 23.46 -23.00
N GLN C 427 29.58 24.67 -22.71
CA GLN C 427 30.08 25.49 -21.60
C GLN C 427 29.06 25.51 -20.47
N LEU C 428 29.54 25.37 -19.24
CA LEU C 428 28.72 25.51 -18.06
C LEU C 428 29.37 26.48 -17.10
N ASP C 429 28.58 27.44 -16.62
CA ASP C 429 29.03 28.47 -15.70
C ASP C 429 28.75 28.01 -14.27
N LEU C 430 29.78 27.68 -13.52
CA LEU C 430 29.62 27.09 -12.20
C LEU C 430 29.94 28.06 -11.09
N GLY C 431 29.90 29.35 -11.40
CA GLY C 431 30.18 30.40 -10.42
C GLY C 431 31.57 30.98 -10.65
N LEU C 432 32.49 30.67 -9.74
CA LEU C 432 33.90 31.05 -9.88
C LEU C 432 34.65 30.21 -10.91
N TRP C 433 34.07 29.07 -11.28
CA TRP C 433 34.68 28.12 -12.25
C TRP C 433 33.67 27.79 -13.32
N ASP C 434 34.16 27.52 -14.53
CA ASP C 434 33.36 27.01 -15.60
C ASP C 434 33.83 25.59 -15.91
N ALA C 435 32.95 24.80 -16.53
CA ALA C 435 33.32 23.51 -17.06
C ALA C 435 33.04 23.50 -18.53
N GLU C 436 33.92 22.84 -19.27
CA GLU C 436 33.71 22.60 -20.67
C GLU C 436 33.58 21.10 -20.86
N VAL C 437 32.47 20.71 -21.48
CA VAL C 437 32.20 19.31 -21.74
C VAL C 437 32.36 19.03 -23.23
N THR C 438 33.13 17.99 -23.55
CA THR C 438 33.32 17.56 -24.93
C THR C 438 33.10 16.05 -25.08
N TYR C 439 32.78 15.62 -26.29
CA TYR C 439 32.36 14.24 -26.55
C TYR C 439 33.09 13.54 -27.68
N GLY C 440 33.60 12.34 -27.41
CA GLY C 440 34.20 11.47 -28.41
C GLY C 440 35.62 11.88 -28.78
N ARG C 441 36.52 11.67 -27.82
CA ARG C 441 37.93 12.01 -28.01
C ARG C 441 38.78 11.14 -27.12
N PRO C 442 40.08 11.01 -27.44
CA PRO C 442 40.94 10.19 -26.58
C PRO C 442 41.03 10.76 -25.17
N MET C 443 41.58 9.95 -24.26
CA MET C 443 41.74 10.30 -22.84
C MET C 443 43.06 11.03 -22.55
N PHE C 444 43.81 11.31 -23.63
CA PHE C 444 45.17 11.84 -23.55
C PHE C 444 45.31 12.80 -24.73
N TRP C 445 46.02 13.91 -24.50
CA TRP C 445 46.22 14.96 -25.50
C TRP C 445 44.92 15.69 -25.82
N VAL C 446 44.94 16.51 -26.87
CA VAL C 446 43.93 17.52 -27.08
C VAL C 446 43.27 17.48 -28.48
N THR C 447 43.36 16.35 -29.15
CA THR C 447 42.71 16.22 -30.46
C THR C 447 41.20 16.49 -30.32
N PRO C 448 40.64 17.28 -31.25
CA PRO C 448 39.25 17.76 -31.08
C PRO C 448 38.19 16.66 -31.07
N PRO C 449 37.05 16.93 -30.43
CA PRO C 449 35.97 15.94 -30.30
C PRO C 449 35.28 15.64 -31.63
N GLU C 450 35.02 14.36 -31.88
CA GLU C 450 34.30 13.92 -33.06
C GLU C 450 32.95 13.23 -32.73
N GLY C 451 32.60 13.11 -31.45
CA GLY C 451 31.33 12.52 -31.04
C GLY C 451 31.43 11.03 -30.87
N ASN C 452 30.52 10.49 -30.08
CA ASN C 452 30.44 9.05 -29.90
C ASN C 452 29.58 8.47 -30.98
N THR C 453 29.78 7.20 -31.28
CA THR C 453 29.00 6.50 -32.27
C THR C 453 28.43 5.24 -31.68
N PRO C 454 27.12 5.22 -31.41
CA PRO C 454 26.11 6.26 -31.53
C PRO C 454 26.28 7.38 -30.49
N ALA C 455 25.57 8.49 -30.70
CA ALA C 455 25.57 9.59 -29.73
C ALA C 455 25.05 9.03 -28.39
N ALA C 456 25.76 9.36 -27.30
CA ALA C 456 25.49 8.68 -26.00
C ALA C 456 25.98 9.39 -24.74
N GLY C 457 26.82 10.41 -24.90
CA GLY C 457 27.55 10.97 -23.77
C GLY C 457 26.73 11.94 -22.90
N GLY C 458 27.23 12.20 -21.71
CA GLY C 458 26.67 13.24 -20.87
C GLY C 458 27.49 13.45 -19.62
N ALA C 459 27.03 14.40 -18.79
CA ALA C 459 27.74 14.81 -17.58
C ALA C 459 26.79 15.42 -16.56
N LEU C 460 27.07 15.12 -15.29
CA LEU C 460 26.37 15.72 -14.16
C LEU C 460 27.40 16.42 -13.28
N ILE C 461 27.03 17.61 -12.80
CA ILE C 461 27.84 18.35 -11.89
C ILE C 461 26.95 18.91 -10.76
N ALA C 462 27.41 18.80 -9.51
CA ALA C 462 26.76 19.47 -8.39
C ALA C 462 27.78 20.32 -7.66
N GLN C 463 27.39 21.51 -7.23
CA GLN C 463 28.32 22.36 -6.48
C GLN C 463 28.26 21.99 -5.01
N LEU C 464 29.41 21.68 -4.42
CA LEU C 464 29.52 21.44 -2.98
C LEU C 464 29.94 22.71 -2.19
N ASP C 465 30.75 23.57 -2.79
CA ASP C 465 31.22 24.79 -2.15
C ASP C 465 31.71 25.69 -3.26
N ASP C 466 32.19 26.88 -2.90
CA ASP C 466 32.68 27.84 -3.92
C ASP C 466 33.66 27.26 -4.95
N ASN C 467 34.53 26.37 -4.49
CA ASN C 467 35.60 25.82 -5.32
C ASN C 467 35.57 24.30 -5.47
N GLU C 468 34.45 23.67 -5.11
CA GLU C 468 34.40 22.21 -5.02
C GLU C 468 33.11 21.68 -5.62
N TYR C 469 33.24 20.64 -6.45
CA TYR C 469 32.12 20.11 -7.21
C TYR C 469 32.15 18.61 -7.20
N LEU C 470 30.97 18.04 -7.29
CA LEU C 470 30.77 16.62 -7.48
C LEU C 470 30.55 16.45 -8.99
N VAL C 471 31.28 15.52 -9.60
CA VAL C 471 31.24 15.33 -11.04
C VAL C 471 31.15 13.84 -11.38
N THR C 472 30.25 13.49 -12.28
CA THR C 472 30.27 12.18 -12.90
C THR C 472 29.80 12.33 -14.34
N ALA C 473 30.41 11.59 -15.25
CA ALA C 473 30.09 11.72 -16.65
C ALA C 473 30.30 10.40 -17.36
N TYR C 474 29.99 10.39 -18.66
CA TYR C 474 29.81 9.19 -19.42
C TYR C 474 30.21 9.51 -20.86
N LYS C 475 31.22 8.82 -21.37
CA LYS C 475 31.69 8.97 -22.75
C LYS C 475 31.92 10.43 -23.11
N ALA C 476 32.68 11.11 -22.24
CA ALA C 476 32.88 12.53 -22.35
C ALA C 476 34.10 12.97 -21.57
N ARG C 477 34.55 14.16 -21.89
CA ARG C 477 35.59 14.85 -21.15
C ARG C 477 35.03 16.08 -20.51
N VAL C 478 35.37 16.28 -19.25
CA VAL C 478 34.99 17.46 -18.50
C VAL C 478 36.25 18.21 -18.09
N GLU C 479 36.37 19.47 -18.49
CA GLU C 479 37.53 20.27 -18.12
C GLU C 479 37.10 21.53 -17.37
N PHE C 480 37.80 21.87 -16.31
CA PHE C 480 37.50 23.05 -15.51
C PHE C 480 38.43 24.22 -15.82
N LYS C 481 37.90 25.44 -15.75
CA LYS C 481 38.67 26.67 -15.93
C LYS C 481 38.04 27.79 -15.10
N PRO C 482 38.79 28.89 -14.86
CA PRO C 482 38.20 30.01 -14.15
C PRO C 482 37.06 30.62 -14.94
N SER C 483 36.02 31.05 -14.23
CA SER C 483 34.85 31.66 -14.89
C SER C 483 35.13 33.10 -15.32
N GLN C 484 36.09 33.74 -14.63
CA GLN C 484 36.45 35.14 -14.87
C GLN C 484 37.96 35.20 -14.95
N GLU C 485 38.53 35.97 -15.87
CA GLU C 485 39.98 36.25 -15.87
C GLU C 485 40.38 36.58 -14.44
N LEU C 486 41.46 35.97 -13.96
CA LEU C 486 41.94 36.22 -12.63
C LEU C 486 42.95 37.28 -12.98
N ALA C 487 43.47 37.95 -11.98
CA ALA C 487 44.29 39.13 -12.24
C ALA C 487 45.71 38.96 -11.73
N GLY C 488 46.61 38.32 -12.48
CA GLY C 488 47.94 38.00 -11.95
C GLY C 488 47.90 36.77 -11.05
N LYS C 489 46.75 36.09 -10.97
CA LYS C 489 46.75 34.72 -10.46
C LYS C 489 46.73 33.63 -11.55
N LYS C 490 47.22 32.46 -11.17
CA LYS C 490 47.14 31.27 -12.00
C LYS C 490 46.10 30.34 -11.37
N PHE C 491 45.78 29.23 -12.04
CA PHE C 491 44.85 28.25 -11.44
C PHE C 491 45.28 26.84 -11.74
N MET C 492 44.83 25.92 -10.89
CA MET C 492 44.99 24.51 -11.15
CA MET C 492 44.98 24.51 -11.15
C MET C 492 43.88 23.74 -10.45
N ILE C 493 43.78 22.46 -10.79
CA ILE C 493 43.08 21.50 -9.98
CA ILE C 493 43.08 21.51 -9.97
C ILE C 493 43.87 21.39 -8.67
N GLU C 494 43.21 21.53 -7.55
CA GLU C 494 43.87 21.29 -6.28
C GLU C 494 43.88 19.79 -5.97
N ARG C 495 42.71 19.16 -6.13
CA ARG C 495 42.58 17.74 -5.86
CA ARG C 495 42.58 17.74 -5.85
C ARG C 495 41.31 17.16 -6.49
N VAL C 496 41.45 16.00 -7.11
CA VAL C 496 40.34 15.22 -7.59
C VAL C 496 40.37 13.90 -6.83
N GLU C 497 39.28 13.57 -6.14
CA GLU C 497 39.12 12.28 -5.46
C GLU C 497 38.00 11.47 -6.09
N GLU C 498 38.27 10.21 -6.38
CA GLU C 498 37.22 9.29 -6.74
C GLU C 498 36.76 8.62 -5.44
N GLY C 499 35.46 8.47 -5.28
CA GLY C 499 34.94 7.78 -4.11
C GLY C 499 33.46 7.52 -4.15
N ARG C 500 32.87 7.42 -2.97
CA ARG C 500 31.47 7.09 -2.83
C ARG C 500 30.95 7.61 -1.50
N PHE C 501 29.63 7.62 -1.36
CA PHE C 501 28.97 8.00 -0.12
C PHE C 501 28.59 6.74 0.62
N GLU C 502 28.94 6.70 1.90
CA GLU C 502 28.60 5.57 2.75
C GLU C 502 27.95 6.18 4.00
N LYS C 503 26.68 5.85 4.24
CA LYS C 503 25.93 6.44 5.36
C LYS C 503 25.99 7.96 5.28
N GLY C 504 25.86 8.50 4.06
CA GLY C 504 25.91 9.96 3.85
C GLY C 504 27.27 10.62 3.97
N LYS C 505 28.33 9.84 4.26
CA LYS C 505 29.69 10.39 4.38
C LYS C 505 30.54 9.99 3.13
N TRP C 506 31.31 10.96 2.63
CA TRP C 506 32.26 10.71 1.54
C TRP C 506 33.42 9.78 1.97
N VAL C 507 33.65 8.73 1.20
CA VAL C 507 34.78 7.83 1.37
C VAL C 507 35.66 7.87 0.11
N MET C 508 36.92 8.26 0.28
CA MET C 508 37.86 8.41 -0.83
C MET C 508 38.39 7.03 -1.22
N GLU C 509 38.42 6.76 -2.51
CA GLU C 509 39.00 5.50 -3.01
C GLU C 509 40.38 5.74 -3.57
N ARG C 510 40.51 6.79 -4.37
CA ARG C 510 41.79 7.15 -4.93
C ARG C 510 41.79 8.62 -5.36
N VAL C 511 42.98 9.16 -5.59
CA VAL C 511 43.15 10.47 -6.13
C VAL C 511 43.43 10.35 -7.62
N TRP C 512 42.70 11.07 -8.46
CA TRP C 512 43.06 11.18 -9.86
C TRP C 512 44.09 12.29 -9.99
N ASN C 513 45.18 11.99 -10.67
CA ASN C 513 46.22 12.98 -10.87
C ASN C 513 47.03 12.60 -12.10
N GLY C 514 48.03 13.40 -12.44
CA GLY C 514 48.89 13.11 -13.59
C GLY C 514 48.12 13.02 -14.88
N ASP C 515 48.34 11.95 -15.62
CA ASP C 515 47.65 11.69 -16.87
C ASP C 515 46.14 11.84 -16.69
N GLN C 516 45.61 11.43 -15.54
CA GLN C 516 44.14 11.38 -15.35
C GLN C 516 43.53 12.75 -15.16
N THR C 517 44.34 13.76 -14.93
CA THR C 517 43.84 15.13 -14.84
C THR C 517 44.53 16.14 -15.75
N ASP C 518 45.52 15.71 -16.53
CA ASP C 518 46.27 16.62 -17.38
C ASP C 518 45.44 17.11 -18.55
N TRP C 519 44.51 16.29 -18.99
CA TRP C 519 43.76 16.54 -20.22
C TRP C 519 42.27 16.45 -19.90
N GLY C 520 41.86 17.18 -18.88
CA GLY C 520 40.49 17.16 -18.40
C GLY C 520 40.24 15.85 -17.65
N LEU C 521 38.99 15.62 -17.33
CA LEU C 521 38.56 14.42 -16.65
C LEU C 521 37.80 13.58 -17.66
N ASN C 522 38.38 12.43 -18.03
CA ASN C 522 37.87 11.60 -19.11
C ASN C 522 37.12 10.38 -18.60
N PHE C 523 35.90 10.22 -19.09
CA PHE C 523 35.01 9.14 -18.68
C PHE C 523 34.67 8.27 -19.88
N THR C 524 34.55 6.98 -19.65
CA THR C 524 34.11 6.03 -20.65
C THR C 524 32.70 5.58 -20.26
N ASP C 525 32.44 4.28 -20.29
CA ASP C 525 31.15 3.75 -19.92
C ASP C 525 31.10 3.31 -18.48
N ARG C 526 32.22 3.29 -17.78
CA ARG C 526 32.25 2.85 -16.37
C ARG C 526 31.96 4.01 -15.42
N PRO C 527 31.33 3.72 -14.27
CA PRO C 527 30.97 4.75 -13.31
C PRO C 527 32.14 5.22 -12.45
N HIS C 528 32.35 6.54 -12.40
CA HIS C 528 33.31 7.14 -11.47
C HIS C 528 32.69 8.40 -10.93
N LEU C 529 32.61 8.50 -9.60
CA LEU C 529 32.09 9.68 -8.97
C LEU C 529 33.27 10.45 -8.38
N LEU C 530 33.42 11.71 -8.77
CA LEU C 530 34.57 12.51 -8.41
C LEU C 530 34.15 13.72 -7.57
N ARG C 531 35.00 14.07 -6.61
CA ARG C 531 34.96 15.38 -5.98
C ARG C 531 36.16 16.18 -6.48
N VAL C 532 35.88 17.32 -7.11
CA VAL C 532 36.87 18.13 -7.78
C VAL C 532 37.01 19.45 -7.03
N LYS C 533 38.20 19.71 -6.52
CA LYS C 533 38.50 20.97 -5.83
C LYS C 533 39.44 21.79 -6.69
N MET C 534 39.04 23.02 -7.04
CA MET C 534 39.82 23.94 -7.87
C MET C 534 40.46 25.04 -7.01
N ALA C 535 41.57 25.61 -7.48
CA ALA C 535 42.27 26.68 -6.75
C ALA C 535 42.91 27.68 -7.67
N SER C 536 42.73 28.97 -7.36
CA SER C 536 43.53 30.01 -7.95
C SER C 536 44.66 30.30 -6.96
N TYR C 537 45.80 30.69 -7.49
CA TYR C 537 46.95 30.92 -6.64
C TYR C 537 47.81 32.03 -7.21
N SER C 538 48.46 32.74 -6.30
CA SER C 538 49.29 33.88 -6.69
C SER C 538 50.66 33.43 -7.18
N VAL C 539 51.17 34.12 -8.19
CA VAL C 539 52.57 34.01 -8.62
C VAL C 539 53.31 35.38 -8.59
N GLN C 540 52.76 36.36 -7.87
CA GLN C 540 53.29 37.73 -7.92
C GLN C 540 54.64 37.81 -7.21
N ALA D 2 -8.51 -29.70 44.84
CA ALA D 2 -9.05 -29.48 43.47
C ALA D 2 -7.96 -29.74 42.43
N PRO D 3 -8.33 -30.26 41.27
CA PRO D 3 -7.30 -30.57 40.31
C PRO D 3 -6.69 -29.29 39.72
N LEU D 4 -5.43 -29.38 39.31
CA LEU D 4 -4.76 -28.26 38.65
C LEU D 4 -5.52 -27.81 37.39
N PRO D 5 -5.56 -26.49 37.16
CA PRO D 5 -5.98 -26.04 35.82
C PRO D 5 -5.06 -26.64 34.78
N GLU D 6 -5.58 -26.93 33.59
CA GLU D 6 -4.73 -27.36 32.49
C GLU D 6 -5.34 -27.10 31.15
N LEU D 7 -4.47 -26.88 30.18
CA LEU D 7 -4.92 -26.67 28.81
C LEU D 7 -4.89 -28.00 28.10
N LEU D 8 -6.05 -28.46 27.65
CA LEU D 8 -6.16 -29.71 26.91
C LEU D 8 -6.27 -29.41 25.43
N SER D 9 -5.62 -30.22 24.61
CA SER D 9 -5.68 -30.13 23.17
C SER D 9 -5.95 -31.54 22.59
N ASN D 10 -7.06 -31.69 21.85
CA ASN D 10 -7.41 -32.96 21.26
C ASN D 10 -8.24 -32.73 20.02
N ASN D 11 -7.91 -33.47 18.97
CA ASN D 11 -8.67 -33.49 17.74
C ASN D 11 -8.78 -32.12 17.11
N GLY D 12 -7.68 -31.37 17.20
CA GLY D 12 -7.63 -30.00 16.75
C GLY D 12 -8.48 -29.01 17.55
N LYS D 13 -8.98 -29.41 18.72
CA LYS D 13 -9.77 -28.54 19.58
C LYS D 13 -9.08 -28.35 20.94
N HIS D 14 -9.54 -27.37 21.73
CA HIS D 14 -8.87 -27.04 22.99
C HIS D 14 -9.83 -26.69 24.06
N ALA D 15 -9.41 -26.88 25.30
CA ALA D 15 -10.16 -26.44 26.45
C ALA D 15 -9.21 -26.01 27.57
N LEU D 16 -9.58 -24.94 28.27
CA LEU D 16 -8.93 -24.59 29.50
C LEU D 16 -9.75 -25.25 30.56
N MET D 17 -9.18 -26.27 31.19
CA MET D 17 -9.83 -26.95 32.33
C MET D 17 -9.56 -26.18 33.61
N VAL D 18 -10.62 -25.83 34.30
CA VAL D 18 -10.52 -25.23 35.62
C VAL D 18 -11.50 -25.97 36.54
N ASP D 19 -10.97 -26.45 37.66
CA ASP D 19 -11.71 -27.27 38.61
C ASP D 19 -12.32 -28.48 37.97
N GLY D 20 -11.60 -29.05 37.03
CA GLY D 20 -12.02 -30.30 36.37
C GLY D 20 -13.00 -30.21 35.21
N ALA D 21 -13.25 -29.00 34.65
CA ALA D 21 -14.15 -28.88 33.52
C ALA D 21 -13.77 -27.67 32.68
N PRO D 22 -14.17 -27.67 31.40
CA PRO D 22 -13.82 -26.53 30.57
C PRO D 22 -14.35 -25.21 31.15
N TYR D 23 -13.61 -24.16 30.92
CA TYR D 23 -13.84 -22.83 31.48
C TYR D 23 -13.58 -21.77 30.40
N ILE D 24 -14.36 -20.69 30.43
CA ILE D 24 -14.11 -19.52 29.57
C ILE D 24 -13.67 -18.35 30.45
N ILE D 25 -12.52 -17.77 30.13
CA ILE D 25 -12.10 -16.52 30.75
C ILE D 25 -12.90 -15.32 30.16
N LEU D 26 -13.82 -14.79 30.95
CA LEU D 26 -14.54 -13.59 30.60
C LEU D 26 -13.82 -12.56 31.43
N GLY D 27 -12.79 -12.01 30.83
CA GLY D 27 -11.74 -11.34 31.60
C GLY D 27 -11.88 -9.84 31.72
N SER D 28 -11.10 -9.30 32.65
CA SER D 28 -10.73 -7.87 32.64
C SER D 28 -9.24 -7.81 32.99
N GLN D 29 -8.53 -6.82 32.43
CA GLN D 29 -7.11 -6.63 32.72
CA GLN D 29 -7.12 -6.63 32.73
C GLN D 29 -6.90 -5.20 33.21
N THR D 30 -6.07 -5.05 34.23
CA THR D 30 -5.75 -3.76 34.76
C THR D 30 -4.86 -2.97 33.83
N ASN D 31 -4.81 -1.66 34.07
CA ASN D 31 -3.74 -0.84 33.52
C ASN D 31 -2.38 -1.26 34.16
N ASN D 32 -1.30 -0.76 33.59
CA ASN D 32 0.06 -1.25 33.88
C ASN D 32 0.61 -0.90 35.27
N SER D 33 -0.02 0.05 35.98
CA SER D 33 0.49 0.54 37.26
C SER D 33 -0.49 0.28 38.38
N SER D 34 -1.26 -0.80 38.26
CA SER D 34 -2.30 -1.12 39.25
C SER D 34 -1.92 -2.31 40.11
N ASN D 35 -0.67 -2.77 39.96
CA ASN D 35 -0.19 -3.99 40.62
C ASN D 35 0.32 -3.74 42.05
N TYR D 36 -0.47 -2.98 42.83
CA TYR D 36 -0.13 -2.65 44.22
C TYR D 36 -1.39 -2.70 45.08
N PRO D 37 -1.23 -3.10 46.36
CA PRO D 37 -2.40 -3.20 47.25
C PRO D 37 -3.33 -2.00 47.21
N ASP D 38 -2.77 -0.79 47.24
CA ASP D 38 -3.56 0.44 47.30
C ASP D 38 -4.37 0.69 46.04
N ALA D 39 -3.95 0.12 44.91
CA ALA D 39 -4.64 0.37 43.66
C ALA D 39 -5.82 -0.55 43.43
N LEU D 40 -5.92 -1.64 44.19
CA LEU D 40 -6.96 -2.63 43.97
C LEU D 40 -8.37 -2.13 44.18
N LYS D 41 -8.55 -1.13 45.04
CA LYS D 41 -9.86 -0.53 45.22
C LYS D 41 -10.37 0.14 43.96
N ASP D 42 -9.45 0.48 43.05
CA ASP D 42 -9.82 1.06 41.76
C ASP D 42 -9.94 0.03 40.63
N VAL D 43 -9.76 -1.23 40.98
CA VAL D 43 -9.87 -2.35 40.06
C VAL D 43 -11.17 -3.15 40.28
N TRP D 44 -11.43 -3.56 41.53
CA TRP D 44 -12.56 -4.46 41.80
C TRP D 44 -13.94 -3.93 41.33
N PRO D 45 -14.25 -2.64 41.57
CA PRO D 45 -15.60 -2.19 41.17
C PRO D 45 -15.84 -2.35 39.65
N SER D 46 -14.85 -2.06 38.82
CA SER D 46 -14.97 -2.30 37.38
C SER D 46 -15.23 -3.75 37.05
N MET D 47 -14.53 -4.64 37.73
CA MET D 47 -14.70 -6.06 37.50
C MET D 47 -16.13 -6.49 37.76
N GLU D 48 -16.69 -6.00 38.85
CA GLU D 48 -18.05 -6.32 39.28
C GLU D 48 -19.05 -5.78 38.27
N LYS D 49 -18.88 -4.54 37.87
CA LYS D 49 -19.78 -3.94 36.85
C LYS D 49 -19.71 -4.68 35.53
N MET D 50 -18.54 -5.17 35.21
CA MET D 50 -18.33 -5.87 33.95
C MET D 50 -18.94 -7.30 33.96
N GLY D 51 -19.04 -7.92 35.13
CA GLY D 51 -19.40 -9.31 35.23
C GLY D 51 -18.27 -10.22 34.80
N ALA D 52 -17.02 -9.75 34.92
CA ALA D 52 -15.86 -10.58 34.57
C ALA D 52 -15.68 -11.68 35.61
N ASN D 53 -15.23 -12.84 35.16
CA ASN D 53 -14.91 -13.95 36.10
C ASN D 53 -13.41 -14.07 36.46
N THR D 54 -12.55 -13.38 35.72
CA THR D 54 -11.12 -13.56 35.82
C THR D 54 -10.42 -12.24 35.64
N LEU D 55 -9.50 -11.91 36.54
CA LEU D 55 -8.72 -10.69 36.46
C LEU D 55 -7.30 -11.00 36.01
N SER D 56 -6.83 -10.32 34.96
CA SER D 56 -5.46 -10.36 34.55
C SER D 56 -4.74 -9.14 35.14
N ILE D 57 -3.61 -9.36 35.84
CA ILE D 57 -2.95 -8.26 36.55
C ILE D 57 -1.47 -8.56 36.67
N PRO D 58 -0.62 -7.54 36.54
CA PRO D 58 0.81 -7.83 36.60
C PRO D 58 1.32 -8.23 37.98
N VAL D 59 2.33 -9.06 37.96
CA VAL D 59 3.27 -9.21 39.08
C VAL D 59 4.66 -8.91 38.51
N ALA D 60 5.32 -7.89 39.03
CA ALA D 60 6.55 -7.36 38.48
C ALA D 60 7.78 -7.88 39.22
N TRP D 61 8.81 -8.21 38.46
CA TRP D 61 10.08 -8.69 39.02
C TRP D 61 10.64 -7.62 39.98
N GLU D 62 10.55 -6.37 39.60
CA GLU D 62 10.98 -5.27 40.50
C GLU D 62 10.31 -5.25 41.86
N GLN D 63 9.06 -5.68 41.97
CA GLN D 63 8.35 -5.64 43.23
C GLN D 63 8.58 -6.88 44.07
N ILE D 64 8.78 -8.03 43.45
CA ILE D 64 8.98 -9.26 44.23
C ILE D 64 10.44 -9.46 44.63
N GLU D 65 11.39 -8.85 43.90
CA GLU D 65 12.82 -8.97 44.21
C GLU D 65 13.51 -7.63 44.13
N PRO D 66 13.07 -6.66 44.94
CA PRO D 66 13.59 -5.31 44.80
C PRO D 66 15.11 -5.20 45.10
N VAL D 67 15.59 -6.08 45.96
CA VAL D 67 17.02 -6.27 46.25
C VAL D 67 17.29 -7.76 46.01
N GLU D 68 18.39 -8.09 45.34
CA GLU D 68 18.65 -9.44 44.96
C GLU D 68 18.72 -10.28 46.19
N GLY D 69 18.04 -11.39 46.06
CA GLY D 69 17.90 -12.32 47.16
C GLY D 69 16.82 -11.98 48.12
N GLN D 70 16.16 -10.80 48.09
CA GLN D 70 15.25 -10.43 49.16
C GLN D 70 13.83 -10.35 48.60
N PHE D 71 13.10 -11.44 48.73
CA PHE D 71 11.78 -11.59 48.08
C PHE D 71 10.64 -10.99 48.88
N ASP D 72 9.69 -10.38 48.18
CA ASP D 72 8.58 -9.68 48.81
C ASP D 72 7.31 -10.08 48.04
N PHE D 73 6.46 -10.88 48.68
CA PHE D 73 5.19 -11.31 48.10
C PHE D 73 3.98 -10.68 48.76
N SER D 74 4.19 -9.51 49.37
CA SER D 74 3.09 -8.84 50.06
C SER D 74 1.96 -8.44 49.09
N PHE D 75 2.29 -8.05 47.86
CA PHE D 75 1.23 -7.74 46.91
C PHE D 75 0.41 -8.99 46.56
N VAL D 76 1.11 -10.10 46.29
CA VAL D 76 0.45 -11.33 45.90
C VAL D 76 -0.45 -11.83 47.02
N ASP D 77 0.02 -11.73 48.25
CA ASP D 77 -0.81 -12.10 49.40
C ASP D 77 -2.16 -11.37 49.40
N VAL D 78 -2.12 -10.04 49.28
CA VAL D 78 -3.33 -9.22 49.31
C VAL D 78 -4.22 -9.52 48.11
N LEU D 79 -3.59 -9.64 46.95
CA LEU D 79 -4.30 -9.93 45.71
C LEU D 79 -5.11 -11.24 45.81
N LEU D 80 -4.45 -12.29 46.29
CA LEU D 80 -5.10 -13.57 46.41
C LEU D 80 -6.30 -13.51 47.34
N LYS D 81 -6.11 -12.87 48.48
CA LYS D 81 -7.15 -12.77 49.50
C LYS D 81 -8.35 -11.96 48.99
N GLU D 82 -8.08 -10.86 48.32
CA GLU D 82 -9.16 -10.02 47.80
C GLU D 82 -9.90 -10.69 46.63
N ALA D 83 -9.18 -11.41 45.77
CA ALA D 83 -9.80 -12.16 44.66
C ALA D 83 -10.73 -13.25 45.20
N ARG D 84 -10.28 -13.95 46.23
CA ARG D 84 -11.09 -14.99 46.86
C ARG D 84 -12.35 -14.45 47.50
N GLN D 85 -12.26 -13.33 48.19
CA GLN D 85 -13.44 -12.71 48.76
C GLN D 85 -14.47 -12.35 47.72
N ARG D 86 -14.02 -11.95 46.53
CA ARG D 86 -14.92 -11.61 45.43
CA ARG D 86 -14.92 -11.61 45.43
C ARG D 86 -15.29 -12.80 44.55
N LYS D 87 -14.75 -13.97 44.86
CA LYS D 87 -15.00 -15.20 44.10
C LYS D 87 -14.67 -15.05 42.60
N VAL D 88 -13.50 -14.49 42.31
CA VAL D 88 -13.01 -14.43 40.93
C VAL D 88 -11.68 -15.12 40.84
N ARG D 89 -11.24 -15.42 39.62
CA ARG D 89 -9.97 -16.08 39.42
C ARG D 89 -8.97 -15.07 38.86
N LEU D 90 -7.72 -15.50 38.79
CA LEU D 90 -6.61 -14.63 38.40
C LEU D 90 -5.74 -15.24 37.33
N VAL D 91 -5.28 -14.38 36.43
CA VAL D 91 -4.18 -14.65 35.56
C VAL D 91 -3.08 -13.66 35.89
N LEU D 92 -1.93 -14.15 36.34
CA LEU D 92 -0.84 -13.25 36.74
C LEU D 92 0.06 -13.01 35.56
N LEU D 93 0.47 -11.76 35.36
CA LEU D 93 1.32 -11.40 34.27
C LEU D 93 2.73 -11.13 34.81
N TRP D 94 3.65 -12.01 34.50
CA TRP D 94 5.07 -11.90 34.93
C TRP D 94 5.80 -10.86 34.07
N PHE D 95 5.95 -9.66 34.61
CA PHE D 95 6.59 -8.54 33.94
C PHE D 95 8.06 -8.56 34.39
N ALA D 96 8.96 -8.95 33.51
CA ALA D 96 10.34 -9.26 33.96
C ALA D 96 11.38 -8.87 32.91
N THR D 97 12.01 -9.83 32.23
CA THR D 97 13.03 -9.51 31.27
C THR D 97 12.51 -8.64 30.13
N TRP D 98 11.28 -8.95 29.66
CA TRP D 98 10.62 -8.09 28.69
C TRP D 98 9.25 -7.66 29.20
N LYS D 99 8.99 -6.38 29.03
CA LYS D 99 7.63 -5.83 29.07
C LYS D 99 7.62 -4.83 27.93
N ASN D 100 6.83 -5.13 26.89
CA ASN D 100 6.83 -4.33 25.67
C ASN D 100 8.26 -4.09 25.15
N ASN D 101 9.02 -5.18 25.01
CA ASN D 101 10.38 -5.18 24.48
C ASN D 101 11.49 -4.73 25.45
N ALA D 102 11.11 -4.14 26.59
CA ALA D 102 12.04 -3.43 27.48
C ALA D 102 12.08 -4.01 28.89
N PRO D 103 13.13 -3.64 29.65
CA PRO D 103 13.32 -4.14 31.02
C PRO D 103 12.88 -3.19 32.14
N HIS D 104 11.90 -2.33 31.88
CA HIS D 104 11.51 -1.33 32.88
C HIS D 104 10.98 -1.94 34.17
N TYR D 105 10.42 -3.14 34.11
CA TYR D 105 9.88 -3.81 35.31
C TYR D 105 10.87 -4.79 35.96
N ALA D 106 12.05 -4.94 35.38
CA ALA D 106 13.12 -5.64 36.07
C ALA D 106 13.63 -4.74 37.24
N PRO D 107 14.10 -5.36 38.34
CA PRO D 107 14.71 -4.61 39.44
C PRO D 107 15.81 -3.67 38.99
N ALA D 108 16.05 -2.60 39.76
CA ALA D 108 17.10 -1.65 39.44
C ALA D 108 18.46 -2.34 39.27
N TRP D 109 18.73 -3.31 40.13
CA TRP D 109 20.01 -4.05 40.10
C TRP D 109 20.15 -4.90 38.84
N VAL D 110 19.03 -5.11 38.11
CA VAL D 110 19.12 -5.73 36.82
C VAL D 110 19.21 -4.67 35.71
N LYS D 111 18.21 -3.80 35.63
CA LYS D 111 18.09 -2.94 34.45
C LYS D 111 19.15 -1.86 34.39
N LEU D 112 19.83 -1.60 35.50
CA LEU D 112 20.89 -0.61 35.47
C LEU D 112 22.30 -1.24 35.36
N ASP D 113 22.37 -2.57 35.24
CA ASP D 113 23.68 -3.27 35.16
C ASP D 113 23.84 -4.02 33.83
N ASN D 114 24.20 -3.27 32.81
CA ASN D 114 24.27 -3.79 31.46
C ASN D 114 25.40 -4.78 31.26
N ALA D 115 26.46 -4.64 32.06
CA ALA D 115 27.60 -5.56 32.00
C ALA D 115 27.16 -6.97 32.35
N ARG D 116 26.41 -7.09 33.42
CA ARG D 116 25.93 -8.38 33.88
C ARG D 116 24.72 -8.87 33.06
N PHE D 117 23.87 -7.94 32.67
CA PHE D 117 22.59 -8.25 32.00
C PHE D 117 22.49 -7.43 30.71
N PRO D 118 23.03 -7.95 29.62
CA PRO D 118 23.30 -7.11 28.45
C PRO D 118 22.13 -6.88 27.52
N ARG D 119 22.15 -5.69 26.92
CA ARG D 119 21.21 -5.26 25.94
C ARG D 119 21.57 -5.68 24.53
N VAL D 120 20.54 -5.75 23.72
CA VAL D 120 20.67 -5.86 22.29
C VAL D 120 21.53 -4.73 21.75
N VAL D 121 22.47 -5.11 20.87
CA VAL D 121 23.35 -4.20 20.18
C VAL D 121 22.97 -4.22 18.71
N LYS D 122 22.74 -3.05 18.17
CA LYS D 122 22.44 -2.90 16.76
C LYS D 122 23.66 -3.17 15.87
N GLU D 123 23.41 -3.35 14.59
CA GLU D 123 24.45 -3.67 13.63
C GLU D 123 25.47 -2.53 13.57
N ASP D 124 24.99 -1.30 13.72
CA ASP D 124 25.85 -0.11 13.71
C ASP D 124 26.58 0.14 15.03
N GLY D 125 26.43 -0.78 15.99
CA GLY D 125 27.11 -0.64 17.27
C GLY D 125 26.32 0.06 18.37
N ASP D 126 25.26 0.80 18.04
CA ASP D 126 24.43 1.43 19.09
C ASP D 126 23.66 0.38 19.90
N THR D 127 23.29 0.75 21.12
CA THR D 127 22.60 -0.15 22.03
C THR D 127 21.13 0.25 22.16
N LEU D 128 20.25 -0.75 22.23
CA LEU D 128 18.83 -0.52 22.45
C LEU D 128 18.45 -0.95 23.87
N ASN D 129 17.40 -0.36 24.41
CA ASN D 129 16.94 -0.73 25.75
C ASN D 129 15.99 -1.96 25.68
N SER D 130 16.58 -3.09 25.31
CA SER D 130 15.91 -4.34 25.16
C SER D 130 16.95 -5.40 25.52
N LEU D 131 16.66 -6.23 26.51
CA LEU D 131 17.67 -7.17 26.97
C LEU D 131 17.85 -8.33 25.99
N SER D 132 19.10 -8.71 25.76
CA SER D 132 19.39 -9.80 24.83
C SER D 132 18.97 -11.14 25.38
N PRO D 133 18.28 -11.96 24.57
CA PRO D 133 17.94 -13.31 25.00
C PRO D 133 19.14 -14.24 25.13
N LEU D 134 20.31 -13.82 24.66
CA LEU D 134 21.55 -14.58 24.88
C LEU D 134 22.31 -14.25 26.20
N GLY D 135 21.76 -13.33 27.00
CA GLY D 135 22.37 -13.00 28.27
C GLY D 135 22.08 -14.10 29.26
N GLN D 136 23.10 -14.93 29.54
CA GLN D 136 22.91 -16.08 30.41
C GLN D 136 22.66 -15.70 31.84
N ASN D 137 23.24 -14.59 32.30
CA ASN D 137 22.99 -14.16 33.68
C ASN D 137 21.53 -13.68 33.81
N THR D 138 21.04 -13.02 32.77
CA THR D 138 19.65 -12.51 32.77
C THR D 138 18.64 -13.66 32.88
N LEU D 139 18.85 -14.70 32.08
CA LEU D 139 18.00 -15.88 32.11
C LEU D 139 18.00 -16.51 33.46
N ALA D 140 19.19 -16.71 34.05
CA ALA D 140 19.26 -17.37 35.37
C ALA D 140 18.56 -16.54 36.44
N ALA D 141 18.68 -15.23 36.37
CA ALA D 141 18.09 -14.36 37.38
C ALA D 141 16.53 -14.35 37.26
N ASP D 142 16.03 -14.20 36.04
CA ASP D 142 14.57 -14.18 35.76
C ASP D 142 13.99 -15.49 36.25
N LYS D 143 14.56 -16.59 35.78
CA LYS D 143 14.18 -17.92 36.18
C LYS D 143 14.12 -18.08 37.69
N LYS D 144 15.16 -17.63 38.39
CA LYS D 144 15.20 -17.78 39.86
C LYS D 144 14.05 -17.03 40.54
N ALA D 145 13.77 -15.83 40.08
CA ALA D 145 12.69 -15.05 40.66
C ALA D 145 11.31 -15.65 40.30
N PHE D 146 11.15 -16.08 39.06
CA PHE D 146 9.92 -16.72 38.61
C PHE D 146 9.65 -17.97 39.43
N VAL D 147 10.71 -18.73 39.68
CA VAL D 147 10.58 -19.92 40.53
C VAL D 147 10.07 -19.56 41.90
N GLU D 148 10.60 -18.50 42.49
CA GLU D 148 10.14 -18.07 43.80
C GLU D 148 8.65 -17.70 43.77
N LEU D 149 8.22 -17.09 42.69
CA LEU D 149 6.81 -16.74 42.57
C LEU D 149 5.95 -18.00 42.54
N MET D 150 6.37 -18.95 41.74
CA MET D 150 5.64 -20.21 41.60
C MET D 150 5.66 -21.00 42.90
N LYS D 151 6.76 -20.91 43.67
CA LYS D 151 6.79 -21.50 45.03
C LYS D 151 5.76 -20.88 45.93
N TYR D 152 5.61 -19.56 45.83
CA TYR D 152 4.65 -18.87 46.65
C TYR D 152 3.23 -19.38 46.33
N LEU D 153 2.93 -19.52 45.05
CA LEU D 153 1.63 -20.08 44.65
C LEU D 153 1.46 -21.56 45.06
N ALA D 154 2.52 -22.36 44.93
CA ALA D 154 2.45 -23.78 45.39
C ALA D 154 2.07 -23.87 46.88
N LYS D 155 2.63 -22.98 47.69
CA LYS D 155 2.42 -23.02 49.12
C LYS D 155 1.19 -22.26 49.58
N ARG D 156 0.80 -21.19 48.86
CA ARG D 156 -0.26 -20.32 49.33
C ARG D 156 -1.53 -20.25 48.46
N ASP D 157 -1.60 -21.06 47.41
CA ASP D 157 -2.75 -21.04 46.50
C ASP D 157 -3.16 -22.42 46.05
N LYS D 158 -3.41 -23.27 47.05
CA LYS D 158 -3.73 -24.68 46.80
C LYS D 158 -5.06 -24.92 46.11
N ASP D 159 -5.98 -23.96 46.18
CA ASP D 159 -7.25 -24.08 45.45
C ASP D 159 -7.18 -23.38 44.05
N HIS D 160 -6.01 -22.92 43.69
CA HIS D 160 -5.75 -22.41 42.33
C HIS D 160 -6.62 -21.18 41.99
N THR D 161 -6.62 -20.20 42.87
CA THR D 161 -7.24 -18.91 42.58
C THR D 161 -6.59 -18.33 41.31
N VAL D 162 -5.27 -18.48 41.23
CA VAL D 162 -4.52 -18.25 39.99
C VAL D 162 -4.61 -19.46 39.07
N ILE D 163 -5.17 -19.26 37.88
CA ILE D 163 -5.43 -20.37 36.95
C ILE D 163 -4.45 -20.46 35.79
N MET D 164 -3.69 -19.39 35.56
CA MET D 164 -2.75 -19.32 34.45
C MET D 164 -1.76 -18.17 34.68
N VAL D 165 -0.57 -18.30 34.13
CA VAL D 165 0.46 -17.30 34.23
C VAL D 165 0.96 -16.92 32.83
N GLN D 166 1.03 -15.63 32.58
CA GLN D 166 1.68 -15.09 31.38
C GLN D 166 3.17 -14.87 31.68
N VAL D 167 4.03 -15.48 30.88
CA VAL D 167 5.48 -15.39 31.05
C VAL D 167 6.04 -14.27 30.17
N GLN D 168 6.55 -13.21 30.81
CA GLN D 168 6.91 -11.94 30.17
C GLN D 168 5.66 -11.24 29.63
N ASN D 169 5.86 -10.08 28.99
CA ASN D 169 4.77 -9.39 28.37
C ASN D 169 5.28 -8.73 27.09
N GLU D 170 4.71 -9.14 25.98
CA GLU D 170 5.12 -8.65 24.65
C GLU D 170 6.66 -8.59 24.50
N VAL D 171 7.25 -9.76 24.40
CA VAL D 171 8.66 -9.91 24.16
C VAL D 171 9.04 -9.40 22.77
N GLY D 172 10.34 -9.16 22.60
CA GLY D 172 10.88 -8.80 21.29
C GLY D 172 11.72 -7.56 21.36
N THR D 173 12.01 -6.99 20.18
CA THR D 173 12.84 -5.79 20.09
C THR D 173 12.34 -4.85 19.03
N TYR D 174 12.15 -3.59 19.40
CA TYR D 174 11.90 -2.52 18.45
C TYR D 174 13.22 -1.87 18.08
N GLY D 175 13.39 -1.51 16.80
CA GLY D 175 14.56 -0.74 16.35
C GLY D 175 15.70 -1.59 15.79
N ALA D 176 15.61 -2.90 15.93
CA ALA D 176 16.54 -3.86 15.33
C ALA D 176 15.86 -5.20 15.18
N VAL D 177 16.43 -6.06 14.35
CA VAL D 177 15.84 -7.37 14.08
C VAL D 177 16.29 -8.41 15.12
N ARG D 178 17.52 -8.26 15.61
CA ARG D 178 18.12 -9.18 16.57
C ARG D 178 19.28 -8.50 17.30
N ASP D 179 19.91 -9.22 18.21
CA ASP D 179 21.14 -8.80 18.87
C ASP D 179 22.29 -9.09 17.90
N TYR D 180 23.10 -8.06 17.67
CA TYR D 180 24.27 -8.15 16.80
C TYR D 180 25.54 -8.00 17.59
N SER D 181 25.46 -8.15 18.91
CA SER D 181 26.64 -8.11 19.74
C SER D 181 27.60 -9.25 19.35
N PRO D 182 28.88 -9.11 19.73
CA PRO D 182 29.84 -10.20 19.49
C PRO D 182 29.36 -11.54 20.06
N MET D 183 28.82 -11.51 21.28
CA MET D 183 28.25 -12.71 21.89
C MET D 183 27.14 -13.34 21.03
N ALA D 184 26.24 -12.52 20.49
CA ALA D 184 25.15 -13.04 19.66
C ALA D 184 25.65 -13.51 18.30
N GLN D 185 26.55 -12.72 17.74
CA GLN D 185 27.14 -13.02 16.43
C GLN D 185 27.80 -14.40 16.43
N ALA D 186 28.46 -14.75 17.53
CA ALA D 186 29.12 -16.06 17.64
C ALA D 186 28.11 -17.18 17.54
N VAL D 187 26.92 -16.96 18.08
CA VAL D 187 25.88 -18.01 18.04
C VAL D 187 25.24 -18.03 16.66
N PHE D 188 25.01 -16.85 16.08
CA PHE D 188 24.40 -16.73 14.77
C PHE D 188 25.27 -17.38 13.70
N ASN D 189 26.58 -17.23 13.85
CA ASN D 189 27.55 -17.82 12.92
C ASN D 189 27.68 -19.31 13.05
N ALA D 190 27.33 -19.84 14.22
CA ALA D 190 27.38 -21.28 14.47
C ALA D 190 26.20 -22.03 13.83
N ALA D 191 26.22 -23.35 13.99
CA ALA D 191 25.18 -24.21 13.46
C ALA D 191 23.84 -23.92 14.12
N VAL D 192 22.78 -23.98 13.33
CA VAL D 192 21.43 -24.00 13.86
C VAL D 192 21.31 -25.26 14.70
N PRO D 193 20.75 -25.15 15.91
CA PRO D 193 20.61 -26.36 16.73
C PRO D 193 19.83 -27.49 16.06
N ASP D 194 20.31 -28.71 16.29
CA ASP D 194 19.80 -29.92 15.63
C ASP D 194 18.28 -30.07 15.82
N ASP D 195 17.82 -29.89 17.06
CA ASP D 195 16.40 -30.06 17.40
C ASP D 195 15.48 -29.21 16.52
N LEU D 196 15.86 -27.97 16.29
CA LEU D 196 15.07 -27.08 15.45
C LEU D 196 15.11 -27.57 13.99
N ILE D 197 16.30 -27.98 13.55
CA ILE D 197 16.46 -28.52 12.20
C ILE D 197 15.57 -29.74 11.99
N GLN D 198 15.57 -30.67 12.96
CA GLN D 198 14.75 -31.88 12.87
C GLN D 198 13.26 -31.54 12.86
N LYS D 199 12.83 -30.69 13.79
CA LYS D 199 11.41 -30.34 13.90
C LYS D 199 10.88 -29.65 12.65
N LEU D 200 11.68 -28.77 12.03
CA LEU D 200 11.23 -28.15 10.77
C LEU D 200 11.55 -28.95 9.51
N GLN D 201 12.20 -30.10 9.65
CA GLN D 201 12.52 -30.97 8.48
C GLN D 201 13.34 -30.20 7.45
N LEU D 202 14.41 -29.60 7.93
CA LEU D 202 15.29 -28.77 7.11
C LEU D 202 16.68 -29.42 6.98
N LYS D 203 17.49 -28.91 6.05
CA LYS D 203 18.90 -29.35 5.89
C LYS D 203 19.79 -28.57 6.89
N PRO D 204 20.70 -29.28 7.60
CA PRO D 204 21.60 -28.63 8.56
C PRO D 204 22.41 -27.50 7.95
N GLY D 205 22.86 -26.61 8.82
CA GLY D 205 23.61 -25.44 8.42
C GLY D 205 23.67 -24.39 9.52
N THR D 206 24.33 -23.28 9.19
CA THR D 206 24.36 -22.10 10.04
C THR D 206 23.07 -21.32 9.78
N TRP D 207 22.82 -20.32 10.62
CA TRP D 207 21.58 -19.58 10.53
C TRP D 207 21.39 -18.96 9.15
N SER D 208 22.43 -18.31 8.63
CA SER D 208 22.32 -17.64 7.32
C SER D 208 22.09 -18.65 6.21
N GLN D 209 22.75 -19.79 6.31
CA GLN D 209 22.63 -20.82 5.30
C GLN D 209 21.28 -21.44 5.30
N VAL D 210 20.74 -21.78 6.47
CA VAL D 210 19.45 -22.46 6.46
C VAL D 210 18.26 -21.53 6.25
N PHE D 211 18.32 -20.28 6.75
CA PHE D 211 17.15 -19.40 6.68
C PHE D 211 17.24 -18.20 5.74
N GLY D 212 18.43 -17.93 5.21
CA GLY D 212 18.58 -16.87 4.21
C GLY D 212 18.10 -15.51 4.70
N ARG D 213 17.23 -14.89 3.91
CA ARG D 213 16.68 -13.57 4.19
C ARG D 213 15.95 -13.48 5.56
N ASP D 214 15.45 -14.59 6.09
CA ASP D 214 14.76 -14.62 7.39
C ASP D 214 15.68 -14.98 8.57
N ALA D 215 16.99 -15.12 8.34
CA ALA D 215 17.87 -15.62 9.39
C ALA D 215 17.90 -14.73 10.65
N ASP D 216 17.97 -13.43 10.46
CA ASP D 216 18.08 -12.50 11.58
C ASP D 216 16.83 -12.57 12.47
N GLU D 217 15.67 -12.49 11.85
CA GLU D 217 14.37 -12.50 12.58
C GLU D 217 14.09 -13.84 13.22
N PHE D 218 14.32 -14.92 12.46
CA PHE D 218 14.10 -16.26 12.98
C PHE D 218 15.06 -16.59 14.12
N PHE D 219 16.30 -16.11 14.03
CA PHE D 219 17.27 -16.24 15.12
C PHE D 219 16.78 -15.57 16.42
N HIS D 220 16.32 -14.33 16.31
CA HIS D 220 15.84 -13.61 17.50
C HIS D 220 14.64 -14.32 18.12
N ALA D 221 13.69 -14.71 17.28
CA ALA D 221 12.53 -15.45 17.72
C ALA D 221 12.92 -16.72 18.44
N TYR D 222 13.86 -17.48 17.85
CA TYR D 222 14.29 -18.74 18.45
C TYR D 222 14.92 -18.51 19.81
N GLN D 223 15.83 -17.54 19.90
CA GLN D 223 16.51 -17.30 21.17
C GLN D 223 15.54 -16.81 22.25
N ILE D 224 14.59 -15.96 21.86
CA ILE D 224 13.62 -15.49 22.85
C ILE D 224 12.71 -16.64 23.28
N ALA D 225 12.28 -17.43 22.30
CA ALA D 225 11.42 -18.58 22.57
C ALA D 225 12.09 -19.56 23.54
N ARG D 226 13.36 -19.87 23.28
CA ARG D 226 14.12 -20.73 24.23
C ARG D 226 14.21 -20.13 25.62
N TYR D 227 14.49 -18.84 25.68
CA TYR D 227 14.56 -18.15 26.97
C TYR D 227 13.24 -18.31 27.71
N CYS D 228 12.14 -17.99 27.04
CA CYS D 228 10.83 -18.08 27.67
C CYS D 228 10.45 -19.51 28.00
N ASP D 229 10.87 -20.46 27.18
CA ASP D 229 10.59 -21.87 27.46
C ASP D 229 11.32 -22.33 28.73
N GLU D 230 12.57 -21.91 28.89
CA GLU D 230 13.35 -22.29 30.07
C GLU D 230 12.75 -21.72 31.36
N VAL D 231 12.32 -20.46 31.31
CA VAL D 231 11.65 -19.87 32.44
C VAL D 231 10.39 -20.66 32.76
N THR D 232 9.60 -20.91 31.73
CA THR D 232 8.33 -21.67 31.88
C THR D 232 8.56 -23.03 32.50
N VAL D 233 9.53 -23.78 31.99
CA VAL D 233 9.81 -25.13 32.52
C VAL D 233 10.16 -25.08 34.01
N ALA D 234 11.01 -24.14 34.38
CA ALA D 234 11.47 -24.03 35.75
C ALA D 234 10.30 -23.71 36.66
N GLY D 235 9.42 -22.81 36.23
CA GLY D 235 8.25 -22.50 37.03
C GLY D 235 7.27 -23.66 37.12
N LYS D 236 7.01 -24.32 36.00
CA LYS D 236 6.08 -25.46 35.96
CA LYS D 236 6.09 -25.46 35.97
C LYS D 236 6.57 -26.64 36.81
N ALA D 237 7.88 -26.79 36.92
CA ALA D 237 8.44 -27.83 37.81
C ALA D 237 8.01 -27.60 39.25
N ILE D 238 7.73 -26.34 39.63
CA ILE D 238 7.25 -26.03 40.97
C ILE D 238 5.75 -26.22 41.04
N LYS D 239 5.02 -25.61 40.11
CA LYS D 239 3.58 -25.80 40.02
C LYS D 239 3.18 -25.73 38.58
N ASN D 240 2.57 -26.81 38.09
CA ASN D 240 2.37 -27.00 36.68
C ASN D 240 1.08 -26.33 36.17
N LEU D 241 1.02 -25.01 36.35
CA LEU D 241 -0.09 -24.23 35.83
C LEU D 241 0.11 -24.01 34.34
N PRO D 242 -0.98 -23.85 33.60
CA PRO D 242 -0.86 -23.40 32.20
C PRO D 242 -0.12 -22.07 32.12
N MET D 243 0.70 -21.89 31.10
CA MET D 243 1.43 -20.66 30.94
C MET D 243 1.46 -20.31 29.46
N TYR D 244 1.54 -19.02 29.20
CA TYR D 244 1.45 -18.54 27.82
C TYR D 244 2.25 -17.27 27.63
N VAL D 245 2.46 -16.90 26.36
CA VAL D 245 3.05 -15.63 26.00
C VAL D 245 2.06 -14.82 25.15
N ASN D 246 2.15 -13.50 25.28
CA ASN D 246 1.28 -12.58 24.56
C ASN D 246 2.03 -11.73 23.54
N VAL D 247 1.41 -11.53 22.39
CA VAL D 247 2.14 -11.00 21.23
C VAL D 247 1.75 -9.57 20.89
N ALA D 248 2.77 -8.74 20.78
CA ALA D 248 2.67 -7.45 20.10
C ALA D 248 2.59 -7.75 18.63
N LEU D 249 1.38 -7.66 18.10
CA LEU D 249 1.09 -8.15 16.75
C LEU D 249 1.68 -7.28 15.66
N ARG D 250 2.12 -7.91 14.59
CA ARG D 250 2.35 -7.19 13.34
C ARG D 250 1.04 -7.22 12.56
N ASN D 251 0.83 -6.23 11.71
CA ASN D 251 -0.34 -6.20 10.86
C ASN D 251 -0.25 -7.36 9.90
N PRO D 252 -1.23 -8.29 9.95
CA PRO D 252 -1.12 -9.47 9.14
C PRO D 252 -1.23 -9.23 7.61
N PHE D 253 -1.87 -8.15 7.19
CA PHE D 253 -1.96 -7.78 5.77
C PHE D 253 -0.83 -6.87 5.25
N ASN D 254 -0.17 -6.12 6.15
CA ASN D 254 0.79 -5.11 5.78
C ASN D 254 1.74 -4.92 6.96
N PRO D 255 2.59 -5.92 7.24
CA PRO D 255 3.34 -5.94 8.48
C PRO D 255 4.47 -4.93 8.59
N GLY D 256 5.04 -4.51 7.46
CA GLY D 256 6.29 -3.76 7.51
C GLY D 256 7.42 -4.69 7.91
N LEU D 257 8.52 -4.11 8.40
CA LEU D 257 9.74 -4.89 8.64
C LEU D 257 9.89 -5.21 10.13
N PRO D 258 10.51 -6.35 10.46
CA PRO D 258 10.83 -6.63 11.87
C PRO D 258 11.74 -5.56 12.44
N GLY D 259 11.45 -5.10 13.66
CA GLY D 259 12.07 -3.89 14.21
C GLY D 259 11.14 -2.70 14.18
N GLN D 260 10.37 -2.55 13.10
CA GLN D 260 9.26 -1.64 13.13
C GLN D 260 8.19 -2.25 14.00
N TYR D 261 7.82 -3.50 13.71
CA TYR D 261 7.06 -4.28 14.70
C TYR D 261 8.05 -4.94 15.63
N SER D 262 7.54 -5.54 16.70
CA SER D 262 8.40 -6.09 17.71
C SER D 262 9.01 -7.40 17.23
N SER D 263 10.27 -7.34 16.81
CA SER D 263 10.93 -8.52 16.23
C SER D 263 11.18 -9.58 17.29
N GLY D 264 10.88 -10.83 16.95
CA GLY D 264 11.21 -11.95 17.81
C GLY D 264 10.07 -12.45 18.66
N GLY D 265 9.03 -11.64 18.86
CA GLY D 265 7.83 -12.13 19.51
C GLY D 265 7.08 -13.08 18.58
N GLY D 266 5.99 -13.66 19.07
CA GLY D 266 5.25 -14.70 18.32
C GLY D 266 4.36 -14.15 17.21
N THR D 267 4.97 -13.36 16.30
CA THR D 267 4.22 -12.84 15.17
C THR D 267 3.89 -13.97 14.20
N ASP D 268 2.95 -13.71 13.30
CA ASP D 268 2.34 -14.81 12.51
C ASP D 268 3.34 -15.56 11.62
N ASN D 269 4.41 -14.88 11.21
CA ASN D 269 5.48 -15.49 10.39
C ASN D 269 6.51 -16.32 11.15
N VAL D 270 6.50 -16.26 12.49
CA VAL D 270 7.42 -17.05 13.28
C VAL D 270 6.74 -17.99 14.26
N LEU D 271 5.46 -18.23 14.10
CA LEU D 271 4.78 -19.19 14.97
C LEU D 271 5.38 -20.58 14.89
N HIS D 272 5.80 -20.98 13.68
CA HIS D 272 6.47 -22.28 13.53
C HIS D 272 7.78 -22.37 14.30
N ILE D 273 8.54 -21.27 14.35
CA ILE D 273 9.78 -21.23 15.14
C ILE D 273 9.43 -21.35 16.63
N TRP D 274 8.47 -20.52 17.08
CA TRP D 274 8.05 -20.53 18.48
C TRP D 274 7.51 -21.88 18.93
N LYS D 275 6.70 -22.52 18.09
CA LYS D 275 6.17 -23.85 18.45
C LYS D 275 7.30 -24.93 18.54
N ALA D 276 8.26 -24.87 17.65
CA ALA D 276 9.38 -25.85 17.63
C ALA D 276 10.32 -25.58 18.82
N ALA D 277 10.56 -24.30 19.11
CA ALA D 277 11.53 -23.93 20.14
C ALA D 277 11.00 -24.01 21.56
N ALA D 278 9.71 -23.84 21.76
CA ALA D 278 9.15 -23.68 23.10
C ALA D 278 7.97 -24.62 23.31
N PRO D 279 8.25 -25.94 23.32
CA PRO D 279 7.19 -26.91 23.50
C PRO D 279 6.51 -26.89 24.86
N ASN D 280 7.09 -26.22 25.84
CA ASN D 280 6.48 -26.17 27.15
C ASN D 280 5.54 -24.96 27.38
N ILE D 281 5.54 -24.02 26.44
CA ILE D 281 4.62 -22.88 26.53
C ILE D 281 3.28 -23.34 25.93
N ASP D 282 2.20 -23.22 26.69
CA ASP D 282 0.92 -23.81 26.30
C ASP D 282 0.29 -23.16 25.08
N LEU D 283 0.33 -21.83 24.99
CA LEU D 283 -0.24 -21.16 23.84
C LEU D 283 0.40 -19.80 23.63
N ILE D 284 0.20 -19.29 22.43
CA ILE D 284 0.69 -17.99 22.00
C ILE D 284 -0.55 -17.13 21.71
N ALA D 285 -0.71 -16.05 22.48
CA ALA D 285 -1.94 -15.28 22.54
C ALA D 285 -1.79 -13.92 21.87
N PRO D 286 -2.73 -13.55 20.99
CA PRO D 286 -2.66 -12.25 20.37
C PRO D 286 -3.16 -11.13 21.28
N ASP D 287 -2.46 -10.00 21.24
CA ASP D 287 -2.94 -8.76 21.85
C ASP D 287 -3.53 -7.90 20.75
N ILE D 288 -4.83 -7.72 20.78
CA ILE D 288 -5.54 -7.14 19.64
C ILE D 288 -5.99 -5.68 19.84
N TYR D 289 -5.36 -4.78 19.08
CA TYR D 289 -5.73 -3.36 19.15
C TYR D 289 -6.13 -2.81 17.77
N PHE D 290 -6.12 -3.65 16.74
CA PHE D 290 -6.70 -3.28 15.43
C PHE D 290 -8.21 -3.17 15.63
N ARG D 291 -8.80 -2.08 15.17
CA ARG D 291 -10.25 -1.83 15.40
C ARG D 291 -11.17 -2.48 14.34
N ASP D 292 -10.61 -2.60 13.11
CA ASP D 292 -11.40 -2.97 11.94
C ASP D 292 -11.64 -4.45 11.85
N TYR D 293 -12.88 -4.79 11.51
CA TYR D 293 -13.32 -6.18 11.41
C TYR D 293 -12.44 -7.10 10.59
N LYS D 294 -12.01 -6.66 9.40
CA LYS D 294 -11.22 -7.53 8.55
C LYS D 294 -9.86 -7.93 9.14
N THR D 295 -9.17 -6.99 9.75
CA THR D 295 -7.87 -7.25 10.36
C THR D 295 -8.03 -8.11 11.63
N VAL D 296 -8.97 -7.76 12.47
CA VAL D 296 -9.24 -8.55 13.69
C VAL D 296 -9.60 -10.00 13.29
N SER D 297 -10.51 -10.17 12.33
CA SER D 297 -10.89 -11.51 11.88
C SER D 297 -9.67 -12.29 11.41
N LYS D 298 -8.76 -11.64 10.68
CA LYS D 298 -7.58 -12.29 10.17
C LYS D 298 -6.65 -12.74 11.30
N VAL D 299 -6.52 -11.90 12.33
CA VAL D 299 -5.70 -12.26 13.48
C VAL D 299 -6.29 -13.47 14.19
N LEU D 300 -7.59 -13.47 14.39
CA LEU D 300 -8.26 -14.63 15.02
C LEU D 300 -8.02 -15.90 14.22
N GLU D 301 -8.03 -15.78 12.90
CA GLU D 301 -7.82 -16.93 12.04
C GLU D 301 -6.41 -17.44 12.19
N LEU D 302 -5.43 -16.54 12.18
CA LEU D 302 -4.05 -16.94 12.23
C LEU D 302 -3.64 -17.58 13.55
N TYR D 303 -4.25 -17.13 14.63
CA TYR D 303 -3.83 -17.60 15.95
C TYR D 303 -4.64 -18.80 16.44
N THR D 304 -5.70 -19.15 15.73
CA THR D 304 -6.50 -20.34 16.06
C THR D 304 -5.98 -21.48 15.18
N ARG D 305 -5.26 -22.42 15.79
CA ARG D 305 -4.58 -23.51 15.05
C ARG D 305 -4.74 -24.80 15.80
N PRO D 306 -4.53 -25.95 15.11
CA PRO D 306 -4.62 -27.18 15.83
C PRO D 306 -3.63 -27.21 16.98
N ASP D 307 -2.48 -26.59 16.77
CA ASP D 307 -1.44 -26.56 17.80
C ASP D 307 -1.52 -25.33 18.72
N ASN D 308 -2.58 -24.54 18.62
CA ASN D 308 -2.67 -23.27 19.38
C ASN D 308 -4.08 -22.91 19.73
N ALA D 309 -4.41 -23.05 21.02
CA ALA D 309 -5.68 -22.56 21.54
C ALA D 309 -5.71 -21.05 21.42
N LEU D 310 -6.90 -20.51 21.16
CA LEU D 310 -7.12 -19.08 21.02
C LEU D 310 -7.47 -18.44 22.33
N PHE D 311 -6.60 -17.53 22.78
CA PHE D 311 -6.87 -16.70 23.94
C PHE D 311 -6.58 -15.28 23.56
N VAL D 312 -7.59 -14.43 23.60
CA VAL D 312 -7.40 -13.00 23.30
C VAL D 312 -6.95 -12.40 24.63
N ALA D 313 -5.63 -12.38 24.83
CA ALA D 313 -5.02 -12.03 26.11
C ALA D 313 -5.15 -10.56 26.43
N GLU D 314 -5.22 -9.71 25.39
CA GLU D 314 -5.54 -8.33 25.54
C GLU D 314 -6.38 -7.92 24.35
N ILE D 315 -7.31 -7.03 24.59
CA ILE D 315 -8.03 -6.37 23.49
C ILE D 315 -8.37 -4.96 23.96
N GLY D 316 -8.47 -4.02 23.01
CA GLY D 316 -8.84 -2.67 23.34
C GLY D 316 -10.15 -2.57 24.07
N ASN D 317 -10.29 -1.54 24.91
CA ASN D 317 -11.51 -1.38 25.68
C ASN D 317 -12.52 -0.40 25.08
N ASP D 318 -12.28 0.08 23.88
CA ASP D 318 -13.24 0.94 23.24
C ASP D 318 -14.43 0.11 22.74
N GLN D 319 -15.57 0.77 22.58
CA GLN D 319 -16.82 0.12 22.21
C GLN D 319 -16.75 -0.88 21.06
N PRO D 320 -16.02 -0.57 19.97
CA PRO D 320 -16.04 -1.49 18.83
C PRO D 320 -15.48 -2.90 19.09
N PHE D 321 -14.69 -3.03 20.15
CA PHE D 321 -14.01 -4.27 20.43
C PHE D 321 -14.90 -5.30 21.11
N ALA D 322 -15.98 -4.86 21.72
CA ALA D 322 -16.82 -5.79 22.52
C ALA D 322 -17.36 -6.94 21.68
N ARG D 323 -17.75 -6.65 20.43
CA ARG D 323 -18.43 -7.62 19.59
C ARG D 323 -17.49 -8.75 19.17
N TYR D 324 -16.17 -8.54 19.29
CA TYR D 324 -15.21 -9.57 18.90
C TYR D 324 -15.19 -10.75 19.90
N LEU D 325 -15.87 -10.62 21.02
CA LEU D 325 -16.11 -11.75 21.90
C LEU D 325 -16.81 -12.89 21.12
N PHE D 326 -17.74 -12.54 20.21
CA PHE D 326 -18.52 -13.55 19.53
C PHE D 326 -17.70 -14.45 18.63
N PRO D 327 -16.96 -13.90 17.66
CA PRO D 327 -16.13 -14.79 16.87
C PRO D 327 -15.01 -15.48 17.67
N THR D 328 -14.51 -14.81 18.72
CA THR D 328 -13.47 -15.40 19.58
C THR D 328 -14.01 -16.74 20.15
N LEU D 329 -15.20 -16.69 20.70
CA LEU D 329 -15.83 -17.92 21.26
C LEU D 329 -16.21 -18.88 20.17
N GLY D 330 -16.66 -18.36 19.03
CA GLY D 330 -17.04 -19.18 17.87
C GLY D 330 -15.90 -19.98 17.31
N LYS D 331 -14.67 -19.50 17.46
CA LYS D 331 -13.52 -20.25 17.02
C LYS D 331 -13.06 -21.27 18.05
N GLY D 332 -13.78 -21.39 19.16
CA GLY D 332 -13.35 -22.25 20.25
C GLY D 332 -12.44 -21.57 21.27
N GLY D 333 -12.42 -20.24 21.26
CA GLY D 333 -11.52 -19.47 22.13
C GLY D 333 -11.80 -19.79 23.58
N ILE D 334 -10.74 -19.83 24.38
CA ILE D 334 -10.87 -20.13 25.81
C ILE D 334 -11.01 -18.87 26.65
N GLY D 335 -10.85 -17.70 26.02
CA GLY D 335 -10.99 -16.45 26.76
C GLY D 335 -10.78 -15.17 25.98
N PHE D 336 -11.02 -14.06 26.67
CA PHE D 336 -11.13 -12.74 26.10
C PHE D 336 -10.94 -11.74 27.24
N SER D 337 -9.97 -10.85 27.12
CA SER D 337 -9.58 -9.98 28.24
C SER D 337 -9.32 -8.51 27.82
N PRO D 338 -10.36 -7.68 27.87
CA PRO D 338 -10.19 -6.27 27.55
C PRO D 338 -9.19 -5.57 28.52
N PHE D 339 -8.32 -4.77 27.92
CA PHE D 339 -7.25 -4.09 28.61
C PHE D 339 -7.66 -2.74 29.18
N GLY D 340 -7.21 -2.48 30.41
CA GLY D 340 -7.35 -1.17 31.00
C GLY D 340 -8.68 -0.97 31.69
N MET D 341 -9.21 -2.04 32.31
CA MET D 341 -10.51 -1.96 32.98
C MET D 341 -10.32 -1.62 34.45
N ASP D 342 -9.81 -0.42 34.70
CA ASP D 342 -9.75 0.08 36.07
C ASP D 342 -9.85 1.59 36.06
N ASP D 343 -10.06 2.16 37.23
CA ASP D 343 -10.28 3.58 37.34
C ASP D 343 -9.07 4.30 37.93
N THR D 344 -7.89 4.01 37.39
CA THR D 344 -6.65 4.56 37.94
C THR D 344 -6.17 5.78 37.13
N ASP D 345 -7.10 6.45 36.46
CA ASP D 345 -6.85 7.75 35.83
C ASP D 345 -5.85 7.60 34.71
N TYR D 346 -6.14 6.67 33.80
CA TYR D 346 -5.35 6.49 32.62
C TYR D 346 -6.23 5.98 31.52
N THR D 347 -6.12 6.58 30.34
CA THR D 347 -6.75 6.04 29.16
C THR D 347 -5.65 5.89 28.12
N ASN D 348 -5.52 4.65 27.61
CA ASN D 348 -4.53 4.35 26.55
C ASN D 348 -4.99 4.75 25.17
N TYR D 349 -6.05 5.56 25.11
CA TYR D 349 -6.47 6.15 23.84
C TYR D 349 -5.23 6.78 23.18
N PRO D 350 -5.06 6.61 21.85
CA PRO D 350 -5.91 6.03 20.77
C PRO D 350 -6.12 4.51 20.70
N LEU D 351 -5.36 3.70 21.46
CA LEU D 351 -5.55 2.23 21.45
C LEU D 351 -6.88 1.75 22.04
N GLY D 352 -7.35 2.40 23.11
CA GLY D 352 -8.62 2.08 23.72
C GLY D 352 -9.58 3.26 23.76
N ALA D 353 -10.44 3.24 24.76
CA ALA D 353 -11.51 4.22 24.89
C ALA D 353 -10.95 5.60 25.24
N LYS D 354 -11.56 6.64 24.69
CA LYS D 354 -11.13 8.03 24.99
C LYS D 354 -11.41 8.37 26.46
N VAL D 355 -12.54 7.93 26.99
CA VAL D 355 -12.83 8.16 28.41
C VAL D 355 -13.17 6.83 29.10
N TYR D 356 -12.91 6.74 30.40
CA TYR D 356 -13.22 5.56 31.18
C TYR D 356 -14.31 5.85 32.17
N ASN D 357 -15.48 5.30 31.90
CA ASN D 357 -16.63 5.48 32.76
C ASN D 357 -17.54 4.23 32.70
N ASP D 358 -18.68 4.30 33.35
CA ASP D 358 -19.58 3.17 33.40
C ASP D 358 -20.03 2.71 32.03
N GLU D 359 -20.18 3.64 31.09
CA GLU D 359 -20.63 3.30 29.75
C GLU D 359 -19.56 2.48 29.02
N THR D 360 -18.28 2.82 29.20
CA THR D 360 -17.18 2.02 28.66
C THR D 360 -17.28 0.55 29.11
N ILE D 361 -17.51 0.37 30.40
CA ILE D 361 -17.62 -0.95 31.02
C ILE D 361 -18.88 -1.67 30.54
N GLU D 362 -19.97 -0.95 30.44
CA GLU D 362 -21.24 -1.54 30.05
C GLU D 362 -21.23 -2.18 28.66
N GLN D 363 -20.42 -1.66 27.72
CA GLN D 363 -20.38 -2.29 26.39
C GLN D 363 -19.91 -3.76 26.47
N PHE D 364 -18.99 -4.04 27.40
CA PHE D 364 -18.53 -5.40 27.66
C PHE D 364 -19.47 -6.14 28.60
N ALA D 365 -20.05 -5.47 29.58
CA ALA D 365 -21.00 -6.13 30.47
C ALA D 365 -22.18 -6.74 29.70
N GLN D 366 -22.63 -6.03 28.66
CA GLN D 366 -23.79 -6.49 27.88
C GLN D 366 -23.53 -7.76 27.10
N VAL D 367 -22.31 -7.92 26.62
CA VAL D 367 -21.96 -9.16 25.91
C VAL D 367 -21.58 -10.30 26.87
N TYR D 368 -20.90 -9.99 27.96
CA TYR D 368 -20.63 -11.00 29.01
C TYR D 368 -21.90 -11.57 29.62
N ARG D 369 -22.97 -10.76 29.71
CA ARG D 369 -24.26 -11.25 30.19
C ARG D 369 -24.90 -12.35 29.34
N LEU D 370 -24.53 -12.44 28.08
CA LEU D 370 -24.99 -13.55 27.22
C LEU D 370 -24.31 -14.87 27.52
N VAL D 371 -23.06 -14.80 27.99
CA VAL D 371 -22.25 -15.99 28.12
C VAL D 371 -22.22 -16.48 29.57
N ASN D 372 -22.14 -15.57 30.52
CA ASN D 372 -22.12 -15.93 31.94
C ASN D 372 -23.14 -16.99 32.36
N PRO D 373 -24.42 -16.83 31.97
CA PRO D 373 -25.40 -17.81 32.43
C PRO D 373 -25.23 -19.22 31.87
N MET D 374 -24.46 -19.37 30.79
CA MET D 374 -24.19 -20.69 30.20
C MET D 374 -22.69 -21.00 30.15
N MET D 375 -21.86 -20.37 30.99
CA MET D 375 -20.41 -20.40 30.74
C MET D 375 -19.86 -21.82 30.67
N ARG D 376 -20.17 -22.65 31.68
CA ARG D 376 -19.65 -24.01 31.71
C ARG D 376 -20.23 -24.85 30.58
N GLU D 377 -21.49 -24.65 30.26
CA GLU D 377 -22.11 -25.44 29.20
C GLU D 377 -21.53 -25.08 27.85
N TRP D 378 -21.39 -23.78 27.60
CA TRP D 378 -20.74 -23.32 26.38
C TRP D 378 -19.33 -23.86 26.26
N ALA D 379 -18.55 -23.77 27.34
CA ALA D 379 -17.18 -24.22 27.30
C ALA D 379 -17.07 -25.70 26.89
N ARG D 380 -17.91 -26.53 27.49
CA ARG D 380 -17.97 -27.96 27.12
C ARG D 380 -18.34 -28.17 25.67
N LEU D 381 -19.38 -27.48 25.20
CA LEU D 381 -19.83 -27.63 23.79
C LEU D 381 -18.79 -27.16 22.82
N SER D 382 -18.07 -26.11 23.20
CA SER D 382 -17.00 -25.62 22.35
C SER D 382 -15.88 -26.67 22.18
N TYR D 383 -15.52 -27.33 23.29
CA TYR D 383 -14.43 -28.31 23.29
C TYR D 383 -14.85 -29.62 22.60
N GLN D 384 -16.05 -30.06 22.89
CA GLN D 384 -16.52 -31.40 22.52
C GLN D 384 -17.45 -31.48 21.35
N GLY D 385 -17.93 -30.33 20.87
CA GLY D 385 -18.98 -30.31 19.85
C GLY D 385 -18.76 -29.23 18.83
N GLN D 386 -19.84 -28.71 18.31
CA GLN D 386 -19.74 -27.75 17.27
C GLN D 386 -20.33 -26.45 17.79
N VAL D 387 -19.54 -25.39 17.66
CA VAL D 387 -20.00 -24.03 17.95
C VAL D 387 -19.69 -23.10 16.78
N TRP D 388 -20.39 -21.98 16.76
CA TRP D 388 -20.14 -20.92 15.80
C TRP D 388 -20.32 -19.58 16.50
N GLY D 389 -19.74 -18.55 15.92
CA GLY D 389 -19.84 -17.22 16.48
C GLY D 389 -19.49 -16.19 15.41
N VAL D 390 -20.27 -15.11 15.33
CA VAL D 390 -20.06 -14.05 14.35
C VAL D 390 -20.27 -12.71 14.99
N ALA D 391 -19.62 -11.70 14.42
CA ALA D 391 -19.80 -10.32 14.80
C ALA D 391 -20.19 -9.49 13.54
N GLU D 392 -20.84 -8.38 13.80
CA GLU D 392 -21.28 -7.45 12.76
C GLU D 392 -20.09 -7.05 11.90
N PRO D 393 -20.13 -7.37 10.58
CA PRO D 393 -18.92 -7.36 9.78
C PRO D 393 -18.58 -6.02 9.12
N LEU D 394 -19.39 -4.99 9.33
CA LEU D 394 -19.05 -3.65 8.86
C LEU D 394 -18.76 -2.81 10.07
N ASP D 395 -17.67 -2.05 10.00
CA ASP D 395 -17.31 -1.10 11.05
C ASP D 395 -18.24 0.13 10.97
N SER D 396 -18.35 0.88 12.03
CA SER D 396 -19.24 2.04 12.05
C SER D 396 -18.88 2.97 10.90
N THR D 397 -19.90 3.55 10.29
CA THR D 397 -19.72 4.51 9.19
C THR D 397 -18.93 5.76 9.64
N THR D 398 -17.89 6.13 8.90
CA THR D 398 -17.10 7.33 9.20
C THR D 398 -17.86 8.63 8.91
N GLU D 399 -17.37 9.74 9.48
CA GLU D 399 -17.93 11.09 9.20
C GLU D 399 -17.72 11.43 7.72
N THR D 400 -16.52 11.12 7.20
CA THR D 400 -16.21 11.24 5.78
C THR D 400 -17.20 10.45 4.91
N GLN D 401 -17.54 9.23 5.32
CA GLN D 401 -18.52 8.42 4.60
C GLN D 401 -19.92 8.98 4.79
N LYS D 402 -20.20 9.57 5.96
CA LYS D 402 -21.51 10.20 6.21
C LYS D 402 -21.72 11.40 5.27
N ILE D 403 -20.69 12.23 5.11
CA ILE D 403 -20.73 13.36 4.16
C ILE D 403 -20.95 12.83 2.74
N TRP D 404 -20.07 11.94 2.28
CA TRP D 404 -20.20 11.33 0.94
C TRP D 404 -21.58 10.68 0.74
N ASN D 405 -22.08 9.97 1.76
CA ASN D 405 -23.44 9.38 1.74
C ASN D 405 -24.54 10.40 1.42
N ALA D 406 -24.50 11.53 2.11
CA ALA D 406 -25.50 12.61 1.94
C ALA D 406 -25.45 13.29 0.55
N GLU D 407 -24.25 13.55 0.04
CA GLU D 407 -24.06 14.19 -1.26
C GLU D 407 -24.42 13.30 -2.45
N ALA D 408 -24.84 12.06 -2.21
CA ALA D 408 -24.99 11.05 -3.29
C ALA D 408 -26.35 11.09 -3.95
N THR D 409 -26.38 10.73 -5.24
CA THR D 409 -27.59 10.62 -6.04
C THR D 409 -28.56 9.60 -5.49
N PRO D 410 -29.85 9.88 -5.65
CA PRO D 410 -30.83 8.92 -5.18
C PRO D 410 -30.65 7.46 -5.67
N GLU D 411 -30.19 7.27 -6.91
CA GLU D 411 -29.91 5.93 -7.43
C GLU D 411 -28.71 5.29 -6.71
N GLU D 412 -27.71 6.12 -6.41
CA GLU D 412 -26.49 5.68 -5.75
C GLU D 412 -26.74 5.35 -4.28
N LYS D 413 -27.58 6.15 -3.62
CA LYS D 413 -28.00 5.90 -2.25
C LYS D 413 -28.74 4.56 -2.12
N GLU D 414 -29.64 4.27 -3.05
CA GLU D 414 -30.35 2.98 -3.04
C GLU D 414 -29.42 1.81 -3.30
N GLN D 415 -28.46 2.01 -4.20
CA GLN D 415 -27.47 0.98 -4.47
C GLN D 415 -26.54 0.72 -3.26
N HIS D 416 -26.23 1.77 -2.54
CA HIS D 416 -25.35 1.68 -1.40
C HIS D 416 -26.02 0.91 -0.25
N LYS D 417 -27.30 1.20 -0.02
CA LYS D 417 -28.11 0.48 0.93
C LYS D 417 -28.17 -1.01 0.62
N LYS D 418 -28.35 -1.36 -0.66
CA LYS D 418 -28.35 -2.76 -1.10
C LYS D 418 -27.01 -3.44 -0.89
N ASP D 419 -25.94 -2.73 -1.20
CA ASP D 419 -24.59 -3.24 -0.97
C ASP D 419 -24.33 -3.50 0.54
N ARG D 420 -24.75 -2.58 1.38
CA ARG D 420 -24.57 -2.69 2.83
C ARG D 420 -25.41 -3.85 3.41
N ALA D 421 -26.67 -3.96 2.96
CA ALA D 421 -27.55 -5.05 3.40
C ALA D 421 -26.91 -6.39 3.14
N SER D 422 -26.36 -6.52 1.94
CA SER D 422 -25.71 -7.76 1.56
C SER D 422 -24.46 -8.05 2.42
N ALA D 423 -23.67 -7.00 2.68
CA ALA D 423 -22.48 -7.17 3.52
C ALA D 423 -22.86 -7.50 4.97
N LEU D 424 -24.04 -7.06 5.39
CA LEU D 424 -24.54 -7.26 6.75
C LEU D 424 -25.38 -8.53 6.92
N THR D 425 -25.16 -9.48 6.02
CA THR D 425 -25.88 -10.74 6.04
C THR D 425 -24.83 -11.86 6.04
N GLN D 426 -24.80 -12.69 7.08
CA GLN D 426 -23.83 -13.78 7.16
C GLN D 426 -24.50 -15.14 7.15
N GLN D 427 -23.85 -16.10 6.48
CA GLN D 427 -24.35 -17.49 6.40
C GLN D 427 -23.52 -18.39 7.27
N LEU D 428 -24.16 -19.27 8.00
CA LEU D 428 -23.49 -20.28 8.80
C LEU D 428 -24.09 -21.64 8.46
N ASP D 429 -23.21 -22.59 8.14
CA ASP D 429 -23.59 -23.96 7.78
C ASP D 429 -23.58 -24.81 9.02
N LEU D 430 -24.75 -25.19 9.51
CA LEU D 430 -24.88 -25.88 10.79
C LEU D 430 -25.19 -27.38 10.61
N GLY D 431 -24.87 -27.91 9.44
CA GLY D 431 -25.08 -29.35 9.13
C GLY D 431 -26.27 -29.52 8.23
N LEU D 432 -27.36 -30.02 8.78
CA LEU D 432 -28.66 -30.12 8.08
C LEU D 432 -29.38 -28.80 7.95
N TRP D 433 -28.99 -27.81 8.77
CA TRP D 433 -29.64 -26.48 8.82
C TRP D 433 -28.55 -25.42 8.66
N ASP D 434 -28.92 -24.30 8.05
CA ASP D 434 -28.08 -23.11 8.03
C ASP D 434 -28.75 -22.04 8.86
N ALA D 435 -27.95 -21.10 9.33
CA ALA D 435 -28.45 -19.88 9.92
C ALA D 435 -27.99 -18.69 9.11
N GLU D 436 -28.86 -17.69 9.00
CA GLU D 436 -28.52 -16.42 8.41
C GLU D 436 -28.60 -15.35 9.47
N VAL D 437 -27.52 -14.63 9.66
CA VAL D 437 -27.44 -13.61 10.66
C VAL D 437 -27.43 -12.25 9.98
N THR D 438 -28.33 -11.37 10.43
CA THR D 438 -28.41 -10.03 9.90
C THR D 438 -28.42 -8.99 11.04
N TYR D 439 -28.01 -7.78 10.73
CA TYR D 439 -27.80 -6.74 11.75
C TYR D 439 -28.51 -5.40 11.46
N GLY D 440 -29.25 -4.90 12.45
CA GLY D 440 -29.86 -3.56 12.42
C GLY D 440 -31.14 -3.53 11.58
N ARG D 441 -32.19 -4.17 12.10
CA ARG D 441 -33.50 -4.20 11.44
C ARG D 441 -34.61 -4.38 12.47
N PRO D 442 -35.86 -4.04 12.11
CA PRO D 442 -36.94 -4.23 13.05
C PRO D 442 -37.13 -5.70 13.40
N MET D 443 -37.91 -5.94 14.46
CA MET D 443 -38.18 -7.28 14.99
C MET D 443 -39.40 -7.95 14.30
N PHE D 444 -39.95 -7.26 13.30
CA PHE D 444 -41.19 -7.63 12.63
C PHE D 444 -41.01 -7.25 11.15
N TRP D 445 -41.54 -8.09 10.26
CA TRP D 445 -41.41 -7.92 8.81
C TRP D 445 -39.99 -8.13 8.33
N VAL D 446 -39.74 -7.79 7.07
CA VAL D 446 -38.53 -8.22 6.38
C VAL D 446 -37.73 -7.08 5.72
N THR D 447 -37.91 -5.85 6.22
CA THR D 447 -37.12 -4.74 5.70
C THR D 447 -35.61 -5.03 5.90
N PRO D 448 -34.80 -4.79 4.85
CA PRO D 448 -33.41 -5.21 4.88
C PRO D 448 -32.55 -4.56 5.99
N PRO D 449 -31.48 -5.27 6.44
CA PRO D 449 -30.59 -4.76 7.48
C PRO D 449 -29.78 -3.50 7.07
N GLU D 450 -29.72 -2.54 7.98
CA GLU D 450 -28.93 -1.32 7.79
C GLU D 450 -27.80 -1.16 8.82
N GLY D 451 -27.64 -2.13 9.73
CA GLY D 451 -26.53 -2.11 10.68
C GLY D 451 -26.87 -1.34 11.92
N ASN D 452 -26.15 -1.63 12.99
CA ASN D 452 -26.35 -0.95 14.22
C ASN D 452 -25.42 0.27 14.20
N THR D 453 -25.78 1.28 14.97
CA THR D 453 -25.01 2.51 15.08
C THR D 453 -24.74 2.79 16.52
N PRO D 454 -23.51 2.52 16.97
CA PRO D 454 -22.34 2.02 16.28
C PRO D 454 -22.48 0.50 15.97
N ALA D 455 -21.59 -0.01 15.15
CA ALA D 455 -21.48 -1.45 14.89
C ALA D 455 -21.23 -2.20 16.22
N ALA D 456 -22.02 -3.23 16.48
CA ALA D 456 -22.07 -3.83 17.82
C ALA D 456 -22.59 -5.27 17.91
N GLY D 457 -23.25 -5.75 16.86
CA GLY D 457 -24.00 -6.98 16.95
C GLY D 457 -23.16 -8.24 16.90
N GLY D 458 -23.80 -9.35 17.28
CA GLY D 458 -23.21 -10.66 17.07
C GLY D 458 -24.11 -11.78 17.49
N ALA D 459 -23.60 -13.02 17.31
CA ALA D 459 -24.39 -14.21 17.59
C ALA D 459 -23.49 -15.38 17.95
N LEU D 460 -23.99 -16.22 18.86
CA LEU D 460 -23.38 -17.49 19.20
C LEU D 460 -24.39 -18.61 18.95
N ILE D 461 -23.91 -19.73 18.39
CA ILE D 461 -24.70 -20.91 18.17
C ILE D 461 -23.88 -22.15 18.57
N ALA D 462 -24.51 -23.05 19.31
CA ALA D 462 -23.91 -24.36 19.61
C ALA D 462 -24.87 -25.46 19.15
N GLN D 463 -24.33 -26.52 18.57
CA GLN D 463 -25.19 -27.64 18.11
C GLN D 463 -25.41 -28.60 19.24
N LEU D 464 -26.66 -28.87 19.58
CA LEU D 464 -27.00 -29.85 20.61
C LEU D 464 -27.26 -31.23 19.99
N ASP D 465 -27.84 -31.26 18.79
CA ASP D 465 -28.20 -32.50 18.11
C ASP D 465 -28.40 -32.16 16.65
N ASP D 466 -28.70 -33.18 15.81
CA ASP D 466 -28.85 -32.95 14.38
C ASP D 466 -29.77 -31.77 14.01
N ASN D 467 -30.83 -31.60 14.78
CA ASN D 467 -31.87 -30.60 14.49
C ASN D 467 -32.09 -29.59 15.60
N GLU D 468 -31.15 -29.48 16.53
CA GLU D 468 -31.34 -28.67 17.73
C GLU D 468 -30.10 -27.88 18.08
N TYR D 469 -30.30 -26.60 18.40
CA TYR D 469 -29.22 -25.65 18.58
C TYR D 469 -29.48 -24.75 19.75
N LEU D 470 -28.40 -24.35 20.41
CA LEU D 470 -28.47 -23.33 21.44
C LEU D 470 -28.08 -22.04 20.75
N VAL D 471 -28.86 -20.97 21.00
CA VAL D 471 -28.65 -19.72 20.26
C VAL D 471 -28.78 -18.54 21.22
N THR D 472 -27.79 -17.63 21.18
CA THR D 472 -27.97 -16.34 21.83
C THR D 472 -27.30 -15.31 20.95
N ALA D 473 -27.88 -14.13 20.88
CA ALA D 473 -27.36 -13.09 20.01
C ALA D 473 -27.67 -11.72 20.58
N TYR D 474 -27.19 -10.70 19.87
CA TYR D 474 -27.12 -9.37 20.40
C TYR D 474 -27.24 -8.38 19.22
N LYS D 475 -28.28 -7.58 19.25
CA LYS D 475 -28.52 -6.56 18.20
C LYS D 475 -28.47 -7.16 16.80
N ALA D 476 -29.23 -8.24 16.63
CA ALA D 476 -29.17 -9.01 15.43
C ALA D 476 -30.40 -9.88 15.28
N ARG D 477 -30.59 -10.34 14.07
CA ARG D 477 -31.59 -11.36 13.75
C ARG D 477 -30.92 -12.63 13.26
N VAL D 478 -31.41 -13.76 13.77
CA VAL D 478 -30.93 -15.07 13.37
C VAL D 478 -32.09 -15.86 12.78
N GLU D 479 -31.93 -16.33 11.55
CA GLU D 479 -32.97 -17.08 10.86
C GLU D 479 -32.44 -18.43 10.42
N PHE D 480 -33.22 -19.47 10.65
CA PHE D 480 -32.84 -20.82 10.25
C PHE D 480 -33.53 -21.29 8.96
N LYS D 481 -32.81 -22.08 8.16
CA LYS D 481 -33.33 -22.64 6.93
C LYS D 481 -32.60 -23.96 6.67
N PRO D 482 -33.14 -24.78 5.75
CA PRO D 482 -32.45 -26.04 5.45
C PRO D 482 -31.11 -25.77 4.79
N SER D 483 -30.11 -26.58 5.09
CA SER D 483 -28.80 -26.42 4.49
C SER D 483 -28.76 -26.93 3.06
N GLN D 484 -29.68 -27.81 2.70
CA GLN D 484 -29.73 -28.37 1.35
CA GLN D 484 -29.73 -28.40 1.38
C GLN D 484 -31.19 -28.63 0.95
N GLU D 485 -31.39 -28.81 -0.35
CA GLU D 485 -32.73 -29.08 -0.91
C GLU D 485 -33.40 -30.22 -0.15
N LEU D 486 -34.69 -30.04 0.15
N LEU D 486 -34.69 -30.05 0.14
CA LEU D 486 -35.44 -31.06 0.89
CA LEU D 486 -35.44 -31.06 0.89
C LEU D 486 -36.22 -32.12 0.08
C LEU D 486 -36.22 -32.12 0.08
N ALA D 487 -36.05 -32.12 -1.23
CA ALA D 487 -36.67 -33.15 -2.10
C ALA D 487 -38.13 -33.43 -1.78
N GLY D 488 -38.88 -32.34 -1.82
CA GLY D 488 -40.34 -32.37 -1.65
C GLY D 488 -40.92 -32.18 -0.24
N LYS D 489 -40.08 -32.26 0.79
CA LYS D 489 -40.52 -32.00 2.16
C LYS D 489 -40.56 -30.49 2.39
N LYS D 490 -41.31 -30.08 3.39
CA LYS D 490 -41.32 -28.68 3.84
C LYS D 490 -40.54 -28.60 5.15
N PHE D 491 -40.31 -27.40 5.67
CA PHE D 491 -39.67 -27.24 6.97
C PHE D 491 -40.30 -26.15 7.81
N MET D 492 -40.15 -26.29 9.11
CA MET D 492 -40.51 -25.21 10.03
CA MET D 492 -40.52 -25.21 10.03
C MET D 492 -39.67 -25.31 11.29
N ILE D 493 -39.75 -24.25 12.10
CA ILE D 493 -39.31 -24.31 13.47
C ILE D 493 -40.28 -25.28 14.15
N GLU D 494 -39.75 -26.27 14.87
CA GLU D 494 -40.60 -27.12 15.66
C GLU D 494 -40.90 -26.46 17.00
N ARG D 495 -39.85 -25.94 17.64
CA ARG D 495 -40.01 -25.30 18.92
C ARG D 495 -38.81 -24.44 19.27
N VAL D 496 -39.07 -23.23 19.77
CA VAL D 496 -38.04 -22.37 20.35
C VAL D 496 -38.38 -22.16 21.81
N GLU D 497 -37.47 -22.53 22.72
CA GLU D 497 -37.63 -22.28 24.14
C GLU D 497 -36.61 -21.29 24.64
N GLU D 498 -37.05 -20.33 25.42
CA GLU D 498 -36.12 -19.47 26.15
C GLU D 498 -35.96 -20.04 27.52
N GLY D 499 -34.72 -20.08 28.02
CA GLY D 499 -34.52 -20.62 29.37
C GLY D 499 -33.09 -20.45 29.86
N ARG D 500 -32.71 -21.32 30.80
CA ARG D 500 -31.42 -21.22 31.45
C ARG D 500 -30.99 -22.58 31.97
N PHE D 501 -29.72 -22.68 32.32
CA PHE D 501 -29.18 -23.89 32.92
C PHE D 501 -29.13 -23.71 34.41
N GLU D 502 -29.64 -24.71 35.13
CA GLU D 502 -29.62 -24.71 36.59
C GLU D 502 -29.05 -26.07 37.00
N LYS D 503 -27.91 -26.04 37.68
CA LYS D 503 -27.22 -27.30 38.06
C LYS D 503 -26.98 -28.16 36.81
N GLY D 504 -26.59 -27.51 35.71
CA GLY D 504 -26.37 -28.23 34.44
C GLY D 504 -27.59 -28.73 33.68
N LYS D 505 -28.78 -28.49 34.21
CA LYS D 505 -30.02 -28.91 33.56
C LYS D 505 -30.79 -27.72 32.95
N TRP D 506 -31.32 -27.91 31.74
CA TRP D 506 -32.14 -26.88 31.07
C TRP D 506 -33.47 -26.66 31.76
N VAL D 507 -33.76 -25.40 32.09
CA VAL D 507 -35.05 -25.01 32.64
C VAL D 507 -35.73 -24.07 31.64
N MET D 508 -36.93 -24.45 31.17
CA MET D 508 -37.67 -23.64 30.20
C MET D 508 -38.37 -22.51 30.93
N GLU D 509 -38.27 -21.30 30.39
CA GLU D 509 -39.01 -20.15 30.94
C GLU D 509 -40.24 -19.88 30.11
N ARG D 510 -40.08 -19.87 28.80
CA ARG D 510 -41.19 -19.63 27.88
C ARG D 510 -40.87 -20.15 26.49
N VAL D 511 -41.91 -20.30 25.70
CA VAL D 511 -41.79 -20.67 24.31
C VAL D 511 -41.89 -19.41 23.45
N TRP D 512 -40.91 -19.18 22.58
CA TRP D 512 -41.06 -18.13 21.57
C TRP D 512 -41.89 -18.72 20.45
N ASN D 513 -42.93 -18.01 20.04
CA ASN D 513 -43.74 -18.42 18.89
C ASN D 513 -44.44 -17.19 18.29
N GLY D 514 -45.26 -17.41 17.25
CA GLY D 514 -45.94 -16.32 16.59
C GLY D 514 -45.00 -15.24 16.11
N ASP D 515 -45.31 -13.99 16.47
CA ASP D 515 -44.52 -12.83 16.04
C ASP D 515 -43.05 -13.08 16.37
N GLN D 516 -42.77 -13.77 17.48
CA GLN D 516 -41.38 -13.87 17.95
C GLN D 516 -40.54 -14.87 17.12
N THR D 517 -41.20 -15.65 16.27
CA THR D 517 -40.49 -16.56 15.39
C THR D 517 -40.85 -16.44 13.92
N ASP D 518 -41.80 -15.55 13.58
CA ASP D 518 -42.23 -15.42 12.19
C ASP D 518 -41.19 -14.78 11.31
N TRP D 519 -40.35 -13.91 11.90
CA TRP D 519 -39.43 -13.08 11.15
C TRP D 519 -38.02 -13.30 11.70
N GLY D 520 -37.63 -14.55 11.81
CA GLY D 520 -36.38 -14.91 12.46
C GLY D 520 -36.45 -14.70 13.96
N LEU D 521 -35.29 -14.84 14.62
CA LEU D 521 -35.19 -14.68 16.06
C LEU D 521 -34.44 -13.36 16.31
N ASN D 522 -35.15 -12.37 16.86
CA ASN D 522 -34.67 -11.00 16.95
C ASN D 522 -34.21 -10.69 18.36
N PHE D 523 -32.98 -10.20 18.45
CA PHE D 523 -32.33 -9.90 19.73
C PHE D 523 -32.00 -8.41 19.78
N THR D 524 -32.14 -7.84 20.96
CA THR D 524 -31.74 -6.45 21.18
C THR D 524 -30.49 -6.49 22.08
N ASP D 525 -30.45 -5.66 23.12
CA ASP D 525 -29.30 -5.60 23.98
C ASP D 525 -29.51 -6.47 25.21
N ARG D 526 -30.70 -7.05 25.37
CA ARG D 526 -30.98 -7.89 26.55
C ARG D 526 -30.64 -9.34 26.30
N PRO D 527 -30.28 -10.09 27.36
CA PRO D 527 -29.85 -11.47 27.20
C PRO D 527 -31.05 -12.45 27.07
N HIS D 528 -31.03 -13.27 26.05
CA HIS D 528 -32.00 -14.39 25.91
C HIS D 528 -31.25 -15.58 25.38
N LEU D 529 -31.36 -16.69 26.08
CA LEU D 529 -30.75 -17.93 25.66
C LEU D 529 -31.84 -18.88 25.18
N LEU D 530 -31.72 -19.32 23.92
CA LEU D 530 -32.76 -20.09 23.27
C LEU D 530 -32.26 -21.48 22.88
N ARG D 531 -33.16 -22.43 22.95
CA ARG D 531 -32.99 -23.75 22.34
C ARG D 531 -33.94 -23.88 21.17
N VAL D 532 -33.38 -24.05 20.00
CA VAL D 532 -34.11 -24.01 18.75
C VAL D 532 -34.10 -25.43 18.14
N LYS D 533 -35.29 -26.00 17.98
CA LYS D 533 -35.47 -27.29 17.32
C LYS D 533 -36.13 -27.08 15.98
N MET D 534 -35.46 -27.52 14.92
CA MET D 534 -35.98 -27.42 13.55
C MET D 534 -36.53 -28.80 13.07
N ALA D 535 -37.44 -28.78 12.08
CA ALA D 535 -38.04 -30.02 11.54
C ALA D 535 -38.36 -29.89 10.08
N SER D 536 -37.99 -30.90 9.31
CA SER D 536 -38.53 -31.08 7.95
C SER D 536 -39.69 -32.04 8.07
N TYR D 537 -40.68 -31.89 7.22
CA TYR D 537 -41.90 -32.69 7.32
C TYR D 537 -42.48 -32.91 5.95
N SER D 538 -43.12 -34.07 5.82
CA SER D 538 -43.69 -34.50 4.55
C SER D 538 -45.04 -33.85 4.32
N VAL D 539 -45.29 -33.48 3.06
CA VAL D 539 -46.64 -33.08 2.61
C VAL D 539 -47.16 -33.93 1.44
N GLN D 540 -46.56 -35.12 1.25
CA GLN D 540 -46.83 -35.96 0.07
C GLN D 540 -48.23 -36.53 0.15
N ALA E 2 2.31 28.35 71.38
CA ALA E 2 2.85 28.18 69.99
C ALA E 2 3.60 29.45 69.58
N PRO E 3 4.65 29.29 68.78
CA PRO E 3 5.46 30.44 68.45
C PRO E 3 4.72 31.34 67.48
N LEU E 4 5.00 32.63 67.55
CA LEU E 4 4.40 33.59 66.64
C LEU E 4 4.69 33.23 65.18
N PRO E 5 3.70 33.42 64.31
CA PRO E 5 4.04 33.45 62.89
C PRO E 5 5.09 34.47 62.59
N GLU E 6 5.94 34.19 61.62
CA GLU E 6 6.88 35.20 61.15
C GLU E 6 7.34 34.95 59.73
N LEU E 7 7.69 36.02 59.05
CA LEU E 7 8.27 35.96 57.72
C LEU E 7 9.78 35.96 57.81
N LEU E 8 10.41 34.87 57.38
CA LEU E 8 11.86 34.75 57.37
C LEU E 8 12.36 35.03 55.98
N SER E 9 13.51 35.72 55.90
CA SER E 9 14.18 35.99 54.63
C SER E 9 15.67 35.64 54.76
N ASN E 10 16.16 34.77 53.89
CA ASN E 10 17.54 34.31 53.97
C ASN E 10 18.02 33.78 52.62
N ASN E 11 19.22 34.18 52.23
CA ASN E 11 19.86 33.67 50.99
C ASN E 11 19.01 33.99 49.75
N GLY E 12 18.37 35.15 49.76
CA GLY E 12 17.40 35.50 48.71
C GLY E 12 16.09 34.70 48.68
N LYS E 13 15.81 33.93 49.73
CA LYS E 13 14.63 33.07 49.79
C LYS E 13 13.77 33.51 50.98
N HIS E 14 12.54 33.05 51.01
CA HIS E 14 11.61 33.47 52.05
C HIS E 14 10.72 32.35 52.49
N ALA E 15 10.22 32.44 53.71
CA ALA E 15 9.24 31.51 54.24
C ALA E 15 8.32 32.21 55.21
N LEU E 16 7.03 31.87 55.14
CA LEU E 16 6.08 32.27 56.14
C LEU E 16 6.02 31.16 57.14
N MET E 17 6.57 31.40 58.33
CA MET E 17 6.56 30.41 59.41
C MET E 17 5.26 30.50 60.15
N VAL E 18 4.56 29.37 60.25
CA VAL E 18 3.35 29.28 61.05
C VAL E 18 3.48 28.02 61.93
N ASP E 19 3.30 28.20 63.23
CA ASP E 19 3.50 27.13 64.21
C ASP E 19 4.88 26.50 64.10
N GLY E 20 5.90 27.33 63.86
CA GLY E 20 7.28 26.88 63.82
C GLY E 20 7.81 26.21 62.56
N ALA E 21 7.09 26.30 61.44
CA ALA E 21 7.57 25.71 60.19
C ALA E 21 6.98 26.47 59.00
N PRO E 22 7.63 26.36 57.83
CA PRO E 22 7.10 27.06 56.68
C PRO E 22 5.68 26.63 56.32
N TYR E 23 4.90 27.56 55.79
CA TYR E 23 3.49 27.40 55.52
C TYR E 23 3.16 28.07 54.19
N ILE E 24 2.21 27.50 53.45
CA ILE E 24 1.67 28.10 52.23
C ILE E 24 0.22 28.48 52.45
N ILE E 25 -0.09 29.73 52.17
CA ILE E 25 -1.48 30.18 52.21
C ILE E 25 -2.17 29.74 50.94
N LEU E 26 -3.04 28.75 51.06
CA LEU E 26 -3.91 28.35 49.97
C LEU E 26 -5.22 29.02 50.34
N GLY E 27 -5.38 30.22 49.84
CA GLY E 27 -6.34 31.15 50.40
C GLY E 27 -7.67 31.25 49.71
N SER E 28 -8.61 31.86 50.41
CA SER E 28 -9.82 32.43 49.80
C SER E 28 -10.05 33.79 50.46
N GLN E 29 -10.57 34.76 49.70
CA GLN E 29 -10.87 36.09 50.23
CA GLN E 29 -10.88 36.07 50.24
C GLN E 29 -12.35 36.40 49.96
N THR E 30 -12.99 37.02 50.93
CA THR E 30 -14.38 37.39 50.79
C THR E 30 -14.55 38.57 49.84
N ASN E 31 -15.77 38.78 49.41
CA ASN E 31 -16.18 40.02 48.88
C ASN E 31 -16.13 41.13 49.97
N ASN E 32 -16.22 42.38 49.56
CA ASN E 32 -15.92 43.56 50.42
C ASN E 32 -16.96 43.85 51.52
N SER E 33 -18.15 43.22 51.46
CA SER E 33 -19.23 43.49 52.42
C SER E 33 -19.62 42.24 53.21
N SER E 34 -18.67 41.36 53.43
CA SER E 34 -18.92 40.09 54.12
C SER E 34 -18.35 40.07 55.53
N ASN E 35 -17.89 41.24 56.01
CA ASN E 35 -17.20 41.34 57.30
C ASN E 35 -18.17 41.53 58.49
N TYR E 36 -19.23 40.72 58.53
CA TYR E 36 -20.25 40.81 59.58
C TYR E 36 -20.65 39.41 59.96
N PRO E 37 -21.00 39.21 61.24
CA PRO E 37 -21.39 37.87 61.69
C PRO E 37 -22.41 37.18 60.80
N ASP E 38 -23.44 37.91 60.37
CA ASP E 38 -24.53 37.33 59.60
C ASP E 38 -24.07 36.85 58.21
N ALA E 39 -22.99 37.41 57.69
CA ALA E 39 -22.56 37.08 56.34
C ALA E 39 -21.66 35.86 56.31
N LEU E 40 -21.11 35.46 57.45
CA LEU E 40 -20.17 34.34 57.46
C LEU E 40 -20.76 33.00 56.98
N LYS E 41 -22.07 32.80 57.13
CA LYS E 41 -22.70 31.58 56.65
C LYS E 41 -22.64 31.47 55.14
N ASP E 42 -22.45 32.59 54.47
CA ASP E 42 -22.25 32.62 53.01
C ASP E 42 -20.75 32.57 52.59
N VAL E 43 -19.85 32.52 53.56
CA VAL E 43 -18.42 32.43 53.35
C VAL E 43 -17.88 31.01 53.57
N TRP E 44 -18.22 30.39 54.69
CA TRP E 44 -17.61 29.11 55.05
C TRP E 44 -17.83 27.97 54.07
N PRO E 45 -19.06 27.81 53.52
CA PRO E 45 -19.22 26.69 52.61
C PRO E 45 -18.27 26.77 51.40
N SER E 46 -18.07 27.95 50.83
CA SER E 46 -17.12 28.13 49.73
C SER E 46 -15.72 27.71 50.14
N MET E 47 -15.33 28.11 51.34
CA MET E 47 -14.00 27.79 51.81
C MET E 47 -13.78 26.29 51.88
N GLU E 48 -14.80 25.59 52.38
CA GLU E 48 -14.77 24.11 52.49
C GLU E 48 -14.72 23.45 51.12
N LYS E 49 -15.57 23.88 50.19
CA LYS E 49 -15.54 23.37 48.84
C LYS E 49 -14.21 23.65 48.12
N MET E 50 -13.59 24.77 48.43
CA MET E 50 -12.33 25.13 47.81
C MET E 50 -11.15 24.34 48.36
N GLY E 51 -11.26 23.87 49.62
CA GLY E 51 -10.12 23.30 50.30
C GLY E 51 -9.10 24.34 50.70
N ALA E 52 -9.53 25.60 50.90
CA ALA E 52 -8.62 26.65 51.34
C ALA E 52 -8.21 26.42 52.80
N ASN E 53 -6.99 26.75 53.15
CA ASN E 53 -6.54 26.66 54.53
C ASN E 53 -6.56 28.00 55.28
N THR E 54 -6.73 29.10 54.55
CA THR E 54 -6.66 30.43 55.13
C THR E 54 -7.69 31.35 54.51
N LEU E 55 -8.42 32.11 55.35
CA LEU E 55 -9.41 33.06 54.86
C LEU E 55 -8.90 34.49 55.07
N SER E 56 -8.91 35.28 54.01
CA SER E 56 -8.63 36.69 54.08
C SER E 56 -9.96 37.44 54.11
N ILE E 57 -10.14 38.33 55.11
CA ILE E 57 -11.44 38.96 55.33
C ILE E 57 -11.21 40.32 55.97
N PRO E 58 -12.01 41.34 55.57
CA PRO E 58 -11.79 42.66 56.17
C PRO E 58 -12.17 42.77 57.64
N VAL E 59 -11.44 43.61 58.34
CA VAL E 59 -11.90 44.21 59.59
C VAL E 59 -11.84 45.70 59.37
N ALA E 60 -12.98 46.37 59.47
CA ALA E 60 -13.11 47.75 59.09
C ALA E 60 -13.02 48.67 60.29
N TRP E 61 -12.32 49.78 60.11
CA TRP E 61 -12.23 50.79 61.17
C TRP E 61 -13.65 51.24 61.56
N GLU E 62 -14.52 51.46 60.57
CA GLU E 62 -15.89 51.87 60.86
C GLU E 62 -16.67 50.93 61.80
N GLN E 63 -16.37 49.64 61.74
CA GLN E 63 -17.08 48.67 62.60
C GLN E 63 -16.44 48.48 63.97
N ILE E 64 -15.12 48.63 64.09
CA ILE E 64 -14.51 48.49 65.40
C ILE E 64 -14.51 49.78 66.22
N GLU E 65 -14.61 50.94 65.57
CA GLU E 65 -14.69 52.22 66.30
C GLU E 65 -15.76 53.13 65.73
N PRO E 66 -17.03 52.72 65.80
CA PRO E 66 -18.10 53.43 65.13
C PRO E 66 -18.32 54.84 65.75
N VAL E 67 -18.01 54.96 67.04
CA VAL E 67 -17.98 56.26 67.76
C VAL E 67 -16.60 56.31 68.40
N GLU E 68 -15.92 57.46 68.35
CA GLU E 68 -14.55 57.56 68.86
C GLU E 68 -14.50 57.35 70.40
N GLY E 69 -13.54 56.74 71.08
CA GLY E 69 -13.13 55.41 71.07
C GLY E 69 -14.11 54.59 71.94
N GLN E 70 -15.19 54.24 71.30
CA GLN E 70 -16.11 53.24 71.80
C GLN E 70 -15.88 52.01 70.87
N PHE E 71 -15.03 51.09 71.34
CA PHE E 71 -14.58 49.95 70.53
C PHE E 71 -15.50 48.75 70.57
N ASP E 72 -15.62 48.07 69.44
CA ASP E 72 -16.58 46.98 69.27
C ASP E 72 -15.87 45.88 68.49
N PHE E 73 -15.54 44.80 69.18
CA PHE E 73 -14.87 43.65 68.56
C PHE E 73 -15.78 42.44 68.46
N SER E 74 -17.08 42.67 68.46
CA SER E 74 -18.03 41.57 68.36
C SER E 74 -17.86 40.76 67.06
N PHE E 75 -17.53 41.41 65.93
CA PHE E 75 -17.30 40.67 64.70
C PHE E 75 -16.08 39.77 64.82
N VAL E 76 -15.00 40.33 65.35
CA VAL E 76 -13.76 39.61 65.45
C VAL E 76 -13.94 38.40 66.36
N ASP E 77 -14.68 38.58 67.45
CA ASP E 77 -14.96 37.44 68.36
C ASP E 77 -15.60 36.26 67.62
N VAL E 78 -16.67 36.54 66.88
CA VAL E 78 -17.40 35.51 66.14
C VAL E 78 -16.51 34.90 65.06
N LEU E 79 -15.78 35.76 64.35
CA LEU E 79 -14.88 35.30 63.27
C LEU E 79 -13.84 34.34 63.77
N LEU E 80 -13.19 34.69 64.88
CA LEU E 80 -12.18 33.81 65.47
C LEU E 80 -12.73 32.45 65.88
N LYS E 81 -13.86 32.48 66.54
CA LYS E 81 -14.50 31.25 67.00
C LYS E 81 -14.92 30.34 65.83
N GLU E 82 -15.52 30.94 64.80
CA GLU E 82 -15.99 30.16 63.67
C GLU E 82 -14.83 29.60 62.83
N ALA E 83 -13.76 30.39 62.69
CA ALA E 83 -12.55 29.92 62.00
C ALA E 83 -11.93 28.73 62.70
N ARG E 84 -11.84 28.83 64.02
CA ARG E 84 -11.28 27.72 64.81
C ARG E 84 -12.10 26.46 64.68
N GLN E 85 -13.43 26.58 64.72
CA GLN E 85 -14.34 25.41 64.55
C GLN E 85 -14.06 24.70 63.23
N ARG E 86 -13.75 25.47 62.19
CA ARG E 86 -13.48 24.92 60.87
C ARG E 86 -12.00 24.60 60.63
N LYS E 87 -11.16 24.87 61.61
CA LYS E 87 -9.73 24.58 61.54
C LYS E 87 -9.07 25.27 60.34
N VAL E 88 -9.37 26.55 60.17
CA VAL E 88 -8.67 27.35 59.18
C VAL E 88 -8.04 28.54 59.85
N ARG E 89 -7.15 29.19 59.13
CA ARG E 89 -6.44 30.34 59.66
C ARG E 89 -6.98 31.59 59.00
N LEU E 90 -6.54 32.73 59.50
CA LEU E 90 -7.07 34.03 59.04
C LEU E 90 -5.98 35.01 58.72
N VAL E 91 -6.24 35.77 57.68
CA VAL E 91 -5.51 36.99 57.39
C VAL E 91 -6.53 38.12 57.49
N LEU E 92 -6.33 39.04 58.43
CA LEU E 92 -7.28 40.14 58.61
C LEU E 92 -6.85 41.35 57.76
N LEU E 93 -7.80 41.95 57.07
CA LEU E 93 -7.51 43.08 56.21
C LEU E 93 -8.00 44.34 56.90
N TRP E 94 -7.05 45.16 57.35
CA TRP E 94 -7.39 46.43 58.04
C TRP E 94 -7.79 47.48 57.01
N PHE E 95 -9.08 47.70 56.88
CA PHE E 95 -9.66 48.64 55.96
C PHE E 95 -9.87 49.93 56.78
N ALA E 96 -9.05 50.95 56.51
CA ALA E 96 -9.04 52.12 57.40
C ALA E 96 -8.82 53.41 56.63
N THR E 97 -7.64 54.02 56.73
CA THR E 97 -7.37 55.29 56.05
C THR E 97 -7.53 55.15 54.55
N TRP E 98 -7.01 54.05 53.96
CA TRP E 98 -7.23 53.79 52.55
C TRP E 98 -7.86 52.40 52.34
N LYS E 99 -8.87 52.41 51.51
CA LYS E 99 -9.40 51.19 50.90
C LYS E 99 -9.64 51.58 49.46
N ASN E 100 -8.85 51.02 48.54
CA ASN E 100 -8.88 51.42 47.14
C ASN E 100 -8.81 52.94 47.01
N ASN E 101 -7.80 53.52 47.64
CA ASN E 101 -7.51 54.97 47.61
C ASN E 101 -8.37 55.88 48.49
N ALA E 102 -9.47 55.36 49.04
CA ALA E 102 -10.53 56.15 49.62
C ALA E 102 -10.80 55.79 51.08
N PRO E 103 -11.45 56.70 51.81
CA PRO E 103 -11.78 56.49 53.23
C PRO E 103 -13.18 55.95 53.52
N HIS E 104 -13.78 55.18 52.61
CA HIS E 104 -15.15 54.76 52.83
C HIS E 104 -15.33 53.85 54.05
N TYR E 105 -14.30 53.12 54.44
CA TYR E 105 -14.40 52.23 55.61
C TYR E 105 -13.92 52.87 56.90
N ALA E 106 -13.47 54.11 56.83
CA ALA E 106 -13.20 54.87 58.05
C ALA E 106 -14.55 55.28 58.70
N PRO E 107 -14.58 55.43 60.02
CA PRO E 107 -15.82 55.84 60.71
C PRO E 107 -16.35 57.13 60.19
N ALA E 108 -17.65 57.36 60.35
CA ALA E 108 -18.29 58.60 59.88
C ALA E 108 -17.58 59.84 60.47
N TRP E 109 -17.20 59.73 61.75
CA TRP E 109 -16.53 60.84 62.45
C TRP E 109 -15.13 61.11 61.91
N VAL E 110 -14.59 60.20 61.10
CA VAL E 110 -13.36 60.46 60.37
C VAL E 110 -13.66 60.95 58.96
N LYS E 111 -14.37 60.14 58.16
CA LYS E 111 -14.52 60.44 56.74
C LYS E 111 -15.37 61.65 56.44
N LEU E 112 -16.20 62.08 57.38
CA LEU E 112 -16.99 63.29 57.16
C LEU E 112 -16.37 64.58 57.79
N ASP E 113 -15.19 64.48 58.38
CA ASP E 113 -14.53 65.64 59.03
C ASP E 113 -13.20 65.95 58.36
N ASN E 114 -13.29 66.63 57.24
CA ASN E 114 -12.12 66.91 56.44
C ASN E 114 -11.15 67.87 57.10
N ALA E 115 -11.66 68.78 57.91
CA ALA E 115 -10.81 69.71 58.64
C ALA E 115 -9.83 68.97 59.52
N ARG E 116 -10.33 67.99 60.27
CA ARG E 116 -9.49 67.25 61.19
C ARG E 116 -8.66 66.22 60.43
N PHE E 117 -9.28 65.62 59.40
CA PHE E 117 -8.68 64.48 58.68
C PHE E 117 -8.68 64.79 57.19
N PRO E 118 -7.68 65.52 56.71
CA PRO E 118 -7.75 66.16 55.38
C PRO E 118 -7.44 65.29 54.18
N ARG E 119 -8.13 65.62 53.10
CA ARG E 119 -8.01 64.99 51.81
C ARG E 119 -6.90 65.60 50.98
N VAL E 120 -6.41 64.80 50.07
CA VAL E 120 -5.56 65.22 48.98
C VAL E 120 -6.21 66.35 48.19
N VAL E 121 -5.40 67.39 47.95
CA VAL E 121 -5.81 68.53 47.17
C VAL E 121 -5.03 68.49 45.89
N LYS E 122 -5.74 68.59 44.78
CA LYS E 122 -5.11 68.65 43.48
C LYS E 122 -4.39 69.98 43.24
N GLU E 123 -3.54 69.99 42.21
CA GLU E 123 -2.76 71.18 41.89
C GLU E 123 -3.67 72.34 41.54
N ASP E 124 -4.81 72.04 40.90
CA ASP E 124 -5.81 73.06 40.54
C ASP E 124 -6.72 73.47 41.69
N GLY E 125 -6.46 72.98 42.89
CA GLY E 125 -7.24 73.35 44.05
C GLY E 125 -8.44 72.47 44.38
N ASP E 126 -8.92 71.67 43.45
CA ASP E 126 -10.01 70.73 43.76
C ASP E 126 -9.54 69.62 44.74
N THR E 127 -10.52 69.03 45.42
CA THR E 127 -10.26 68.03 46.44
C THR E 127 -10.67 66.65 45.93
N LEU E 128 -9.86 65.64 46.23
CA LEU E 128 -10.17 64.24 45.90
C LEU E 128 -10.56 63.47 47.15
N ASN E 129 -11.38 62.42 47.00
CA ASN E 129 -11.80 61.64 48.17
C ASN E 129 -10.75 60.56 48.49
N SER E 130 -9.59 61.04 48.92
CA SER E 130 -8.43 60.23 49.26
C SER E 130 -7.73 60.99 50.36
N LEU E 131 -7.56 60.36 51.52
CA LEU E 131 -6.99 61.07 52.66
C LEU E 131 -5.49 61.30 52.50
N SER E 132 -5.03 62.50 52.84
CA SER E 132 -3.60 62.82 52.71
C SER E 132 -2.76 62.07 53.72
N PRO E 133 -1.66 61.44 53.27
CA PRO E 133 -0.76 60.79 54.20
C PRO E 133 -0.03 61.77 55.15
N LEU E 134 -0.10 63.05 54.89
CA LEU E 134 0.46 64.06 55.80
C LEU E 134 -0.50 64.56 56.87
N GLY E 135 -1.73 64.01 56.91
CA GLY E 135 -2.66 64.36 57.96
C GLY E 135 -2.25 63.70 59.24
N GLN E 136 -1.68 64.49 60.17
CA GLN E 136 -1.18 63.92 61.41
C GLN E 136 -2.27 63.42 62.35
N ASN E 137 -3.43 64.06 62.35
CA ASN E 137 -4.54 63.57 63.16
C ASN E 137 -5.03 62.21 62.63
N THR E 138 -5.05 62.06 61.31
CA THR E 138 -5.51 60.80 60.64
C THR E 138 -4.61 59.64 61.03
N LEU E 139 -3.29 59.88 60.99
CA LEU E 139 -2.32 58.87 61.35
C LEU E 139 -2.47 58.44 62.78
N ALA E 140 -2.59 59.42 63.68
CA ALA E 140 -2.77 59.10 65.11
C ALA E 140 -4.02 58.30 65.38
N ALA E 141 -5.10 58.64 64.69
CA ALA E 141 -6.39 57.98 64.92
C ALA E 141 -6.38 56.52 64.37
N ASP E 142 -5.88 56.35 63.17
CA ASP E 142 -5.74 55.01 62.55
C ASP E 142 -4.91 54.14 63.44
N LYS E 143 -3.72 54.62 63.76
CA LYS E 143 -2.82 53.95 64.67
C LYS E 143 -3.49 53.53 65.95
N LYS E 144 -4.24 54.42 66.57
CA LYS E 144 -4.85 54.12 67.86
C LYS E 144 -5.85 52.96 67.72
N ALA E 145 -6.65 52.98 66.68
CA ALA E 145 -7.65 51.95 66.47
C ALA E 145 -6.98 50.62 66.11
N PHE E 146 -5.94 50.68 65.27
CA PHE E 146 -5.20 49.49 64.89
C PHE E 146 -4.56 48.86 66.12
N VAL E 147 -4.00 49.69 67.01
CA VAL E 147 -3.47 49.19 68.27
C VAL E 147 -4.51 48.46 69.09
N GLU E 148 -5.73 48.99 69.17
CA GLU E 148 -6.74 48.26 69.87
C GLU E 148 -7.10 46.93 69.23
N LEU E 149 -7.08 46.87 67.92
CA LEU E 149 -7.35 45.61 67.25
C LEU E 149 -6.28 44.59 67.64
N MET E 150 -5.04 45.03 67.58
CA MET E 150 -3.92 44.16 67.90
C MET E 150 -3.95 43.73 69.40
N LYS E 151 -4.45 44.62 70.28
CA LYS E 151 -4.62 44.27 71.71
C LYS E 151 -5.67 43.19 71.87
N TYR E 152 -6.75 43.27 71.08
CA TYR E 152 -7.77 42.24 71.10
C TYR E 152 -7.18 40.89 70.71
N LEU E 153 -6.37 40.86 69.65
CA LEU E 153 -5.70 39.62 69.25
C LEU E 153 -4.68 39.12 70.30
N ALA E 154 -3.91 40.03 70.89
CA ALA E 154 -2.95 39.64 71.94
C ALA E 154 -3.64 38.93 73.09
N LYS E 155 -4.82 39.42 73.48
CA LYS E 155 -5.54 38.87 74.62
C LYS E 155 -6.47 37.70 74.23
N ARG E 156 -6.96 37.66 73.01
CA ARG E 156 -7.96 36.65 72.62
C ARG E 156 -7.57 35.65 71.52
N ASP E 157 -6.34 35.70 71.05
CA ASP E 157 -5.87 34.80 69.97
C ASP E 157 -4.47 34.31 70.19
N LYS E 158 -4.28 33.66 71.34
CA LYS E 158 -2.95 33.21 71.76
C LYS E 158 -2.40 32.04 70.92
N ASP E 159 -3.27 31.28 70.25
CA ASP E 159 -2.79 30.24 69.33
C ASP E 159 -2.63 30.78 67.89
N HIS E 160 -2.83 32.07 67.70
CA HIS E 160 -2.55 32.74 66.41
C HIS E 160 -3.40 32.17 65.27
N THR E 161 -4.70 32.10 65.49
CA THR E 161 -5.62 31.78 64.44
C THR E 161 -5.37 32.80 63.30
N VAL E 162 -5.21 34.06 63.68
CA VAL E 162 -4.80 35.11 62.74
C VAL E 162 -3.29 35.06 62.57
N ILE E 163 -2.83 34.81 61.35
CA ILE E 163 -1.41 34.59 61.09
C ILE E 163 -0.71 35.81 60.47
N MET E 164 -1.49 36.74 59.92
CA MET E 164 -0.94 37.90 59.22
C MET E 164 -2.03 38.99 59.10
N VAL E 165 -1.60 40.24 59.05
CA VAL E 165 -2.50 41.36 58.94
C VAL E 165 -2.08 42.22 57.75
N GLN E 166 -3.06 42.55 56.91
CA GLN E 166 -2.85 43.51 55.83
C GLN E 166 -3.16 44.88 56.40
N VAL E 167 -2.21 45.80 56.27
CA VAL E 167 -2.35 47.17 56.78
C VAL E 167 -2.83 48.04 55.64
N GLN E 168 -4.05 48.55 55.77
CA GLN E 168 -4.78 49.26 54.70
C GLN E 168 -5.14 48.29 53.56
N ASN E 169 -5.78 48.81 52.51
CA ASN E 169 -6.07 48.03 51.33
C ASN E 169 -5.94 48.94 50.09
N GLU E 170 -4.99 48.58 49.24
CA GLU E 170 -4.71 49.35 48.00
C GLU E 170 -4.66 50.85 48.26
N VAL E 171 -3.59 51.24 48.95
CA VAL E 171 -3.32 52.64 49.22
C VAL E 171 -3.03 53.39 47.94
N GLY E 172 -3.10 54.71 48.04
CA GLY E 172 -2.71 55.60 46.96
C GLY E 172 -3.78 56.60 46.63
N THR E 173 -3.64 57.22 45.46
CA THR E 173 -4.59 58.19 45.00
C THR E 173 -4.82 58.07 43.52
N TYR E 174 -6.10 58.01 43.13
CA TYR E 174 -6.52 58.20 41.71
C TYR E 174 -6.87 59.66 41.46
N GLY E 175 -6.51 60.16 40.27
CA GLY E 175 -6.88 61.52 39.85
C GLY E 175 -5.85 62.60 40.15
N ALA E 176 -4.78 62.27 40.89
CA ALA E 176 -3.66 63.16 41.13
C ALA E 176 -2.45 62.33 41.51
N VAL E 177 -1.28 62.93 41.44
CA VAL E 177 -0.03 62.21 41.71
C VAL E 177 0.32 62.23 43.20
N ARG E 178 -0.06 63.32 43.87
CA ARG E 178 0.23 63.53 45.27
C ARG E 178 -0.72 64.56 45.86
N ASP E 179 -0.57 64.83 47.15
CA ASP E 179 -1.24 65.96 47.83
C ASP E 179 -0.47 67.23 47.50
N TYR E 180 -1.20 68.22 46.99
CA TYR E 180 -0.65 69.54 46.67
C TYR E 180 -1.22 70.62 47.60
N SER E 181 -1.80 70.23 48.72
CA SER E 181 -2.22 71.17 49.72
C SER E 181 -1.02 71.99 50.24
N PRO E 182 -1.28 73.17 50.81
CA PRO E 182 -0.21 73.95 51.45
C PRO E 182 0.60 73.16 52.46
N MET E 183 -0.08 72.37 53.29
CA MET E 183 0.61 71.49 54.23
C MET E 183 1.58 70.51 53.54
N ALA E 184 1.15 69.89 52.44
CA ALA E 184 1.99 68.93 51.73
C ALA E 184 3.12 69.64 50.96
N GLN E 185 2.77 70.78 50.36
CA GLN E 185 3.74 71.60 49.63
C GLN E 185 4.92 72.02 50.51
N ALA E 186 4.65 72.36 51.76
CA ALA E 186 5.71 72.72 52.69
C ALA E 186 6.71 71.58 52.92
N VAL E 187 6.21 70.35 52.95
CA VAL E 187 7.09 69.19 53.16
C VAL E 187 7.83 68.88 51.85
N PHE E 188 7.13 68.98 50.72
CA PHE E 188 7.72 68.73 49.42
C PHE E 188 8.85 69.69 49.12
N ASN E 189 8.68 70.93 49.55
CA ASN E 189 9.70 71.97 49.35
C ASN E 189 10.90 71.83 50.26
N ALA E 190 10.72 71.12 51.39
CA ALA E 190 11.79 70.87 52.31
C ALA E 190 12.76 69.76 51.83
N ALA E 191 13.79 69.54 52.62
CA ALA E 191 14.80 68.54 52.32
C ALA E 191 14.19 67.14 52.35
N VAL E 192 14.62 66.29 51.42
CA VAL E 192 14.32 64.89 51.49
C VAL E 192 14.93 64.40 52.80
N PRO E 193 14.19 63.63 53.60
CA PRO E 193 14.80 63.07 54.81
C PRO E 193 16.11 62.31 54.61
N ASP E 194 17.02 62.50 55.55
CA ASP E 194 18.38 61.98 55.47
C ASP E 194 18.37 60.46 55.27
N ASP E 195 17.56 59.76 56.06
CA ASP E 195 17.50 58.30 56.05
C ASP E 195 17.25 57.77 54.64
N LEU E 196 16.33 58.41 53.92
CA LEU E 196 16.01 57.97 52.58
C LEU E 196 17.19 58.24 51.66
N ILE E 197 17.79 59.42 51.81
CA ILE E 197 18.96 59.79 51.01
C ILE E 197 20.09 58.77 51.21
N GLN E 198 20.35 58.39 52.46
CA GLN E 198 21.40 57.46 52.75
C GLN E 198 21.11 56.10 52.20
N LYS E 199 19.90 55.60 52.43
CA LYS E 199 19.52 54.26 51.94
C LYS E 199 19.60 54.13 50.43
N LEU E 200 19.12 55.14 49.72
CA LEU E 200 19.23 55.09 48.31
C LEU E 200 20.60 55.70 48.34
N GLN E 201 21.39 55.74 47.30
CA GLN E 201 22.75 56.25 47.62
C GLN E 201 22.82 57.58 46.96
N LEU E 202 22.08 58.59 47.46
CA LEU E 202 21.82 59.77 46.66
C LEU E 202 22.45 61.04 47.27
N LYS E 203 22.52 62.11 46.48
CA LYS E 203 22.99 63.41 46.95
C LYS E 203 21.83 64.18 47.60
N PRO E 204 22.04 64.83 48.78
CA PRO E 204 20.97 65.65 49.45
C PRO E 204 20.50 66.82 48.44
N GLY E 205 19.55 67.77 48.45
CA GLY E 205 18.52 68.26 49.32
C GLY E 205 17.04 68.03 49.05
N THR E 206 16.30 68.85 48.27
CA THR E 206 14.82 68.84 48.26
C THR E 206 14.24 67.81 47.28
N TRP E 207 12.93 67.54 47.40
CA TRP E 207 12.30 66.52 46.58
C TRP E 207 12.51 66.76 45.10
N SER E 208 12.25 67.97 44.65
CA SER E 208 12.36 68.26 43.21
C SER E 208 13.81 68.13 42.73
N GLN E 209 14.73 68.57 43.56
CA GLN E 209 16.11 68.61 43.16
C GLN E 209 16.70 67.17 43.18
N VAL E 210 16.33 66.31 44.16
CA VAL E 210 16.88 64.94 44.12
C VAL E 210 16.17 64.00 43.13
N PHE E 211 14.86 64.16 42.92
CA PHE E 211 14.12 63.19 42.09
C PHE E 211 13.60 63.68 40.77
N GLY E 212 13.69 64.98 40.51
CA GLY E 212 13.30 65.52 39.20
C GLY E 212 11.89 65.18 38.78
N ARG E 213 11.75 64.62 37.58
CA ARG E 213 10.45 64.24 37.00
C ARG E 213 9.65 63.22 37.87
N ASP E 214 10.32 62.48 38.74
CA ASP E 214 9.65 61.52 39.64
C ASP E 214 9.35 62.07 41.02
N ALA E 215 9.63 63.35 41.27
CA ALA E 215 9.50 63.88 42.62
C ALA E 215 8.08 63.76 43.19
N ASP E 216 7.08 64.11 42.39
CA ASP E 216 5.69 64.10 42.87
C ASP E 216 5.26 62.69 43.29
N GLU E 217 5.50 61.71 42.42
CA GLU E 217 5.11 60.32 42.68
C GLU E 217 5.91 59.68 43.80
N PHE E 218 7.23 59.89 43.80
CA PHE E 218 8.07 59.34 44.82
C PHE E 218 7.75 59.94 46.18
N PHE E 219 7.42 61.23 46.20
CA PHE E 219 6.98 61.90 47.45
C PHE E 219 5.71 61.26 48.03
N HIS E 220 4.70 61.05 47.20
CA HIS E 220 3.44 60.43 47.65
C HIS E 220 3.71 59.02 48.16
N ALA E 221 4.49 58.24 47.41
CA ALA E 221 4.87 56.90 47.82
C ALA E 221 5.60 56.87 49.15
N TYR E 222 6.58 57.77 49.30
CA TYR E 222 7.29 57.87 50.55
C TYR E 222 6.37 58.22 51.73
N GLN E 223 5.54 59.22 51.56
CA GLN E 223 4.66 59.62 52.68
C GLN E 223 3.66 58.55 53.05
N ILE E 224 3.12 57.87 52.06
CA ILE E 224 2.20 56.77 52.36
C ILE E 224 2.93 55.64 53.04
N ALA E 225 4.12 55.31 52.53
CA ALA E 225 4.91 54.27 53.10
C ALA E 225 5.26 54.53 54.56
N ARG E 226 5.65 55.76 54.87
CA ARG E 226 5.93 56.13 56.27
C ARG E 226 4.68 56.00 57.15
N TYR E 227 3.55 56.45 56.63
CA TYR E 227 2.26 56.34 57.35
C TYR E 227 1.97 54.89 57.68
N CYS E 228 2.05 54.04 56.66
CA CYS E 228 1.77 52.63 56.85
C CYS E 228 2.79 51.97 57.77
N ASP E 229 4.06 52.39 57.67
CA ASP E 229 5.10 51.82 58.53
C ASP E 229 4.86 52.16 59.99
N GLU E 230 4.45 53.39 60.26
CA GLU E 230 4.11 53.78 61.64
C GLU E 230 2.94 53.04 62.23
N VAL E 231 1.88 52.86 61.44
CA VAL E 231 0.75 52.04 61.88
C VAL E 231 1.20 50.62 62.18
N THR E 232 2.01 50.08 61.27
CA THR E 232 2.55 48.74 61.40
C THR E 232 3.40 48.58 62.69
N VAL E 233 4.33 49.50 62.90
CA VAL E 233 5.16 49.43 64.10
C VAL E 233 4.34 49.45 65.40
N ALA E 234 3.34 50.33 65.45
CA ALA E 234 2.53 50.46 66.64
C ALA E 234 1.78 49.17 66.92
N GLY E 235 1.23 48.56 65.86
CA GLY E 235 0.52 47.31 66.04
C GLY E 235 1.41 46.16 66.41
N LYS E 236 2.58 46.08 65.77
CA LYS E 236 3.55 45.04 66.07
C LYS E 236 4.08 45.12 67.50
N ALA E 237 4.17 46.34 68.05
CA ALA E 237 4.60 46.52 69.44
C ALA E 237 3.64 45.84 70.39
N ILE E 238 2.38 45.66 69.97
CA ILE E 238 1.40 44.92 70.78
C ILE E 238 1.45 43.43 70.51
N LYS E 239 1.44 43.03 69.23
CA LYS E 239 1.66 41.64 68.86
C LYS E 239 2.38 41.60 67.53
N ASN E 240 3.53 40.97 67.50
CA ASN E 240 4.45 41.08 66.40
C ASN E 240 4.13 40.05 65.29
N LEU E 241 2.91 40.13 64.75
CA LEU E 241 2.53 39.33 63.60
C LEU E 241 3.18 39.91 62.34
N PRO E 242 3.42 39.06 61.32
CA PRO E 242 3.75 39.57 59.99
C PRO E 242 2.67 40.49 59.45
N MET E 243 3.08 41.56 58.76
CA MET E 243 2.13 42.50 58.23
C MET E 243 2.60 42.97 56.86
N TYR E 244 1.64 43.27 56.00
CA TYR E 244 1.96 43.54 54.59
C TYR E 244 1.01 44.53 54.01
N VAL E 245 1.38 45.07 52.85
CA VAL E 245 0.49 45.90 52.08
C VAL E 245 0.22 45.31 50.70
N ASN E 246 -0.96 45.57 50.17
CA ASN E 246 -1.40 45.04 48.87
C ASN E 246 -1.55 46.14 47.81
N VAL E 247 -1.11 45.85 46.59
CA VAL E 247 -0.94 46.86 45.57
C VAL E 247 -1.99 46.80 44.45
N ALA E 248 -2.63 47.94 44.22
CA ALA E 248 -3.38 48.18 43.01
C ALA E 248 -2.35 48.40 41.90
N LEU E 249 -2.17 47.39 41.07
CA LEU E 249 -1.02 47.32 40.17
C LEU E 249 -1.18 48.27 39.00
N ARG E 250 -0.08 48.83 38.58
CA ARG E 250 -0.04 49.44 37.24
C ARG E 250 0.39 48.38 36.25
N ASN E 251 0.01 48.55 34.99
CA ASN E 251 0.43 47.62 33.95
C ASN E 251 1.92 47.73 33.79
N PRO E 252 2.65 46.61 33.96
CA PRO E 252 4.09 46.72 33.99
C PRO E 252 4.69 47.03 32.61
N PHE E 253 3.99 46.73 31.54
CA PHE E 253 4.48 46.99 30.17
C PHE E 253 4.05 48.36 29.63
N ASN E 254 2.96 48.91 30.13
CA ASN E 254 2.32 50.08 29.54
C ASN E 254 1.51 50.78 30.64
N PRO E 255 2.19 51.34 31.64
CA PRO E 255 1.54 51.76 32.90
C PRO E 255 0.61 52.97 32.80
N GLY E 256 0.85 53.84 31.82
CA GLY E 256 0.21 55.15 31.85
C GLY E 256 0.80 55.99 32.98
N LEU E 257 0.08 57.03 33.39
CA LEU E 257 0.59 58.00 34.32
C LEU E 257 0.09 57.76 35.75
N PRO E 258 0.91 58.10 36.78
CA PRO E 258 0.43 58.02 38.16
C PRO E 258 -0.77 58.94 38.35
N GLY E 259 -1.81 58.46 39.03
CA GLY E 259 -3.11 59.12 39.04
C GLY E 259 -4.14 58.44 38.14
N GLN E 260 -3.71 57.96 36.98
CA GLN E 260 -4.50 57.02 36.19
C GLN E 260 -4.46 55.68 36.91
N TYR E 261 -3.25 55.21 37.23
CA TYR E 261 -3.13 54.15 38.19
C TYR E 261 -3.08 54.77 39.57
N SER E 262 -3.15 53.94 40.61
CA SER E 262 -3.17 54.44 41.96
C SER E 262 -1.78 54.91 42.38
N SER E 263 -1.57 56.24 42.38
CA SER E 263 -0.28 56.80 42.68
C SER E 263 0.06 56.63 44.17
N GLY E 264 1.28 56.21 44.44
CA GLY E 264 1.80 56.17 45.78
C GLY E 264 1.77 54.80 46.41
N GLY E 265 0.97 53.87 45.88
CA GLY E 265 1.01 52.50 46.32
C GLY E 265 2.31 51.84 45.86
N GLY E 266 2.55 50.60 46.23
CA GLY E 266 3.79 49.90 45.90
C GLY E 266 3.89 49.39 44.47
N THR E 267 3.70 50.30 43.51
CA THR E 267 3.86 49.93 42.10
C THR E 267 5.33 49.67 41.80
N ASP E 268 5.57 48.99 40.68
CA ASP E 268 6.89 48.42 40.42
C ASP E 268 8.01 49.48 40.37
N ASN E 269 7.67 50.71 39.98
CA ASN E 269 8.63 51.81 39.91
C ASN E 269 8.96 52.47 41.25
N VAL E 270 8.20 52.17 42.30
CA VAL E 270 8.46 52.76 43.60
C VAL E 270 8.70 51.73 44.70
N LEU E 271 9.01 50.49 44.31
CA LEU E 271 9.34 49.49 45.32
C LEU E 271 10.56 49.89 46.11
N HIS E 272 11.55 50.50 45.46
CA HIS E 272 12.76 50.93 46.17
C HIS E 272 12.45 52.00 47.22
N ILE E 273 11.51 52.90 46.91
CA ILE E 273 11.07 53.91 47.89
C ILE E 273 10.37 53.23 49.06
N TRP E 274 9.42 52.35 48.75
CA TRP E 274 8.70 51.60 49.78
C TRP E 274 9.61 50.77 50.69
N LYS E 275 10.59 50.06 50.11
CA LYS E 275 11.49 49.27 50.92
C LYS E 275 12.40 50.12 51.86
N ALA E 276 12.85 51.25 51.35
CA ALA E 276 13.67 52.18 52.14
C ALA E 276 12.85 52.87 53.25
N ALA E 277 11.61 53.28 52.91
CA ALA E 277 10.76 54.04 53.82
C ALA E 277 10.07 53.21 54.88
N ALA E 278 9.81 51.93 54.59
CA ALA E 278 8.95 51.14 55.48
C ALA E 278 9.60 49.81 55.81
N PRO E 279 10.69 49.85 56.56
CA PRO E 279 11.44 48.63 56.90
C PRO E 279 10.68 47.69 57.82
N ASN E 280 9.58 48.14 58.42
CA ASN E 280 8.83 47.28 59.31
C ASN E 280 7.68 46.53 58.63
N ILE E 281 7.36 46.89 57.40
CA ILE E 281 6.34 46.16 56.63
C ILE E 281 7.05 44.94 55.99
N ASP E 282 6.53 43.76 56.24
CA ASP E 282 7.23 42.52 55.86
C ASP E 282 7.31 42.30 54.36
N LEU E 283 6.23 42.58 53.64
CA LEU E 283 6.26 42.40 52.18
C LEU E 283 5.23 43.28 51.50
N ILE E 284 5.44 43.45 50.20
CA ILE E 284 4.56 44.20 49.34
C ILE E 284 3.97 43.22 48.32
N ALA E 285 2.65 43.08 48.35
CA ALA E 285 1.93 41.99 47.65
C ALA E 285 1.14 42.51 46.45
N PRO E 286 1.29 41.85 45.30
CA PRO E 286 0.49 42.24 44.13
C PRO E 286 -0.95 41.73 44.15
N ASP E 287 -1.88 42.57 43.72
CA ASP E 287 -3.28 42.19 43.51
C ASP E 287 -3.46 42.01 42.00
N ILE E 288 -3.64 40.77 41.56
CA ILE E 288 -3.52 40.43 40.15
C ILE E 288 -4.85 40.19 39.45
N TYR E 289 -5.22 41.10 38.56
CA TYR E 289 -6.46 40.96 37.80
C TYR E 289 -6.21 41.02 36.27
N PHE E 290 -4.95 41.13 35.84
CA PHE E 290 -4.59 40.88 34.46
C PHE E 290 -4.85 39.39 34.18
N ARG E 291 -5.51 39.07 33.08
CA ARG E 291 -5.86 37.67 32.74
C ARG E 291 -4.77 36.93 31.95
N ASP E 292 -4.02 37.71 31.17
CA ASP E 292 -3.10 37.17 30.16
C ASP E 292 -1.78 36.74 30.77
N TYR E 293 -1.33 35.56 30.35
CA TYR E 293 -0.13 34.95 30.85
C TYR E 293 1.07 35.87 30.87
N LYS E 294 1.34 36.61 29.80
CA LYS E 294 2.55 37.40 29.76
C LYS E 294 2.62 38.50 30.82
N THR E 295 1.50 39.17 31.04
CA THR E 295 1.46 40.25 31.97
C THR E 295 1.53 39.70 33.41
N VAL E 296 0.74 38.66 33.69
CA VAL E 296 0.77 38.01 35.02
C VAL E 296 2.20 37.55 35.30
N SER E 297 2.83 36.86 34.35
CA SER E 297 4.20 36.39 34.56
C SER E 297 5.15 37.53 34.88
N LYS E 298 5.01 38.65 34.21
CA LYS E 298 5.84 39.81 34.47
C LYS E 298 5.62 40.39 35.87
N VAL E 299 4.36 40.41 36.32
CA VAL E 299 4.06 40.87 37.66
C VAL E 299 4.73 39.96 38.69
N LEU E 300 4.63 38.65 38.50
CA LEU E 300 5.24 37.70 39.44
C LEU E 300 6.73 37.91 39.49
N GLU E 301 7.33 38.23 38.33
CA GLU E 301 8.77 38.45 38.26
C GLU E 301 9.16 39.71 39.02
N LEU E 302 8.41 40.78 38.81
CA LEU E 302 8.73 42.05 39.47
C LEU E 302 8.55 42.05 40.98
N TYR E 303 7.60 41.28 41.47
CA TYR E 303 7.33 41.30 42.91
C TYR E 303 8.09 40.24 43.68
N THR E 304 8.76 39.32 42.98
CA THR E 304 9.58 38.32 43.63
C THR E 304 11.00 38.87 43.63
N ARG E 305 11.50 39.23 44.80
CA ARG E 305 12.82 39.86 44.92
CA ARG E 305 12.82 39.85 44.92
C ARG E 305 13.53 39.30 46.13
N PRO E 306 14.87 39.46 46.18
CA PRO E 306 15.57 39.04 47.40
C PRO E 306 15.05 39.74 48.64
N ASP E 307 14.59 40.98 48.49
CA ASP E 307 14.03 41.73 49.60
C ASP E 307 12.50 41.69 49.64
N ASN E 308 11.85 40.83 48.86
CA ASN E 308 10.39 40.78 48.87
C ASN E 308 9.85 39.37 48.59
N ALA E 309 9.28 38.75 49.62
CA ALA E 309 8.60 37.47 49.48
C ALA E 309 7.40 37.73 48.60
N LEU E 310 7.07 36.74 47.78
CA LEU E 310 5.89 36.79 46.90
C LEU E 310 4.65 36.24 47.62
N PHE E 311 3.66 37.11 47.76
CA PHE E 311 2.33 36.72 48.19
C PHE E 311 1.33 37.33 47.20
N VAL E 312 0.55 36.47 46.53
CA VAL E 312 -0.51 36.93 45.65
C VAL E 312 -1.74 37.16 46.53
N ALA E 313 -1.81 38.37 47.06
CA ALA E 313 -2.76 38.72 48.08
C ALA E 313 -4.17 38.74 47.57
N GLU E 314 -4.34 39.08 46.29
CA GLU E 314 -5.62 38.95 45.61
C GLU E 314 -5.34 38.45 44.21
N ILE E 315 -6.22 37.61 43.68
CA ILE E 315 -6.23 37.32 42.26
C ILE E 315 -7.67 37.11 41.83
N GLY E 316 -7.97 37.38 40.57
CA GLY E 316 -9.31 37.15 40.07
C GLY E 316 -9.78 35.71 40.28
N ASN E 317 -11.09 35.54 40.38
CA ASN E 317 -11.65 34.22 40.59
C ASN E 317 -12.20 33.54 39.34
N ASP E 318 -11.98 34.12 38.17
CA ASP E 318 -12.38 33.46 36.95
C ASP E 318 -11.43 32.31 36.64
N GLN E 319 -11.95 31.34 35.90
CA GLN E 319 -11.22 30.14 35.58
C GLN E 319 -9.74 30.30 35.13
N PRO E 320 -9.42 31.27 34.24
CA PRO E 320 -8.03 31.41 33.81
C PRO E 320 -6.99 31.69 34.89
N PHE E 321 -7.43 32.21 36.05
CA PHE E 321 -6.51 32.59 37.09
C PHE E 321 -6.01 31.42 37.94
N ALA E 322 -6.74 30.30 37.94
CA ALA E 322 -6.37 29.18 38.82
C ALA E 322 -4.97 28.64 38.56
N ARG E 323 -4.58 28.58 37.29
CA ARG E 323 -3.28 27.96 36.94
C ARG E 323 -2.09 28.80 37.41
N TYR E 324 -2.32 30.07 37.74
CA TYR E 324 -1.21 30.91 38.19
C TYR E 324 -0.73 30.53 39.58
N LEU E 325 -1.46 29.66 40.28
CA LEU E 325 -0.93 29.07 41.51
C LEU E 325 0.44 28.39 41.24
N PHE E 326 0.59 27.74 40.10
CA PHE E 326 1.80 26.96 39.82
C PHE E 326 3.07 27.83 39.76
N PRO E 327 3.09 28.88 38.90
CA PRO E 327 4.30 29.70 38.90
C PRO E 327 4.47 30.51 40.17
N THR E 328 3.37 30.85 40.84
CA THR E 328 3.45 31.52 42.12
C THR E 328 4.28 30.67 43.08
N LEU E 329 3.91 29.40 43.24
CA LEU E 329 4.63 28.48 44.14
C LEU E 329 6.04 28.19 43.62
N GLY E 330 6.18 28.08 42.31
CA GLY E 330 7.49 27.87 41.69
C GLY E 330 8.50 28.98 41.95
N LYS E 331 8.03 30.21 42.12
CA LYS E 331 8.90 31.32 42.48
C LYS E 331 9.23 31.38 43.96
N GLY E 332 8.75 30.43 44.71
CA GLY E 332 8.89 30.44 46.16
C GLY E 332 7.82 31.23 46.88
N GLY E 333 6.71 31.50 46.20
CA GLY E 333 5.61 32.24 46.80
C GLY E 333 5.09 31.58 48.08
N ILE E 334 4.66 32.41 49.02
CA ILE E 334 4.19 31.94 50.32
C ILE E 334 2.67 31.80 50.33
N GLY E 335 2.01 32.27 49.28
CA GLY E 335 0.56 32.19 49.25
C GLY E 335 -0.12 32.79 48.04
N PHE E 336 -1.43 32.57 47.99
CA PHE E 336 -2.26 32.80 46.80
C PHE E 336 -3.70 32.86 47.28
N SER E 337 -4.42 33.93 46.95
CA SER E 337 -5.71 34.19 47.55
C SER E 337 -6.69 34.77 46.54
N PRO E 338 -7.46 33.90 45.91
CA PRO E 338 -8.51 34.34 44.97
C PRO E 338 -9.59 35.19 45.66
N PHE E 339 -9.98 36.25 44.97
CA PHE E 339 -10.89 37.26 45.52
C PHE E 339 -12.34 36.96 45.20
N GLY E 340 -13.21 37.16 46.19
CA GLY E 340 -14.63 37.09 45.98
C GLY E 340 -15.20 35.67 46.09
N MET E 341 -14.60 34.85 46.97
CA MET E 341 -15.01 33.47 47.14
C MET E 341 -16.09 33.37 48.24
N ASP E 342 -17.23 33.98 47.98
CA ASP E 342 -18.39 33.83 48.87
C ASP E 342 -19.65 33.96 48.07
N ASP E 343 -20.76 33.56 48.68
CA ASP E 343 -22.03 33.55 48.01
C ASP E 343 -22.94 34.70 48.48
N THR E 344 -22.39 35.90 48.55
CA THR E 344 -23.14 37.07 49.03
C THR E 344 -23.75 37.87 47.90
N ASP E 345 -23.99 37.22 46.78
CA ASP E 345 -24.75 37.79 45.70
C ASP E 345 -24.03 38.99 45.13
N TYR E 346 -22.75 38.79 44.81
CA TYR E 346 -21.99 39.78 44.08
C TYR E 346 -21.01 39.08 43.17
N THR E 347 -20.90 39.55 41.94
CA THR E 347 -19.80 39.13 41.07
C THR E 347 -19.08 40.39 40.58
N ASN E 348 -17.76 40.45 40.80
CA ASN E 348 -16.92 41.60 40.36
C ASN E 348 -16.53 41.51 38.90
N TYR E 349 -17.20 40.62 38.16
CA TYR E 349 -17.07 40.62 36.71
C TYR E 349 -17.22 42.05 36.21
N PRO E 350 -16.37 42.50 35.28
CA PRO E 350 -15.35 41.85 34.41
C PRO E 350 -14.02 41.42 35.05
N LEU E 351 -13.72 41.87 36.27
CA LEU E 351 -12.46 41.47 36.95
C LEU E 351 -12.38 39.97 37.30
N GLY E 352 -13.49 39.39 37.73
CA GLY E 352 -13.55 37.96 38.04
C GLY E 352 -14.61 37.22 37.23
N ALA E 353 -15.12 36.15 37.83
CA ALA E 353 -16.04 35.25 37.14
C ALA E 353 -17.38 35.94 36.90
N LYS E 354 -18.00 35.62 35.77
CA LYS E 354 -19.32 36.18 35.45
C LYS E 354 -20.39 35.63 36.39
N VAL E 355 -20.31 34.37 36.74
CA VAL E 355 -21.26 33.81 37.71
C VAL E 355 -20.48 33.14 38.85
N TYR E 356 -21.09 33.10 40.04
CA TYR E 356 -20.52 32.43 41.18
C TYR E 356 -21.32 31.18 41.55
N ASN E 357 -20.73 30.04 41.30
CA ASN E 357 -21.35 28.77 41.60
C ASN E 357 -20.27 27.72 41.93
N ASP E 358 -20.69 26.48 42.12
CA ASP E 358 -19.77 25.42 42.48
C ASP E 358 -18.66 25.21 41.46
N GLU E 359 -18.98 25.38 40.19
CA GLU E 359 -17.97 25.25 39.15
C GLU E 359 -16.88 26.32 39.27
N THR E 360 -17.24 27.56 39.61
CA THR E 360 -16.21 28.61 39.81
C THR E 360 -15.23 28.21 40.90
N ILE E 361 -15.78 27.65 41.97
CA ILE E 361 -14.98 27.22 43.11
C ILE E 361 -14.11 26.02 42.73
N GLU E 362 -14.69 25.11 41.96
CA GLU E 362 -14.01 23.86 41.61
C GLU E 362 -12.74 24.07 40.80
N GLN E 363 -12.66 25.14 40.01
CA GLN E 363 -11.43 25.38 39.26
C GLN E 363 -10.22 25.58 40.22
N PHE E 364 -10.46 26.23 41.36
CA PHE E 364 -9.43 26.43 42.35
C PHE E 364 -9.28 25.20 43.24
N ALA E 365 -10.37 24.53 43.55
CA ALA E 365 -10.29 23.31 44.39
C ALA E 365 -9.41 22.26 43.73
N GLN E 366 -9.49 22.16 42.42
CA GLN E 366 -8.70 21.16 41.71
C GLN E 366 -7.19 21.38 41.82
N VAL E 367 -6.76 22.66 41.79
CA VAL E 367 -5.33 22.94 41.90
C VAL E 367 -4.87 22.92 43.37
N TYR E 368 -5.70 23.36 44.27
CA TYR E 368 -5.38 23.24 45.72
C TYR E 368 -5.24 21.79 46.19
N ARG E 369 -6.00 20.86 45.60
CA ARG E 369 -5.86 19.44 45.89
C ARG E 369 -4.48 18.86 45.57
N LEU E 370 -3.73 19.50 44.67
CA LEU E 370 -2.37 19.06 44.38
C LEU E 370 -1.39 19.46 45.47
N VAL E 371 -1.66 20.57 46.15
CA VAL E 371 -0.72 21.15 47.10
C VAL E 371 -1.06 20.78 48.56
N ASN E 372 -2.34 20.82 48.91
CA ASN E 372 -2.78 20.44 50.27
C ASN E 372 -2.13 19.18 50.87
N PRO E 373 -2.10 18.05 50.14
CA PRO E 373 -1.49 16.85 50.74
C PRO E 373 0.00 16.93 51.03
N MET E 374 0.72 17.85 50.39
CA MET E 374 2.15 18.05 50.67
C MET E 374 2.46 19.46 51.22
N MET E 375 1.50 20.15 51.77
CA MET E 375 1.68 21.63 51.98
C MET E 375 2.95 21.98 52.80
N ARG E 376 3.14 21.32 53.93
CA ARG E 376 4.30 21.56 54.76
C ARG E 376 5.60 21.15 54.11
N GLU E 377 5.57 20.02 53.42
CA GLU E 377 6.79 19.54 52.78
C GLU E 377 7.19 20.47 51.64
N TRP E 378 6.21 20.86 50.83
CA TRP E 378 6.48 21.82 49.75
C TRP E 378 7.03 23.14 50.31
N ALA E 379 6.41 23.66 51.36
CA ALA E 379 6.83 24.94 51.94
C ALA E 379 8.30 24.89 52.40
N ARG E 380 8.69 23.80 53.05
CA ARG E 380 10.09 23.60 53.43
C ARG E 380 11.04 23.53 52.21
N LEU E 381 10.68 22.73 51.21
CA LEU E 381 11.53 22.59 50.03
C LEU E 381 11.67 23.89 49.29
N SER E 382 10.58 24.65 49.26
CA SER E 382 10.60 25.94 48.59
C SER E 382 11.57 26.91 49.28
N TYR E 383 11.55 26.92 50.61
CA TYR E 383 12.42 27.81 51.38
C TYR E 383 13.90 27.39 51.30
N GLN E 384 14.12 26.10 51.42
CA GLN E 384 15.44 25.56 51.73
C GLN E 384 16.06 24.75 50.62
N GLY E 385 15.36 24.63 49.51
CA GLY E 385 15.87 23.86 48.36
C GLY E 385 15.45 24.48 47.03
N GLN E 386 15.28 23.63 46.04
CA GLN E 386 15.02 24.09 44.72
C GLN E 386 13.64 23.60 44.34
N VAL E 387 12.81 24.55 43.92
CA VAL E 387 11.49 24.25 43.38
C VAL E 387 11.34 24.95 42.04
N TRP E 388 10.38 24.47 41.25
CA TRP E 388 10.01 25.07 40.00
C TRP E 388 8.50 24.95 39.87
N GLY E 389 7.93 25.81 39.05
CA GLY E 389 6.50 25.77 38.79
C GLY E 389 6.18 26.51 37.52
N VAL E 390 5.28 25.96 36.72
CA VAL E 390 4.91 26.54 35.43
C VAL E 390 3.45 26.40 35.21
N ALA E 391 2.91 27.32 34.40
CA ALA E 391 1.53 27.26 33.96
C ALA E 391 1.49 27.28 32.45
N GLU E 392 0.38 26.76 31.92
CA GLU E 392 0.14 26.74 30.48
C GLU E 392 0.28 28.17 29.91
N PRO E 393 1.20 28.34 28.95
CA PRO E 393 1.66 29.71 28.60
C PRO E 393 0.92 30.38 27.46
N LEU E 394 -0.08 29.73 26.87
CA LEU E 394 -0.96 30.39 25.92
C LEU E 394 -2.31 30.54 26.57
N ASP E 395 -2.91 31.73 26.42
CA ASP E 395 -4.26 31.97 26.89
C ASP E 395 -5.28 31.26 25.96
N SER E 396 -6.50 31.02 26.44
CA SER E 396 -7.52 30.36 25.63
C SER E 396 -7.71 31.13 24.31
N THR E 397 -7.88 30.40 23.23
CA THR E 397 -8.05 31.02 21.91
C THR E 397 -9.33 31.84 21.89
N THR E 398 -9.26 33.09 21.42
CA THR E 398 -10.46 33.95 21.28
C THR E 398 -11.35 33.53 20.11
N GLU E 399 -12.59 34.01 20.13
CA GLU E 399 -13.55 33.81 19.01
C GLU E 399 -13.02 34.49 17.73
N THR E 400 -12.51 35.71 17.89
CA THR E 400 -11.81 36.42 16.84
C THR E 400 -10.65 35.62 16.27
N GLN E 401 -9.85 34.99 17.12
CA GLN E 401 -8.74 34.15 16.67
C GLN E 401 -9.25 32.86 16.04
N LYS E 402 -10.37 32.34 16.51
CA LYS E 402 -10.98 31.15 15.91
C LYS E 402 -11.43 31.47 14.47
N ILE E 403 -12.06 32.63 14.27
CA ILE E 403 -12.49 33.07 12.92
C ILE E 403 -11.26 33.23 12.02
N TRP E 404 -10.28 34.04 12.45
CA TRP E 404 -9.03 34.24 11.72
C TRP E 404 -8.32 32.92 11.41
N ASN E 405 -8.27 32.02 12.39
CA ASN E 405 -7.71 30.68 12.17
C ASN E 405 -8.37 29.91 11.02
N ALA E 406 -9.70 29.89 10.99
CA ALA E 406 -10.47 29.18 9.94
C ALA E 406 -10.25 29.76 8.53
N GLU E 407 -10.18 31.08 8.44
CA GLU E 407 -9.79 31.79 7.23
C GLU E 407 -8.29 31.46 7.13
N ALA E 408 -8.00 30.38 6.39
CA ALA E 408 -6.83 29.50 6.61
C ALA E 408 -5.60 29.54 5.66
N THR E 409 -5.58 28.64 4.65
CA THR E 409 -4.36 28.21 3.93
C THR E 409 -4.01 26.96 4.66
N PRO E 410 -4.23 25.81 4.02
CA PRO E 410 -3.84 24.56 4.69
C PRO E 410 -2.38 24.57 5.16
N GLU E 411 -1.50 25.24 4.43
CA GLU E 411 -0.09 25.38 4.82
C GLU E 411 0.04 26.26 6.07
N GLU E 412 -0.77 27.32 6.13
CA GLU E 412 -0.75 28.26 7.24
C GLU E 412 -1.33 27.63 8.52
N LYS E 413 -2.38 26.82 8.36
CA LYS E 413 -2.98 26.06 9.46
C LYS E 413 -1.96 25.08 10.07
N GLU E 414 -1.21 24.38 9.23
CA GLU E 414 -0.19 23.44 9.72
C GLU E 414 0.95 24.19 10.41
N GLN E 415 1.31 25.36 9.87
CA GLN E 415 2.35 26.18 10.48
C GLN E 415 1.90 26.74 11.84
N HIS E 416 0.62 27.05 11.94
CA HIS E 416 0.07 27.62 13.16
C HIS E 416 0.05 26.57 14.29
N LYS E 417 -0.34 25.35 13.94
CA LYS E 417 -0.27 24.23 14.87
C LYS E 417 1.12 23.96 15.37
N LYS E 418 2.11 24.02 14.46
CA LYS E 418 3.51 23.85 14.85
C LYS E 418 3.97 24.96 15.79
N ASP E 419 3.59 26.18 15.48
CA ASP E 419 3.93 27.33 16.30
C ASP E 419 3.32 27.20 17.71
N ARG E 420 2.08 26.77 17.77
CA ARG E 420 1.38 26.58 19.06
C ARG E 420 1.98 25.44 19.87
N ALA E 421 2.27 24.30 19.23
CA ALA E 421 2.95 23.17 19.89
C ALA E 421 4.25 23.61 20.54
N SER E 422 5.02 24.37 19.81
CA SER E 422 6.30 24.88 20.33
C SER E 422 6.11 25.86 21.52
N ALA E 423 5.11 26.73 21.42
CA ALA E 423 4.81 27.67 22.51
C ALA E 423 4.28 26.93 23.74
N LEU E 424 3.64 25.79 23.51
CA LEU E 424 3.08 24.95 24.56
C LEU E 424 4.06 23.89 25.09
N THR E 425 5.35 24.12 24.89
CA THR E 425 6.40 23.25 25.37
C THR E 425 7.35 24.06 26.22
N GLN E 426 7.51 23.72 27.50
CA GLN E 426 8.38 24.50 28.38
C GLN E 426 9.55 23.64 28.88
N GLN E 427 10.73 24.24 28.95
CA GLN E 427 11.95 23.57 29.40
CA GLN E 427 11.93 23.56 29.43
C GLN E 427 12.25 24.03 30.82
N LEU E 428 12.61 23.11 31.70
CA LEU E 428 13.09 23.43 33.03
C LEU E 428 14.40 22.72 33.26
N ASP E 429 15.38 23.47 33.71
CA ASP E 429 16.74 22.95 33.99
C ASP E 429 16.83 22.56 35.46
N LEU E 430 16.87 21.27 35.73
CA LEU E 430 16.77 20.77 37.10
C LEU E 430 18.14 20.27 37.62
N GLY E 431 19.20 20.72 36.97
CA GLY E 431 20.58 20.34 37.36
C GLY E 431 21.16 19.34 36.35
N LEU E 432 21.28 18.10 36.80
CA LEU E 432 21.69 16.98 35.92
C LEU E 432 20.60 16.53 34.95
N TRP E 433 19.37 16.90 35.26
CA TRP E 433 18.20 16.48 34.49
C TRP E 433 17.38 17.73 34.13
N ASP E 434 16.73 17.67 32.98
CA ASP E 434 15.77 18.68 32.60
C ASP E 434 14.39 18.03 32.58
N ALA E 435 13.36 18.86 32.72
CA ALA E 435 12.00 18.45 32.45
C ALA E 435 11.44 19.26 31.31
N GLU E 436 10.63 18.62 30.51
CA GLU E 436 9.90 19.29 29.45
C GLU E 436 8.41 19.14 29.78
N VAL E 437 7.73 20.26 29.89
CA VAL E 437 6.30 20.28 30.20
C VAL E 437 5.52 20.67 28.98
N THR E 438 4.52 19.85 28.63
CA THR E 438 3.67 20.10 27.48
C THR E 438 2.20 20.00 27.87
N TYR E 439 1.36 20.68 27.12
CA TYR E 439 -0.04 20.80 27.48
C TYR E 439 -1.02 20.39 26.38
N GLY E 440 -1.98 19.54 26.73
CA GLY E 440 -3.15 19.24 25.87
C GLY E 440 -2.81 18.19 24.82
N ARG E 441 -2.59 16.98 25.29
CA ARG E 441 -2.23 15.87 24.41
C ARG E 441 -2.65 14.57 25.06
N PRO E 442 -2.80 13.50 24.25
CA PRO E 442 -3.14 12.21 24.84
C PRO E 442 -2.08 11.71 25.85
N MET E 443 -2.45 10.69 26.62
CA MET E 443 -1.59 10.08 27.67
C MET E 443 -0.69 8.96 27.11
N PHE E 444 -0.76 8.75 25.80
CA PHE E 444 -0.10 7.63 25.09
C PHE E 444 0.38 8.17 23.76
N TRP E 445 1.54 7.70 23.32
CA TRP E 445 2.18 8.16 22.08
C TRP E 445 2.62 9.63 22.18
N VAL E 446 2.99 10.20 21.04
CA VAL E 446 3.77 11.41 20.99
C VAL E 446 3.17 12.50 20.07
N THR E 447 1.88 12.43 19.81
CA THR E 447 1.23 13.49 19.04
C THR E 447 1.39 14.86 19.75
N PRO E 448 1.76 15.91 18.99
CA PRO E 448 2.14 17.17 19.58
C PRO E 448 1.02 17.87 20.40
N PRO E 449 1.42 18.73 21.37
CA PRO E 449 0.45 19.43 22.23
C PRO E 449 -0.36 20.47 21.48
N GLU E 450 -1.65 20.51 21.76
CA GLU E 450 -2.55 21.51 21.20
C GLU E 450 -3.18 22.42 22.26
N GLY E 451 -2.83 22.22 23.53
CA GLY E 451 -3.36 23.07 24.61
C GLY E 451 -4.67 22.57 25.15
N ASN E 452 -4.96 22.96 26.38
CA ASN E 452 -6.23 22.61 27.00
C ASN E 452 -7.22 23.68 26.60
N THR E 453 -8.49 23.32 26.61
CA THR E 453 -9.56 24.27 26.32
C THR E 453 -10.56 24.23 27.44
N PRO E 454 -10.60 25.28 28.24
CA PRO E 454 -9.79 26.47 28.27
C PRO E 454 -8.33 26.18 28.74
N ALA E 455 -7.43 27.13 28.56
CA ALA E 455 -6.07 27.05 29.11
C ALA E 455 -6.15 26.84 30.64
N ALA E 456 -5.43 25.85 31.16
CA ALA E 456 -5.63 25.44 32.55
C ALA E 456 -4.47 24.67 33.22
N GLY E 457 -3.52 24.18 32.43
CA GLY E 457 -2.53 23.28 32.91
C GLY E 457 -1.43 23.93 33.75
N GLY E 458 -0.70 23.07 34.46
CA GLY E 458 0.53 23.47 35.10
C GLY E 458 1.26 22.33 35.76
N ALA E 459 2.41 22.64 36.37
CA ALA E 459 3.26 21.63 36.99
C ALA E 459 4.11 22.22 38.12
N LEU E 460 4.34 21.42 39.16
CA LEU E 460 5.23 21.73 40.25
C LEU E 460 6.28 20.65 40.35
N ILE E 461 7.52 21.07 40.56
CA ILE E 461 8.65 20.16 40.75
C ILE E 461 9.52 20.66 41.93
N ALA E 462 9.88 19.75 42.82
CA ALA E 462 10.87 20.04 43.86
C ALA E 462 12.01 19.06 43.76
N GLN E 463 13.25 19.53 43.95
CA GLN E 463 14.40 18.64 43.90
C GLN E 463 14.61 18.02 45.28
N LEU E 464 14.66 16.69 45.35
CA LEU E 464 14.97 16.01 46.60
C LEU E 464 16.46 15.63 46.71
N ASP E 465 17.09 15.31 45.58
CA ASP E 465 18.50 14.95 45.53
C ASP E 465 18.97 15.12 44.10
N ASP E 466 20.25 14.85 43.82
CA ASP E 466 20.82 15.03 42.48
C ASP E 466 20.00 14.40 41.34
N ASN E 467 19.43 13.24 41.61
CA ASN E 467 18.71 12.45 40.61
C ASN E 467 17.24 12.16 41.00
N GLU E 468 16.69 12.89 41.97
CA GLU E 468 15.37 12.61 42.47
C GLU E 468 14.54 13.86 42.67
N TYR E 469 13.29 13.79 42.23
CA TYR E 469 12.39 14.94 42.25
C TYR E 469 10.99 14.57 42.68
N LEU E 470 10.32 15.52 43.29
CA LEU E 470 8.92 15.42 43.63
C LEU E 470 8.16 16.16 42.55
N VAL E 471 7.12 15.53 42.01
CA VAL E 471 6.45 16.07 40.85
C VAL E 471 4.94 15.93 41.00
N THR E 472 4.21 17.02 40.76
CA THR E 472 2.77 16.93 40.60
C THR E 472 2.36 17.92 39.53
N ALA E 473 1.39 17.55 38.71
CA ALA E 473 0.98 18.41 37.63
C ALA E 473 -0.51 18.21 37.32
N TYR E 474 -0.97 18.95 36.33
CA TYR E 474 -2.38 19.17 36.12
C TYR E 474 -2.58 19.46 34.65
N LYS E 475 -3.31 18.57 33.97
CA LYS E 475 -3.63 18.73 32.55
C LYS E 475 -2.38 19.00 31.71
N ALA E 476 -1.40 18.14 31.90
CA ALA E 476 -0.12 18.34 31.33
C ALA E 476 0.66 17.05 31.30
N ARG E 477 1.67 17.02 30.47
CA ARG E 477 2.69 15.97 30.47
C ARG E 477 4.02 16.53 30.91
N VAL E 478 4.71 15.77 31.77
CA VAL E 478 6.05 16.10 32.22
C VAL E 478 6.99 14.96 31.78
N GLU E 479 8.01 15.31 31.00
CA GLU E 479 9.02 14.33 30.56
C GLU E 479 10.42 14.74 31.03
N PHE E 480 11.16 13.77 31.55
CA PHE E 480 12.51 14.01 32.02
C PHE E 480 13.54 13.56 30.99
N LYS E 481 14.64 14.28 30.94
CA LYS E 481 15.77 13.93 30.06
C LYS E 481 17.06 14.47 30.69
N PRO E 482 18.22 14.04 30.16
CA PRO E 482 19.48 14.55 30.73
C PRO E 482 19.63 16.02 30.40
N SER E 483 20.21 16.79 31.33
CA SER E 483 20.42 18.22 31.10
C SER E 483 21.60 18.49 30.17
N GLN E 484 22.49 17.52 30.07
CA GLN E 484 23.68 17.64 29.23
C GLN E 484 24.00 16.29 28.59
N GLU E 485 24.83 16.35 27.57
CA GLU E 485 25.32 15.14 26.91
C GLU E 485 25.88 14.13 27.89
N LEU E 486 25.55 12.87 27.70
CA LEU E 486 26.02 11.80 28.59
C LEU E 486 27.31 11.07 28.22
N ALA E 487 28.00 11.50 27.18
CA ALA E 487 29.28 10.87 26.78
C ALA E 487 29.25 9.33 26.80
N GLY E 488 28.30 8.81 26.04
CA GLY E 488 28.17 7.38 25.75
C GLY E 488 27.27 6.54 26.67
N LYS E 489 26.84 7.13 27.78
CA LYS E 489 25.90 6.45 28.71
C LYS E 489 24.49 6.62 28.15
N LYS E 490 23.61 5.77 28.60
CA LYS E 490 22.18 5.91 28.30
C LYS E 490 21.48 6.41 29.56
N PHE E 491 20.19 6.69 29.48
CA PHE E 491 19.43 7.05 30.67
C PHE E 491 18.06 6.44 30.65
N MET E 492 17.49 6.30 31.83
CA MET E 492 16.09 5.98 31.96
C MET E 492 15.57 6.53 33.26
N ILE E 493 14.26 6.45 33.40
CA ILE E 493 13.62 6.51 34.69
C ILE E 493 14.03 5.28 35.49
N GLU E 494 14.54 5.46 36.68
CA GLU E 494 14.82 4.34 37.54
C GLU E 494 13.56 3.89 38.27
N ARG E 495 12.81 4.84 38.82
CA ARG E 495 11.59 4.53 39.54
C ARG E 495 10.73 5.76 39.72
N VAL E 496 9.44 5.60 39.47
CA VAL E 496 8.42 6.60 39.78
C VAL E 496 7.46 5.97 40.80
N GLU E 497 7.32 6.60 41.98
CA GLU E 497 6.38 6.19 42.99
C GLU E 497 5.28 7.25 43.17
N GLU E 498 4.03 6.82 43.21
CA GLU E 498 2.94 7.70 43.63
C GLU E 498 2.76 7.47 45.12
N GLY E 499 2.55 8.54 45.87
CA GLY E 499 2.31 8.39 47.29
C GLY E 499 1.91 9.67 47.99
N ARG E 500 2.15 9.70 49.29
CA ARG E 500 1.78 10.82 50.14
C ARG E 500 2.70 10.91 51.33
N PHE E 501 2.65 12.05 52.01
CA PHE E 501 3.38 12.25 53.24
C PHE E 501 2.45 12.02 54.41
N GLU E 502 2.91 11.20 55.35
CA GLU E 502 2.15 10.91 56.56
C GLU E 502 3.12 11.17 57.71
N LYS E 503 2.78 12.12 58.58
CA LYS E 503 3.69 12.50 59.69
C LYS E 503 5.06 12.84 59.16
N GLY E 504 5.09 13.56 58.04
CA GLY E 504 6.37 13.94 57.40
C GLY E 504 7.15 12.84 56.71
N LYS E 505 6.63 11.61 56.72
CA LYS E 505 7.30 10.49 56.05
C LYS E 505 6.57 10.11 54.74
N TRP E 506 7.34 9.85 53.70
CA TRP E 506 6.81 9.34 52.44
C TRP E 506 6.22 7.94 52.59
N VAL E 507 5.00 7.78 52.14
CA VAL E 507 4.35 6.49 52.03
C VAL E 507 4.03 6.20 50.57
N MET E 508 4.59 5.10 50.05
CA MET E 508 4.36 4.71 48.66
C MET E 508 2.99 4.07 48.52
N GLU E 509 2.26 4.44 47.48
CA GLU E 509 0.96 3.81 47.18
C GLU E 509 1.14 2.83 46.02
N ARG E 510 1.83 3.28 44.96
CA ARG E 510 2.06 2.45 43.81
C ARG E 510 3.23 2.97 42.99
N VAL E 511 3.76 2.11 42.13
CA VAL E 511 4.81 2.46 41.20
C VAL E 511 4.17 2.71 39.84
N TRP E 512 4.43 3.87 39.24
CA TRP E 512 4.05 4.12 37.85
C TRP E 512 5.13 3.47 37.00
N ASN E 513 4.71 2.68 36.03
CA ASN E 513 5.63 2.05 35.09
C ASN E 513 4.86 1.68 33.83
N GLY E 514 5.54 1.05 32.89
CA GLY E 514 4.91 0.71 31.64
C GLY E 514 4.29 1.91 30.93
N ASP E 515 3.03 1.75 30.53
CA ASP E 515 2.30 2.75 29.80
C ASP E 515 2.35 4.07 30.55
N GLN E 516 2.35 4.02 31.88
CA GLN E 516 2.29 5.25 32.69
C GLN E 516 3.61 6.06 32.69
N THR E 517 4.74 5.47 32.23
CA THR E 517 5.97 6.19 32.14
C THR E 517 6.64 6.12 30.77
N ASP E 518 6.04 5.43 29.80
CA ASP E 518 6.61 5.30 28.47
C ASP E 518 6.58 6.61 27.71
N TRP E 519 5.59 7.47 28.01
CA TRP E 519 5.32 8.67 27.22
C TRP E 519 5.24 9.90 28.13
N GLY E 520 6.25 10.04 28.96
CA GLY E 520 6.25 11.06 29.98
C GLY E 520 5.29 10.70 31.10
N LEU E 521 5.05 11.65 31.97
CA LEU E 521 4.17 11.49 33.11
C LEU E 521 2.95 12.37 32.82
N ASN E 522 1.82 11.73 32.60
CA ASN E 522 0.61 12.41 32.12
C ASN E 522 -0.40 12.60 33.22
N PHE E 523 -0.82 13.83 33.38
CA PHE E 523 -1.71 14.23 34.46
C PHE E 523 -3.00 14.79 33.85
N THR E 524 -4.09 14.50 34.48
CA THR E 524 -5.39 15.03 34.08
C THR E 524 -5.78 15.99 35.16
N ASP E 525 -7.04 15.94 35.61
CA ASP E 525 -7.52 16.86 36.61
C ASP E 525 -7.40 16.27 38.02
N ARG E 526 -7.07 15.00 38.12
CA ARG E 526 -6.97 14.35 39.42
C ARG E 526 -5.58 14.52 40.03
N PRO E 527 -5.50 14.51 41.38
CA PRO E 527 -4.24 14.72 42.06
C PRO E 527 -3.38 13.46 42.15
N HIS E 528 -2.13 13.57 41.75
CA HIS E 528 -1.12 12.52 41.97
C HIS E 528 0.20 13.16 42.31
N LEU E 529 0.78 12.70 43.41
CA LEU E 529 2.07 13.20 43.85
C LEU E 529 3.11 12.11 43.63
N LEU E 530 4.14 12.43 42.86
CA LEU E 530 5.14 11.44 42.42
C LEU E 530 6.53 11.79 42.91
N ARG E 531 7.30 10.74 43.25
CA ARG E 531 8.71 10.82 43.45
C ARG E 531 9.38 10.12 42.28
N VAL E 532 10.17 10.88 41.54
CA VAL E 532 10.76 10.44 40.30
C VAL E 532 12.29 10.35 40.50
N LYS E 533 12.82 9.16 40.31
CA LYS E 533 14.29 8.94 40.37
C LYS E 533 14.79 8.59 38.98
N MET E 534 15.74 9.38 38.50
CA MET E 534 16.35 9.20 37.18
C MET E 534 17.74 8.55 37.31
N ALA E 535 18.19 7.87 36.28
CA ALA E 535 19.52 7.24 36.27
C ALA E 535 20.14 7.27 34.89
N SER E 536 21.42 7.59 34.84
CA SER E 536 22.24 7.34 33.66
C SER E 536 22.97 6.03 33.91
N TYR E 537 23.26 5.29 32.84
CA TYR E 537 23.85 3.97 32.99
C TYR E 537 24.74 3.65 31.80
N SER E 538 25.78 2.89 32.07
CA SER E 538 26.74 2.50 31.08
C SER E 538 26.25 1.35 30.24
N VAL E 539 26.54 1.41 28.96
CA VAL E 539 26.38 0.30 28.04
C VAL E 539 27.69 -0.12 27.34
N GLN E 540 28.84 0.30 27.90
CA GLN E 540 30.17 0.10 27.25
C GLN E 540 30.58 -1.36 27.30
N ALA F 2 -72.53 -15.71 40.46
CA ALA F 2 -72.66 -14.54 39.54
C ALA F 2 -73.11 -15.01 38.17
N PRO F 3 -73.89 -14.19 37.48
CA PRO F 3 -74.42 -14.66 36.20
C PRO F 3 -73.33 -14.70 35.14
N LEU F 4 -73.46 -15.60 34.18
CA LEU F 4 -72.52 -15.72 33.10
C LEU F 4 -72.41 -14.41 32.34
N PRO F 5 -71.20 -14.06 31.88
CA PRO F 5 -71.11 -12.99 30.91
C PRO F 5 -71.91 -13.35 29.70
N GLU F 6 -72.51 -12.36 29.05
CA GLU F 6 -73.13 -12.61 27.76
C GLU F 6 -73.19 -11.38 26.89
N LEU F 7 -73.23 -11.61 25.58
CA LEU F 7 -73.39 -10.54 24.64
C LEU F 7 -74.87 -10.42 24.28
N LEU F 8 -75.47 -9.27 24.61
CA LEU F 8 -76.84 -8.99 24.26
C LEU F 8 -76.88 -8.13 23.01
N SER F 9 -77.86 -8.40 22.16
CA SER F 9 -78.14 -7.59 20.97
C SER F 9 -79.63 -7.24 20.91
N ASN F 10 -79.95 -5.97 20.86
CA ASN F 10 -81.34 -5.51 20.86
C ASN F 10 -81.46 -4.14 20.20
N ASN F 11 -82.45 -3.98 19.34
CA ASN F 11 -82.73 -2.71 18.67
C ASN F 11 -81.53 -2.18 17.90
N GLY F 12 -80.79 -3.09 17.25
CA GLY F 12 -79.55 -2.74 16.55
C GLY F 12 -78.38 -2.33 17.45
N LYS F 13 -78.49 -2.55 18.76
CA LYS F 13 -77.46 -2.13 19.71
C LYS F 13 -76.97 -3.35 20.46
N HIS F 14 -75.86 -3.23 21.17
CA HIS F 14 -75.23 -4.38 21.81
C HIS F 14 -74.64 -4.02 23.12
N ALA F 15 -74.53 -5.02 23.99
CA ALA F 15 -73.85 -4.86 25.26
C ALA F 15 -73.16 -6.15 25.65
N LEU F 16 -71.95 -6.02 26.19
CA LEU F 16 -71.30 -7.12 26.84
C LEU F 16 -71.67 -7.03 28.28
N MET F 17 -72.48 -7.99 28.73
CA MET F 17 -72.88 -8.10 30.13
C MET F 17 -71.85 -8.83 30.92
N VAL F 18 -71.38 -8.21 31.99
CA VAL F 18 -70.48 -8.85 32.91
C VAL F 18 -70.97 -8.58 34.31
N ASP F 19 -71.14 -9.65 35.09
CA ASP F 19 -71.74 -9.57 36.41
C ASP F 19 -73.10 -8.86 36.39
N GLY F 20 -73.88 -9.12 35.36
CA GLY F 20 -75.27 -8.65 35.27
C GLY F 20 -75.48 -7.22 34.81
N ALA F 21 -74.45 -6.56 34.27
CA ALA F 21 -74.63 -5.21 33.73
C ALA F 21 -73.64 -4.94 32.58
N PRO F 22 -73.96 -3.98 31.69
CA PRO F 22 -73.03 -3.70 30.59
C PRO F 22 -71.64 -3.33 31.08
N TYR F 23 -70.63 -3.71 30.27
CA TYR F 23 -69.22 -3.61 30.64
C TYR F 23 -68.44 -3.19 29.40
N ILE F 24 -67.40 -2.38 29.61
CA ILE F 24 -66.50 -1.99 28.53
C ILE F 24 -65.13 -2.58 28.80
N ILE F 25 -64.62 -3.33 27.83
CA ILE F 25 -63.27 -3.82 27.92
C ILE F 25 -62.30 -2.67 27.59
N LEU F 26 -61.64 -2.17 28.61
CA LEU F 26 -60.52 -1.23 28.47
C LEU F 26 -59.30 -2.11 28.60
N GLY F 27 -58.87 -2.62 27.46
CA GLY F 27 -58.02 -3.81 27.44
C GLY F 27 -56.54 -3.55 27.27
N SER F 28 -55.77 -4.59 27.57
CA SER F 28 -54.39 -4.69 27.11
C SER F 28 -54.18 -6.12 26.66
N GLN F 29 -53.34 -6.32 25.64
CA GLN F 29 -53.07 -7.65 25.12
CA GLN F 29 -53.06 -7.64 25.16
C GLN F 29 -51.55 -7.86 25.15
N THR F 30 -51.15 -9.02 25.56
CA THR F 30 -49.74 -9.38 25.56
C THR F 30 -49.18 -9.59 24.16
N ASN F 31 -47.86 -9.54 24.07
CA ASN F 31 -47.16 -10.10 22.92
C ASN F 31 -47.36 -11.62 22.83
N ASN F 32 -46.96 -12.20 21.69
CA ASN F 32 -47.36 -13.59 21.34
C ASN F 32 -46.63 -14.69 22.12
N SER F 33 -45.59 -14.34 22.89
CA SER F 33 -44.80 -15.34 23.62
C SER F 33 -44.79 -15.08 25.12
N SER F 34 -45.87 -14.49 25.62
CA SER F 34 -45.97 -14.15 27.03
C SER F 34 -46.90 -15.09 27.80
N ASN F 35 -47.33 -16.15 27.12
CA ASN F 35 -48.35 -17.07 27.68
C ASN F 35 -47.71 -18.16 28.56
N TYR F 36 -46.81 -17.75 29.45
CA TYR F 36 -46.15 -18.67 30.37
C TYR F 36 -46.02 -18.03 31.74
N PRO F 37 -46.04 -18.85 32.81
CA PRO F 37 -45.98 -18.30 34.17
C PRO F 37 -44.83 -17.30 34.43
N ASP F 38 -43.64 -17.61 33.93
CA ASP F 38 -42.48 -16.78 34.09
C ASP F 38 -42.58 -15.44 33.37
N ALA F 39 -43.38 -15.35 32.32
CA ALA F 39 -43.49 -14.08 31.58
C ALA F 39 -44.49 -13.11 32.20
N LEU F 40 -45.37 -13.58 33.11
CA LEU F 40 -46.42 -12.71 33.63
C LEU F 40 -45.89 -11.51 34.42
N LYS F 41 -44.73 -11.64 35.04
CA LYS F 41 -44.12 -10.52 35.77
C LYS F 41 -43.78 -9.36 34.83
N ASP F 42 -43.66 -9.64 33.55
CA ASP F 42 -43.44 -8.60 32.52
C ASP F 42 -44.73 -8.10 31.86
N VAL F 43 -45.88 -8.63 32.31
CA VAL F 43 -47.18 -8.22 31.83
C VAL F 43 -47.90 -7.32 32.83
N TRP F 44 -47.99 -7.76 34.10
CA TRP F 44 -48.83 -7.06 35.05
C TRP F 44 -48.49 -5.57 35.28
N PRO F 45 -47.19 -5.23 35.35
CA PRO F 45 -46.92 -3.81 35.61
C PRO F 45 -47.44 -2.88 34.49
N SER F 46 -47.29 -3.28 33.23
CA SER F 46 -47.87 -2.52 32.11
C SER F 46 -49.39 -2.36 32.28
N MET F 47 -50.06 -3.43 32.70
CA MET F 47 -51.51 -3.39 32.84
C MET F 47 -51.91 -2.33 33.88
N GLU F 48 -51.18 -2.33 34.99
CA GLU F 48 -51.42 -1.41 36.08
CA GLU F 48 -51.44 -1.40 36.07
C GLU F 48 -51.18 0.04 35.60
N LYS F 49 -50.06 0.28 34.94
CA LYS F 49 -49.73 1.64 34.45
C LYS F 49 -50.75 2.13 33.43
N MET F 50 -51.27 1.20 32.65
CA MET F 50 -52.27 1.51 31.66
C MET F 50 -53.66 1.81 32.25
N GLY F 51 -53.98 1.26 33.42
CA GLY F 51 -55.32 1.30 33.93
C GLY F 51 -56.29 0.39 33.22
N ALA F 52 -55.79 -0.69 32.61
CA ALA F 52 -56.65 -1.62 31.88
C ALA F 52 -57.48 -2.49 32.87
N ASN F 53 -58.71 -2.84 32.49
CA ASN F 53 -59.57 -3.67 33.34
C ASN F 53 -59.61 -5.13 32.87
N THR F 54 -59.08 -5.41 31.68
CA THR F 54 -59.16 -6.74 31.09
C THR F 54 -57.88 -7.05 30.33
N LEU F 55 -57.33 -8.23 30.55
CA LEU F 55 -56.11 -8.69 29.83
C LEU F 55 -56.47 -9.76 28.81
N SER F 56 -56.09 -9.54 27.57
CA SER F 56 -56.19 -10.52 26.53
C SER F 56 -54.84 -11.24 26.40
N ILE F 57 -54.84 -12.58 26.47
CA ILE F 57 -53.58 -13.33 26.51
C ILE F 57 -53.80 -14.71 25.87
N PRO F 58 -52.81 -15.24 25.14
CA PRO F 58 -53.02 -16.55 24.54
C PRO F 58 -53.06 -17.72 25.52
N VAL F 59 -53.87 -18.72 25.15
CA VAL F 59 -53.71 -20.09 25.66
C VAL F 59 -53.56 -20.98 24.43
N ALA F 60 -52.39 -21.62 24.31
CA ALA F 60 -51.99 -22.31 23.11
C ALA F 60 -52.31 -23.79 23.21
N TRP F 61 -52.78 -24.34 22.12
CA TRP F 61 -53.02 -25.78 22.03
C TRP F 61 -51.73 -26.55 22.36
N GLU F 62 -50.60 -26.10 21.82
CA GLU F 62 -49.30 -26.76 22.10
C GLU F 62 -48.95 -26.86 23.57
N GLN F 63 -49.37 -25.88 24.38
CA GLN F 63 -49.06 -25.91 25.80
C GLN F 63 -50.06 -26.72 26.64
N ILE F 64 -51.32 -26.75 26.24
CA ILE F 64 -52.32 -27.49 27.01
C ILE F 64 -52.38 -28.97 26.64
N GLU F 65 -51.94 -29.32 25.43
CA GLU F 65 -51.93 -30.73 24.99
C GLU F 65 -50.64 -31.07 24.29
N PRO F 66 -49.52 -30.98 24.99
CA PRO F 66 -48.22 -31.14 24.34
C PRO F 66 -48.01 -32.55 23.78
N VAL F 67 -48.64 -33.53 24.44
CA VAL F 67 -48.70 -34.93 23.98
C VAL F 67 -50.20 -35.28 23.95
N GLU F 68 -50.65 -35.96 22.91
CA GLU F 68 -52.10 -36.22 22.79
C GLU F 68 -52.62 -37.17 23.89
N GLY F 69 -53.80 -37.13 24.50
CA GLY F 69 -54.36 -36.13 25.32
C GLY F 69 -53.80 -36.30 26.73
N GLN F 70 -52.63 -35.72 26.89
CA GLN F 70 -52.05 -35.52 28.19
C GLN F 70 -52.15 -34.00 28.43
N PHE F 71 -53.19 -33.59 29.13
CA PHE F 71 -53.52 -32.16 29.27
C PHE F 71 -52.79 -31.48 30.39
N ASP F 72 -52.42 -30.22 30.17
CA ASP F 72 -51.62 -29.45 31.13
C ASP F 72 -52.20 -28.03 31.22
N PHE F 73 -52.86 -27.74 32.33
CA PHE F 73 -53.47 -26.43 32.56
C PHE F 73 -52.72 -25.62 33.62
N SER F 74 -51.44 -25.94 33.84
CA SER F 74 -50.66 -25.24 34.83
C SER F 74 -50.52 -23.72 34.53
N PHE F 75 -50.44 -23.34 33.25
CA PHE F 75 -50.39 -21.89 32.90
C PHE F 75 -51.71 -21.21 33.25
N VAL F 76 -52.83 -21.85 32.92
CA VAL F 76 -54.13 -21.28 33.19
C VAL F 76 -54.37 -21.12 34.68
N ASP F 77 -53.94 -22.11 35.46
CA ASP F 77 -54.06 -22.03 36.89
C ASP F 77 -53.37 -20.76 37.45
N VAL F 78 -52.11 -20.55 37.08
CA VAL F 78 -51.34 -19.39 37.54
C VAL F 78 -51.93 -18.08 37.04
N LEU F 79 -52.32 -18.07 35.78
CA LEU F 79 -52.96 -16.90 35.18
C LEU F 79 -54.21 -16.46 35.94
N LEU F 80 -55.11 -17.41 36.20
CA LEU F 80 -56.35 -17.10 36.88
C LEU F 80 -56.08 -16.49 38.24
N LYS F 81 -55.20 -17.14 38.96
CA LYS F 81 -54.90 -16.68 40.30
C LYS F 81 -54.27 -15.30 40.34
N GLU F 82 -53.33 -15.05 39.42
CA GLU F 82 -52.68 -13.73 39.38
C GLU F 82 -53.63 -12.62 38.91
N ALA F 83 -54.54 -12.95 37.98
CA ALA F 83 -55.53 -11.99 37.51
C ALA F 83 -56.47 -11.60 38.66
N ARG F 84 -56.91 -12.61 39.41
CA ARG F 84 -57.80 -12.38 40.54
C ARG F 84 -57.15 -11.52 41.61
N GLN F 85 -55.89 -11.77 41.93
CA GLN F 85 -55.18 -10.97 42.89
C GLN F 85 -55.12 -9.49 42.48
N ARG F 86 -55.05 -9.22 41.20
CA ARG F 86 -55.00 -7.87 40.68
C ARG F 86 -56.38 -7.30 40.37
N LYS F 87 -57.42 -8.09 40.55
CA LYS F 87 -58.80 -7.69 40.29
C LYS F 87 -59.01 -7.21 38.85
N VAL F 88 -58.51 -7.98 37.90
CA VAL F 88 -58.78 -7.73 36.49
C VAL F 88 -59.47 -8.95 35.89
N ARG F 89 -60.05 -8.76 34.70
CA ARG F 89 -60.69 -9.85 34.01
C ARG F 89 -59.79 -10.30 32.82
N LEU F 90 -60.17 -11.43 32.22
CA LEU F 90 -59.38 -12.06 31.16
C LEU F 90 -60.22 -12.38 29.94
N VAL F 91 -59.60 -12.19 28.78
CA VAL F 91 -60.06 -12.75 27.54
C VAL F 91 -58.96 -13.73 27.11
N LEU F 92 -59.28 -15.00 27.02
CA LEU F 92 -58.33 -16.02 26.59
C LEU F 92 -58.37 -16.18 25.08
N LEU F 93 -57.19 -16.25 24.46
CA LEU F 93 -57.09 -16.37 23.03
C LEU F 93 -56.62 -17.80 22.68
N TRP F 94 -57.53 -18.55 22.08
CA TRP F 94 -57.28 -19.97 21.73
C TRP F 94 -56.49 -20.03 20.46
N PHE F 95 -55.18 -20.24 20.60
CA PHE F 95 -54.27 -20.30 19.48
C PHE F 95 -54.14 -21.79 19.15
N ALA F 96 -54.70 -22.21 18.04
CA ALA F 96 -54.85 -23.63 17.74
C ALA F 96 -54.68 -23.93 16.27
N THR F 97 -55.76 -24.29 15.57
CA THR F 97 -55.67 -24.64 14.18
C THR F 97 -55.13 -23.51 13.32
N TRP F 98 -55.57 -22.27 13.59
CA TRP F 98 -55.00 -21.11 12.97
C TRP F 98 -54.50 -20.09 13.98
N LYS F 99 -53.29 -19.62 13.74
CA LYS F 99 -52.76 -18.38 14.36
C LYS F 99 -52.08 -17.64 13.23
N ASN F 100 -52.65 -16.51 12.81
CA ASN F 100 -52.18 -15.79 11.65
C ASN F 100 -52.00 -16.77 10.46
N ASN F 101 -53.07 -17.52 10.18
CA ASN F 101 -53.17 -18.43 9.03
C ASN F 101 -52.48 -19.79 9.16
N ALA F 102 -51.66 -19.96 10.21
CA ALA F 102 -50.72 -21.07 10.32
C ALA F 102 -50.90 -21.88 11.60
N PRO F 103 -50.39 -23.12 11.60
CA PRO F 103 -50.51 -24.03 12.73
C PRO F 103 -49.32 -24.03 13.69
N HIS F 104 -48.58 -22.93 13.82
CA HIS F 104 -47.39 -22.92 14.66
C HIS F 104 -47.66 -23.16 16.15
N TYR F 105 -48.85 -22.81 16.63
CA TYR F 105 -49.24 -23.05 18.02
C TYR F 105 -49.99 -24.37 18.26
N ALA F 106 -50.24 -25.12 17.20
CA ALA F 106 -50.72 -26.50 17.37
C ALA F 106 -49.58 -27.39 17.90
N PRO F 107 -49.88 -28.41 18.71
CA PRO F 107 -48.85 -29.34 19.17
C PRO F 107 -48.03 -29.92 18.04
N ALA F 108 -46.81 -30.35 18.36
CA ALA F 108 -45.91 -30.96 17.35
C ALA F 108 -46.60 -32.17 16.66
N TRP F 109 -47.29 -32.97 17.44
CA TRP F 109 -48.01 -34.16 16.90
C TRP F 109 -49.15 -33.79 15.97
N VAL F 110 -49.56 -32.51 15.94
CA VAL F 110 -50.50 -32.03 14.93
C VAL F 110 -49.78 -31.39 13.76
N LYS F 111 -48.98 -30.34 14.01
CA LYS F 111 -48.43 -29.58 12.94
C LYS F 111 -47.38 -30.34 12.10
N LEU F 112 -46.79 -31.38 12.67
CA LEU F 112 -45.80 -32.15 11.89
C LEU F 112 -46.40 -33.40 11.22
N ASP F 113 -47.72 -33.60 11.35
CA ASP F 113 -48.39 -34.78 10.72
C ASP F 113 -49.42 -34.35 9.69
N ASN F 114 -48.93 -34.06 8.49
CA ASN F 114 -49.78 -33.56 7.45
C ASN F 114 -50.78 -34.58 6.92
N ALA F 115 -50.40 -35.87 6.98
CA ALA F 115 -51.29 -36.95 6.53
C ALA F 115 -52.56 -36.98 7.33
N ARG F 116 -52.42 -36.89 8.64
CA ARG F 116 -53.57 -36.86 9.51
C ARG F 116 -54.28 -35.49 9.54
N PHE F 117 -53.49 -34.41 9.46
CA PHE F 117 -53.99 -33.03 9.66
C PHE F 117 -53.52 -32.22 8.48
N PRO F 118 -54.26 -32.27 7.38
CA PRO F 118 -53.76 -31.76 6.10
C PRO F 118 -53.81 -30.27 5.88
N ARG F 119 -52.82 -29.81 5.12
CA ARG F 119 -52.67 -28.43 4.71
C ARG F 119 -53.42 -28.11 3.41
N VAL F 120 -53.72 -26.82 3.27
CA VAL F 120 -54.21 -26.28 2.02
C VAL F 120 -53.19 -26.54 0.90
N VAL F 121 -53.75 -26.99 -0.23
CA VAL F 121 -52.98 -27.27 -1.42
C VAL F 121 -53.38 -26.23 -2.43
N LYS F 122 -52.39 -25.58 -3.01
CA LYS F 122 -52.60 -24.63 -4.08
C LYS F 122 -53.09 -25.28 -5.37
N GLU F 123 -53.59 -24.45 -6.29
CA GLU F 123 -54.06 -24.93 -7.55
C GLU F 123 -52.93 -25.60 -8.36
N ASP F 124 -51.71 -25.09 -8.21
CA ASP F 124 -50.54 -25.64 -8.90
C ASP F 124 -49.95 -26.88 -8.22
N GLY F 125 -50.61 -27.38 -7.17
CA GLY F 125 -50.16 -28.56 -6.48
C GLY F 125 -49.22 -28.33 -5.29
N ASP F 126 -48.62 -27.16 -5.16
CA ASP F 126 -47.79 -26.88 -3.98
C ASP F 126 -48.62 -26.77 -2.71
N THR F 127 -47.97 -27.00 -1.58
CA THR F 127 -48.63 -27.00 -0.28
C THR F 127 -48.24 -25.73 0.52
N LEU F 128 -49.21 -25.15 1.21
CA LEU F 128 -48.98 -23.99 2.07
C LEU F 128 -49.07 -24.41 3.54
N ASN F 129 -48.38 -23.70 4.42
CA ASN F 129 -48.42 -24.01 5.83
C ASN F 129 -49.65 -23.35 6.50
N SER F 130 -50.81 -23.84 6.11
CA SER F 130 -52.10 -23.34 6.59
C SER F 130 -52.99 -24.59 6.57
N LEU F 131 -53.55 -24.98 7.70
CA LEU F 131 -54.34 -26.19 7.77
C LEU F 131 -55.71 -26.03 7.05
N SER F 132 -56.08 -27.03 6.27
CA SER F 132 -57.36 -26.99 5.57
C SER F 132 -58.53 -27.09 6.53
N PRO F 133 -59.54 -26.21 6.36
CA PRO F 133 -60.74 -26.33 7.16
C PRO F 133 -61.58 -27.60 6.87
N LEU F 134 -61.27 -28.30 5.79
CA LEU F 134 -61.94 -29.58 5.50
C LEU F 134 -61.29 -30.81 6.15
N GLY F 135 -60.21 -30.60 6.91
CA GLY F 135 -59.56 -31.70 7.57
C GLY F 135 -60.36 -32.13 8.76
N GLN F 136 -61.06 -33.24 8.65
CA GLN F 136 -61.97 -33.69 9.69
C GLN F 136 -61.27 -34.12 10.95
N ASN F 137 -60.08 -34.68 10.81
CA ASN F 137 -59.32 -35.09 12.01
C ASN F 137 -58.88 -33.82 12.77
N THR F 138 -58.51 -32.80 12.03
CA THR F 138 -58.03 -31.52 12.63
C THR F 138 -59.15 -30.91 13.47
N LEU F 139 -60.34 -30.83 12.88
CA LEU F 139 -61.50 -30.29 13.58
C LEU F 139 -61.78 -31.05 14.84
N ALA F 140 -61.79 -32.37 14.76
CA ALA F 140 -62.12 -33.19 15.96
C ALA F 140 -61.10 -32.99 17.06
N ALA F 141 -59.84 -32.88 16.67
CA ALA F 141 -58.75 -32.74 17.65
C ALA F 141 -58.80 -31.34 18.33
N ASP F 142 -58.95 -30.30 17.53
CA ASP F 142 -59.05 -28.89 18.05
C ASP F 142 -60.22 -28.80 18.99
N LYS F 143 -61.39 -29.22 18.51
CA LYS F 143 -62.59 -29.31 19.32
C LYS F 143 -62.39 -30.04 20.63
N LYS F 144 -61.74 -31.22 20.60
CA LYS F 144 -61.52 -31.99 21.84
C LYS F 144 -60.66 -31.22 22.86
N ALA F 145 -59.59 -30.58 22.38
CA ALA F 145 -58.74 -29.81 23.27
C ALA F 145 -59.47 -28.56 23.81
N PHE F 146 -60.20 -27.88 22.94
CA PHE F 146 -60.95 -26.68 23.34
C PHE F 146 -61.99 -27.02 24.40
N VAL F 147 -62.65 -28.16 24.23
CA VAL F 147 -63.59 -28.66 25.23
C VAL F 147 -62.91 -28.86 26.56
N GLU F 148 -61.72 -29.42 26.57
CA GLU F 148 -60.97 -29.60 27.82
C GLU F 148 -60.68 -28.25 28.47
N LEU F 149 -60.36 -27.25 27.66
CA LEU F 149 -60.05 -25.94 28.23
C LEU F 149 -61.32 -25.38 28.90
N MET F 150 -62.44 -25.47 28.19
CA MET F 150 -63.70 -24.97 28.68
C MET F 150 -64.18 -25.76 29.92
N LYS F 151 -63.86 -27.05 29.99
CA LYS F 151 -64.10 -27.83 31.22
C LYS F 151 -63.29 -27.34 32.38
N TYR F 152 -62.04 -26.97 32.13
CA TYR F 152 -61.21 -26.42 33.17
C TYR F 152 -61.86 -25.15 33.72
N LEU F 153 -62.33 -24.28 32.83
CA LEU F 153 -62.97 -23.02 33.28
C LEU F 153 -64.31 -23.26 33.99
N ALA F 154 -65.10 -24.23 33.49
CA ALA F 154 -66.36 -24.60 34.18
C ALA F 154 -66.10 -25.02 35.62
N LYS F 155 -65.05 -25.79 35.83
CA LYS F 155 -64.73 -26.28 37.16
C LYS F 155 -63.92 -25.31 38.01
N ARG F 156 -63.08 -24.47 37.40
CA ARG F 156 -62.13 -23.66 38.18
C ARG F 156 -62.32 -22.14 38.11
N ASP F 157 -63.34 -21.68 37.41
CA ASP F 157 -63.58 -20.25 37.22
C ASP F 157 -65.02 -19.88 37.35
N LYS F 158 -65.60 -20.26 38.50
CA LYS F 158 -67.06 -20.12 38.72
C LYS F 158 -67.52 -18.66 38.91
N ASP F 159 -66.60 -17.74 39.20
CA ASP F 159 -66.92 -16.30 39.22
C ASP F 159 -66.59 -15.61 37.87
N HIS F 160 -66.19 -16.38 36.88
CA HIS F 160 -65.98 -15.86 35.52
C HIS F 160 -64.89 -14.76 35.45
N THR F 161 -63.73 -15.03 36.02
CA THR F 161 -62.58 -14.17 35.81
C THR F 161 -62.36 -14.02 34.30
N VAL F 162 -62.48 -15.15 33.58
CA VAL F 162 -62.50 -15.15 32.12
C VAL F 162 -63.90 -14.80 31.62
N ILE F 163 -64.02 -13.71 30.87
CA ILE F 163 -65.31 -13.20 30.46
C ILE F 163 -65.63 -13.45 29.01
N MET F 164 -64.61 -13.80 28.22
CA MET F 164 -64.80 -14.09 26.82
C MET F 164 -63.63 -14.93 26.30
N VAL F 165 -63.87 -15.68 25.22
CA VAL F 165 -62.82 -16.49 24.59
C VAL F 165 -62.78 -16.20 23.10
N GLN F 166 -61.57 -15.94 22.60
CA GLN F 166 -61.33 -15.81 21.18
C GLN F 166 -61.02 -17.20 20.61
N VAL F 167 -61.79 -17.61 19.61
CA VAL F 167 -61.62 -18.95 19.00
C VAL F 167 -60.73 -18.81 17.79
N GLN F 168 -59.50 -19.38 17.88
CA GLN F 168 -58.45 -19.22 16.89
C GLN F 168 -57.94 -17.77 16.91
N ASN F 169 -56.99 -17.46 16.04
CA ASN F 169 -56.46 -16.12 15.93
C ASN F 169 -56.15 -15.86 14.48
N GLU F 170 -56.85 -14.89 13.90
CA GLU F 170 -56.66 -14.50 12.50
C GLU F 170 -56.59 -15.72 11.54
N VAL F 171 -57.75 -16.34 11.39
CA VAL F 171 -57.92 -17.47 10.51
C VAL F 171 -57.78 -17.05 9.06
N GLY F 172 -57.60 -18.04 8.22
CA GLY F 172 -57.49 -17.82 6.79
C GLY F 172 -56.25 -18.41 6.19
N THR F 173 -55.95 -17.97 4.97
CA THR F 173 -54.81 -18.45 4.25
C THR F 173 -54.18 -17.34 3.43
N TYR F 174 -52.85 -17.17 3.58
CA TYR F 174 -52.06 -16.36 2.68
C TYR F 174 -51.47 -17.23 1.57
N GLY F 175 -51.40 -16.68 0.35
CA GLY F 175 -50.76 -17.36 -0.77
C GLY F 175 -51.70 -18.20 -1.65
N ALA F 176 -52.94 -18.37 -1.23
CA ALA F 176 -54.00 -19.02 -2.05
C ALA F 176 -55.35 -18.56 -1.55
N VAL F 177 -56.39 -18.76 -2.38
CA VAL F 177 -57.74 -18.31 -2.06
C VAL F 177 -58.48 -19.34 -1.23
N ARG F 178 -58.20 -20.62 -1.49
CA ARG F 178 -58.83 -21.73 -0.79
C ARG F 178 -57.95 -22.99 -0.90
N ASP F 179 -58.43 -24.07 -0.30
CA ASP F 179 -57.84 -25.41 -0.48
C ASP F 179 -58.31 -25.95 -1.83
N TYR F 180 -57.36 -26.36 -2.66
CA TYR F 180 -57.63 -26.97 -3.96
C TYR F 180 -57.25 -28.44 -3.97
N SER F 181 -57.07 -29.03 -2.80
CA SER F 181 -56.82 -30.45 -2.72
C SER F 181 -58.02 -31.24 -3.33
N PRO F 182 -57.78 -32.51 -3.72
CA PRO F 182 -58.87 -33.39 -4.15
C PRO F 182 -60.02 -33.43 -3.17
N MET F 183 -59.71 -33.57 -1.88
CA MET F 183 -60.73 -33.57 -0.84
C MET F 183 -61.59 -32.28 -0.86
N ALA F 184 -60.94 -31.13 -1.03
CA ALA F 184 -61.66 -29.85 -1.05
C ALA F 184 -62.43 -29.67 -2.37
N GLN F 185 -61.79 -30.07 -3.46
CA GLN F 185 -62.35 -30.02 -4.83
C GLN F 185 -63.71 -30.77 -4.88
N ALA F 186 -63.78 -31.92 -4.22
CA ALA F 186 -65.01 -32.70 -4.17
C ALA F 186 -66.16 -31.95 -3.50
N VAL F 187 -65.85 -31.17 -2.46
CA VAL F 187 -66.89 -30.40 -1.77
C VAL F 187 -67.26 -29.17 -2.59
N PHE F 188 -66.27 -28.52 -3.17
CA PHE F 188 -66.49 -27.37 -4.00
C PHE F 188 -67.37 -27.68 -5.20
N ASN F 189 -67.16 -28.86 -5.78
CA ASN F 189 -67.94 -29.31 -6.94
C ASN F 189 -69.37 -29.70 -6.60
N ALA F 190 -69.62 -30.04 -5.34
CA ALA F 190 -70.93 -30.40 -4.85
C ALA F 190 -71.83 -29.17 -4.66
N ALA F 191 -73.09 -29.45 -4.29
CA ALA F 191 -74.08 -28.43 -4.05
C ALA F 191 -73.67 -27.56 -2.85
N VAL F 192 -73.92 -26.27 -2.96
CA VAL F 192 -73.84 -25.37 -1.80
C VAL F 192 -74.85 -25.85 -0.78
N PRO F 193 -74.47 -25.97 0.50
CA PRO F 193 -75.44 -26.43 1.49
C PRO F 193 -76.72 -25.59 1.53
N ASP F 194 -77.84 -26.27 1.72
CA ASP F 194 -79.18 -25.66 1.71
C ASP F 194 -79.30 -24.48 2.64
N ASP F 195 -78.84 -24.68 3.89
CA ASP F 195 -78.96 -23.68 4.94
C ASP F 195 -78.38 -22.35 4.50
N LEU F 196 -77.22 -22.38 3.85
CA LEU F 196 -76.59 -21.17 3.38
C LEU F 196 -77.42 -20.56 2.26
N ILE F 197 -77.91 -21.41 1.36
CA ILE F 197 -78.74 -20.94 0.25
C ILE F 197 -80.00 -20.23 0.77
N GLN F 198 -80.65 -20.83 1.75
CA GLN F 198 -81.86 -20.28 2.36
C GLN F 198 -81.57 -18.94 3.05
N LYS F 199 -80.54 -18.92 3.88
CA LYS F 199 -80.18 -17.71 4.62
C LYS F 199 -79.84 -16.53 3.71
N LEU F 200 -79.12 -16.77 2.63
CA LEU F 200 -78.81 -15.69 1.68
C LEU F 200 -79.88 -15.43 0.62
N GLN F 201 -80.95 -16.22 0.63
CA GLN F 201 -82.04 -16.05 -0.35
C GLN F 201 -81.52 -16.12 -1.79
N LEU F 202 -80.81 -17.20 -2.06
CA LEU F 202 -80.20 -17.44 -3.37
C LEU F 202 -80.83 -18.65 -4.05
N LYS F 203 -80.54 -18.84 -5.34
CA LYS F 203 -80.97 -20.02 -6.10
C LYS F 203 -79.97 -21.17 -5.88
N PRO F 204 -80.48 -22.39 -5.61
CA PRO F 204 -79.60 -23.55 -5.41
C PRO F 204 -78.64 -23.79 -6.55
N GLY F 205 -77.55 -24.47 -6.23
CA GLY F 205 -76.51 -24.76 -7.19
C GLY F 205 -75.22 -25.22 -6.49
N THR F 206 -74.21 -25.47 -7.31
CA THR F 206 -72.85 -25.73 -6.84
C THR F 206 -72.18 -24.38 -6.54
N TRP F 207 -71.03 -24.44 -5.89
CA TRP F 207 -70.31 -23.22 -5.50
C TRP F 207 -70.04 -22.31 -6.68
N SER F 208 -69.52 -22.85 -7.77
CA SER F 208 -69.20 -22.02 -8.95
C SER F 208 -70.48 -21.41 -9.56
N GLN F 209 -71.55 -22.18 -9.58
CA GLN F 209 -72.80 -21.74 -10.19
C GLN F 209 -73.44 -20.64 -9.37
N VAL F 210 -73.50 -20.82 -8.05
CA VAL F 210 -74.19 -19.81 -7.26
C VAL F 210 -73.33 -18.55 -7.03
N PHE F 211 -72.00 -18.68 -6.91
CA PHE F 211 -71.17 -17.51 -6.53
C PHE F 211 -70.24 -16.97 -7.60
N GLY F 212 -70.09 -17.68 -8.71
CA GLY F 212 -69.30 -17.18 -9.83
C GLY F 212 -67.88 -16.82 -9.45
N ARG F 213 -67.48 -15.59 -9.77
CA ARG F 213 -66.16 -15.04 -9.50
C ARG F 213 -65.74 -15.10 -8.01
N ASP F 214 -66.69 -15.13 -7.10
CA ASP F 214 -66.41 -15.18 -5.66
C ASP F 214 -66.44 -16.58 -5.06
N ALA F 215 -66.62 -17.59 -5.90
CA ALA F 215 -66.83 -18.93 -5.35
C ALA F 215 -65.65 -19.42 -4.50
N ASP F 216 -64.43 -19.23 -4.98
CA ASP F 216 -63.26 -19.74 -4.29
C ASP F 216 -63.15 -19.11 -2.89
N GLU F 217 -63.22 -17.80 -2.82
CA GLU F 217 -63.11 -17.08 -1.54
C GLU F 217 -64.26 -17.36 -0.63
N PHE F 218 -65.49 -17.32 -1.17
CA PHE F 218 -66.65 -17.56 -0.33
C PHE F 218 -66.66 -18.99 0.20
N PHE F 219 -66.17 -19.93 -0.61
CA PHE F 219 -66.04 -21.34 -0.18
C PHE F 219 -65.08 -21.49 1.01
N HIS F 220 -63.91 -20.89 0.90
CA HIS F 220 -62.93 -20.93 2.02
C HIS F 220 -63.50 -20.28 3.28
N ALA F 221 -64.11 -19.10 3.13
CA ALA F 221 -64.78 -18.42 4.26
C ALA F 221 -65.84 -19.28 4.91
N TYR F 222 -66.70 -19.90 4.08
CA TYR F 222 -67.73 -20.75 4.62
C TYR F 222 -67.16 -21.94 5.38
N GLN F 223 -66.19 -22.63 4.78
CA GLN F 223 -65.63 -23.79 5.46
C GLN F 223 -64.92 -23.42 6.77
N ILE F 224 -64.18 -22.32 6.77
CA ILE F 224 -63.52 -21.90 8.00
C ILE F 224 -64.56 -21.51 9.05
N ALA F 225 -65.57 -20.77 8.60
CA ALA F 225 -66.63 -20.35 9.51
C ALA F 225 -67.31 -21.52 10.16
N ARG F 226 -67.63 -22.55 9.36
CA ARG F 226 -68.25 -23.78 9.91
C ARG F 226 -67.33 -24.46 10.91
N TYR F 227 -66.06 -24.54 10.57
CA TYR F 227 -65.05 -25.13 11.49
C TYR F 227 -65.05 -24.41 12.81
N CYS F 228 -64.95 -23.09 12.73
CA CYS F 228 -64.93 -22.29 13.98
C CYS F 228 -66.23 -22.36 14.72
N ASP F 229 -67.35 -22.40 14.00
CA ASP F 229 -68.65 -22.49 14.68
C ASP F 229 -68.77 -23.79 15.44
N GLU F 230 -68.28 -24.89 14.86
CA GLU F 230 -68.32 -26.17 15.54
C GLU F 230 -67.49 -26.23 16.78
N VAL F 231 -66.28 -25.67 16.70
CA VAL F 231 -65.44 -25.59 17.88
C VAL F 231 -66.14 -24.76 18.95
N THR F 232 -66.70 -23.62 18.54
CA THR F 232 -67.43 -22.73 19.44
C THR F 232 -68.60 -23.43 20.12
N VAL F 233 -69.45 -24.10 19.33
CA VAL F 233 -70.63 -24.75 19.93
C VAL F 233 -70.20 -25.83 20.95
N ALA F 234 -69.14 -26.58 20.64
CA ALA F 234 -68.69 -27.63 21.55
C ALA F 234 -68.19 -27.05 22.86
N GLY F 235 -67.45 -25.94 22.77
CA GLY F 235 -66.97 -25.29 24.00
C GLY F 235 -68.09 -24.67 24.80
N LYS F 236 -69.02 -24.01 24.12
CA LYS F 236 -70.18 -23.37 24.78
C LYS F 236 -71.10 -24.37 25.47
N ALA F 237 -71.18 -25.59 24.93
CA ALA F 237 -71.95 -26.66 25.59
C ALA F 237 -71.38 -26.99 26.95
N ILE F 238 -70.08 -26.75 27.14
CA ILE F 238 -69.46 -26.92 28.46
C ILE F 238 -69.64 -25.68 29.34
N LYS F 239 -69.30 -24.51 28.81
CA LYS F 239 -69.56 -23.24 29.53
C LYS F 239 -69.89 -22.18 28.49
N ASN F 240 -71.08 -21.59 28.60
CA ASN F 240 -71.62 -20.74 27.56
C ASN F 240 -71.10 -19.29 27.67
N LEU F 241 -69.78 -19.11 27.58
CA LEU F 241 -69.17 -17.78 27.56
C LEU F 241 -69.35 -17.20 26.19
N PRO F 242 -69.40 -15.86 26.07
CA PRO F 242 -69.28 -15.23 24.77
C PRO F 242 -67.99 -15.64 24.06
N MET F 243 -68.06 -15.83 22.74
CA MET F 243 -66.87 -16.21 21.98
C MET F 243 -66.89 -15.48 20.66
N TYR F 244 -65.70 -15.20 20.17
CA TYR F 244 -65.57 -14.37 18.96
C TYR F 244 -64.38 -14.78 18.15
N VAL F 245 -64.31 -14.27 16.93
CA VAL F 245 -63.16 -14.41 16.08
C VAL F 245 -62.60 -13.04 15.72
N ASN F 246 -61.28 -12.99 15.53
CA ASN F 246 -60.59 -11.73 15.18
C ASN F 246 -60.04 -11.76 13.78
N VAL F 247 -60.14 -10.64 13.08
CA VAL F 247 -59.87 -10.61 11.65
C VAL F 247 -58.55 -9.91 11.27
N ALA F 248 -57.73 -10.61 10.45
CA ALA F 248 -56.66 -10.00 9.73
C ALA F 248 -57.30 -9.26 8.59
N LEU F 249 -57.37 -7.94 8.72
CA LEU F 249 -58.19 -7.12 7.86
C LEU F 249 -57.61 -6.99 6.49
N ARG F 250 -58.47 -6.88 5.50
CA ARG F 250 -58.06 -6.35 4.21
C ARG F 250 -58.29 -4.86 4.22
N ASN F 251 -57.54 -4.13 3.41
CA ASN F 251 -57.77 -2.71 3.28
C ASN F 251 -59.16 -2.50 2.66
N PRO F 252 -60.04 -1.74 3.33
CA PRO F 252 -61.41 -1.67 2.87
C PRO F 252 -61.56 -0.84 1.61
N PHE F 253 -60.61 0.05 1.33
CA PHE F 253 -60.66 0.89 0.12
C PHE F 253 -59.91 0.28 -1.06
N ASN F 254 -58.91 -0.56 -0.80
CA ASN F 254 -57.99 -1.03 -1.82
C ASN F 254 -57.46 -2.38 -1.35
N PRO F 255 -58.32 -3.41 -1.34
CA PRO F 255 -58.00 -4.66 -0.65
C PRO F 255 -56.95 -5.51 -1.32
N GLY F 256 -56.77 -5.38 -2.64
CA GLY F 256 -56.00 -6.39 -3.38
C GLY F 256 -56.77 -7.69 -3.46
N LEU F 257 -56.06 -8.80 -3.72
CA LEU F 257 -56.71 -10.09 -3.97
C LEU F 257 -56.66 -10.99 -2.74
N PRO F 258 -57.67 -11.86 -2.57
CA PRO F 258 -57.62 -12.82 -1.49
C PRO F 258 -56.41 -13.73 -1.67
N GLY F 259 -55.70 -14.02 -0.58
CA GLY F 259 -54.38 -14.64 -0.65
C GLY F 259 -53.25 -13.64 -0.44
N GLN F 260 -53.37 -12.44 -0.99
CA GLN F 260 -52.51 -11.33 -0.60
C GLN F 260 -52.92 -10.87 0.78
N TYR F 261 -54.21 -10.61 0.96
CA TYR F 261 -54.75 -10.61 2.32
C TYR F 261 -55.13 -12.03 2.75
N SER F 262 -55.46 -12.20 4.03
CA SER F 262 -55.76 -13.51 4.55
C SER F 262 -57.15 -13.97 4.06
N SER F 263 -57.17 -14.84 3.06
CA SER F 263 -58.43 -15.33 2.48
C SER F 263 -59.19 -16.23 3.41
N GLY F 264 -60.50 -15.98 3.52
CA GLY F 264 -61.37 -16.85 4.31
C GLY F 264 -61.70 -16.35 5.71
N GLY F 265 -60.90 -15.41 6.23
CA GLY F 265 -61.22 -14.81 7.50
C GLY F 265 -62.43 -13.87 7.31
N GLY F 266 -62.89 -13.25 8.39
CA GLY F 266 -64.07 -12.39 8.33
C GLY F 266 -63.81 -11.00 7.76
N THR F 267 -63.25 -10.96 6.55
CA THR F 267 -63.06 -9.72 5.86
C THR F 267 -64.42 -9.12 5.45
N ASP F 268 -64.40 -7.83 5.14
CA ASP F 268 -65.65 -7.08 4.99
C ASP F 268 -66.57 -7.64 3.88
N ASN F 269 -65.99 -8.24 2.86
CA ASN F 269 -66.74 -8.82 1.75
C ASN F 269 -67.34 -10.20 2.03
N VAL F 270 -66.98 -10.83 3.17
CA VAL F 270 -67.53 -12.11 3.49
C VAL F 270 -68.20 -12.15 4.85
N LEU F 271 -68.51 -10.98 5.42
CA LEU F 271 -69.24 -10.96 6.68
C LEU F 271 -70.60 -11.66 6.57
N HIS F 272 -71.26 -11.50 5.44
CA HIS F 272 -72.57 -12.17 5.22
C HIS F 272 -72.43 -13.68 5.21
N ILE F 273 -71.34 -14.20 4.64
CA ILE F 273 -71.08 -15.63 4.66
C ILE F 273 -70.86 -16.09 6.08
N TRP F 274 -69.98 -15.38 6.80
CA TRP F 274 -69.67 -15.72 8.19
C TRP F 274 -70.87 -15.69 9.08
N LYS F 275 -71.71 -14.67 8.93
CA LYS F 275 -72.90 -14.58 9.77
C LYS F 275 -73.90 -15.72 9.50
N ALA F 276 -74.05 -16.08 8.24
CA ALA F 276 -74.95 -17.18 7.87
C ALA F 276 -74.40 -18.53 8.31
N ALA F 277 -73.08 -18.73 8.15
CA ALA F 277 -72.43 -20.00 8.45
C ALA F 277 -72.17 -20.25 9.92
N ALA F 278 -72.00 -19.20 10.73
CA ALA F 278 -71.53 -19.38 12.10
C ALA F 278 -72.42 -18.61 13.09
N PRO F 279 -73.67 -19.07 13.25
CA PRO F 279 -74.63 -18.35 14.10
C PRO F 279 -74.27 -18.44 15.57
N ASN F 280 -73.36 -19.33 15.95
CA ASN F 280 -72.98 -19.47 17.36
C ASN F 280 -71.78 -18.62 17.78
N ILE F 281 -71.10 -18.02 16.82
CA ILE F 281 -70.00 -17.09 17.14
C ILE F 281 -70.61 -15.69 17.41
N ASP F 282 -70.34 -15.15 18.58
CA ASP F 282 -71.06 -13.94 19.02
C ASP F 282 -70.77 -12.70 18.21
N LEU F 283 -69.49 -12.51 17.87
CA LEU F 283 -69.14 -11.36 17.04
C LEU F 283 -67.87 -11.61 16.23
N ILE F 284 -67.68 -10.78 15.20
CA ILE F 284 -66.49 -10.79 14.38
C ILE F 284 -65.77 -9.44 14.63
N ALA F 285 -64.55 -9.54 15.13
CA ALA F 285 -63.79 -8.38 15.67
C ALA F 285 -62.63 -7.97 14.78
N PRO F 286 -62.53 -6.67 14.42
CA PRO F 286 -61.42 -6.22 13.58
C PRO F 286 -60.12 -6.07 14.38
N ASP F 287 -58.99 -6.46 13.76
CA ASP F 287 -57.64 -6.20 14.29
C ASP F 287 -57.09 -5.03 13.51
N ILE F 288 -56.96 -3.87 14.15
CA ILE F 288 -56.72 -2.62 13.43
C ILE F 288 -55.26 -2.14 13.54
N TYR F 289 -54.54 -2.20 12.41
CA TYR F 289 -53.20 -1.70 12.37
C TYR F 289 -53.01 -0.59 11.31
N PHE F 290 -54.09 -0.19 10.63
CA PHE F 290 -54.05 0.99 9.74
C PHE F 290 -53.92 2.21 10.66
N ARG F 291 -53.01 3.13 10.35
CA ARG F 291 -52.76 4.28 11.21
C ARG F 291 -53.67 5.47 10.93
N ASP F 292 -54.07 5.59 9.67
CA ASP F 292 -54.70 6.80 9.15
C ASP F 292 -56.20 6.84 9.44
N TYR F 293 -56.66 8.03 9.85
CA TYR F 293 -58.02 8.23 10.31
C TYR F 293 -59.09 7.72 9.35
N LYS F 294 -58.95 8.00 8.06
CA LYS F 294 -59.99 7.61 7.12
C LYS F 294 -60.19 6.11 7.01
N THR F 295 -59.09 5.36 7.03
CA THR F 295 -59.17 3.93 6.90
C THR F 295 -59.68 3.28 8.18
N VAL F 296 -59.17 3.73 9.31
CA VAL F 296 -59.67 3.26 10.60
C VAL F 296 -61.16 3.53 10.72
N SER F 297 -61.58 4.74 10.39
CA SER F 297 -63.02 5.12 10.49
C SER F 297 -63.88 4.22 9.62
N LYS F 298 -63.39 3.89 8.44
CA LYS F 298 -64.10 2.99 7.55
C LYS F 298 -64.21 1.57 8.13
N VAL F 299 -63.12 1.08 8.74
CA VAL F 299 -63.18 -0.22 9.37
C VAL F 299 -64.23 -0.24 10.49
N LEU F 300 -64.24 0.79 11.33
CA LEU F 300 -65.19 0.85 12.43
C LEU F 300 -66.61 0.85 11.89
N GLU F 301 -66.83 1.54 10.77
CA GLU F 301 -68.14 1.61 10.13
C GLU F 301 -68.56 0.22 9.62
N LEU F 302 -67.66 -0.48 8.94
CA LEU F 302 -67.98 -1.76 8.38
C LEU F 302 -68.24 -2.85 9.42
N TYR F 303 -67.57 -2.80 10.55
CA TYR F 303 -67.70 -3.86 11.55
C TYR F 303 -68.78 -3.58 12.59
N THR F 304 -69.32 -2.36 12.60
CA THR F 304 -70.42 -2.03 13.51
C THR F 304 -71.71 -2.22 12.73
N ARG F 305 -72.45 -3.26 13.09
CA ARG F 305 -73.67 -3.65 12.33
C ARG F 305 -74.74 -4.05 13.30
N PRO F 306 -76.01 -4.06 12.83
CA PRO F 306 -77.06 -4.55 13.72
C PRO F 306 -76.80 -5.96 14.18
N ASP F 307 -76.17 -6.75 13.32
CA ASP F 307 -75.85 -8.14 13.65
C ASP F 307 -74.44 -8.35 14.17
N ASN F 308 -73.72 -7.27 14.48
CA ASN F 308 -72.32 -7.40 14.92
C ASN F 308 -71.92 -6.28 15.88
N ALA F 309 -71.77 -6.63 17.16
CA ALA F 309 -71.19 -5.76 18.14
C ALA F 309 -69.75 -5.44 17.77
N LEU F 310 -69.33 -4.19 18.04
CA LEU F 310 -67.98 -3.72 17.73
C LEU F 310 -67.04 -3.98 18.90
N PHE F 311 -66.03 -4.81 18.66
CA PHE F 311 -64.97 -5.03 19.60
C PHE F 311 -63.66 -4.89 18.84
N VAL F 312 -62.86 -3.90 19.22
CA VAL F 312 -61.53 -3.71 18.61
C VAL F 312 -60.59 -4.65 19.36
N ALA F 313 -60.54 -5.88 18.86
CA ALA F 313 -59.86 -7.01 19.55
C ALA F 313 -58.36 -6.87 19.58
N GLU F 314 -57.80 -6.18 18.58
CA GLU F 314 -56.42 -5.75 18.60
C GLU F 314 -56.34 -4.37 17.96
N ILE F 315 -55.44 -3.53 18.48
CA ILE F 315 -55.09 -2.31 17.79
C ILE F 315 -53.61 -2.02 18.05
N GLY F 316 -52.96 -1.35 17.14
CA GLY F 316 -51.56 -0.99 17.33
C GLY F 316 -51.33 -0.19 18.58
N ASN F 317 -50.13 -0.33 19.16
CA ASN F 317 -49.81 0.35 20.39
C ASN F 317 -49.00 1.64 20.19
N ASP F 318 -48.82 2.09 18.95
CA ASP F 318 -48.17 3.37 18.75
C ASP F 318 -49.12 4.50 19.10
N GLN F 319 -48.54 5.66 19.39
CA GLN F 319 -49.31 6.83 19.84
C GLN F 319 -50.57 7.19 19.04
N PRO F 320 -50.52 7.13 17.71
CA PRO F 320 -51.71 7.57 16.96
C PRO F 320 -52.97 6.76 17.18
N PHE F 321 -52.84 5.53 17.64
CA PHE F 321 -53.95 4.63 17.80
C PHE F 321 -54.80 4.91 19.04
N ALA F 322 -54.25 5.57 20.04
CA ALA F 322 -54.95 5.78 21.31
C ALA F 322 -56.28 6.52 21.12
N ARG F 323 -56.30 7.51 20.23
CA ARG F 323 -57.49 8.35 20.06
C ARG F 323 -58.67 7.58 19.44
N TYR F 324 -58.42 6.44 18.81
CA TYR F 324 -59.50 5.67 18.22
C TYR F 324 -60.38 5.01 19.28
N LEU F 325 -59.96 5.03 20.53
CA LEU F 325 -60.88 4.64 21.60
C LEU F 325 -62.20 5.45 21.52
N PHE F 326 -62.11 6.72 21.15
CA PHE F 326 -63.26 7.61 21.22
C PHE F 326 -64.35 7.22 20.22
N PRO F 327 -64.01 7.08 18.92
CA PRO F 327 -65.08 6.67 18.00
C PRO F 327 -65.50 5.21 18.21
N THR F 328 -64.60 4.37 18.74
CA THR F 328 -64.94 2.99 19.04
C THR F 328 -66.10 2.99 20.05
N LEU F 329 -65.95 3.74 21.13
CA LEU F 329 -67.01 3.84 22.15
C LEU F 329 -68.22 4.56 21.63
N GLY F 330 -68.01 5.60 20.82
CA GLY F 330 -69.11 6.35 20.21
C GLY F 330 -70.02 5.54 19.30
N LYS F 331 -69.48 4.51 18.66
CA LYS F 331 -70.28 3.59 17.86
C LYS F 331 -71.00 2.55 18.70
N GLY F 332 -70.87 2.60 20.00
CA GLY F 332 -71.39 1.55 20.88
C GLY F 332 -70.48 0.37 21.12
N GLY F 333 -69.19 0.54 20.82
CA GLY F 333 -68.22 -0.53 20.99
C GLY F 333 -68.16 -1.06 22.41
N ILE F 334 -67.94 -2.36 22.54
CA ILE F 334 -67.91 -3.00 23.85
C ILE F 334 -66.50 -3.08 24.39
N GLY F 335 -65.52 -2.76 23.56
CA GLY F 335 -64.14 -2.85 24.01
C GLY F 335 -63.08 -2.48 23.00
N PHE F 336 -61.84 -2.43 23.50
CA PHE F 336 -60.68 -1.86 22.79
C PHE F 336 -59.44 -2.44 23.46
N SER F 337 -58.57 -3.08 22.68
CA SER F 337 -57.46 -3.83 23.26
C SER F 337 -56.13 -3.64 22.48
N PRO F 338 -55.32 -2.66 22.91
CA PRO F 338 -54.05 -2.42 22.25
C PRO F 338 -53.12 -3.64 22.40
N PHE F 339 -52.45 -3.96 21.31
CA PHE F 339 -51.59 -5.13 21.24
C PHE F 339 -50.16 -4.88 21.64
N GLY F 340 -49.59 -5.81 22.41
CA GLY F 340 -48.18 -5.81 22.72
C GLY F 340 -47.85 -4.97 23.95
N MET F 341 -48.75 -4.93 24.91
CA MET F 341 -48.56 -4.14 26.12
C MET F 341 -47.85 -4.94 27.18
N ASP F 342 -46.60 -5.32 26.91
CA ASP F 342 -45.79 -5.99 27.94
C ASP F 342 -44.34 -5.69 27.70
N ASP F 343 -43.53 -6.03 28.67
CA ASP F 343 -42.10 -5.66 28.60
C ASP F 343 -41.23 -6.87 28.33
N THR F 344 -41.65 -7.69 27.36
CA THR F 344 -40.93 -8.94 27.09
C THR F 344 -39.91 -8.76 25.95
N ASP F 345 -39.45 -7.53 25.75
CA ASP F 345 -38.35 -7.24 24.85
C ASP F 345 -38.74 -7.53 23.41
N TYR F 346 -39.89 -7.01 22.98
CA TYR F 346 -40.30 -7.13 21.62
C TYR F 346 -41.09 -5.93 21.23
N THR F 347 -40.82 -5.40 20.04
CA THR F 347 -41.68 -4.39 19.45
C THR F 347 -42.08 -4.87 18.07
N ASN F 348 -43.39 -4.87 17.79
CA ASN F 348 -43.92 -5.26 16.47
C ASN F 348 -43.87 -4.12 15.48
N TYR F 349 -43.15 -3.05 15.81
CA TYR F 349 -42.88 -1.99 14.83
C TYR F 349 -42.41 -2.68 13.52
N PRO F 350 -42.88 -2.20 12.35
CA PRO F 350 -43.67 -1.02 11.95
C PRO F 350 -45.17 -1.02 12.32
N LEU F 351 -45.75 -2.15 12.73
CA LEU F 351 -47.19 -2.19 13.10
C LEU F 351 -47.53 -1.36 14.34
N GLY F 352 -46.66 -1.40 15.34
CA GLY F 352 -46.85 -0.66 16.58
C GLY F 352 -45.73 0.31 16.86
N ALA F 353 -45.52 0.56 18.15
CA ALA F 353 -44.57 1.56 18.60
C ALA F 353 -43.13 1.09 18.32
N LYS F 354 -42.26 2.03 17.98
CA LYS F 354 -40.85 1.71 17.74
C LYS F 354 -40.18 1.27 19.05
N VAL F 355 -40.50 1.92 20.15
CA VAL F 355 -39.94 1.58 21.46
C VAL F 355 -41.07 1.32 22.43
N TYR F 356 -40.83 0.43 23.38
CA TYR F 356 -41.78 0.16 24.44
C TYR F 356 -41.25 0.66 25.76
N ASN F 357 -41.88 1.72 26.28
CA ASN F 357 -41.53 2.30 27.53
C ASN F 357 -42.77 2.94 28.18
N ASP F 358 -42.57 3.58 29.31
CA ASP F 358 -43.66 4.17 30.06
C ASP F 358 -44.45 5.17 29.24
N GLU F 359 -43.78 5.90 28.36
CA GLU F 359 -44.45 6.87 27.52
C GLU F 359 -45.42 6.19 26.53
N THR F 360 -45.01 5.04 25.97
CA THR F 360 -45.90 4.27 25.10
C THR F 360 -47.21 3.93 25.80
N ILE F 361 -47.07 3.47 27.04
CA ILE F 361 -48.19 3.07 27.86
C ILE F 361 -49.05 4.29 28.24
N GLU F 362 -48.39 5.39 28.54
CA GLU F 362 -49.08 6.59 29.01
C GLU F 362 -50.05 7.17 27.96
N GLN F 363 -49.78 7.00 26.68
CA GLN F 363 -50.70 7.50 25.65
C GLN F 363 -52.09 6.83 25.78
N PHE F 364 -52.10 5.53 26.14
CA PHE F 364 -53.35 4.82 26.37
C PHE F 364 -53.87 5.05 27.79
N ALA F 365 -52.98 5.15 28.79
CA ALA F 365 -53.44 5.46 30.14
C ALA F 365 -54.25 6.78 30.21
N GLN F 366 -53.85 7.76 29.43
CA GLN F 366 -54.47 9.08 29.47
C GLN F 366 -55.91 9.06 28.94
N VAL F 367 -56.17 8.20 27.94
CA VAL F 367 -57.53 8.08 27.44
C VAL F 367 -58.37 7.12 28.29
N TYR F 368 -57.78 6.05 28.81
CA TYR F 368 -58.50 5.15 29.71
C TYR F 368 -58.97 5.87 30.97
N ARG F 369 -58.20 6.84 31.44
CA ARG F 369 -58.57 7.66 32.62
C ARG F 369 -59.84 8.46 32.44
N LEU F 370 -60.22 8.75 31.20
CA LEU F 370 -61.47 9.43 30.91
C LEU F 370 -62.67 8.48 31.08
N VAL F 371 -62.46 7.18 30.86
CA VAL F 371 -63.56 6.24 30.80
C VAL F 371 -63.70 5.44 32.07
N ASN F 372 -62.59 5.03 32.64
CA ASN F 372 -62.62 4.27 33.89
C ASN F 372 -63.56 4.78 34.96
N PRO F 373 -63.52 6.08 35.27
CA PRO F 373 -64.38 6.56 36.37
C PRO F 373 -65.87 6.47 36.10
N MET F 374 -66.28 6.38 34.83
CA MET F 374 -67.69 6.21 34.47
C MET F 374 -67.98 4.89 33.72
N MET F 375 -67.13 3.88 33.85
CA MET F 375 -67.19 2.74 32.90
C MET F 375 -68.58 2.09 32.86
N ARG F 376 -69.13 1.77 34.02
CA ARG F 376 -70.48 1.12 34.06
C ARG F 376 -71.57 2.02 33.57
N GLU F 377 -71.48 3.30 33.91
CA GLU F 377 -72.51 4.25 33.48
C GLU F 377 -72.49 4.48 32.01
N TRP F 378 -71.29 4.65 31.46
CA TRP F 378 -71.13 4.76 30.00
C TRP F 378 -71.67 3.52 29.32
N ALA F 379 -71.30 2.35 29.83
CA ALA F 379 -71.69 1.09 29.15
C ALA F 379 -73.20 0.98 29.04
N ARG F 380 -73.90 1.36 30.11
CA ARG F 380 -75.38 1.36 30.14
C ARG F 380 -75.96 2.36 29.15
N LEU F 381 -75.43 3.58 29.18
CA LEU F 381 -75.90 4.60 28.25
C LEU F 381 -75.67 4.23 26.79
N SER F 382 -74.52 3.60 26.54
CA SER F 382 -74.22 3.20 25.17
C SER F 382 -75.24 2.16 24.67
N TYR F 383 -75.59 1.22 25.53
CA TYR F 383 -76.50 0.13 25.14
C TYR F 383 -77.94 0.65 25.00
N GLN F 384 -78.35 1.49 25.92
CA GLN F 384 -79.77 1.79 26.13
C GLN F 384 -80.16 3.22 25.78
N GLY F 385 -79.18 4.02 25.36
CA GLY F 385 -79.42 5.42 25.06
C GLY F 385 -78.59 5.91 23.89
N GLN F 386 -78.24 7.18 23.93
CA GLN F 386 -77.60 7.79 22.79
C GLN F 386 -76.23 8.24 23.28
N VAL F 387 -75.20 7.73 22.60
CA VAL F 387 -73.82 8.15 22.80
C VAL F 387 -73.21 8.58 21.48
N TRP F 388 -72.14 9.36 21.59
CA TRP F 388 -71.37 9.81 20.45
C TRP F 388 -69.90 9.80 20.86
N GLY F 389 -69.04 9.74 19.88
CA GLY F 389 -67.60 9.73 20.13
C GLY F 389 -66.87 10.09 18.84
N VAL F 390 -65.88 10.97 18.96
CA VAL F 390 -65.10 11.43 17.81
C VAL F 390 -63.62 11.53 18.18
N ALA F 391 -62.78 11.36 17.16
CA ALA F 391 -61.34 11.52 17.30
C ALA F 391 -60.88 12.57 16.30
N GLU F 392 -59.73 13.16 16.61
CA GLU F 392 -59.12 14.19 15.78
C GLU F 392 -58.93 13.65 14.37
N PRO F 393 -59.57 14.28 13.37
CA PRO F 393 -59.71 13.65 12.05
C PRO F 393 -58.59 13.89 11.04
N LEU F 394 -57.56 14.65 11.40
CA LEU F 394 -56.38 14.77 10.54
C LEU F 394 -55.26 14.05 11.27
N ASP F 395 -54.51 13.27 10.51
CA ASP F 395 -53.32 12.62 11.02
C ASP F 395 -52.20 13.65 11.21
N SER F 396 -51.18 13.31 11.99
CA SER F 396 -50.07 14.22 12.21
C SER F 396 -49.46 14.65 10.86
N THR F 397 -49.07 15.92 10.77
CA THR F 397 -48.43 16.46 9.57
C THR F 397 -47.10 15.76 9.28
N THR F 398 -46.88 15.31 8.05
CA THR F 398 -45.60 14.70 7.63
C THR F 398 -44.45 15.73 7.56
N GLU F 399 -43.21 15.26 7.58
CA GLU F 399 -42.03 16.11 7.34
C GLU F 399 -42.08 16.68 5.91
N THR F 400 -42.44 15.82 4.95
CA THR F 400 -42.70 16.22 3.56
C THR F 400 -43.76 17.35 3.48
N GLN F 401 -44.84 17.22 4.24
CA GLN F 401 -45.87 18.27 4.29
C GLN F 401 -45.37 19.51 5.04
N LYS F 402 -44.50 19.33 6.02
CA LYS F 402 -43.89 20.46 6.74
C LYS F 402 -43.00 21.27 5.79
N ILE F 403 -42.19 20.58 4.98
CA ILE F 403 -41.36 21.25 3.96
C ILE F 403 -42.25 22.01 2.96
N TRP F 404 -43.18 21.30 2.35
CA TRP F 404 -44.11 21.90 1.40
C TRP F 404 -44.87 23.08 2.01
N ASN F 405 -45.33 22.94 3.26
CA ASN F 405 -45.98 24.04 3.98
C ASN F 405 -45.13 25.31 4.06
N ALA F 406 -43.85 25.16 4.43
CA ALA F 406 -42.93 26.29 4.56
C ALA F 406 -42.66 27.01 3.22
N GLU F 407 -42.54 26.25 2.13
CA GLU F 407 -42.47 26.78 0.75
C GLU F 407 -43.87 27.27 0.33
N ALA F 408 -43.99 28.58 0.09
CA ALA F 408 -45.25 29.38 0.09
C ALA F 408 -45.35 30.01 1.45
N THR F 409 -46.07 31.11 1.62
CA THR F 409 -46.45 32.05 0.61
C THR F 409 -47.14 33.12 1.45
N PRO F 410 -47.43 34.28 0.83
CA PRO F 410 -48.64 34.98 1.19
C PRO F 410 -49.80 34.05 0.77
N GLU F 411 -50.98 34.32 1.30
CA GLU F 411 -52.21 33.86 0.68
C GLU F 411 -52.50 32.33 0.71
N GLU F 412 -51.57 31.52 0.20
CA GLU F 412 -51.72 30.07 0.18
C GLU F 412 -51.61 29.45 1.58
N LYS F 413 -50.68 29.98 2.37
CA LYS F 413 -50.52 29.57 3.77
C LYS F 413 -51.78 29.89 4.56
N GLU F 414 -52.38 31.07 4.34
CA GLU F 414 -53.61 31.44 5.03
C GLU F 414 -54.78 30.55 4.59
N GLN F 415 -54.82 30.21 3.32
CA GLN F 415 -55.85 29.32 2.78
C GLN F 415 -55.72 27.90 3.35
N HIS F 416 -54.47 27.48 3.54
CA HIS F 416 -54.20 26.14 4.06
C HIS F 416 -54.62 26.00 5.53
N LYS F 417 -54.34 27.04 6.31
CA LYS F 417 -54.76 27.13 7.71
C LYS F 417 -56.27 27.10 7.83
N LYS F 418 -56.97 27.81 6.95
CA LYS F 418 -58.43 27.80 6.88
C LYS F 418 -58.97 26.42 6.52
N ASP F 419 -58.36 25.77 5.56
CA ASP F 419 -58.74 24.42 5.14
C ASP F 419 -58.59 23.40 6.29
N ARG F 420 -57.47 23.51 7.01
CA ARG F 420 -57.19 22.62 8.14
C ARG F 420 -58.16 22.89 9.30
N ALA F 421 -58.40 24.16 9.61
CA ALA F 421 -59.35 24.54 10.67
C ALA F 421 -60.71 23.94 10.43
N SER F 422 -61.15 24.02 9.18
CA SER F 422 -62.43 23.46 8.80
C SER F 422 -62.45 21.91 8.94
N ALA F 423 -61.36 21.25 8.51
CA ALA F 423 -61.27 19.78 8.63
C ALA F 423 -61.19 19.36 10.11
N LEU F 424 -60.66 20.24 10.96
CA LEU F 424 -60.52 19.99 12.37
C LEU F 424 -61.74 20.44 13.20
N THR F 425 -62.88 20.58 12.55
CA THR F 425 -64.11 20.99 13.19
C THR F 425 -65.17 19.94 12.90
N GLN F 426 -65.70 19.29 13.93
CA GLN F 426 -66.71 18.26 13.73
C GLN F 426 -68.05 18.66 14.35
N GLN F 427 -69.14 18.33 13.66
CA GLN F 427 -70.49 18.59 14.12
CA GLN F 427 -70.47 18.63 14.13
C GLN F 427 -71.15 17.32 14.60
N LEU F 428 -71.82 17.38 15.74
CA LEU F 428 -72.61 16.27 16.26
C LEU F 428 -74.02 16.76 16.56
N ASP F 429 -75.01 16.03 16.04
CA ASP F 429 -76.44 16.36 16.25
C ASP F 429 -76.93 15.60 17.47
N LEU F 430 -77.17 16.29 18.57
CA LEU F 430 -77.53 15.66 19.82
C LEU F 430 -79.03 15.83 20.16
N GLY F 431 -79.84 16.07 19.14
CA GLY F 431 -81.29 16.17 19.32
C GLY F 431 -81.67 17.63 19.22
N LEU F 432 -82.08 18.19 20.34
CA LEU F 432 -82.36 19.64 20.44
C LEU F 432 -81.12 20.52 20.41
N TRP F 433 -79.97 19.92 20.68
CA TRP F 433 -78.69 20.62 20.76
C TRP F 433 -77.68 19.93 19.88
N ASP F 434 -76.74 20.71 19.37
CA ASP F 434 -75.61 20.17 18.64
C ASP F 434 -74.38 20.48 19.41
N ALA F 435 -73.33 19.69 19.19
CA ALA F 435 -72.00 20.01 19.69
C ALA F 435 -71.06 20.20 18.50
N GLU F 436 -70.12 21.12 18.67
CA GLU F 436 -69.04 21.29 17.72
C GLU F 436 -67.74 20.99 18.43
N VAL F 437 -66.97 20.06 17.87
CA VAL F 437 -65.69 19.65 18.44
C VAL F 437 -64.55 20.15 17.59
N THR F 438 -63.60 20.83 18.22
CA THR F 438 -62.43 21.37 17.56
C THR F 438 -61.16 20.98 18.28
N TYR F 439 -60.06 20.93 17.56
CA TYR F 439 -58.80 20.40 18.09
C TYR F 439 -57.59 21.34 17.94
N GLY F 440 -56.86 21.54 19.03
CA GLY F 440 -55.60 22.28 19.01
C GLY F 440 -55.82 23.78 18.97
N ARG F 441 -56.29 24.32 20.07
CA ARG F 441 -56.50 25.79 20.21
C ARG F 441 -56.42 26.18 21.67
N PRO F 442 -56.16 27.47 21.94
CA PRO F 442 -56.17 27.93 23.32
C PRO F 442 -57.51 27.71 24.02
N MET F 443 -57.48 27.85 25.35
CA MET F 443 -58.67 27.66 26.21
C MET F 443 -59.51 28.93 26.39
N PHE F 444 -59.09 29.99 25.70
CA PHE F 444 -59.66 31.35 25.86
C PHE F 444 -59.67 31.96 24.47
N TRP F 445 -60.70 32.74 24.18
CA TRP F 445 -60.92 33.36 22.86
C TRP F 445 -61.21 32.34 21.79
N VAL F 446 -61.20 32.81 20.54
CA VAL F 446 -61.79 32.09 19.42
C VAL F 446 -60.80 31.84 18.25
N THR F 447 -59.51 31.91 18.50
CA THR F 447 -58.53 31.65 17.43
C THR F 447 -58.73 30.21 16.87
N PRO F 448 -58.75 30.08 15.54
CA PRO F 448 -59.14 28.81 14.93
C PRO F 448 -58.22 27.62 15.27
N PRO F 449 -58.79 26.39 15.22
CA PRO F 449 -58.01 25.17 15.53
C PRO F 449 -56.90 24.87 14.52
N GLU F 450 -55.74 24.49 15.04
CA GLU F 450 -54.60 24.09 14.23
C GLU F 450 -54.17 22.63 14.44
N GLY F 451 -54.85 21.91 15.31
CA GLY F 451 -54.57 20.49 15.54
C GLY F 451 -53.52 20.30 16.60
N ASN F 452 -53.52 19.11 17.19
CA ASN F 452 -52.55 18.76 18.20
C ASN F 452 -51.36 18.16 17.46
N THR F 453 -50.20 18.24 18.11
CA THR F 453 -48.97 17.68 17.54
C THR F 453 -48.33 16.80 18.54
N PRO F 454 -48.41 15.48 18.35
CA PRO F 454 -49.07 14.73 17.31
C PRO F 454 -50.62 14.74 17.45
N ALA F 455 -51.30 14.33 16.40
CA ALA F 455 -52.77 14.21 16.40
C ALA F 455 -53.12 13.26 17.55
N ALA F 456 -54.06 13.66 18.39
CA ALA F 456 -54.31 12.93 19.65
C ALA F 456 -55.71 13.14 20.29
N GLY F 457 -56.46 14.13 19.82
CA GLY F 457 -57.67 14.55 20.52
C GLY F 457 -58.89 13.69 20.30
N GLY F 458 -59.89 13.89 21.16
CA GLY F 458 -61.17 13.26 20.96
C GLY F 458 -62.17 13.70 22.01
N ALA F 459 -63.40 13.21 21.85
CA ALA F 459 -64.51 13.56 22.77
C ALA F 459 -65.54 12.42 22.84
N LEU F 460 -66.14 12.25 24.02
CA LEU F 460 -67.25 11.37 24.25
C LEU F 460 -68.42 12.19 24.80
N ILE F 461 -69.62 11.90 24.30
CA ILE F 461 -70.86 12.54 24.76
C ILE F 461 -71.94 11.47 24.94
N ALA F 462 -72.64 11.50 26.07
CA ALA F 462 -73.83 10.65 26.28
C ALA F 462 -75.03 11.54 26.65
N GLN F 463 -76.19 11.22 26.11
CA GLN F 463 -77.37 12.04 26.40
C GLN F 463 -78.04 11.50 27.64
N LEU F 464 -78.24 12.36 28.64
CA LEU F 464 -78.93 11.99 29.84
C LEU F 464 -80.44 12.34 29.76
N ASP F 465 -80.78 13.43 29.08
CA ASP F 465 -82.17 13.91 28.96
C ASP F 465 -82.21 14.86 27.79
N ASP F 466 -83.39 15.41 27.48
CA ASP F 466 -83.54 16.29 26.33
C ASP F 466 -82.50 17.41 26.26
N ASN F 467 -82.15 17.96 27.40
CA ASN F 467 -81.27 19.14 27.48
C ASN F 467 -80.00 18.90 28.33
N GLU F 468 -79.68 17.64 28.62
N GLU F 468 -79.68 17.65 28.61
CA GLU F 468 -78.58 17.34 29.51
CA GLU F 468 -78.59 17.33 29.51
C GLU F 468 -77.69 16.21 28.96
C GLU F 468 -77.70 16.20 28.98
N TYR F 469 -76.39 16.41 29.08
CA TYR F 469 -75.41 15.51 28.49
C TYR F 469 -74.25 15.30 29.42
N LEU F 470 -73.68 14.10 29.33
CA LEU F 470 -72.43 13.78 29.98
C LEU F 470 -71.32 13.96 28.94
N VAL F 471 -70.24 14.65 29.30
CA VAL F 471 -69.21 15.02 28.34
C VAL F 471 -67.84 14.83 28.96
N THR F 472 -66.96 14.18 28.22
CA THR F 472 -65.54 14.18 28.59
C THR F 472 -64.74 14.19 27.29
N ALA F 473 -63.64 14.93 27.27
CA ALA F 473 -62.86 15.05 26.04
C ALA F 473 -61.39 15.30 26.40
N TYR F 474 -60.59 15.40 25.37
CA TYR F 474 -59.14 15.21 25.48
C TYR F 474 -58.49 16.03 24.38
N LYS F 475 -57.73 17.06 24.78
CA LYS F 475 -57.02 17.91 23.81
C LYS F 475 -57.95 18.41 22.73
N ALA F 476 -59.05 19.01 23.18
CA ALA F 476 -60.09 19.43 22.31
C ALA F 476 -61.01 20.43 22.99
N ARG F 477 -61.74 21.16 22.17
CA ARG F 477 -62.82 22.02 22.66
C ARG F 477 -64.17 21.49 22.21
N VAL F 478 -65.14 21.48 23.11
CA VAL F 478 -66.51 21.08 22.80
C VAL F 478 -67.43 22.27 23.06
N GLU F 479 -68.15 22.70 22.03
CA GLU F 479 -69.08 23.82 22.19
C GLU F 479 -70.51 23.37 21.83
N PHE F 480 -71.48 23.76 22.65
CA PHE F 480 -72.89 23.44 22.42
C PHE F 480 -73.66 24.59 21.79
N LYS F 481 -74.61 24.26 20.92
CA LYS F 481 -75.49 25.25 20.30
C LYS F 481 -76.84 24.59 19.99
N PRO F 482 -77.89 25.39 19.73
CA PRO F 482 -79.18 24.78 19.38
C PRO F 482 -79.07 24.00 18.09
N SER F 483 -79.79 22.89 18.01
CA SER F 483 -79.79 22.09 16.78
C SER F 483 -80.67 22.70 15.69
N GLN F 484 -81.62 23.53 16.09
CA GLN F 484 -82.59 24.14 15.16
C GLN F 484 -82.95 25.55 15.60
N GLU F 485 -83.50 26.33 14.68
CA GLU F 485 -83.89 27.70 14.95
C GLU F 485 -84.76 27.74 16.20
N LEU F 486 -84.52 28.73 17.04
CA LEU F 486 -85.30 28.86 18.28
C LEU F 486 -86.53 29.79 18.24
N ALA F 487 -86.91 30.29 17.07
CA ALA F 487 -88.12 31.11 16.93
C ALA F 487 -88.25 32.18 18.02
N GLY F 488 -87.22 32.99 18.10
CA GLY F 488 -87.20 34.18 18.96
C GLY F 488 -86.68 34.02 20.38
N LYS F 489 -86.48 32.78 20.81
CA LYS F 489 -85.84 32.51 22.11
C LYS F 489 -84.33 32.65 21.98
N LYS F 490 -83.69 32.82 23.12
CA LYS F 490 -82.23 32.78 23.18
C LYS F 490 -81.80 31.47 23.83
N PHE F 491 -80.50 31.21 23.91
CA PHE F 491 -80.04 30.01 24.62
C PHE F 491 -78.76 30.31 25.42
N MET F 492 -78.55 29.51 26.45
CA MET F 492 -77.28 29.52 27.15
C MET F 492 -77.04 28.15 27.75
N ILE F 493 -75.82 27.96 28.23
CA ILE F 493 -75.53 26.91 29.18
C ILE F 493 -76.30 27.24 30.44
N GLU F 494 -77.06 26.30 30.97
CA GLU F 494 -77.68 26.51 32.27
C GLU F 494 -76.71 26.20 33.40
N ARG F 495 -76.02 25.08 33.27
CA ARG F 495 -75.07 24.66 34.29
C ARG F 495 -74.16 23.57 33.74
N VAL F 496 -72.87 23.71 34.05
CA VAL F 496 -71.87 22.64 33.82
C VAL F 496 -71.33 22.25 35.18
N GLU F 497 -71.43 20.97 35.51
CA GLU F 497 -70.82 20.43 36.73
C GLU F 497 -69.72 19.44 36.39
N GLU F 498 -68.59 19.55 37.08
CA GLU F 498 -67.56 18.53 37.00
C GLU F 498 -67.78 17.64 38.21
N GLY F 499 -67.68 16.34 37.99
CA GLY F 499 -67.89 15.43 39.09
C GLY F 499 -67.61 13.99 38.74
N ARG F 500 -68.23 13.09 39.51
CA ARG F 500 -67.95 11.67 39.34
C ARG F 500 -69.14 10.86 39.80
N PHE F 501 -69.12 9.56 39.47
CA PHE F 501 -70.13 8.65 39.96
C PHE F 501 -69.56 7.92 41.14
N GLU F 502 -70.33 7.89 42.22
CA GLU F 502 -69.99 7.11 43.41
C GLU F 502 -71.20 6.21 43.70
N LYS F 503 -70.98 4.90 43.66
CA LYS F 503 -72.06 3.95 43.89
C LYS F 503 -73.23 4.25 42.94
N GLY F 504 -72.90 4.57 41.69
CA GLY F 504 -73.92 4.90 40.67
C GLY F 504 -74.61 6.25 40.80
N LYS F 505 -74.25 7.04 41.81
CA LYS F 505 -74.85 8.37 41.99
C LYS F 505 -73.85 9.48 41.62
N TRP F 506 -74.32 10.50 40.92
CA TRP F 506 -73.52 11.68 40.59
C TRP F 506 -73.14 12.49 41.81
N VAL F 507 -71.84 12.78 41.95
CA VAL F 507 -71.34 13.66 43.00
C VAL F 507 -70.66 14.86 42.32
N MET F 508 -71.16 16.05 42.63
CA MET F 508 -70.62 17.27 42.04
C MET F 508 -69.33 17.65 42.78
N GLU F 509 -68.31 18.02 42.02
CA GLU F 509 -67.05 18.53 42.61
C GLU F 509 -66.97 20.05 42.50
N ARG F 510 -67.32 20.57 41.32
CA ARG F 510 -67.34 22.00 41.10
C ARG F 510 -68.19 22.35 39.91
N VAL F 511 -68.55 23.61 39.83
CA VAL F 511 -69.26 24.13 38.67
C VAL F 511 -68.26 24.83 37.76
N TRP F 512 -68.25 24.48 36.47
CA TRP F 512 -67.51 25.24 35.49
C TRP F 512 -68.35 26.42 35.11
N ASN F 513 -67.77 27.61 35.14
CA ASN F 513 -68.48 28.81 34.72
C ASN F 513 -67.47 29.87 34.29
N GLY F 514 -67.95 31.04 33.90
CA GLY F 514 -67.08 32.11 33.50
C GLY F 514 -66.14 31.72 32.40
N ASP F 515 -64.85 31.99 32.59
CA ASP F 515 -63.82 31.72 31.59
C ASP F 515 -63.95 30.28 31.11
N GLN F 516 -64.30 29.37 32.03
CA GLN F 516 -64.29 27.94 31.72
C GLN F 516 -65.45 27.52 30.82
N THR F 517 -66.44 28.39 30.64
CA THR F 517 -67.55 28.06 29.71
C THR F 517 -67.83 29.12 28.68
N ASP F 518 -67.08 30.23 28.70
CA ASP F 518 -67.29 31.34 27.78
C ASP F 518 -66.88 30.98 26.37
N TRP F 519 -65.89 30.09 26.24
CA TRP F 519 -65.27 29.77 24.93
C TRP F 519 -65.33 28.25 24.69
N GLY F 520 -66.51 27.68 24.87
CA GLY F 520 -66.67 26.24 24.84
C GLY F 520 -66.07 25.59 26.07
N LEU F 521 -65.97 24.26 26.02
CA LEU F 521 -65.47 23.48 27.15
C LEU F 521 -64.13 22.91 26.68
N ASN F 522 -63.07 23.38 27.30
CA ASN F 522 -61.71 23.11 26.84
C ASN F 522 -61.03 22.08 27.71
N PHE F 523 -60.51 21.06 27.05
CA PHE F 523 -59.90 19.93 27.71
C PHE F 523 -58.44 19.78 27.25
N THR F 524 -57.58 19.42 28.18
CA THR F 524 -56.18 19.18 27.88
C THR F 524 -55.98 17.67 27.98
N ASP F 525 -54.92 17.24 28.67
CA ASP F 525 -54.65 15.82 28.83
C ASP F 525 -55.21 15.28 30.15
N ARG F 526 -55.70 16.15 31.02
CA ARG F 526 -56.22 15.70 32.31
C ARG F 526 -57.70 15.31 32.20
N PRO F 527 -58.13 14.33 33.01
CA PRO F 527 -59.51 13.88 33.00
C PRO F 527 -60.50 14.82 33.70
N HIS F 528 -61.58 15.18 33.01
CA HIS F 528 -62.68 15.88 33.62
C HIS F 528 -63.97 15.29 33.04
N LEU F 529 -64.86 14.90 33.92
CA LEU F 529 -66.18 14.42 33.50
C LEU F 529 -67.20 15.48 33.85
N LEU F 530 -67.95 15.93 32.84
CA LEU F 530 -68.89 17.03 33.00
C LEU F 530 -70.33 16.59 32.71
N ARG F 531 -71.26 17.19 33.45
CA ARG F 531 -72.67 17.15 33.15
C ARG F 531 -73.07 18.53 32.68
N VAL F 532 -73.55 18.62 31.45
CA VAL F 532 -73.85 19.87 30.79
C VAL F 532 -75.36 19.97 30.57
N LYS F 533 -75.96 20.98 31.18
CA LYS F 533 -77.39 21.27 31.00
C LYS F 533 -77.54 22.56 30.19
N MET F 534 -78.24 22.46 29.06
CA MET F 534 -78.49 23.57 28.20
C MET F 534 -79.94 24.10 28.40
N ALA F 535 -80.16 25.35 28.07
CA ALA F 535 -81.51 25.97 28.18
C ALA F 535 -81.76 27.00 27.10
N SER F 536 -82.94 26.90 26.48
CA SER F 536 -83.46 27.99 25.68
C SER F 536 -84.37 28.80 26.61
N TYR F 537 -84.46 30.09 26.37
CA TYR F 537 -85.24 30.98 27.23
C TYR F 537 -85.81 32.13 26.44
N SER F 538 -86.97 32.58 26.90
CA SER F 538 -87.69 33.66 26.23
C SER F 538 -87.15 35.02 26.63
N VAL F 539 -87.14 35.92 25.65
CA VAL F 539 -86.84 37.32 25.87
C VAL F 539 -87.97 38.25 25.34
N GLN F 540 -89.14 37.67 25.08
CA GLN F 540 -90.25 38.41 24.40
C GLN F 540 -90.76 39.54 25.31
N ALA G 1 -61.75 41.36 69.76
CA ALA G 1 -62.48 42.15 68.72
C ALA G 1 -61.57 43.13 67.96
N ALA G 2 -60.73 42.58 67.11
CA ALA G 2 -59.94 43.40 66.19
C ALA G 2 -60.78 44.42 65.39
N PRO G 3 -60.18 45.55 65.04
CA PRO G 3 -60.99 46.58 64.43
C PRO G 3 -61.30 46.21 63.00
N LEU G 4 -62.41 46.69 62.48
CA LEU G 4 -62.76 46.47 61.09
C LEU G 4 -61.66 46.95 60.14
N PRO G 5 -61.40 46.19 59.08
CA PRO G 5 -60.67 46.80 57.97
C PRO G 5 -61.34 48.04 57.48
N GLU G 6 -60.57 49.01 57.03
CA GLU G 6 -61.15 50.16 56.36
C GLU G 6 -60.19 50.88 55.42
N LEU G 7 -60.74 51.50 54.39
CA LEU G 7 -59.96 52.27 53.47
C LEU G 7 -59.97 53.73 53.93
N LEU G 8 -58.79 54.25 54.27
CA LEU G 8 -58.64 55.64 54.65
C LEU G 8 -58.14 56.43 53.46
N SER G 9 -58.63 57.66 53.34
CA SER G 9 -58.14 58.62 52.35
C SER G 9 -57.86 59.96 53.03
N ASN G 10 -56.65 60.48 52.87
CA ASN G 10 -56.26 61.73 53.52
C ASN G 10 -55.11 62.39 52.76
N ASN G 11 -55.22 63.70 52.54
CA ASN G 11 -54.15 64.48 51.92
C ASN G 11 -53.81 63.95 50.52
N GLY G 12 -54.84 63.48 49.78
CA GLY G 12 -54.63 62.83 48.47
C GLY G 12 -53.96 61.46 48.51
N LYS G 13 -53.85 60.86 49.69
CA LYS G 13 -53.19 59.58 49.85
C LYS G 13 -54.17 58.56 50.45
N HIS G 14 -53.84 57.28 50.40
CA HIS G 14 -54.76 56.24 50.83
C HIS G 14 -54.08 55.14 51.55
N ALA G 15 -54.84 54.46 52.38
CA ALA G 15 -54.34 53.24 53.04
C ALA G 15 -55.47 52.25 53.26
N LEU G 16 -55.17 50.99 53.05
CA LEU G 16 -56.05 49.94 53.47
C LEU G 16 -55.62 49.54 54.85
N MET G 17 -56.46 49.84 55.84
CA MET G 17 -56.19 49.47 57.21
C MET G 17 -56.68 48.05 57.47
N VAL G 18 -55.79 47.22 58.00
CA VAL G 18 -56.14 45.88 58.39
C VAL G 18 -55.53 45.66 59.76
N ASP G 19 -56.38 45.25 60.69
CA ASP G 19 -55.97 45.06 62.08
C ASP G 19 -55.31 46.33 62.63
N GLY G 20 -55.84 47.48 62.23
CA GLY G 20 -55.47 48.76 62.80
C GLY G 20 -54.23 49.42 62.24
N ALA G 21 -53.70 48.92 61.12
CA ALA G 21 -52.54 49.55 60.49
C ALA G 21 -52.56 49.34 58.98
N PRO G 22 -51.90 50.22 58.21
CA PRO G 22 -51.87 50.05 56.78
C PRO G 22 -51.33 48.67 56.35
N TYR G 23 -51.88 48.17 55.25
CA TYR G 23 -51.65 46.81 54.77
C TYR G 23 -51.52 46.83 53.26
N ILE G 24 -50.67 45.97 52.71
CA ILE G 24 -50.55 45.79 51.25
C ILE G 24 -51.03 44.38 50.89
N ILE G 25 -51.99 44.31 49.98
CA ILE G 25 -52.43 43.04 49.43
C ILE G 25 -51.40 42.55 48.41
N LEU G 26 -50.65 41.53 48.79
CA LEU G 26 -49.73 40.83 47.87
C LEU G 26 -50.50 39.60 47.51
N GLY G 27 -51.26 39.72 46.46
CA GLY G 27 -52.41 38.86 46.24
C GLY G 27 -52.16 37.71 45.28
N SER G 28 -53.08 36.75 45.30
CA SER G 28 -53.28 35.79 44.22
C SER G 28 -54.78 35.65 44.03
N GLN G 29 -55.23 35.44 42.79
CA GLN G 29 -56.65 35.26 42.49
C GLN G 29 -56.82 33.92 41.73
N THR G 30 -57.86 33.19 42.09
CA THR G 30 -58.15 31.92 41.45
C THR G 30 -58.69 32.11 40.05
N ASN G 31 -58.67 31.02 39.28
CA ASN G 31 -59.46 30.93 38.07
C ASN G 31 -60.96 30.93 38.43
N ASN G 32 -61.80 31.11 37.41
CA ASN G 32 -63.23 31.38 37.62
C ASN G 32 -64.08 30.21 38.11
N SER G 33 -63.56 28.99 38.07
CA SER G 33 -64.32 27.80 38.46
C SER G 33 -63.67 27.10 39.65
N SER G 34 -63.01 27.87 40.51
CA SER G 34 -62.32 27.30 41.69
C SER G 34 -63.04 27.54 42.98
N ASN G 35 -64.25 28.07 42.89
CA ASN G 35 -65.02 28.52 44.06
C ASN G 35 -65.84 27.36 44.69
N TYR G 36 -65.19 26.21 44.87
CA TYR G 36 -65.83 25.03 45.49
C TYR G 36 -64.86 24.35 46.42
N PRO G 37 -65.38 23.73 47.50
CA PRO G 37 -64.49 23.08 48.45
C PRO G 37 -63.45 22.15 47.80
N ASP G 38 -63.87 21.33 46.85
CA ASP G 38 -62.98 20.34 46.22
C ASP G 38 -61.85 20.99 45.39
N ALA G 39 -62.05 22.22 44.93
CA ALA G 39 -61.04 22.89 44.12
C ALA G 39 -59.95 23.58 44.95
N LEU G 40 -60.18 23.79 46.24
CA LEU G 40 -59.23 24.54 47.07
C LEU G 40 -57.86 23.88 47.23
N LYS G 41 -57.81 22.55 47.12
CA LYS G 41 -56.53 21.86 47.17
C LYS G 41 -55.64 22.26 46.00
N ASP G 42 -56.24 22.75 44.91
CA ASP G 42 -55.48 23.22 43.76
C ASP G 42 -55.17 24.70 43.77
N VAL G 43 -55.59 25.37 44.84
CA VAL G 43 -55.36 26.81 45.06
C VAL G 43 -54.27 27.07 46.09
N TRP G 44 -54.35 26.41 47.24
CA TRP G 44 -53.46 26.73 48.33
C TRP G 44 -51.96 26.54 48.04
N PRO G 45 -51.57 25.43 47.38
CA PRO G 45 -50.12 25.29 47.14
C PRO G 45 -49.50 26.45 46.33
N SER G 46 -50.19 26.92 45.30
CA SER G 46 -49.76 28.11 44.56
C SER G 46 -49.59 29.32 45.45
N MET G 47 -50.54 29.53 46.34
CA MET G 47 -50.50 30.67 47.21
C MET G 47 -49.23 30.65 48.09
N GLU G 48 -48.91 29.48 48.61
CA GLU G 48 -47.74 29.28 49.45
C GLU G 48 -46.47 29.49 48.64
N LYS G 49 -46.38 28.89 47.46
CA LYS G 49 -45.22 29.10 46.58
C LYS G 49 -45.03 30.57 46.20
N MET G 50 -46.12 31.28 46.03
CA MET G 50 -46.07 32.68 45.65
C MET G 50 -45.64 33.59 46.80
N GLY G 51 -45.88 33.16 48.04
CA GLY G 51 -45.77 34.04 49.18
C GLY G 51 -46.85 35.10 49.24
N ALA G 52 -48.02 34.83 48.66
CA ALA G 52 -49.13 35.77 48.72
C ALA G 52 -49.72 35.84 50.13
N ASN G 53 -50.16 37.02 50.55
CA ASN G 53 -50.78 37.16 51.88
C ASN G 53 -52.33 37.21 51.81
N THR G 54 -52.87 37.37 50.61
CA THR G 54 -54.32 37.54 50.42
C THR G 54 -54.80 36.80 49.20
N LEU G 55 -55.88 36.03 49.32
CA LEU G 55 -56.48 35.32 48.20
C LEU G 55 -57.77 36.00 47.77
N SER G 56 -57.87 36.34 46.49
CA SER G 56 -59.12 36.78 45.88
C SER G 56 -59.82 35.58 45.21
N ILE G 57 -61.08 35.33 45.55
CA ILE G 57 -61.77 34.13 45.08
C ILE G 57 -63.29 34.42 44.98
N PRO G 58 -63.97 33.89 43.95
CA PRO G 58 -65.40 34.19 43.83
C PRO G 58 -66.30 33.52 44.88
N VAL G 59 -67.37 34.22 45.22
CA VAL G 59 -68.54 33.63 45.86
C VAL G 59 -69.69 33.99 44.93
N ALA G 60 -70.33 32.95 44.38
CA ALA G 60 -71.32 33.11 43.34
C ALA G 60 -72.73 33.11 43.87
N TRP G 61 -73.55 33.97 43.33
CA TRP G 61 -74.97 34.04 43.70
C TRP G 61 -75.62 32.68 43.44
N GLU G 62 -75.29 32.04 42.30
CA GLU G 62 -75.82 30.71 42.00
C GLU G 62 -75.54 29.65 43.06
N GLN G 63 -74.42 29.75 43.79
CA GLN G 63 -74.08 28.77 44.79
C GLN G 63 -74.64 29.06 46.14
N ILE G 64 -74.77 30.33 46.51
CA ILE G 64 -75.33 30.65 47.82
C ILE G 64 -76.87 30.66 47.83
N GLU G 65 -77.50 30.85 46.69
CA GLU G 65 -78.98 30.86 46.61
C GLU G 65 -79.48 30.09 45.43
N PRO G 66 -79.18 28.78 45.38
CA PRO G 66 -79.47 28.00 44.19
C PRO G 66 -80.99 27.90 43.95
N VAL G 67 -81.75 27.96 45.02
CA VAL G 67 -83.24 28.03 44.97
C VAL G 67 -83.61 29.26 45.80
N GLU G 68 -84.54 30.07 45.34
CA GLU G 68 -84.85 31.33 46.06
C GLU G 68 -85.50 31.06 47.43
N GLY G 69 -85.31 31.77 48.54
CA GLY G 69 -84.15 31.97 49.31
C GLY G 69 -83.92 30.75 50.21
N GLN G 70 -83.31 29.76 49.59
CA GLN G 70 -82.77 28.62 50.29
C GLN G 70 -81.24 28.82 50.21
N PHE G 71 -80.68 29.41 51.26
CA PHE G 71 -79.28 29.84 51.27
C PHE G 71 -78.32 28.73 51.66
N ASP G 72 -77.15 28.72 51.02
CA ASP G 72 -76.16 27.69 51.23
C ASP G 72 -74.80 28.35 51.33
N PHE G 73 -74.21 28.35 52.53
CA PHE G 73 -72.88 28.95 52.74
C PHE G 73 -71.79 27.92 53.01
N SER G 74 -72.03 26.69 52.57
CA SER G 74 -71.10 25.60 52.85
C SER G 74 -69.73 25.88 52.23
N PHE G 75 -69.68 26.53 51.08
CA PHE G 75 -68.37 26.87 50.49
C PHE G 75 -67.64 27.92 51.35
N VAL G 76 -68.36 28.96 51.74
CA VAL G 76 -67.78 30.02 52.54
C VAL G 76 -67.25 29.50 53.88
N ASP G 77 -68.00 28.58 54.50
CA ASP G 77 -67.54 27.95 55.74
C ASP G 77 -66.16 27.28 55.57
N VAL G 78 -66.03 26.46 54.53
CA VAL G 78 -64.77 25.74 54.28
C VAL G 78 -63.65 26.72 53.95
N LEU G 79 -63.97 27.69 53.11
CA LEU G 79 -63.02 28.68 52.67
C LEU G 79 -62.41 29.46 53.81
N LEU G 80 -63.27 29.95 54.71
CA LEU G 80 -62.82 30.67 55.87
C LEU G 80 -61.89 29.83 56.73
N LYS G 81 -62.30 28.58 56.99
CA LYS G 81 -61.54 27.71 57.86
C LYS G 81 -60.16 27.37 57.27
N GLU G 82 -60.14 27.09 55.97
CA GLU G 82 -58.87 26.75 55.30
C GLU G 82 -57.94 27.96 55.18
N ALA G 83 -58.49 29.14 54.93
CA ALA G 83 -57.71 30.38 54.89
C ALA G 83 -57.05 30.68 56.23
N ARG G 84 -57.81 30.51 57.29
CA ARG G 84 -57.29 30.72 58.63
C ARG G 84 -56.18 29.78 58.96
N GLN G 85 -56.34 28.52 58.62
CA GLN G 85 -55.27 27.58 58.92
C GLN G 85 -53.97 27.88 58.20
N ARG G 86 -54.06 28.47 57.01
CA ARG G 86 -52.89 28.92 56.27
C ARG G 86 -52.44 30.32 56.59
N LYS G 87 -53.16 30.99 57.48
CA LYS G 87 -52.81 32.32 57.94
C LYS G 87 -52.74 33.32 56.75
N VAL G 88 -53.76 33.27 55.89
CA VAL G 88 -53.92 34.28 54.83
C VAL G 88 -55.27 34.96 54.93
N ARG G 89 -55.40 36.09 54.25
CA ARG G 89 -56.63 36.85 54.27
C ARG G 89 -57.35 36.66 52.94
N LEU G 90 -58.59 37.12 52.88
CA LEU G 90 -59.47 36.90 51.73
C LEU G 90 -60.08 38.19 51.23
N VAL G 91 -60.17 38.28 49.91
CA VAL G 91 -61.05 39.21 49.25
C VAL G 91 -62.09 38.35 48.49
N LEU G 92 -63.37 38.51 48.83
CA LEU G 92 -64.43 37.71 48.19
C LEU G 92 -64.99 38.48 47.02
N LEU G 93 -65.22 37.79 45.91
CA LEU G 93 -65.69 38.40 44.69
C LEU G 93 -67.11 37.99 44.46
N TRP G 94 -68.02 38.93 44.65
CA TRP G 94 -69.46 38.69 44.50
C TRP G 94 -69.84 38.65 43.03
N PHE G 95 -69.99 37.43 42.50
CA PHE G 95 -70.33 37.19 41.11
C PHE G 95 -71.84 37.03 41.05
N ALA G 96 -72.53 38.01 40.51
CA ALA G 96 -73.98 38.08 40.68
C ALA G 96 -74.68 38.62 39.44
N THR G 97 -75.24 39.84 39.53
CA THR G 97 -75.93 40.43 38.40
C THR G 97 -75.03 40.54 37.17
N TRP G 98 -73.78 40.96 37.38
CA TRP G 98 -72.79 40.98 36.30
C TRP G 98 -71.53 40.19 36.69
N LYS G 99 -71.11 39.35 35.76
CA LYS G 99 -69.74 38.78 35.73
C LYS G 99 -69.32 38.89 34.29
N ASN G 100 -68.36 39.79 34.01
CA ASN G 100 -67.95 40.08 32.63
C ASN G 100 -69.18 40.39 31.76
N ASN G 101 -70.00 41.32 32.24
CA ASN G 101 -71.17 41.83 31.53
C ASN G 101 -72.44 40.98 31.58
N ALA G 102 -72.31 39.72 32.02
CA ALA G 102 -73.34 38.72 31.85
C ALA G 102 -73.81 38.11 33.14
N PRO G 103 -74.99 37.49 33.13
CA PRO G 103 -75.56 36.88 34.34
C PRO G 103 -75.32 35.37 34.55
N HIS G 104 -74.21 34.82 34.02
CA HIS G 104 -73.98 33.39 34.11
C HIS G 104 -73.85 32.85 35.51
N TYR G 105 -73.43 33.68 36.47
CA TYR G 105 -73.31 33.22 37.85
C TYR G 105 -74.52 33.55 38.70
N ALA G 106 -75.53 34.18 38.12
CA ALA G 106 -76.82 34.33 38.83
C ALA G 106 -77.52 32.93 38.83
N PRO G 107 -78.35 32.66 39.85
CA PRO G 107 -79.10 31.39 39.92
C PRO G 107 -79.95 31.18 38.68
N ALA G 108 -80.27 29.93 38.38
CA ALA G 108 -81.08 29.59 37.20
C ALA G 108 -82.42 30.33 37.22
N TRP G 109 -83.02 30.40 38.40
CA TRP G 109 -84.30 31.13 38.60
C TRP G 109 -84.19 32.64 38.37
N VAL G 110 -82.96 33.18 38.32
CA VAL G 110 -82.76 34.55 37.85
C VAL G 110 -82.45 34.59 36.37
N LYS G 111 -81.36 33.90 35.95
CA LYS G 111 -80.87 34.13 34.60
C LYS G 111 -81.77 33.54 33.51
N LEU G 112 -82.67 32.63 33.88
CA LEU G 112 -83.59 32.08 32.89
C LEU G 112 -85.00 32.72 32.94
N ASP G 113 -85.17 33.75 33.76
CA ASP G 113 -86.49 34.48 33.86
C ASP G 113 -86.36 35.94 33.46
N ASN G 114 -86.39 36.19 32.15
CA ASN G 114 -86.15 37.51 31.62
C ASN G 114 -87.28 38.48 31.90
N ALA G 115 -88.50 37.95 32.00
CA ALA G 115 -89.66 38.78 32.33
C ALA G 115 -89.46 39.45 33.70
N ARG G 116 -89.07 38.68 34.70
CA ARG G 116 -88.86 39.19 36.03
C ARG G 116 -87.53 39.98 36.15
N PHE G 117 -86.50 39.50 35.46
CA PHE G 117 -85.17 40.05 35.57
C PHE G 117 -84.64 40.37 34.17
N PRO G 118 -84.97 41.56 33.65
CA PRO G 118 -84.80 41.84 32.24
C PRO G 118 -83.40 42.19 31.78
N ARG G 119 -83.14 41.79 30.55
CA ARG G 119 -81.94 42.09 29.82
C ARG G 119 -81.98 43.40 29.06
N VAL G 120 -80.77 43.90 28.82
CA VAL G 120 -80.54 45.03 27.93
C VAL G 120 -81.10 44.74 26.57
N VAL G 121 -81.83 45.73 26.03
CA VAL G 121 -82.40 45.65 24.70
C VAL G 121 -81.66 46.66 23.85
N LYS G 122 -81.19 46.20 22.71
CA LYS G 122 -80.53 47.08 21.76
C LYS G 122 -81.50 48.06 21.11
N GLU G 123 -80.94 49.05 20.44
CA GLU G 123 -81.74 50.04 19.74
C GLU G 123 -82.56 49.38 18.62
N ASP G 124 -82.02 48.35 17.99
CA ASP G 124 -82.73 47.62 16.92
C ASP G 124 -83.72 46.60 17.45
N GLY G 125 -83.93 46.56 18.75
CA GLY G 125 -84.89 45.64 19.34
C GLY G 125 -84.36 44.26 19.74
N ASP G 126 -83.18 43.86 19.28
CA ASP G 126 -82.60 42.59 19.75
C ASP G 126 -82.15 42.68 21.22
N THR G 127 -82.05 41.53 21.87
CA THR G 127 -81.73 41.44 23.27
C THR G 127 -80.30 40.90 23.45
N LEU G 128 -79.57 41.47 24.41
CA LEU G 128 -78.23 40.99 24.77
C LEU G 128 -78.26 40.28 26.10
N ASN G 129 -77.33 39.35 26.30
CA ASN G 129 -77.28 38.61 27.56
C ASN G 129 -76.49 39.38 28.64
N SER G 130 -77.10 40.50 29.07
CA SER G 130 -76.54 41.44 30.01
C SER G 130 -77.74 42.05 30.73
N LEU G 131 -77.84 41.88 32.04
CA LEU G 131 -79.02 42.30 32.74
C LEU G 131 -79.07 43.85 32.85
N SER G 132 -80.24 44.42 32.60
CA SER G 132 -80.40 45.88 32.68
C SER G 132 -80.29 46.38 34.13
N PRO G 133 -79.52 47.48 34.33
CA PRO G 133 -79.39 48.04 35.67
C PRO G 133 -80.69 48.73 36.13
N LEU G 134 -81.66 48.88 35.23
CA LEU G 134 -82.98 49.40 35.61
C LEU G 134 -84.00 48.35 36.03
N GLY G 135 -83.60 47.07 36.01
CA GLY G 135 -84.48 46.02 36.49
C GLY G 135 -84.60 46.01 37.98
N GLN G 136 -85.76 46.48 38.49
CA GLN G 136 -85.90 46.67 39.91
C GLN G 136 -86.00 45.37 40.69
N ASN G 137 -86.56 44.34 40.08
CA ASN G 137 -86.62 43.05 40.75
C ASN G 137 -85.20 42.48 40.86
N THR G 138 -84.40 42.70 39.83
CA THR G 138 -82.99 42.19 39.81
C THR G 138 -82.18 42.80 40.95
N LEU G 139 -82.28 44.13 41.09
CA LEU G 139 -81.61 44.84 42.16
C LEU G 139 -82.03 44.32 43.53
N ALA G 140 -83.33 44.17 43.75
CA ALA G 140 -83.81 43.71 45.05
C ALA G 140 -83.31 42.33 45.38
N ALA G 141 -83.27 41.46 44.36
CA ALA G 141 -82.87 40.06 44.58
C ALA G 141 -81.36 39.96 44.86
N ASP G 142 -80.56 40.66 44.08
CA ASP G 142 -79.08 40.69 44.26
C ASP G 142 -78.79 41.22 45.66
N LYS G 143 -79.35 42.39 45.97
CA LYS G 143 -79.23 42.99 47.28
C LYS G 143 -79.59 42.05 48.41
N LYS G 144 -80.70 41.33 48.26
CA LYS G 144 -81.14 40.42 49.32
C LYS G 144 -80.13 39.29 49.54
N ALA G 145 -79.61 38.74 48.47
CA ALA G 145 -78.61 37.64 48.59
C ALA G 145 -77.29 38.16 49.14
N PHE G 146 -76.87 39.32 48.68
CA PHE G 146 -75.64 39.94 49.17
C PHE G 146 -75.72 40.23 50.65
N VAL G 147 -76.88 40.73 51.10
CA VAL G 147 -77.11 40.93 52.52
C VAL G 147 -76.94 39.65 53.30
N GLU G 148 -77.45 38.54 52.78
CA GLU G 148 -77.30 37.25 53.47
C GLU G 148 -75.83 36.85 53.56
N LEU G 149 -75.07 37.15 52.53
CA LEU G 149 -73.65 36.81 52.56
C LEU G 149 -72.96 37.62 53.65
N MET G 150 -73.27 38.92 53.70
CA MET G 150 -72.67 39.80 54.68
CA MET G 150 -72.67 39.80 54.68
C MET G 150 -73.10 39.44 56.10
N LYS G 151 -74.33 38.95 56.26
CA LYS G 151 -74.78 38.42 57.56
C LYS G 151 -73.97 37.22 57.99
N TYR G 152 -73.67 36.34 57.03
CA TYR G 152 -72.84 35.17 57.32
C TYR G 152 -71.46 35.62 57.84
N LEU G 153 -70.86 36.59 57.16
CA LEU G 153 -69.57 37.13 57.64
C LEU G 153 -69.68 37.84 58.99
N ALA G 154 -70.74 38.60 59.20
CA ALA G 154 -70.93 39.27 60.52
C ALA G 154 -70.95 38.25 61.66
N LYS G 155 -71.61 37.11 61.44
CA LYS G 155 -71.77 36.09 62.49
C LYS G 155 -70.61 35.08 62.53
N ARG G 156 -69.93 34.85 61.40
CA ARG G 156 -68.89 33.82 61.35
C ARG G 156 -67.45 34.26 61.08
N ASP G 157 -67.20 35.56 60.97
CA ASP G 157 -65.86 36.08 60.64
C ASP G 157 -65.52 37.30 61.44
N LYS G 158 -65.59 37.15 62.76
CA LYS G 158 -65.40 38.27 63.67
C LYS G 158 -63.98 38.81 63.71
N ASP G 159 -62.99 38.00 63.30
CA ASP G 159 -61.60 38.48 63.21
C ASP G 159 -61.28 38.98 61.80
N HIS G 160 -62.29 39.06 60.94
CA HIS G 160 -62.13 39.68 59.62
C HIS G 160 -61.06 38.98 58.75
N THR G 161 -61.15 37.66 58.66
CA THR G 161 -60.37 36.92 57.69
C THR G 161 -60.61 37.54 56.32
N VAL G 162 -61.87 37.82 56.02
CA VAL G 162 -62.27 38.57 54.81
C VAL G 162 -62.08 40.05 55.07
N ILE G 163 -61.23 40.71 54.27
CA ILE G 163 -60.84 42.08 54.52
C ILE G 163 -61.45 43.06 53.52
N MET G 164 -61.98 42.55 52.42
CA MET G 164 -62.63 43.37 51.41
C MET G 164 -63.57 42.50 50.57
N VAL G 165 -64.57 43.13 49.96
CA VAL G 165 -65.47 42.47 49.05
C VAL G 165 -65.58 43.23 47.75
N GLN G 166 -65.45 42.50 46.65
CA GLN G 166 -65.68 43.05 45.31
C GLN G 166 -67.15 42.85 44.96
N VAL G 167 -67.84 43.94 44.62
CA VAL G 167 -69.26 43.91 44.32
C VAL G 167 -69.43 43.80 42.82
N GLN G 168 -69.96 42.64 42.37
CA GLN G 168 -70.02 42.26 40.97
C GLN G 168 -68.60 42.01 40.43
N ASN G 169 -68.51 41.66 39.15
CA ASN G 169 -67.24 41.48 38.49
C ASN G 169 -67.33 41.99 37.07
N GLU G 170 -66.56 43.01 36.76
CA GLU G 170 -66.52 43.63 35.41
C GLU G 170 -67.92 43.87 34.87
N VAL G 171 -68.59 44.84 35.48
CA VAL G 171 -69.93 45.23 35.08
C VAL G 171 -69.88 45.88 33.72
N GLY G 172 -71.07 46.00 33.11
CA GLY G 172 -71.21 46.70 31.84
C GLY G 172 -71.90 45.87 30.80
N THR G 173 -71.82 46.31 29.55
CA THR G 173 -72.44 45.65 28.46
C THR G 173 -71.57 45.68 27.20
N TYR G 174 -71.35 44.51 26.59
CA TYR G 174 -70.77 44.41 25.27
C TYR G 174 -71.89 44.34 24.24
N GLY G 175 -71.66 44.97 23.08
CA GLY G 175 -72.60 44.90 21.98
C GLY G 175 -73.65 46.00 21.92
N ALA G 176 -73.72 46.85 22.96
CA ALA G 176 -74.57 48.06 22.97
C ALA G 176 -74.01 49.04 24.01
N VAL G 177 -74.43 50.29 23.90
CA VAL G 177 -73.95 51.34 24.80
C VAL G 177 -74.74 51.39 26.10
N ARG G 178 -76.03 51.07 26.00
CA ARG G 178 -76.95 51.10 27.13
C ARG G 178 -78.18 50.26 26.83
N ASP G 179 -79.10 50.19 27.80
CA ASP G 179 -80.40 49.57 27.63
C ASP G 179 -81.28 50.56 26.90
N TYR G 180 -81.90 50.10 25.83
CA TYR G 180 -82.81 50.92 25.02
C TYR G 180 -84.24 50.41 25.11
N SER G 181 -84.52 49.58 26.10
CA SER G 181 -85.84 49.11 26.32
C SER G 181 -86.78 50.30 26.62
N PRO G 182 -88.09 50.13 26.40
CA PRO G 182 -89.07 51.16 26.82
C PRO G 182 -88.89 51.62 28.26
N MET G 183 -88.69 50.68 29.17
CA MET G 183 -88.41 51.02 30.57
C MET G 183 -87.19 51.94 30.73
N ALA G 184 -86.11 51.64 30.02
CA ALA G 184 -84.90 52.45 30.14
C ALA G 184 -85.07 53.79 29.44
N GLN G 185 -85.70 53.74 28.28
CA GLN G 185 -85.94 54.93 27.48
C GLN G 185 -86.72 55.99 28.29
N ALA G 186 -87.68 55.54 29.08
CA ALA G 186 -88.46 56.47 29.91
C ALA G 186 -87.60 57.22 30.91
N VAL G 187 -86.57 56.53 31.44
CA VAL G 187 -85.67 57.16 32.40
C VAL G 187 -84.70 58.08 31.68
N PHE G 188 -84.21 57.62 30.52
CA PHE G 188 -83.28 58.40 29.73
C PHE G 188 -83.90 59.72 29.27
N ASN G 189 -85.19 59.67 28.95
CA ASN G 189 -85.93 60.86 28.50
C ASN G 189 -86.25 61.83 29.62
N ALA G 190 -86.24 61.35 30.85
CA ALA G 190 -86.50 62.14 32.02
C ALA G 190 -85.28 62.98 32.43
N ALA G 191 -85.48 63.81 33.44
CA ALA G 191 -84.45 64.70 33.93
C ALA G 191 -83.30 63.89 34.52
N VAL G 192 -82.08 64.35 34.30
CA VAL G 192 -80.92 63.84 35.01
C VAL G 192 -81.14 64.13 36.49
N PRO G 193 -80.91 63.13 37.37
CA PRO G 193 -81.13 63.38 38.79
C PRO G 193 -80.33 64.57 39.33
N ASP G 194 -80.97 65.33 40.22
CA ASP G 194 -80.43 66.57 40.74
C ASP G 194 -79.04 66.36 41.36
N ASP G 195 -78.90 65.32 42.18
CA ASP G 195 -77.67 65.03 42.90
C ASP G 195 -76.47 64.94 41.96
N LEU G 196 -76.66 64.26 40.83
CA LEU G 196 -75.59 64.15 39.84
C LEU G 196 -75.30 65.52 39.22
N ILE G 197 -76.35 66.27 38.91
CA ILE G 197 -76.19 67.62 38.34
C ILE G 197 -75.42 68.54 39.27
N GLN G 198 -75.77 68.50 40.56
CA GLN G 198 -75.06 69.30 41.58
C GLN G 198 -73.60 68.90 41.71
N LYS G 199 -73.34 67.59 41.83
CA LYS G 199 -71.99 67.11 42.02
C LYS G 199 -71.08 67.45 40.86
N LEU G 200 -71.58 67.36 39.64
CA LEU G 200 -70.75 67.72 38.48
C LEU G 200 -70.79 69.21 38.11
N GLN G 201 -71.58 70.00 38.84
CA GLN G 201 -71.66 71.46 38.60
C GLN G 201 -72.09 71.73 37.16
N LEU G 202 -73.20 71.11 36.79
CA LEU G 202 -73.76 71.20 35.43
C LEU G 202 -75.13 71.90 35.43
N LYS G 203 -75.61 72.28 34.26
CA LYS G 203 -76.95 72.85 34.09
C LYS G 203 -77.98 71.73 34.01
N PRO G 204 -79.11 71.84 34.77
CA PRO G 204 -80.18 70.83 34.70
C PRO G 204 -80.69 70.57 33.30
N GLY G 205 -81.27 69.39 33.14
CA GLY G 205 -81.75 68.94 31.85
C GLY G 205 -81.98 67.44 31.85
N THR G 206 -82.41 66.97 30.71
CA THR G 206 -82.50 65.56 30.46
C THR G 206 -81.15 65.00 30.02
N TRP G 207 -81.03 63.68 29.95
CA TRP G 207 -79.76 63.04 29.63
C TRP G 207 -79.17 63.55 28.34
N SER G 208 -79.94 63.57 27.27
CA SER G 208 -79.43 64.02 25.97
C SER G 208 -79.01 65.49 26.03
N GLN G 209 -79.79 66.30 26.74
CA GLN G 209 -79.54 67.74 26.80
C GLN G 209 -78.29 68.03 27.58
N VAL G 210 -78.12 67.38 28.72
CA VAL G 210 -76.95 67.72 29.53
C VAL G 210 -75.66 67.06 29.04
N PHE G 211 -75.73 65.85 28.47
CA PHE G 211 -74.50 65.13 28.08
C PHE G 211 -74.23 64.96 26.60
N GLY G 212 -75.20 65.30 25.76
CA GLY G 212 -74.97 65.28 24.31
C GLY G 212 -74.50 63.92 23.78
N ARG G 213 -73.38 63.94 23.04
CA ARG G 213 -72.80 62.72 22.45
C ARG G 213 -72.44 61.61 23.48
N ASP G 214 -72.25 61.97 24.74
CA ASP G 214 -71.93 61.01 25.79
C ASP G 214 -73.15 60.55 26.60
N ALA G 215 -74.34 60.97 26.22
CA ALA G 215 -75.52 60.67 27.03
C ALA G 215 -75.77 59.16 27.21
N ASP G 216 -75.69 58.39 26.11
CA ASP G 216 -75.97 56.95 26.18
C ASP G 216 -75.02 56.24 27.15
N GLU G 217 -73.72 56.48 27.00
CA GLU G 217 -72.70 55.83 27.83
C GLU G 217 -72.74 56.29 29.25
N PHE G 218 -72.85 57.60 29.46
CA PHE G 218 -72.90 58.15 30.81
C PHE G 218 -74.16 57.69 31.53
N PHE G 219 -75.25 57.56 30.80
CA PHE G 219 -76.50 57.00 31.37
C PHE G 219 -76.30 55.56 31.90
N HIS G 220 -75.72 54.71 31.05
CA HIS G 220 -75.48 53.30 31.45
C HIS G 220 -74.55 53.24 32.66
N ALA G 221 -73.46 54.00 32.61
CA ALA G 221 -72.53 54.10 33.75
C ALA G 221 -73.21 54.54 35.02
N TYR G 222 -74.04 55.60 34.92
CA TYR G 222 -74.76 56.09 36.09
C TYR G 222 -75.69 55.03 36.67
N GLN G 223 -76.50 54.42 35.83
CA GLN G 223 -77.45 53.42 36.31
C GLN G 223 -76.74 52.22 36.96
N ILE G 224 -75.66 51.76 36.34
CA ILE G 224 -74.94 50.62 36.91
C ILE G 224 -74.31 51.02 38.22
N ALA G 225 -73.71 52.21 38.23
CA ALA G 225 -73.11 52.74 39.46
C ALA G 225 -74.10 52.83 40.61
N ARG G 226 -75.30 53.33 40.33
CA ARG G 226 -76.37 53.38 41.37
C ARG G 226 -76.76 52.00 41.83
N TYR G 227 -76.92 51.07 40.90
CA TYR G 227 -77.21 49.67 41.25
C TYR G 227 -76.17 49.11 42.19
N CYS G 228 -74.91 49.25 41.80
CA CYS G 228 -73.83 48.73 42.63
C CYS G 228 -73.72 49.45 43.97
N ASP G 229 -73.98 50.76 43.97
CA ASP G 229 -73.93 51.50 45.22
C ASP G 229 -74.99 51.02 46.19
N GLU G 230 -76.18 50.76 45.67
CA GLU G 230 -77.26 50.25 46.52
C GLU G 230 -76.99 48.90 47.12
N VAL G 231 -76.42 48.00 46.30
CA VAL G 231 -76.02 46.72 46.83
C VAL G 231 -74.98 46.89 47.92
N THR G 232 -73.99 47.73 47.63
CA THR G 232 -72.90 48.02 48.57
C THR G 232 -73.44 48.55 49.90
N VAL G 233 -74.33 49.55 49.83
CA VAL G 233 -74.86 50.16 51.09
C VAL G 233 -75.57 49.10 51.93
N ALA G 234 -76.35 48.26 51.28
CA ALA G 234 -77.12 47.27 51.99
C ALA G 234 -76.22 46.29 52.69
N GLY G 235 -75.14 45.87 52.00
CA GLY G 235 -74.23 44.94 52.61
C GLY G 235 -73.44 45.56 53.75
N LYS G 236 -72.99 46.80 53.52
CA LYS G 236 -72.22 47.53 54.54
C LYS G 236 -73.03 47.82 55.80
N ALA G 237 -74.34 47.98 55.66
CA ALA G 237 -75.21 48.13 56.82
C ALA G 237 -75.17 46.89 57.71
N ILE G 238 -74.83 45.73 57.15
CA ILE G 238 -74.68 44.51 57.95
C ILE G 238 -73.28 44.41 58.52
N LYS G 239 -72.27 44.59 57.67
CA LYS G 239 -70.86 44.62 58.13
C LYS G 239 -70.10 45.56 57.22
N ASN G 240 -69.52 46.61 57.80
CA ASN G 240 -69.00 47.73 57.03
C ASN G 240 -67.55 47.47 56.54
N LEU G 241 -67.37 46.42 55.76
CA LEU G 241 -66.08 46.13 55.15
C LEU G 241 -65.89 47.06 53.96
N PRO G 242 -64.63 47.37 53.64
CA PRO G 242 -64.35 48.02 52.37
C PRO G 242 -64.88 47.22 51.19
N MET G 243 -65.38 47.90 50.17
CA MET G 243 -65.95 47.23 49.01
C MET G 243 -65.58 48.04 47.78
N TYR G 244 -65.38 47.32 46.68
CA TYR G 244 -64.89 47.93 45.45
C TYR G 244 -65.48 47.29 44.22
N VAL G 245 -65.33 47.97 43.08
CA VAL G 245 -65.69 47.37 41.79
C VAL G 245 -64.43 47.29 40.89
N ASN G 246 -64.39 46.27 40.02
CA ASN G 246 -63.26 46.05 39.13
C ASN G 246 -63.61 46.28 37.68
N VAL G 247 -62.70 46.87 36.94
CA VAL G 247 -63.01 47.38 35.59
C VAL G 247 -62.42 46.56 34.46
N ALA G 248 -63.30 46.14 33.51
CA ALA G 248 -62.87 45.70 32.20
C ALA G 248 -62.44 46.94 31.43
N LEU G 249 -61.14 47.12 31.32
CA LEU G 249 -60.57 48.39 30.88
C LEU G 249 -60.78 48.60 29.41
N ARG G 250 -60.98 49.84 29.03
CA ARG G 250 -60.77 50.24 27.63
C ARG G 250 -59.33 50.67 27.46
N ASN G 251 -58.80 50.55 26.25
CA ASN G 251 -57.47 51.01 25.97
C ASN G 251 -57.46 52.53 26.15
N PRO G 252 -56.59 53.04 27.03
CA PRO G 252 -56.65 54.47 27.35
C PRO G 252 -56.16 55.36 26.22
N PHE G 253 -55.35 54.82 25.31
CA PHE G 253 -54.85 55.60 24.17
C PHE G 253 -55.74 55.50 22.92
N ASN G 254 -56.48 54.40 22.78
CA ASN G 254 -57.18 54.09 21.53
C ASN G 254 -58.36 53.20 21.90
N PRO G 255 -59.35 53.75 22.61
CA PRO G 255 -60.37 52.91 23.29
C PRO G 255 -61.36 52.22 22.36
N GLY G 256 -61.57 52.78 21.17
CA GLY G 256 -62.73 52.34 20.36
C GLY G 256 -64.02 52.82 20.98
N LEU G 257 -65.12 52.17 20.64
CA LEU G 257 -66.45 52.66 21.00
C LEU G 257 -67.02 51.87 22.16
N PRO G 258 -67.84 52.53 22.99
CA PRO G 258 -68.50 51.78 24.08
C PRO G 258 -69.39 50.72 23.48
N GLY G 259 -69.36 49.51 24.06
CA GLY G 259 -69.98 48.33 23.41
C GLY G 259 -68.96 47.40 22.76
N GLN G 260 -67.95 47.97 22.12
CA GLN G 260 -66.73 47.20 21.79
C GLN G 260 -65.97 46.91 23.07
N TYR G 261 -65.70 47.95 23.86
CA TYR G 261 -65.34 47.72 25.26
C TYR G 261 -66.61 47.64 26.09
N SER G 262 -66.47 47.25 27.34
CA SER G 262 -67.62 47.01 28.19
C SER G 262 -68.20 48.37 28.66
N SER G 263 -69.30 48.78 28.01
CA SER G 263 -69.91 50.06 28.29
C SER G 263 -70.54 50.10 29.65
N GLY G 264 -70.29 51.18 30.38
CA GLY G 264 -70.96 51.40 31.68
C GLY G 264 -70.14 51.01 32.90
N GLY G 265 -69.09 50.22 32.71
CA GLY G 265 -68.17 49.96 33.80
C GLY G 265 -67.32 51.22 34.05
N GLY G 266 -66.46 51.16 35.07
CA GLY G 266 -65.66 52.33 35.48
C GLY G 266 -64.47 52.63 34.57
N THR G 267 -64.72 52.77 33.28
CA THR G 267 -63.68 53.12 32.36
C THR G 267 -63.22 54.58 32.59
N ASP G 268 -62.05 54.93 32.07
CA ASP G 268 -61.39 56.17 32.44
C ASP G 268 -62.23 57.42 32.14
N ASN G 269 -63.10 57.35 31.12
CA ASN G 269 -63.95 58.47 30.72
C ASN G 269 -65.21 58.62 31.55
N VAL G 270 -65.52 57.65 32.41
CA VAL G 270 -66.68 57.76 33.25
C VAL G 270 -66.39 57.65 34.74
N LEU G 271 -65.13 57.79 35.14
CA LEU G 271 -64.80 57.76 36.55
C LEU G 271 -65.51 58.87 37.33
N HIS G 272 -65.66 60.04 36.71
CA HIS G 272 -66.37 61.15 37.36
C HIS G 272 -67.85 60.84 37.59
N ILE G 273 -68.49 60.12 36.65
CA ILE G 273 -69.88 59.65 36.84
C ILE G 273 -69.97 58.64 37.98
N TRP G 274 -69.08 57.64 37.95
CA TRP G 274 -69.03 56.63 38.99
C TRP G 274 -68.78 57.22 40.39
N LYS G 275 -67.86 58.18 40.48
CA LYS G 275 -67.56 58.77 41.78
C LYS G 275 -68.74 59.58 42.33
N ALA G 276 -69.43 60.29 41.45
CA ALA G 276 -70.61 61.09 41.83
C ALA G 276 -71.79 60.20 42.18
N ALA G 277 -71.98 59.13 41.40
CA ALA G 277 -73.13 58.23 41.58
C ALA G 277 -73.02 57.25 42.73
N ALA G 278 -71.79 56.85 43.08
CA ALA G 278 -71.61 55.73 44.00
C ALA G 278 -70.64 56.09 45.12
N PRO G 279 -71.04 57.02 45.98
CA PRO G 279 -70.16 57.49 47.05
C PRO G 279 -69.90 56.44 48.12
N ASN G 280 -70.64 55.32 48.11
CA ASN G 280 -70.40 54.28 49.10
C ASN G 280 -69.44 53.17 48.65
N ILE G 281 -69.09 53.19 47.38
CA ILE G 281 -68.09 52.24 46.86
C ILE G 281 -66.70 52.85 47.14
N ASP G 282 -65.86 52.14 47.85
CA ASP G 282 -64.60 52.67 48.31
C ASP G 282 -63.61 53.02 47.20
N LEU G 283 -63.49 52.15 46.20
CA LEU G 283 -62.56 52.42 45.09
C LEU G 283 -62.99 51.70 43.81
N ILE G 284 -62.43 52.17 42.71
CA ILE G 284 -62.63 51.59 41.39
C ILE G 284 -61.27 51.05 40.92
N ALA G 285 -61.20 49.75 40.68
CA ALA G 285 -59.93 49.01 40.50
C ALA G 285 -59.73 48.51 39.10
N PRO G 286 -58.57 48.82 38.50
CA PRO G 286 -58.33 48.36 37.12
C PRO G 286 -57.93 46.89 37.05
N ASP G 287 -58.46 46.18 36.05
CA ASP G 287 -58.06 44.81 35.70
C ASP G 287 -57.11 44.89 34.51
N ILE G 288 -55.83 44.65 34.77
CA ILE G 288 -54.80 44.98 33.79
C ILE G 288 -54.29 43.75 33.00
N TYR G 289 -54.60 43.72 31.71
CA TYR G 289 -54.07 42.67 30.82
C TYR G 289 -53.28 43.22 29.61
N PHE G 290 -53.10 44.54 29.53
CA PHE G 290 -52.17 45.14 28.58
C PHE G 290 -50.75 44.76 29.02
N ARG G 291 -49.92 44.25 28.11
CA ARG G 291 -48.58 43.77 28.48
C ARG G 291 -47.52 44.87 28.48
N ASP G 292 -47.72 45.86 27.63
CA ASP G 292 -46.70 46.86 27.30
C ASP G 292 -46.63 47.97 28.34
N TYR G 293 -45.39 48.34 28.67
CA TYR G 293 -45.10 49.32 29.71
C TYR G 293 -45.86 50.60 29.58
N LYS G 294 -45.90 51.18 28.38
CA LYS G 294 -46.54 52.49 28.22
C LYS G 294 -48.03 52.48 28.57
N THR G 295 -48.74 51.43 28.13
CA THR G 295 -50.16 51.37 28.34
C THR G 295 -50.46 51.06 29.82
N VAL G 296 -49.72 50.12 30.40
CA VAL G 296 -49.88 49.79 31.81
C VAL G 296 -49.61 51.06 32.66
N SER G 297 -48.52 51.75 32.38
CA SER G 297 -48.18 52.98 33.11
C SER G 297 -49.29 54.04 33.03
N LYS G 298 -49.89 54.20 31.87
CA LYS G 298 -50.99 55.08 31.70
C LYS G 298 -52.21 54.68 32.53
N VAL G 299 -52.52 53.39 32.54
CA VAL G 299 -53.65 52.91 33.33
C VAL G 299 -53.39 53.22 34.81
N LEU G 300 -52.18 52.96 35.29
CA LEU G 300 -51.86 53.21 36.70
C LEU G 300 -52.03 54.70 37.01
N GLU G 301 -51.65 55.55 36.06
CA GLU G 301 -51.77 57.00 36.22
C GLU G 301 -53.24 57.39 36.31
N LEU G 302 -54.06 56.86 35.41
CA LEU G 302 -55.46 57.23 35.37
C LEU G 302 -56.27 56.75 36.58
N TYR G 303 -55.90 55.62 37.15
CA TYR G 303 -56.67 55.08 38.26
C TYR G 303 -56.15 55.49 39.63
N THR G 304 -54.99 56.13 39.69
CA THR G 304 -54.47 56.66 40.94
C THR G 304 -54.90 58.14 41.02
N ARG G 305 -55.83 58.44 41.92
CA ARG G 305 -56.41 59.79 42.02
CA ARG G 305 -56.41 59.79 42.03
C ARG G 305 -56.57 60.16 43.48
N PRO G 306 -56.71 61.49 43.77
CA PRO G 306 -56.98 61.88 45.14
C PRO G 306 -58.24 61.24 45.68
N ASP G 307 -59.21 61.02 44.81
CA ASP G 307 -60.44 60.36 45.19
C ASP G 307 -60.47 58.83 44.90
N ASN G 308 -59.33 58.24 44.55
CA ASN G 308 -59.31 56.79 44.21
C ASN G 308 -58.00 56.12 44.55
N ALA G 309 -58.01 55.29 45.59
CA ALA G 309 -56.90 54.46 45.94
C ALA G 309 -56.66 53.47 44.80
N LEU G 310 -55.40 53.18 44.54
CA LEU G 310 -55.00 52.23 43.48
C LEU G 310 -54.95 50.82 44.02
N PHE G 311 -55.78 49.96 43.43
CA PHE G 311 -55.73 48.53 43.71
C PHE G 311 -55.77 47.80 42.37
N VAL G 312 -54.72 47.07 42.08
CA VAL G 312 -54.65 46.29 40.83
C VAL G 312 -55.34 44.98 41.10
N ALA G 313 -56.65 44.98 40.88
CA ALA G 313 -57.54 43.90 41.34
C ALA G 313 -57.35 42.63 40.56
N GLU G 314 -56.91 42.77 39.31
CA GLU G 314 -56.48 41.65 38.52
C GLU G 314 -55.34 42.13 37.65
N ILE G 315 -54.36 41.24 37.42
CA ILE G 315 -53.34 41.49 36.42
C ILE G 315 -52.95 40.12 35.80
N GLY G 316 -52.53 40.13 34.55
CA GLY G 316 -52.08 38.90 33.89
C GLY G 316 -51.00 38.19 34.67
N ASN G 317 -50.97 36.86 34.54
CA ASN G 317 -50.00 36.08 35.26
C ASN G 317 -48.79 35.66 34.43
N ASP G 318 -48.65 36.19 33.24
CA ASP G 318 -47.44 35.94 32.46
C ASP G 318 -46.25 36.77 33.02
N GLN G 319 -45.05 36.33 32.70
CA GLN G 319 -43.83 36.92 33.25
C GLN G 319 -43.72 38.44 33.17
N PRO G 320 -44.13 39.07 32.05
CA PRO G 320 -43.88 40.52 31.95
C PRO G 320 -44.68 41.37 32.94
N PHE G 321 -45.72 40.78 33.54
CA PHE G 321 -46.58 41.53 34.44
C PHE G 321 -45.98 41.69 35.84
N ALA G 322 -45.07 40.82 36.24
CA ALA G 322 -44.59 40.84 37.63
C ALA G 322 -43.99 42.20 38.02
N ARG G 323 -43.27 42.82 37.10
CA ARG G 323 -42.51 44.03 37.44
C ARG G 323 -43.42 45.20 37.71
N TYR G 324 -44.68 45.11 37.30
CA TYR G 324 -45.60 46.20 37.52
C TYR G 324 -46.00 46.33 38.99
N LEU G 325 -45.63 45.37 39.81
CA LEU G 325 -45.77 45.52 41.26
C LEU G 325 -45.03 46.79 41.73
N PHE G 326 -43.88 47.08 41.12
CA PHE G 326 -43.05 48.19 41.58
C PHE G 326 -43.70 49.57 41.41
N PRO G 327 -44.15 49.92 40.19
CA PRO G 327 -44.83 51.20 40.08
C PRO G 327 -46.19 51.25 40.77
N THR G 328 -46.84 50.11 40.88
CA THR G 328 -48.10 50.01 41.62
C THR G 328 -47.88 50.49 43.05
N LEU G 329 -46.88 49.91 43.73
CA LEU G 329 -46.58 50.30 45.09
C LEU G 329 -46.04 51.73 45.14
N GLY G 330 -45.24 52.11 44.14
CA GLY G 330 -44.67 53.46 44.07
C GLY G 330 -45.70 54.56 43.98
N LYS G 331 -46.84 54.27 43.36
CA LYS G 331 -47.94 55.21 43.33
C LYS G 331 -48.77 55.26 44.61
N GLY G 332 -48.40 54.48 45.61
CA GLY G 332 -49.19 54.37 46.82
C GLY G 332 -50.25 53.28 46.77
N GLY G 333 -50.12 52.34 45.82
CA GLY G 333 -51.12 51.29 45.65
C GLY G 333 -51.26 50.47 46.91
N ILE G 334 -52.49 50.00 47.17
CA ILE G 334 -52.76 49.19 48.34
C ILE G 334 -52.70 47.71 48.06
N GLY G 335 -52.56 47.35 46.79
CA GLY G 335 -52.51 45.94 46.45
C GLY G 335 -52.39 45.59 44.98
N PHE G 336 -52.19 44.30 44.74
CA PHE G 336 -51.78 43.75 43.43
C PHE G 336 -52.13 42.26 43.45
N SER G 337 -52.92 41.82 42.48
CA SER G 337 -53.48 40.47 42.51
C SER G 337 -53.47 39.78 41.13
N PRO G 338 -52.39 39.09 40.83
CA PRO G 338 -52.31 38.33 39.59
C PRO G 338 -53.45 37.28 39.47
N PHE G 339 -54.02 37.23 38.30
CA PHE G 339 -55.16 36.36 38.01
C PHE G 339 -54.75 34.96 37.55
N GLY G 340 -55.46 33.96 38.07
CA GLY G 340 -55.35 32.59 37.57
C GLY G 340 -54.23 31.83 38.24
N MET G 341 -53.96 32.14 39.50
CA MET G 341 -52.91 31.47 40.26
C MET G 341 -53.45 30.23 40.94
N ASP G 342 -53.86 29.26 40.12
CA ASP G 342 -54.21 27.93 40.66
C ASP G 342 -53.93 26.87 39.64
N ASP G 343 -53.97 25.64 40.08
CA ASP G 343 -53.60 24.52 39.20
C ASP G 343 -54.83 23.72 38.80
N THR G 344 -55.87 24.43 38.36
CA THR G 344 -57.15 23.76 37.99
C THR G 344 -57.25 23.48 36.50
N ASP G 345 -56.11 23.39 35.83
CA ASP G 345 -56.04 22.95 34.46
C ASP G 345 -56.72 23.95 33.55
N TYR G 346 -56.32 25.21 33.67
CA TYR G 346 -56.79 26.23 32.78
C TYR G 346 -55.72 27.29 32.64
N THR G 347 -55.50 27.74 31.42
CA THR G 347 -54.65 28.90 31.19
C THR G 347 -55.47 29.86 30.32
N ASN G 348 -55.59 31.11 30.79
CA ASN G 348 -56.29 32.17 30.04
C ASN G 348 -55.43 32.82 28.98
N TYR G 349 -54.30 32.19 28.66
CA TYR G 349 -53.52 32.60 27.49
C TYR G 349 -54.47 32.77 26.31
N PRO G 350 -54.31 33.83 25.50
CA PRO G 350 -53.26 34.89 25.37
C PRO G 350 -53.21 35.99 26.45
N LEU G 351 -54.21 36.10 27.32
CA LEU G 351 -54.19 37.13 28.37
C LEU G 351 -53.11 36.92 29.42
N GLY G 352 -52.89 35.67 29.80
CA GLY G 352 -51.86 35.33 30.77
C GLY G 352 -50.81 34.38 30.22
N ALA G 353 -50.25 33.58 31.13
CA ALA G 353 -49.15 32.69 30.81
C ALA G 353 -49.64 31.52 29.93
N LYS G 354 -48.79 31.10 29.00
CA LYS G 354 -49.15 29.97 28.12
C LYS G 354 -49.22 28.66 28.93
N VAL G 355 -48.31 28.47 29.87
CA VAL G 355 -48.38 27.30 30.73
C VAL G 355 -48.38 27.74 32.20
N TYR G 356 -49.00 26.95 33.06
CA TYR G 356 -49.02 27.19 34.50
C TYR G 356 -48.19 26.15 35.25
N ASN G 357 -47.05 26.59 35.75
CA ASN G 357 -46.15 25.74 36.47
C ASN G 357 -45.40 26.55 37.52
N ASP G 358 -44.47 25.92 38.21
CA ASP G 358 -43.71 26.57 39.27
C ASP G 358 -42.96 27.79 38.81
N GLU G 359 -42.47 27.77 37.58
CA GLU G 359 -41.77 28.93 37.02
C GLU G 359 -42.71 30.13 36.86
N THR G 360 -43.95 29.90 36.42
CA THR G 360 -44.93 30.97 36.32
C THR G 360 -45.09 31.68 37.67
N ILE G 361 -45.22 30.87 38.71
CA ILE G 361 -45.45 31.36 40.05
C ILE G 361 -44.19 32.10 40.51
N GLU G 362 -43.02 31.55 40.21
CA GLU G 362 -41.77 32.08 40.74
C GLU G 362 -41.49 33.50 40.29
N GLN G 363 -42.00 33.90 39.13
CA GLN G 363 -41.77 35.28 38.66
C GLN G 363 -42.40 36.29 39.63
N PHE G 364 -43.55 35.92 40.21
CA PHE G 364 -44.23 36.76 41.19
C PHE G 364 -43.64 36.53 42.58
N ALA G 365 -43.28 35.31 42.90
CA ALA G 365 -42.67 35.03 44.20
C ALA G 365 -41.42 35.88 44.43
N GLN G 366 -40.64 36.07 43.38
CA GLN G 366 -39.39 36.79 43.49
C GLN G 366 -39.58 38.26 43.84
N VAL G 367 -40.62 38.88 43.29
CA VAL G 367 -40.89 40.26 43.59
C VAL G 367 -41.63 40.40 44.93
N TYR G 368 -42.52 39.47 45.26
CA TYR G 368 -43.17 39.49 46.58
C TYR G 368 -42.16 39.37 47.71
N ARG G 369 -41.09 38.62 47.50
CA ARG G 369 -40.06 38.46 48.50
C ARG G 369 -39.36 39.75 48.87
N LEU G 370 -39.39 40.73 47.99
CA LEU G 370 -38.83 42.05 48.31
C LEU G 370 -39.72 42.84 49.27
N VAL G 371 -41.03 42.61 49.20
CA VAL G 371 -42.00 43.43 49.92
C VAL G 371 -42.45 42.77 51.21
N ASN G 372 -42.68 41.46 51.18
CA ASN G 372 -43.08 40.73 52.38
C ASN G 372 -42.31 41.10 53.65
N PRO G 373 -40.97 41.15 53.61
CA PRO G 373 -40.25 41.36 54.89
C PRO G 373 -40.43 42.76 55.47
N MET G 374 -40.88 43.73 54.67
CA MET G 374 -41.18 45.05 55.14
C MET G 374 -42.64 45.48 54.93
N MET G 375 -43.58 44.53 54.80
CA MET G 375 -44.90 44.90 54.28
C MET G 375 -45.56 46.01 55.11
N ARG G 376 -45.61 45.85 56.42
CA ARG G 376 -46.28 46.85 57.29
C ARG G 376 -45.52 48.18 57.28
N GLU G 377 -44.20 48.12 57.24
CA GLU G 377 -43.40 49.35 57.28
C GLU G 377 -43.57 50.10 55.99
N TRP G 378 -43.52 49.39 54.89
CA TRP G 378 -43.81 50.00 53.57
C TRP G 378 -45.19 50.62 53.54
N ALA G 379 -46.19 49.88 53.98
CA ALA G 379 -47.57 50.36 53.89
C ALA G 379 -47.73 51.71 54.65
N ARG G 380 -47.15 51.79 55.83
CA ARG G 380 -47.16 53.05 56.61
C ARG G 380 -46.43 54.19 55.89
N LEU G 381 -45.23 53.92 55.39
CA LEU G 381 -44.47 54.95 54.69
C LEU G 381 -45.18 55.42 53.45
N SER G 382 -45.83 54.50 52.75
CA SER G 382 -46.60 54.86 51.55
C SER G 382 -47.76 55.83 51.90
N TYR G 383 -48.46 55.55 52.99
CA TYR G 383 -49.60 56.35 53.40
C TYR G 383 -49.18 57.71 53.96
N GLN G 384 -48.12 57.71 54.78
CA GLN G 384 -47.74 58.86 55.62
C GLN G 384 -46.54 59.63 55.14
N GLY G 385 -45.84 59.11 54.14
CA GLY G 385 -44.57 59.68 53.74
C GLY G 385 -44.39 59.63 52.25
N GLN G 386 -43.14 59.48 51.83
CA GLN G 386 -42.83 59.59 50.45
C GLN G 386 -42.23 58.26 50.02
N VAL G 387 -42.86 57.68 49.00
CA VAL G 387 -42.40 56.48 48.36
C VAL G 387 -42.31 56.69 46.85
N TRP G 388 -41.49 55.85 46.23
CA TRP G 388 -41.34 55.82 44.80
C TRP G 388 -41.17 54.38 44.37
N GLY G 389 -41.48 54.13 43.11
CA GLY G 389 -41.40 52.77 42.56
C GLY G 389 -41.36 52.83 41.04
N VAL G 390 -40.46 52.05 40.43
CA VAL G 390 -40.28 52.06 39.00
C VAL G 390 -40.07 50.64 38.50
N ALA G 391 -40.46 50.44 37.26
CA ALA G 391 -40.22 49.16 36.56
C ALA G 391 -39.43 49.44 35.31
N GLU G 392 -38.73 48.42 34.85
CA GLU G 392 -37.97 48.46 33.60
C GLU G 392 -38.85 48.91 32.44
N PRO G 393 -38.50 50.06 31.79
CA PRO G 393 -39.47 50.74 30.94
C PRO G 393 -39.48 50.35 29.48
N LEU G 394 -38.63 49.42 29.08
CA LEU G 394 -38.68 48.86 27.74
C LEU G 394 -39.16 47.41 27.85
N ASP G 395 -40.07 47.03 26.98
CA ASP G 395 -40.57 45.66 26.92
C ASP G 395 -39.53 44.77 26.26
N SER G 396 -39.64 43.47 26.43
CA SER G 396 -38.68 42.56 25.83
C SER G 396 -38.64 42.78 24.30
N THR G 397 -37.45 42.70 23.73
CA THR G 397 -37.27 42.91 22.28
C THR G 397 -38.05 41.88 21.48
N THR G 398 -38.85 42.32 20.52
CA THR G 398 -39.56 41.42 19.60
C THR G 398 -38.59 40.72 18.62
N GLU G 399 -39.03 39.60 18.03
CA GLU G 399 -38.25 38.91 16.98
C GLU G 399 -38.13 39.84 15.77
N THR G 400 -39.24 40.51 15.42
CA THR G 400 -39.25 41.56 14.39
C THR G 400 -38.23 42.66 14.67
N GLN G 401 -38.13 43.11 15.92
CA GLN G 401 -37.14 44.12 16.31
C GLN G 401 -35.72 43.53 16.31
N LYS G 402 -35.60 42.25 16.64
CA LYS G 402 -34.29 41.56 16.60
C LYS G 402 -33.78 41.48 15.16
N ILE G 403 -34.66 41.13 14.21
CA ILE G 403 -34.32 41.11 12.80
C ILE G 403 -33.89 42.51 12.35
N TRP G 404 -34.79 43.49 12.53
CA TRP G 404 -34.51 44.88 12.15
C TRP G 404 -33.22 45.40 12.78
N ASN G 405 -33.00 45.10 14.06
CA ASN G 405 -31.73 45.43 14.71
C ASN G 405 -30.49 44.91 13.99
N ALA G 406 -30.50 43.63 13.62
CA ALA G 406 -29.37 42.98 12.94
C ALA G 406 -29.29 43.52 11.52
N GLU G 407 -28.11 43.89 11.01
CA GLU G 407 -28.03 44.39 9.63
C GLU G 407 -28.54 45.84 9.47
N ALA G 408 -28.96 46.47 10.55
CA ALA G 408 -29.04 47.94 10.57
C ALA G 408 -27.65 48.56 10.45
N THR G 409 -26.65 47.91 11.07
CA THR G 409 -25.25 48.20 10.76
C THR G 409 -25.11 49.74 10.70
N PRO G 410 -23.93 50.21 10.26
CA PRO G 410 -23.49 51.58 9.93
C PRO G 410 -22.95 52.39 11.13
N GLU G 411 -23.22 51.96 12.37
CA GLU G 411 -23.25 52.90 13.50
C GLU G 411 -24.71 53.26 13.79
N GLU G 412 -25.66 52.74 13.02
CA GLU G 412 -27.07 52.72 13.43
C GLU G 412 -27.24 51.78 14.64
N LYS G 413 -26.52 50.65 14.62
CA LYS G 413 -26.48 49.74 15.76
C LYS G 413 -25.93 50.40 17.03
N GLU G 414 -24.86 51.19 16.89
CA GLU G 414 -24.28 51.91 18.03
C GLU G 414 -25.25 53.00 18.54
N GLN G 415 -25.94 53.65 17.61
CA GLN G 415 -26.93 54.65 17.97
C GLN G 415 -28.13 54.03 18.69
N HIS G 416 -28.50 52.82 18.29
CA HIS G 416 -29.63 52.13 18.87
C HIS G 416 -29.32 51.72 20.32
N LYS G 417 -28.12 51.21 20.53
CA LYS G 417 -27.62 50.89 21.86
C LYS G 417 -27.62 52.10 22.80
N LYS G 418 -27.18 53.25 22.27
CA LYS G 418 -27.21 54.52 23.01
C LYS G 418 -28.65 54.95 23.36
N ASP G 419 -29.56 54.81 22.40
CA ASP G 419 -30.97 55.14 22.59
C ASP G 419 -31.61 54.24 23.66
N ARG G 420 -31.28 52.95 23.62
CA ARG G 420 -31.81 52.00 24.58
C ARG G 420 -31.26 52.26 26.00
N ALA G 421 -29.95 52.48 26.11
CA ALA G 421 -29.31 52.83 27.39
C ALA G 421 -30.01 54.01 28.03
N SER G 422 -30.28 55.02 27.23
CA SER G 422 -30.94 56.20 27.73
C SER G 422 -32.38 55.92 28.18
N ALA G 423 -33.11 55.12 27.40
CA ALA G 423 -34.48 54.77 27.75
C ALA G 423 -34.49 53.91 29.01
N LEU G 424 -33.41 53.17 29.24
CA LEU G 424 -33.28 52.28 30.39
C LEU G 424 -32.62 52.96 31.58
N THR G 425 -32.69 54.28 31.63
CA THR G 425 -32.17 55.08 32.74
C THR G 425 -33.31 55.94 33.27
N GLN G 426 -33.70 55.77 34.53
CA GLN G 426 -34.75 56.56 35.11
C GLN G 426 -34.23 57.44 36.23
N GLN G 427 -34.75 58.66 36.33
CA GLN G 427 -34.42 59.62 37.38
C GLN G 427 -35.55 59.74 38.36
N LEU G 428 -35.24 59.74 39.65
CA LEU G 428 -36.19 60.00 40.69
C LEU G 428 -35.65 61.13 41.59
N ASP G 429 -36.50 62.10 41.84
CA ASP G 429 -36.18 63.26 42.71
C ASP G 429 -36.61 62.95 44.12
N LEU G 430 -35.66 62.69 45.01
CA LEU G 430 -35.97 62.26 46.36
C LEU G 430 -35.78 63.40 47.40
N GLY G 431 -35.80 64.63 46.94
CA GLY G 431 -35.70 65.79 47.84
C GLY G 431 -34.33 66.42 47.68
N LEU G 432 -33.50 66.26 48.70
CA LEU G 432 -32.09 66.66 48.67
C LEU G 432 -31.21 65.76 47.82
N TRP G 433 -31.69 64.54 47.56
CA TRP G 433 -30.95 63.52 46.82
C TRP G 433 -31.83 63.00 45.67
N ASP G 434 -31.19 62.62 44.58
CA ASP G 434 -31.86 61.95 43.48
C ASP G 434 -31.33 60.53 43.42
N ALA G 435 -32.12 59.64 42.81
CA ALA G 435 -31.66 58.31 42.45
C ALA G 435 -31.78 58.13 40.95
N GLU G 436 -30.81 57.42 40.40
CA GLU G 436 -30.85 57.01 39.01
C GLU G 436 -30.92 55.50 38.96
N VAL G 437 -31.95 54.99 38.31
CA VAL G 437 -32.18 53.54 38.21
C VAL G 437 -31.89 53.09 36.79
N THR G 438 -31.05 52.07 36.68
CA THR G 438 -30.67 51.52 35.40
C THR G 438 -30.83 50.00 35.40
N TYR G 439 -31.04 49.43 34.21
CA TYR G 439 -31.40 48.01 34.09
C TYR G 439 -30.47 47.21 33.14
N GLY G 440 -29.95 46.08 33.61
CA GLY G 440 -29.22 45.11 32.77
C GLY G 440 -27.78 45.55 32.53
N ARG G 441 -26.97 45.46 33.59
CA ARG G 441 -25.56 45.83 33.53
C ARG G 441 -24.80 45.11 34.62
N PRO G 442 -23.47 45.00 34.47
CA PRO G 442 -22.69 44.34 35.51
C PRO G 442 -22.76 45.07 36.84
N MET G 443 -22.28 44.41 37.89
CA MET G 443 -22.32 44.92 39.27
C MET G 443 -21.06 45.73 39.60
N PHE G 444 -20.18 45.88 38.62
CA PHE G 444 -18.82 46.45 38.82
C PHE G 444 -18.44 47.44 37.77
N TRP G 445 -18.94 47.33 36.57
CA TRP G 445 -18.48 48.33 35.63
C TRP G 445 -19.20 49.71 35.74
N VAL G 446 -18.91 50.63 34.81
CA VAL G 446 -19.87 51.66 34.45
C VAL G 446 -20.35 51.45 32.99
N THR G 447 -20.17 50.24 32.47
CA THR G 447 -20.67 49.94 31.14
C THR G 447 -22.19 50.17 31.09
N PRO G 448 -22.67 50.83 30.02
CA PRO G 448 -24.09 51.23 29.96
C PRO G 448 -25.11 50.09 29.99
N PRO G 449 -26.34 50.39 30.48
CA PRO G 449 -27.41 49.38 30.61
C PRO G 449 -27.95 48.89 29.25
N GLU G 450 -28.15 47.59 29.14
CA GLU G 450 -28.72 46.98 27.95
C GLU G 450 -30.06 46.27 28.18
N GLY G 451 -30.56 46.31 29.40
CA GLY G 451 -31.83 45.72 29.75
C GLY G 451 -31.70 44.27 30.12
N ASN G 452 -32.69 43.78 30.83
CA ASN G 452 -32.77 42.37 31.17
C ASN G 452 -33.49 41.65 30.07
N THR G 453 -33.19 40.37 29.92
CA THR G 453 -33.85 39.53 28.93
CA THR G 453 -33.86 39.53 28.94
C THR G 453 -34.46 38.31 29.63
N PRO G 454 -35.79 38.28 29.77
CA PRO G 454 -36.81 39.23 29.41
C PRO G 454 -36.79 40.49 30.33
N ALA G 455 -37.46 41.53 29.90
CA ALA G 455 -37.63 42.73 30.73
C ALA G 455 -38.26 42.30 32.08
N ALA G 456 -37.67 42.74 33.19
CA ALA G 456 -38.08 42.21 34.52
C ALA G 456 -37.74 43.09 35.74
N GLY G 457 -36.93 44.13 35.55
CA GLY G 457 -36.40 44.86 36.67
C GLY G 457 -37.33 45.87 37.31
N GLY G 458 -36.96 46.27 38.53
CA GLY G 458 -37.62 47.41 39.17
C GLY G 458 -36.97 47.79 40.49
N ALA G 459 -37.52 48.83 41.12
CA ALA G 459 -36.98 49.37 42.35
C ALA G 459 -38.07 50.05 43.16
N LEU G 460 -37.94 49.94 44.49
CA LEU G 460 -38.75 50.64 45.45
C LEU G 460 -37.84 51.48 46.36
N ILE G 461 -38.30 52.70 46.67
CA ILE G 461 -37.59 53.60 47.56
C ILE G 461 -38.61 54.28 48.47
N ALA G 462 -38.32 54.29 49.77
CA ALA G 462 -39.11 55.05 50.73
C ALA G 462 -38.20 56.04 51.49
N GLN G 463 -38.68 57.26 51.74
CA GLN G 463 -37.83 58.24 52.44
C GLN G 463 -38.04 58.11 53.93
N LEU G 464 -36.96 57.89 54.67
CA LEU G 464 -37.03 57.80 56.14
C LEU G 464 -36.76 59.17 56.80
N ASP G 465 -35.91 59.98 56.19
CA ASP G 465 -35.54 61.30 56.74
C ASP G 465 -34.93 62.08 55.59
N ASP G 466 -34.47 63.31 55.86
CA ASP G 466 -33.90 64.14 54.83
C ASP G 466 -32.81 63.44 53.98
N ASN G 467 -31.97 62.67 54.64
CA ASN G 467 -30.79 62.07 54.00
C ASN G 467 -30.78 60.56 54.04
N GLU G 468 -31.93 59.95 54.36
CA GLU G 468 -31.98 58.52 54.59
C GLU G 468 -33.17 57.89 53.89
N TYR G 469 -32.93 56.75 53.25
CA TYR G 469 -33.91 56.07 52.43
C TYR G 469 -33.85 54.56 52.66
N LEU G 470 -35.00 53.94 52.52
CA LEU G 470 -35.11 52.51 52.41
C LEU G 470 -35.15 52.16 50.93
N VAL G 471 -34.35 51.16 50.52
CA VAL G 471 -34.22 50.82 49.14
C VAL G 471 -34.21 49.31 48.95
N THR G 472 -35.02 48.83 48.01
CA THR G 472 -34.91 47.45 47.55
C THR G 472 -35.21 47.43 46.06
N ALA G 473 -34.52 46.58 45.32
CA ALA G 473 -34.66 46.54 43.88
C ALA G 473 -34.30 45.15 43.35
N TYR G 474 -34.46 45.00 42.06
CA TYR G 474 -34.55 43.70 41.41
C TYR G 474 -34.01 43.85 40.00
N LYS G 475 -32.93 43.15 39.71
CA LYS G 475 -32.31 43.17 38.38
C LYS G 475 -32.13 44.60 37.89
N ALA G 476 -31.43 45.37 38.72
CA ALA G 476 -31.25 46.77 38.47
C ALA G 476 -30.14 47.35 39.30
N ARG G 477 -29.67 48.52 38.89
CA ARG G 477 -28.74 49.32 39.69
C ARG G 477 -29.43 50.61 40.14
N VAL G 478 -29.22 50.97 41.40
CA VAL G 478 -29.72 52.22 41.95
C VAL G 478 -28.52 53.06 42.41
N GLU G 479 -28.35 54.26 41.85
CA GLU G 479 -27.26 55.16 42.27
CA GLU G 479 -27.26 55.14 42.33
C GLU G 479 -27.80 56.49 42.80
N PHE G 480 -27.26 56.95 43.90
CA PHE G 480 -27.68 58.20 44.53
C PHE G 480 -26.71 59.36 44.20
N LYS G 481 -27.27 60.56 44.06
CA LYS G 481 -26.52 61.76 43.84
C LYS G 481 -27.26 62.95 44.44
N PRO G 482 -26.58 64.10 44.59
CA PRO G 482 -27.30 65.28 45.08
C PRO G 482 -28.39 65.72 44.10
N SER G 483 -29.50 66.18 44.63
CA SER G 483 -30.58 66.69 43.78
C SER G 483 -30.29 68.11 43.24
N GLN G 484 -29.42 68.85 43.90
CA GLN G 484 -29.09 70.23 43.51
C GLN G 484 -27.62 70.53 43.79
N GLU G 485 -27.13 71.58 43.15
CA GLU G 485 -25.72 72.02 43.31
C GLU G 485 -25.39 72.11 44.76
N LEU G 486 -24.20 71.63 45.14
CA LEU G 486 -23.77 71.67 46.54
C LEU G 486 -22.92 72.86 46.98
N ALA G 487 -22.72 73.85 46.12
CA ALA G 487 -21.99 75.08 46.48
C ALA G 487 -20.71 74.82 47.27
N GLY G 488 -19.86 74.00 46.66
CA GLY G 488 -18.50 73.73 47.13
C GLY G 488 -18.30 72.52 48.05
N LYS G 489 -19.39 71.94 48.53
CA LYS G 489 -19.31 70.71 49.34
C LYS G 489 -19.15 69.52 48.40
N LYS G 490 -18.69 68.42 48.96
CA LYS G 490 -18.66 67.15 48.26
C LYS G 490 -19.76 66.26 48.84
N PHE G 491 -19.98 65.08 48.25
CA PHE G 491 -20.97 64.14 48.81
C PHE G 491 -20.46 62.73 48.73
N MET G 492 -20.97 61.90 49.63
CA MET G 492 -20.76 60.49 49.55
C MET G 492 -21.94 59.76 50.19
N ILE G 493 -21.96 58.46 49.98
CA ILE G 493 -22.72 57.58 50.84
C ILE G 493 -22.11 57.63 52.20
N GLU G 494 -22.90 57.88 53.23
CA GLU G 494 -22.39 57.79 54.57
C GLU G 494 -22.39 56.34 55.05
N ARG G 495 -23.50 55.65 54.81
CA ARG G 495 -23.64 54.24 55.24
C ARG G 495 -24.80 53.58 54.53
N VAL G 496 -24.55 52.36 54.06
CA VAL G 496 -25.58 51.47 53.55
C VAL G 496 -25.58 50.27 54.48
N GLU G 497 -26.75 49.98 55.08
CA GLU G 497 -26.96 48.76 55.84
C GLU G 497 -27.96 47.84 55.16
N GLU G 498 -27.66 46.55 55.11
CA GLU G 498 -28.64 45.56 54.75
C GLU G 498 -29.23 45.01 56.04
N GLY G 499 -30.54 44.86 56.07
CA GLY G 499 -31.17 44.29 57.26
C GLY G 499 -32.64 43.97 57.10
N ARG G 500 -33.34 43.96 58.24
CA ARG G 500 -34.74 43.60 58.26
C ARG G 500 -35.43 44.28 59.43
N PHE G 501 -36.76 44.22 59.42
CA PHE G 501 -37.55 44.74 60.52
C PHE G 501 -37.97 43.58 61.38
N GLU G 502 -37.75 43.70 62.69
CA GLU G 502 -38.17 42.69 63.66
C GLU G 502 -39.00 43.43 64.72
N LYS G 503 -40.27 43.07 64.86
CA LYS G 503 -41.17 43.75 65.77
C LYS G 503 -41.15 45.26 65.51
N GLY G 504 -41.15 45.65 64.24
CA GLY G 504 -41.10 47.06 63.84
C GLY G 504 -39.77 47.80 64.03
N LYS G 505 -38.75 47.12 64.53
CA LYS G 505 -37.44 47.70 64.73
C LYS G 505 -36.41 47.19 63.66
N TRP G 506 -35.61 48.09 63.13
CA TRP G 506 -34.53 47.77 62.19
C TRP G 506 -33.43 46.97 62.85
N VAL G 507 -33.09 45.83 62.24
CA VAL G 507 -31.95 45.01 62.66
C VAL G 507 -30.95 44.95 61.52
N MET G 508 -29.73 45.39 61.78
CA MET G 508 -28.71 45.37 60.73
C MET G 508 -28.09 44.00 60.62
N GLU G 509 -27.89 43.54 59.39
CA GLU G 509 -27.24 42.28 59.12
C GLU G 509 -25.82 42.49 58.65
N ARG G 510 -25.63 43.46 57.76
CA ARG G 510 -24.28 43.81 57.31
C ARG G 510 -24.26 45.22 56.72
N VAL G 511 -23.07 45.77 56.58
CA VAL G 511 -22.85 47.00 55.90
C VAL G 511 -22.38 46.73 54.47
N TRP G 512 -23.03 47.33 53.48
CA TRP G 512 -22.51 47.31 52.13
C TRP G 512 -21.50 48.41 52.02
N ASN G 513 -20.31 48.10 51.51
CA ASN G 513 -19.31 49.10 51.29
C ASN G 513 -18.33 48.61 50.20
N GLY G 514 -17.32 49.42 49.91
CA GLY G 514 -16.34 49.04 48.90
C GLY G 514 -16.96 48.76 47.55
N ASP G 515 -16.62 47.61 46.96
CA ASP G 515 -17.14 47.18 45.66
C ASP G 515 -18.66 47.31 45.65
N GLN G 516 -19.32 46.97 46.77
CA GLN G 516 -20.79 46.91 46.78
C GLN G 516 -21.46 48.28 46.78
N THR G 517 -20.71 49.36 47.00
CA THR G 517 -21.25 50.70 46.85
C THR G 517 -20.49 51.62 45.91
N ASP G 518 -19.40 51.14 45.31
CA ASP G 518 -18.58 51.97 44.41
C ASP G 518 -19.29 52.28 43.11
N TRP G 519 -20.18 51.40 42.66
CA TRP G 519 -20.79 51.48 41.34
C TRP G 519 -22.31 51.41 41.46
N GLY G 520 -22.85 52.24 42.33
CA GLY G 520 -24.23 52.15 42.69
C GLY G 520 -24.54 50.90 43.52
N LEU G 521 -25.82 50.64 43.71
CA LEU G 521 -26.29 49.54 44.52
C LEU G 521 -26.92 48.55 43.52
N ASN G 522 -26.30 47.39 43.37
CA ASN G 522 -26.64 46.45 42.33
C ASN G 522 -27.39 45.26 42.88
N PHE G 523 -28.56 45.01 42.30
CA PHE G 523 -29.47 43.97 42.74
C PHE G 523 -29.65 42.95 41.61
N THR G 524 -29.77 41.71 42.00
CA THR G 524 -30.05 40.61 41.06
C THR G 524 -31.47 40.15 41.35
N ASP G 525 -31.69 38.84 41.44
CA ASP G 525 -32.99 38.30 41.69
C ASP G 525 -33.20 38.02 43.15
N ARG G 526 -32.15 38.14 43.96
CA ARG G 526 -32.28 37.85 45.39
C ARG G 526 -32.72 39.10 46.18
N PRO G 527 -33.45 38.91 47.28
CA PRO G 527 -33.95 40.03 48.07
C PRO G 527 -32.90 40.65 48.98
N HIS G 528 -32.76 41.97 48.92
CA HIS G 528 -31.95 42.72 49.88
C HIS G 528 -32.67 44.02 50.21
N LEU G 529 -32.91 44.26 51.49
CA LEU G 529 -33.51 45.49 51.93
C LEU G 529 -32.43 46.37 52.57
N LEU G 530 -32.25 47.57 52.03
CA LEU G 530 -31.16 48.45 52.43
C LEU G 530 -31.68 49.76 53.05
N ARG G 531 -30.95 50.24 54.05
CA ARG G 531 -31.10 51.62 54.53
C ARG G 531 -29.88 52.41 54.09
N VAL G 532 -30.13 53.45 53.32
CA VAL G 532 -29.08 54.23 52.69
C VAL G 532 -29.08 55.60 53.32
N LYS G 533 -27.96 55.97 53.94
CA LYS G 533 -27.77 57.31 54.45
C LYS G 533 -26.74 58.05 53.60
N MET G 534 -27.14 59.21 53.05
CA MET G 534 -26.28 60.05 52.23
C MET G 534 -25.78 61.25 53.04
N ALA G 535 -24.62 61.79 52.67
CA ALA G 535 -24.06 62.97 53.32
C ALA G 535 -23.35 63.91 52.38
N SER G 536 -23.61 65.20 52.52
CA SER G 536 -22.76 66.22 51.90
C SER G 536 -21.78 66.64 52.98
N TYR G 537 -20.58 67.01 52.58
CA TYR G 537 -19.55 67.36 53.57
C TYR G 537 -18.63 68.44 53.00
N SER G 538 -18.12 69.26 53.91
CA SER G 538 -17.28 70.39 53.53
C SER G 538 -15.85 69.94 53.31
N VAL G 539 -15.21 70.54 52.31
CA VAL G 539 -13.77 70.43 52.09
C VAL G 539 -13.04 71.81 52.02
N GLN G 540 -13.68 72.93 52.35
CA GLN G 540 -12.99 74.24 52.12
C GLN G 540 -11.94 74.51 53.20
N ALA H 2 -8.77 -48.45 -22.98
CA ALA H 2 -9.82 -47.37 -23.22
C ALA H 2 -10.67 -47.65 -24.47
N PRO H 3 -11.53 -46.71 -24.94
CA PRO H 3 -12.23 -47.02 -26.20
C PRO H 3 -11.28 -46.94 -27.41
N LEU H 4 -11.58 -47.70 -28.44
CA LEU H 4 -10.81 -47.72 -29.66
C LEU H 4 -10.77 -46.34 -30.31
N PRO H 5 -9.62 -45.97 -30.86
CA PRO H 5 -9.61 -44.80 -31.72
C PRO H 5 -10.58 -45.02 -32.86
N GLU H 6 -11.22 -43.95 -33.32
CA GLU H 6 -12.03 -44.05 -34.51
C GLU H 6 -12.18 -42.72 -35.22
N LEU H 7 -12.39 -42.80 -36.53
CA LEU H 7 -12.63 -41.61 -37.32
C LEU H 7 -14.12 -41.41 -37.46
N LEU H 8 -14.62 -40.29 -36.96
CA LEU H 8 -16.04 -39.93 -37.06
C LEU H 8 -16.24 -38.92 -38.16
N SER H 9 -17.34 -39.06 -38.90
CA SER H 9 -17.70 -38.13 -39.96
C SER H 9 -19.18 -37.74 -39.78
N ASN H 10 -19.46 -36.46 -39.67
CA ASN H 10 -20.83 -35.98 -39.44
C ASN H 10 -20.98 -34.55 -39.91
N ASN H 11 -22.06 -34.28 -40.63
CA ASN H 11 -22.39 -32.93 -41.11
C ASN H 11 -21.28 -32.33 -41.96
N GLY H 12 -20.65 -33.17 -42.78
CA GLY H 12 -19.52 -32.76 -43.59
C GLY H 12 -18.22 -32.48 -42.81
N LYS H 13 -18.17 -32.84 -41.52
CA LYS H 13 -17.00 -32.58 -40.68
C LYS H 13 -16.46 -33.90 -40.12
N HIS H 14 -15.26 -33.87 -39.58
CA HIS H 14 -14.59 -35.12 -39.17
C HIS H 14 -13.81 -34.93 -37.91
N ALA H 15 -13.62 -36.02 -37.19
CA ALA H 15 -12.78 -36.04 -36.01
C ALA H 15 -12.10 -37.38 -35.88
N LEU H 16 -10.83 -37.34 -35.48
CA LEU H 16 -10.14 -38.52 -35.06
C LEU H 16 -10.34 -38.61 -33.57
N MET H 17 -11.12 -39.60 -33.14
CA MET H 17 -11.35 -39.84 -31.71
C MET H 17 -10.23 -40.71 -31.15
N VAL H 18 -9.58 -40.20 -30.11
CA VAL H 18 -8.59 -40.95 -29.40
C VAL H 18 -8.91 -40.81 -27.89
N ASP H 19 -8.98 -41.96 -27.23
CA ASP H 19 -9.39 -42.04 -25.83
C ASP H 19 -10.71 -41.34 -25.58
N GLY H 20 -11.64 -41.46 -26.53
CA GLY H 20 -12.98 -40.94 -26.39
C GLY H 20 -13.22 -39.47 -26.68
N ALA H 21 -12.25 -38.76 -27.29
CA ALA H 21 -12.46 -37.37 -27.64
C ALA H 21 -11.63 -37.00 -28.87
N PRO H 22 -12.02 -35.95 -29.58
CA PRO H 22 -11.23 -35.57 -30.76
C PRO H 22 -9.77 -35.29 -30.42
N TYR H 23 -8.90 -35.61 -31.38
CA TYR H 23 -7.45 -35.54 -31.22
C TYR H 23 -6.82 -34.98 -32.51
N ILE H 24 -5.75 -34.19 -32.37
CA ILE H 24 -4.97 -33.71 -33.52
C ILE H 24 -3.61 -34.41 -33.48
N ILE H 25 -3.25 -35.03 -34.59
CA ILE H 25 -1.90 -35.54 -34.76
C ILE H 25 -0.96 -34.37 -35.07
N LEU H 26 -0.13 -34.00 -34.11
CA LEU H 26 0.97 -33.07 -34.32
C LEU H 26 2.17 -33.97 -34.46
N GLY H 27 2.43 -34.38 -35.68
CA GLY H 27 3.22 -35.54 -35.93
C GLY H 27 4.68 -35.30 -36.24
N SER H 28 5.44 -36.38 -36.19
CA SER H 28 6.76 -36.47 -36.87
C SER H 28 6.83 -37.83 -37.51
N GLN H 29 7.51 -37.92 -38.65
CA GLN H 29 7.70 -39.21 -39.34
C GLN H 29 9.18 -39.46 -39.56
N THR H 30 9.60 -40.69 -39.40
CA THR H 30 10.99 -41.06 -39.58
C THR H 30 11.35 -41.10 -41.05
N ASN H 31 12.65 -41.08 -41.31
CA ASN H 31 13.17 -41.53 -42.59
C ASN H 31 12.88 -43.02 -42.80
N ASN H 32 13.05 -43.50 -44.05
CA ASN H 32 12.60 -44.80 -44.47
C ASN H 32 13.37 -46.01 -43.89
N SER H 33 14.53 -45.79 -43.28
CA SER H 33 15.37 -46.89 -42.80
C SER H 33 15.58 -46.82 -41.26
N SER H 34 14.60 -46.25 -40.55
CA SER H 34 14.69 -46.05 -39.12
C SER H 34 13.81 -47.03 -38.34
N ASN H 35 13.27 -48.02 -39.04
CA ASN H 35 12.33 -48.98 -38.46
C ASN H 35 13.01 -50.17 -37.76
N TYR H 36 14.03 -49.87 -36.97
CA TYR H 36 14.78 -50.90 -36.25
C TYR H 36 15.08 -50.41 -34.86
N PRO H 37 15.16 -51.34 -33.88
CA PRO H 37 15.44 -50.93 -32.51
C PRO H 37 16.63 -50.00 -32.35
N ASP H 38 17.72 -50.32 -33.03
CA ASP H 38 18.97 -49.54 -32.88
C ASP H 38 18.84 -48.11 -33.39
N ALA H 39 17.91 -47.88 -34.32
CA ALA H 39 17.77 -46.54 -34.92
C ALA H 39 16.91 -45.61 -34.07
N LEU H 40 16.14 -46.14 -33.12
CA LEU H 40 15.20 -45.31 -32.36
C LEU H 40 15.86 -44.24 -31.51
N LYS H 41 17.09 -44.45 -31.07
CA LYS H 41 17.83 -43.41 -30.37
C LYS H 41 18.06 -42.19 -31.20
N ASP H 42 18.01 -42.33 -32.54
CA ASP H 42 18.17 -41.20 -33.44
C ASP H 42 16.82 -40.60 -33.87
N VAL H 43 15.73 -41.14 -33.34
CA VAL H 43 14.36 -40.67 -33.60
C VAL H 43 13.78 -39.87 -32.42
N TRP H 44 13.89 -40.42 -31.19
CA TRP H 44 13.19 -39.82 -30.05
C TRP H 44 13.63 -38.39 -29.73
N PRO H 45 14.93 -38.06 -29.82
CA PRO H 45 15.30 -36.71 -29.42
C PRO H 45 14.66 -35.64 -30.32
N SER H 46 14.59 -35.90 -31.63
CA SER H 46 13.89 -35.00 -32.54
C SER H 46 12.43 -34.82 -32.13
N MET H 47 11.79 -35.93 -31.75
CA MET H 47 10.38 -35.87 -31.41
C MET H 47 10.15 -34.96 -30.23
N GLU H 48 11.03 -35.06 -29.24
CA GLU H 48 10.98 -34.26 -28.01
C GLU H 48 11.23 -32.81 -28.34
N LYS H 49 12.25 -32.51 -29.14
CA LYS H 49 12.52 -31.13 -29.54
C LYS H 49 11.37 -30.52 -30.35
N MET H 50 10.71 -31.34 -31.14
CA MET H 50 9.62 -30.87 -31.97
C MET H 50 8.35 -30.65 -31.17
N GLY H 51 8.18 -31.34 -30.05
CA GLY H 51 6.92 -31.31 -29.31
C GLY H 51 5.83 -32.09 -30.02
N ALA H 52 6.21 -33.09 -30.82
CA ALA H 52 5.23 -33.92 -31.51
C ALA H 52 4.53 -34.84 -30.52
N ASN H 53 3.25 -35.12 -30.76
CA ASN H 53 2.49 -36.07 -29.93
C ASN H 53 2.33 -37.44 -30.54
N THR H 54 2.71 -37.58 -31.81
CA THR H 54 2.51 -38.83 -32.52
C THR H 54 3.65 -39.10 -33.48
N LEU H 55 4.17 -40.30 -33.47
CA LEU H 55 5.23 -40.72 -34.41
C LEU H 55 4.68 -41.63 -35.45
N SER H 56 4.94 -41.30 -36.72
CA SER H 56 4.68 -42.17 -37.83
C SER H 56 5.97 -42.90 -38.22
N ILE H 57 5.92 -44.23 -38.30
CA ILE H 57 7.14 -45.01 -38.52
C ILE H 57 6.78 -46.29 -39.25
N PRO H 58 7.64 -46.77 -40.17
CA PRO H 58 7.30 -47.99 -40.88
C PRO H 58 7.35 -49.25 -40.03
N VAL H 59 6.50 -50.18 -40.39
CA VAL H 59 6.67 -51.60 -40.07
C VAL H 59 6.63 -52.34 -41.40
N ALA H 60 7.71 -53.05 -41.71
CA ALA H 60 7.93 -53.59 -43.02
C ALA H 60 7.60 -55.06 -43.05
N TRP H 61 6.96 -55.47 -44.13
CA TRP H 61 6.63 -56.89 -44.32
C TRP H 61 7.92 -57.72 -44.25
N GLU H 62 8.98 -57.24 -44.90
CA GLU H 62 10.26 -57.97 -44.86
C GLU H 62 10.80 -58.24 -43.44
N GLN H 63 10.52 -57.36 -42.48
CA GLN H 63 11.06 -57.52 -41.14
C GLN H 63 10.15 -58.37 -40.24
N ILE H 64 8.84 -58.33 -40.47
CA ILE H 64 7.94 -59.16 -39.66
C ILE H 64 7.78 -60.58 -40.20
N GLU H 65 8.03 -60.83 -41.48
CA GLU H 65 7.92 -62.14 -42.06
C GLU H 65 9.09 -62.44 -42.99
N PRO H 66 10.30 -62.47 -42.43
CA PRO H 66 11.51 -62.60 -43.26
C PRO H 66 11.59 -63.94 -43.97
N VAL H 67 11.01 -64.96 -43.34
CA VAL H 67 10.81 -66.30 -43.95
C VAL H 67 9.32 -66.61 -43.81
N GLU H 68 8.69 -67.13 -44.84
CA GLU H 68 7.23 -67.37 -44.79
C GLU H 68 6.84 -68.44 -43.73
N GLY H 69 5.75 -68.43 -42.97
CA GLY H 69 5.37 -67.52 -41.97
C GLY H 69 6.11 -67.82 -40.66
N GLN H 70 7.31 -67.29 -40.61
CA GLN H 70 8.08 -67.21 -39.41
C GLN H 70 8.06 -65.76 -39.02
N PHE H 71 7.14 -65.41 -38.13
CA PHE H 71 6.90 -64.01 -37.76
C PHE H 71 7.80 -63.48 -36.67
N ASP H 72 8.18 -62.21 -36.80
CA ASP H 72 9.11 -61.56 -35.90
C ASP H 72 8.59 -60.18 -35.58
N PHE H 73 8.11 -59.98 -34.36
CA PHE H 73 7.61 -58.68 -33.90
C PHE H 73 8.51 -57.98 -32.90
N SER H 74 9.78 -58.33 -32.92
CA SER H 74 10.71 -57.75 -31.95
C SER H 74 10.82 -56.25 -32.10
N PHE H 75 10.74 -55.73 -33.33
CA PHE H 75 10.82 -54.28 -33.51
C PHE H 75 9.59 -53.61 -32.90
N VAL H 76 8.43 -54.19 -33.16
CA VAL H 76 7.18 -53.61 -32.68
C VAL H 76 7.11 -53.61 -31.15
N ASP H 77 7.62 -54.69 -30.54
CA ASP H 77 7.71 -54.76 -29.07
C ASP H 77 8.49 -53.58 -28.48
N VAL H 78 9.70 -53.35 -29.01
CA VAL H 78 10.55 -52.28 -28.54
C VAL H 78 9.91 -50.92 -28.79
N LEU H 79 9.35 -50.77 -29.99
CA LEU H 79 8.75 -49.50 -30.39
C LEU H 79 7.63 -49.10 -29.42
N LEU H 80 6.74 -50.05 -29.14
CA LEU H 80 5.62 -49.79 -28.24
C LEU H 80 6.07 -49.35 -26.88
N LYS H 81 7.04 -50.10 -26.34
CA LYS H 81 7.56 -49.82 -25.02
C LYS H 81 8.22 -48.44 -24.95
N GLU H 82 9.02 -48.11 -25.96
CA GLU H 82 9.72 -46.83 -25.94
C GLU H 82 8.77 -45.66 -26.16
N ALA H 83 7.77 -45.85 -27.00
CA ALA H 83 6.76 -44.81 -27.23
C ALA H 83 5.98 -44.52 -25.92
N ARG H 84 5.59 -45.58 -25.23
CA ARG H 84 4.86 -45.43 -23.94
C ARG H 84 5.68 -44.71 -22.89
N GLN H 85 6.98 -45.03 -22.81
CA GLN H 85 7.86 -44.32 -21.89
C GLN H 85 7.91 -42.82 -22.14
N ARG H 86 7.85 -42.44 -23.42
CA ARG H 86 7.88 -41.05 -23.80
C ARG H 86 6.50 -40.40 -23.90
N LYS H 87 5.46 -41.19 -23.65
CA LYS H 87 4.09 -40.71 -23.65
C LYS H 87 3.68 -40.10 -24.97
N VAL H 88 4.01 -40.80 -26.07
CA VAL H 88 3.56 -40.41 -27.39
C VAL H 88 2.80 -41.55 -28.02
N ARG H 89 2.06 -41.24 -29.09
CA ARG H 89 1.29 -42.24 -29.78
C ARG H 89 1.97 -42.56 -31.12
N LEU H 90 1.47 -43.59 -31.77
CA LEU H 90 2.05 -44.12 -32.97
C LEU H 90 1.06 -44.28 -34.08
N VAL H 91 1.53 -43.99 -35.30
CA VAL H 91 0.90 -44.41 -36.51
C VAL H 91 1.90 -45.34 -37.19
N LEU H 92 1.50 -46.57 -37.41
CA LEU H 92 2.38 -47.55 -38.07
C LEU H 92 2.13 -47.53 -39.57
N LEU H 93 3.21 -47.59 -40.34
CA LEU H 93 3.12 -47.56 -41.81
C LEU H 93 3.46 -48.92 -42.37
N TRP H 94 2.44 -49.61 -42.91
CA TRP H 94 2.59 -50.98 -43.40
C TRP H 94 3.23 -50.92 -44.78
N PHE H 95 4.55 -51.18 -44.84
CA PHE H 95 5.31 -51.15 -46.08
C PHE H 95 5.33 -52.57 -46.60
N ALA H 96 4.58 -52.86 -47.67
CA ALA H 96 4.35 -54.23 -48.07
C ALA H 96 4.30 -54.41 -49.57
N THR H 97 3.12 -54.68 -50.15
CA THR H 97 2.99 -54.85 -51.59
C THR H 97 3.49 -53.61 -52.37
N TRP H 98 3.14 -52.41 -51.89
CA TRP H 98 3.65 -51.18 -52.50
C TRP H 98 4.30 -50.28 -51.44
N LYS H 99 5.50 -49.83 -51.79
CA LYS H 99 6.13 -48.72 -51.13
C LYS H 99 6.66 -47.89 -52.28
N ASN H 100 6.08 -46.72 -52.49
CA ASN H 100 6.46 -45.86 -53.64
C ASN H 100 6.41 -46.68 -54.92
N ASN H 101 5.29 -47.38 -55.10
CA ASN H 101 4.98 -48.15 -56.30
C ASN H 101 5.63 -49.53 -56.41
N ALA H 102 6.59 -49.81 -55.53
CA ALA H 102 7.50 -50.96 -55.70
C ALA H 102 7.46 -51.93 -54.50
N PRO H 103 7.94 -53.16 -54.70
CA PRO H 103 7.92 -54.17 -53.66
C PRO H 103 9.21 -54.30 -52.83
N HIS H 104 10.00 -53.24 -52.69
CA HIS H 104 11.32 -53.37 -52.05
C HIS H 104 11.25 -53.79 -50.58
N TYR H 105 10.15 -53.46 -49.90
CA TYR H 105 9.98 -53.85 -48.48
C TYR H 105 9.23 -55.15 -48.30
N ALA H 106 8.80 -55.78 -49.39
CA ALA H 106 8.26 -57.14 -49.29
C ALA H 106 9.44 -58.11 -49.04
N PRO H 107 9.18 -59.23 -48.34
CA PRO H 107 10.24 -60.23 -48.10
C PRO H 107 10.88 -60.70 -49.38
N ALA H 108 12.11 -61.21 -49.28
CA ALA H 108 12.82 -61.72 -50.47
C ALA H 108 12.03 -62.79 -51.18
N TRP H 109 11.41 -63.66 -50.39
CA TRP H 109 10.58 -64.77 -50.95
C TRP H 109 9.33 -64.26 -51.68
N VAL H 110 8.97 -62.99 -51.50
CA VAL H 110 7.91 -62.38 -52.32
C VAL H 110 8.50 -61.63 -53.51
N LYS H 111 9.38 -60.64 -53.24
CA LYS H 111 9.84 -59.75 -54.32
C LYS H 111 10.75 -60.41 -55.34
N LEU H 112 11.33 -61.55 -55.00
CA LEU H 112 12.15 -62.25 -55.99
C LEU H 112 11.42 -63.42 -56.69
N ASP H 113 10.11 -63.58 -56.43
CA ASP H 113 9.32 -64.66 -57.05
C ASP H 113 8.16 -64.11 -57.88
N ASN H 114 8.48 -63.70 -59.09
CA ASN H 114 7.52 -63.07 -59.96
C ASN H 114 6.42 -64.00 -60.44
N ALA H 115 6.76 -65.29 -60.56
CA ALA H 115 5.78 -66.29 -61.01
C ALA H 115 4.64 -66.34 -60.03
N ARG H 116 4.96 -66.41 -58.75
CA ARG H 116 3.94 -66.48 -57.72
C ARG H 116 3.30 -65.11 -57.45
N PHE H 117 4.13 -64.06 -57.50
CA PHE H 117 3.69 -62.71 -57.15
C PHE H 117 4.02 -61.77 -58.29
N PRO H 118 3.12 -61.67 -59.29
CA PRO H 118 3.46 -61.04 -60.57
C PRO H 118 3.44 -59.52 -60.63
N ARG H 119 4.33 -59.01 -61.46
CA ARG H 119 4.50 -57.59 -61.74
C ARG H 119 3.62 -57.11 -62.87
N VAL H 120 3.35 -55.82 -62.83
CA VAL H 120 2.67 -55.13 -63.92
C VAL H 120 3.50 -55.29 -65.19
N VAL H 121 2.78 -55.59 -66.27
CA VAL H 121 3.34 -55.75 -67.58
C VAL H 121 2.85 -54.59 -68.41
N LYS H 122 3.77 -53.91 -69.06
CA LYS H 122 3.43 -52.84 -69.97
C LYS H 122 2.74 -53.32 -71.24
N GLU H 123 2.15 -52.39 -71.97
CA GLU H 123 1.46 -52.71 -73.20
C GLU H 123 2.43 -53.30 -74.22
N ASP H 124 3.68 -52.82 -74.21
CA ASP H 124 4.73 -53.34 -75.11
C ASP H 124 5.35 -54.66 -74.65
N GLY H 125 4.83 -55.25 -73.59
CA GLY H 125 5.34 -56.53 -73.10
C GLY H 125 6.46 -56.46 -72.08
N ASP H 126 7.13 -55.32 -71.91
CA ASP H 126 8.13 -55.20 -70.84
C ASP H 126 7.47 -55.19 -69.44
N THR H 127 8.27 -55.56 -68.44
CA THR H 127 7.81 -55.67 -67.07
C THR H 127 8.37 -54.52 -66.23
N LEU H 128 7.53 -54.01 -65.31
CA LEU H 128 7.93 -52.96 -64.36
C LEU H 128 8.03 -53.54 -62.96
N ASN H 129 8.87 -52.93 -62.12
CA ASN H 129 9.02 -53.43 -60.75
C ASN H 129 7.93 -52.82 -59.85
N SER H 130 6.70 -53.23 -60.13
CA SER H 130 5.51 -52.78 -59.42
C SER H 130 4.56 -53.97 -59.45
N LEU H 131 4.14 -54.46 -58.30
CA LEU H 131 3.34 -55.69 -58.24
C LEU H 131 1.90 -55.42 -58.73
N SER H 132 1.38 -56.30 -59.57
CA SER H 132 0.01 -56.13 -60.07
C SER H 132 -1.02 -56.32 -58.96
N PRO H 133 -2.00 -55.41 -58.89
CA PRO H 133 -3.08 -55.58 -57.94
C PRO H 133 -4.03 -56.75 -58.26
N LEU H 134 -3.89 -57.34 -59.45
CA LEU H 134 -4.63 -58.57 -59.79
C LEU H 134 -3.92 -59.89 -59.40
N GLY H 135 -2.76 -59.80 -58.78
CA GLY H 135 -2.06 -60.99 -58.28
C GLY H 135 -2.71 -61.52 -57.04
N GLN H 136 -3.46 -62.61 -57.18
CA GLN H 136 -4.22 -63.14 -56.06
C GLN H 136 -3.36 -63.73 -54.95
N ASN H 137 -2.22 -64.31 -55.30
CA ASN H 137 -1.35 -64.85 -54.28
C ASN H 137 -0.77 -63.70 -53.47
N THR H 138 -0.45 -62.60 -54.15
CA THR H 138 0.16 -61.44 -53.48
C THR H 138 -0.79 -60.87 -52.43
N LEU H 139 -2.06 -60.70 -52.82
CA LEU H 139 -3.08 -60.21 -51.92
C LEU H 139 -3.22 -61.11 -50.70
N ALA H 140 -3.30 -62.43 -50.91
CA ALA H 140 -3.46 -63.38 -49.81
C ALA H 140 -2.28 -63.33 -48.85
N ALA H 141 -1.07 -63.19 -49.39
CA ALA H 141 0.13 -63.17 -48.57
C ALA H 141 0.25 -61.86 -47.75
N ASP H 142 0.02 -60.73 -48.40
CA ASP H 142 0.03 -59.41 -47.73
C ASP H 142 -0.99 -59.44 -46.58
N LYS H 143 -2.22 -59.79 -46.93
CA LYS H 143 -3.32 -59.91 -45.97
C LYS H 143 -2.95 -60.79 -44.79
N LYS H 144 -2.33 -61.94 -45.04
CA LYS H 144 -1.98 -62.87 -43.95
C LYS H 144 -0.96 -62.23 -43.00
N ALA H 145 0.03 -61.54 -43.56
CA ALA H 145 1.02 -60.89 -42.72
C ALA H 145 0.44 -59.70 -41.95
N PHE H 146 -0.38 -58.91 -42.63
CA PHE H 146 -1.02 -57.76 -42.00
C PHE H 146 -1.91 -58.21 -40.84
N VAL H 147 -2.64 -59.30 -41.07
CA VAL H 147 -3.46 -59.90 -39.99
C VAL H 147 -2.62 -60.28 -38.77
N GLU H 148 -1.43 -60.82 -38.99
CA GLU H 148 -0.52 -61.15 -37.88
C GLU H 148 -0.06 -59.90 -37.15
N LEU H 149 0.17 -58.81 -37.87
CA LEU H 149 0.55 -57.58 -37.21
C LEU H 149 -0.57 -57.08 -36.33
N MET H 150 -1.77 -57.09 -36.88
CA MET H 150 -2.94 -56.60 -36.14
C MET H 150 -3.26 -57.50 -34.94
N LYS H 151 -2.95 -58.80 -35.04
CA LYS H 151 -3.07 -59.72 -33.88
C LYS H 151 -2.10 -59.36 -32.79
N TYR H 152 -0.89 -58.97 -33.19
CA TYR H 152 0.09 -58.55 -32.23
C TYR H 152 -0.42 -57.33 -31.47
N LEU H 153 -0.97 -56.34 -32.19
CA LEU H 153 -1.52 -55.16 -31.52
C LEU H 153 -2.73 -55.51 -30.64
N ALA H 154 -3.61 -56.38 -31.12
CA ALA H 154 -4.78 -56.78 -30.30
C ALA H 154 -4.34 -57.37 -28.95
N LYS H 155 -3.27 -58.17 -28.96
CA LYS H 155 -2.76 -58.82 -27.72
C LYS H 155 -1.82 -57.98 -26.91
N ARG H 156 -1.05 -57.09 -27.55
CA ARG H 156 0.03 -56.38 -26.86
C ARG H 156 -0.14 -54.84 -26.78
N ASP H 157 -1.27 -54.28 -27.27
CA ASP H 157 -1.49 -52.82 -27.26
C ASP H 157 -2.93 -52.43 -26.91
N LYS H 158 -3.36 -52.87 -25.74
CA LYS H 158 -4.74 -52.68 -25.30
C LYS H 158 -5.11 -51.26 -25.00
N ASP H 159 -4.12 -50.44 -24.68
CA ASP H 159 -4.28 -49.01 -24.44
CA ASP H 159 -4.38 -49.00 -24.42
C ASP H 159 -4.24 -48.20 -25.73
N HIS H 160 -4.01 -48.88 -26.85
CA HIS H 160 -3.99 -48.23 -28.18
C HIS H 160 -2.92 -47.15 -28.28
N THR H 161 -1.70 -47.52 -27.91
CA THR H 161 -0.56 -46.67 -28.20
C THR H 161 -0.55 -46.36 -29.70
N VAL H 162 -0.79 -47.38 -30.50
CA VAL H 162 -0.98 -47.24 -31.94
C VAL H 162 -2.42 -46.82 -32.20
N ILE H 163 -2.59 -45.63 -32.77
CA ILE H 163 -3.92 -45.04 -32.95
C ILE H 163 -4.45 -45.18 -34.37
N MET H 164 -3.56 -45.47 -35.35
CA MET H 164 -3.94 -45.55 -36.76
C MET H 164 -2.87 -46.34 -37.52
N VAL H 165 -3.28 -46.98 -38.60
CA VAL H 165 -2.38 -47.73 -39.45
C VAL H 165 -2.50 -47.27 -40.89
N GLN H 166 -1.38 -47.01 -41.53
CA GLN H 166 -1.34 -46.74 -42.95
C GLN H 166 -1.15 -48.02 -43.68
N VAL H 167 -2.06 -48.32 -44.60
CA VAL H 167 -2.02 -49.57 -45.37
C VAL H 167 -1.32 -49.35 -46.69
N GLN H 168 -0.13 -49.95 -46.84
CA GLN H 168 0.80 -49.67 -47.95
C GLN H 168 1.38 -48.26 -47.82
N ASN H 169 2.23 -47.89 -48.77
CA ASN H 169 2.79 -46.56 -48.82
C ASN H 169 2.94 -46.10 -50.26
N GLU H 170 2.22 -45.04 -50.62
CA GLU H 170 2.21 -44.52 -51.99
C GLU H 170 2.09 -45.65 -53.03
N VAL H 171 0.88 -46.23 -53.07
CA VAL H 171 0.56 -47.25 -54.07
C VAL H 171 0.54 -46.66 -55.46
N GLY H 172 0.58 -47.55 -56.44
CA GLY H 172 0.45 -47.16 -57.84
C GLY H 172 1.58 -47.69 -58.68
N THR H 173 1.70 -47.16 -59.90
CA THR H 173 2.73 -47.59 -60.82
C THR H 173 3.29 -46.42 -61.61
N TYR H 174 4.62 -46.31 -61.62
CA TYR H 174 5.35 -45.39 -62.53
C TYR H 174 5.74 -46.15 -63.79
N GLY H 175 5.64 -45.49 -64.93
CA GLY H 175 6.07 -46.04 -66.21
C GLY H 175 4.99 -46.73 -67.04
N ALA H 176 3.79 -46.89 -66.46
CA ALA H 176 2.62 -47.42 -67.17
C ALA H 176 1.37 -46.98 -66.43
N VAL H 177 0.24 -47.07 -67.12
CA VAL H 177 -1.03 -46.63 -66.56
C VAL H 177 -1.71 -47.73 -65.75
N ARG H 178 -1.50 -48.98 -66.18
CA ARG H 178 -2.08 -50.13 -65.53
C ARG H 178 -1.29 -51.39 -65.89
N ASP H 179 -1.74 -52.53 -65.36
CA ASP H 179 -1.26 -53.86 -65.77
C ASP H 179 -1.95 -54.22 -67.07
N TYR H 180 -1.14 -54.58 -68.07
CA TYR H 180 -1.63 -55.01 -69.38
C TYR H 180 -1.34 -56.49 -69.61
N SER H 181 -1.02 -57.22 -68.56
CA SER H 181 -0.81 -58.65 -68.67
C SER H 181 -2.09 -59.32 -69.16
N PRO H 182 -1.98 -60.54 -69.72
CA PRO H 182 -3.19 -61.29 -70.11
C PRO H 182 -4.18 -61.41 -68.97
N MET H 183 -3.70 -61.70 -67.77
CA MET H 183 -4.55 -61.79 -66.59
C MET H 183 -5.33 -60.50 -66.34
N ALA H 184 -4.67 -59.35 -66.47
CA ALA H 184 -5.33 -58.06 -66.25
C ALA H 184 -6.26 -57.71 -67.41
N GLN H 185 -5.80 -57.99 -68.61
CA GLN H 185 -6.59 -57.74 -69.81
C GLN H 185 -7.95 -58.45 -69.77
N ALA H 186 -7.98 -59.67 -69.24
CA ALA H 186 -9.22 -60.43 -69.13
C ALA H 186 -10.23 -59.76 -68.21
N VAL H 187 -9.74 -59.11 -67.15
CA VAL H 187 -10.63 -58.40 -66.24
C VAL H 187 -11.06 -57.07 -66.87
N PHE H 188 -10.13 -56.39 -67.53
CA PHE H 188 -10.42 -55.12 -68.18
C PHE H 188 -11.49 -55.26 -69.25
N ASN H 189 -11.42 -56.36 -70.00
CA ASN H 189 -12.36 -56.63 -71.06
C ASN H 189 -13.75 -57.00 -70.57
N ALA H 190 -13.83 -57.46 -69.33
CA ALA H 190 -15.08 -57.86 -68.71
C ALA H 190 -15.89 -56.65 -68.26
N ALA H 191 -17.08 -56.94 -67.74
CA ALA H 191 -17.98 -55.90 -67.25
C ALA H 191 -17.37 -55.21 -66.03
N VAL H 192 -17.58 -53.90 -65.95
CA VAL H 192 -17.27 -53.16 -64.73
C VAL H 192 -18.14 -53.76 -63.64
N PRO H 193 -17.57 -54.04 -62.45
CA PRO H 193 -18.40 -54.63 -61.40
C PRO H 193 -19.63 -53.77 -61.06
N ASP H 194 -20.74 -54.46 -60.78
CA ASP H 194 -22.03 -53.83 -60.52
C ASP H 194 -21.95 -52.77 -59.46
N ASP H 195 -21.33 -53.14 -58.35
CA ASP H 195 -21.25 -52.30 -57.16
C ASP H 195 -20.67 -50.93 -57.50
N LEU H 196 -19.62 -50.91 -58.31
CA LEU H 196 -19.02 -49.66 -58.72
C LEU H 196 -19.99 -48.90 -59.61
N ILE H 197 -20.64 -49.60 -60.54
CA ILE H 197 -21.61 -48.96 -61.44
C ILE H 197 -22.75 -48.29 -60.64
N GLN H 198 -23.28 -49.02 -59.65
CA GLN H 198 -24.37 -48.53 -58.81
C GLN H 198 -23.93 -47.30 -57.98
N LYS H 199 -22.77 -47.41 -57.34
CA LYS H 199 -22.26 -46.32 -56.52
C LYS H 199 -21.97 -45.05 -57.30
N LEU H 200 -21.41 -45.17 -58.49
CA LEU H 200 -21.19 -43.98 -59.31
C LEU H 200 -22.39 -43.56 -60.13
N GLN H 201 -23.48 -44.31 -60.09
CA GLN H 201 -24.71 -43.93 -60.80
C GLN H 201 -24.42 -43.79 -62.29
N LEU H 202 -23.82 -44.85 -62.83
CA LEU H 202 -23.44 -44.92 -64.24
C LEU H 202 -24.23 -46.01 -64.98
N LYS H 203 -24.16 -45.99 -66.30
CA LYS H 203 -24.73 -47.04 -67.14
C LYS H 203 -23.76 -48.23 -67.23
N PRO H 204 -24.26 -49.48 -67.05
CA PRO H 204 -23.42 -50.68 -67.18
C PRO H 204 -22.63 -50.77 -68.46
N GLY H 205 -21.56 -51.57 -68.41
CA GLY H 205 -20.68 -51.76 -69.54
C GLY H 205 -19.32 -52.34 -69.10
N THR H 206 -18.46 -52.54 -70.09
CA THR H 206 -17.06 -52.91 -69.86
C THR H 206 -16.29 -51.65 -69.53
N TRP H 207 -15.05 -51.82 -69.08
CA TRP H 207 -14.22 -50.69 -68.67
C TRP H 207 -14.09 -49.65 -69.75
N SER H 208 -13.76 -50.07 -70.96
CA SER H 208 -13.57 -49.12 -72.07
C SER H 208 -14.87 -48.38 -72.40
N GLN H 209 -15.96 -49.11 -72.38
CA GLN H 209 -17.22 -48.54 -72.83
C GLN H 209 -17.79 -47.61 -71.72
N VAL H 210 -17.61 -47.92 -70.43
CA VAL H 210 -18.12 -47.02 -69.40
C VAL H 210 -17.19 -45.85 -69.09
N PHE H 211 -15.89 -46.00 -69.19
CA PHE H 211 -14.95 -44.89 -68.84
C PHE H 211 -14.16 -44.25 -69.98
N GLY H 212 -14.20 -44.83 -71.17
CA GLY H 212 -13.55 -44.20 -72.34
C GLY H 212 -12.07 -43.93 -72.14
N ARG H 213 -11.65 -42.70 -72.40
CA ARG H 213 -10.25 -42.28 -72.30
C ARG H 213 -9.64 -42.49 -70.88
N ASP H 214 -10.47 -42.57 -69.85
CA ASP H 214 -10.00 -42.81 -68.48
C ASP H 214 -10.03 -44.29 -68.05
N ALA H 215 -10.37 -45.20 -68.96
CA ALA H 215 -10.55 -46.61 -68.57
C ALA H 215 -9.29 -47.24 -67.98
N ASP H 216 -8.14 -47.01 -68.59
CA ASP H 216 -6.91 -47.62 -68.12
C ASP H 216 -6.58 -47.18 -66.69
N GLU H 217 -6.58 -45.86 -66.47
CA GLU H 217 -6.23 -45.31 -65.16
C GLU H 217 -7.24 -45.68 -64.10
N PHE H 218 -8.53 -45.53 -64.44
CA PHE H 218 -9.59 -45.83 -63.48
C PHE H 218 -9.60 -47.31 -63.12
N PHE H 219 -9.28 -48.17 -64.08
CA PHE H 219 -9.12 -49.60 -63.84
C PHE H 219 -8.02 -49.89 -62.80
N HIS H 220 -6.86 -49.29 -63.01
CA HIS H 220 -5.71 -49.51 -62.08
C HIS H 220 -6.11 -49.03 -60.70
N ALA H 221 -6.69 -47.83 -60.62
CA ALA H 221 -7.14 -47.27 -59.34
C ALA H 221 -8.12 -48.18 -58.65
N TYR H 222 -9.13 -48.65 -59.40
CA TYR H 222 -10.11 -49.56 -58.84
C TYR H 222 -9.45 -50.82 -58.27
N GLN H 223 -8.60 -51.47 -59.06
CA GLN H 223 -8.01 -52.74 -58.62
C GLN H 223 -7.12 -52.55 -57.41
N ILE H 224 -6.38 -51.45 -57.37
CA ILE H 224 -5.53 -51.20 -56.22
C ILE H 224 -6.40 -50.94 -55.02
N ALA H 225 -7.42 -50.13 -55.23
CA ALA H 225 -8.31 -49.77 -54.14
C ALA H 225 -8.94 -51.03 -53.53
N ARG H 226 -9.40 -51.93 -54.39
CA ARG H 226 -10.00 -53.21 -53.90
C ARG H 226 -8.99 -54.03 -53.13
N TYR H 227 -7.76 -54.09 -53.65
CA TYR H 227 -6.68 -54.80 -52.93
C TYR H 227 -6.49 -54.21 -51.55
N CYS H 228 -6.31 -52.89 -51.48
CA CYS H 228 -6.06 -52.25 -50.21
C CYS H 228 -7.27 -52.38 -49.28
N ASP H 229 -8.47 -52.31 -49.84
CA ASP H 229 -9.68 -52.46 -49.00
C ASP H 229 -9.76 -53.85 -48.37
N GLU H 230 -9.42 -54.87 -49.13
CA GLU H 230 -9.41 -56.24 -48.60
C GLU H 230 -8.39 -56.45 -47.50
N VAL H 231 -7.19 -55.91 -47.69
CA VAL H 231 -6.20 -55.95 -46.62
C VAL H 231 -6.70 -55.24 -45.39
N THR H 232 -7.27 -54.06 -45.59
CA THR H 232 -7.83 -53.27 -44.50
C THR H 232 -8.93 -54.03 -43.74
N VAL H 233 -9.87 -54.62 -44.45
CA VAL H 233 -10.99 -55.32 -43.80
C VAL H 233 -10.47 -56.49 -42.95
N ALA H 234 -9.51 -57.22 -43.48
CA ALA H 234 -8.95 -58.36 -42.76
C ALA H 234 -8.25 -57.94 -41.50
N GLY H 235 -7.50 -56.84 -41.57
CA GLY H 235 -6.85 -56.34 -40.38
C GLY H 235 -7.84 -55.82 -39.36
N LYS H 236 -8.83 -55.07 -39.85
CA LYS H 236 -9.84 -54.46 -38.95
C LYS H 236 -10.68 -55.52 -38.23
N ALA H 237 -10.88 -56.68 -38.87
CA ALA H 237 -11.58 -57.80 -38.23
C ALA H 237 -10.84 -58.28 -37.01
N ILE H 238 -9.54 -58.05 -36.95
CA ILE H 238 -8.77 -58.36 -35.75
C ILE H 238 -8.78 -57.24 -34.74
N LYS H 239 -8.49 -56.02 -35.18
CA LYS H 239 -8.59 -54.86 -34.31
C LYS H 239 -9.01 -53.69 -35.19
N ASN H 240 -10.14 -53.07 -34.86
CA ASN H 240 -10.79 -52.12 -35.74
C ASN H 240 -10.22 -50.69 -35.57
N LEU H 241 -8.92 -50.54 -35.81
CA LEU H 241 -8.29 -49.23 -35.76
C LEU H 241 -8.61 -48.49 -37.05
N PRO H 242 -8.63 -47.15 -37.01
CA PRO H 242 -8.69 -46.36 -38.24
C PRO H 242 -7.52 -46.71 -39.14
N MET H 243 -7.77 -46.77 -40.44
CA MET H 243 -6.71 -47.07 -41.39
C MET H 243 -6.87 -46.19 -42.62
N TYR H 244 -5.75 -45.88 -43.26
CA TYR H 244 -5.76 -44.92 -44.37
C TYR H 244 -4.70 -45.28 -45.39
N VAL H 245 -4.80 -44.62 -46.55
CA VAL H 245 -3.75 -44.69 -47.56
C VAL H 245 -3.21 -43.32 -47.85
N ASN H 246 -1.93 -43.27 -48.22
CA ASN H 246 -1.23 -42.00 -48.50
C ASN H 246 -0.83 -41.88 -49.96
N VAL H 247 -0.97 -40.67 -50.51
CA VAL H 247 -0.95 -40.48 -51.97
C VAL H 247 0.30 -39.77 -52.47
N ALA H 248 0.97 -40.40 -53.44
CA ALA H 248 2.00 -39.74 -54.25
C ALA H 248 1.22 -38.84 -55.21
N LEU H 249 1.22 -37.56 -54.90
CA LEU H 249 0.31 -36.63 -55.54
C LEU H 249 0.72 -36.38 -56.97
N ARG H 250 -0.27 -36.16 -57.82
CA ARG H 250 -0.01 -35.46 -59.09
C ARG H 250 -0.21 -33.95 -58.87
N ASN H 251 0.44 -33.16 -59.69
CA ASN H 251 0.26 -31.73 -59.64
C ASN H 251 -1.17 -31.44 -60.05
N PRO H 252 -1.94 -30.79 -59.17
CA PRO H 252 -3.35 -30.59 -59.46
C PRO H 252 -3.60 -29.62 -60.62
N PHE H 253 -2.67 -28.73 -60.91
CA PHE H 253 -2.85 -27.73 -62.00
C PHE H 253 -2.29 -28.21 -63.34
N ASN H 254 -1.32 -29.12 -63.30
CA ASN H 254 -0.54 -29.50 -64.48
C ASN H 254 0.00 -30.91 -64.25
N PRO H 255 -0.87 -31.91 -64.27
CA PRO H 255 -0.51 -33.22 -63.70
C PRO H 255 0.44 -34.02 -64.55
N GLY H 256 0.46 -33.77 -65.86
CA GLY H 256 1.08 -34.71 -66.79
C GLY H 256 0.23 -35.97 -66.89
N LEU H 257 0.84 -37.06 -67.36
CA LEU H 257 0.11 -38.27 -67.69
C LEU H 257 0.27 -39.33 -66.61
N PRO H 258 -0.76 -40.18 -66.41
CA PRO H 258 -0.61 -41.27 -65.42
C PRO H 258 0.53 -42.18 -65.88
N GLY H 259 1.35 -42.61 -64.94
CA GLY H 259 2.62 -43.27 -65.26
C GLY H 259 3.83 -42.34 -65.10
N GLN H 260 3.67 -41.08 -65.49
CA GLN H 260 4.64 -40.03 -65.08
C GLN H 260 4.41 -39.71 -63.63
N TYR H 261 3.17 -39.46 -63.24
CA TYR H 261 2.82 -39.58 -61.81
C TYR H 261 2.45 -41.03 -61.52
N SER H 262 2.28 -41.35 -60.23
CA SER H 262 2.01 -42.72 -59.82
C SER H 262 0.57 -43.09 -60.13
N SER H 263 0.36 -43.84 -61.22
CA SER H 263 -0.98 -44.17 -61.67
C SER H 263 -1.64 -45.14 -60.72
N GLY H 264 -2.90 -44.88 -60.39
CA GLY H 264 -3.69 -45.81 -59.58
C GLY H 264 -3.78 -45.49 -58.11
N GLY H 265 -2.88 -44.66 -57.61
CA GLY H 265 -3.03 -44.15 -56.25
C GLY H 265 -4.19 -43.16 -56.19
N GLY H 266 -4.48 -42.66 -55.00
CA GLY H 266 -5.63 -41.77 -54.80
C GLY H 266 -5.43 -40.33 -55.27
N THR H 267 -5.02 -40.16 -56.51
CA THR H 267 -4.86 -38.84 -57.08
C THR H 267 -6.24 -38.16 -57.24
N ASP H 268 -6.23 -36.84 -57.42
CA ASP H 268 -7.45 -36.06 -57.31
C ASP H 268 -8.54 -36.44 -58.32
N ASN H 269 -8.13 -36.95 -59.46
CA ASN H 269 -9.06 -37.40 -60.50
C ASN H 269 -9.65 -38.78 -60.28
N VAL H 270 -9.15 -39.53 -59.30
CA VAL H 270 -9.71 -40.86 -59.02
C VAL H 270 -10.21 -41.03 -57.60
N LEU H 271 -10.40 -39.93 -56.87
CA LEU H 271 -10.94 -40.04 -55.52
C LEU H 271 -12.32 -40.67 -55.50
N HIS H 272 -13.14 -40.36 -56.49
CA HIS H 272 -14.46 -40.97 -56.60
C HIS H 272 -14.38 -42.50 -56.79
N ILE H 273 -13.40 -42.96 -57.55
CA ILE H 273 -13.17 -44.41 -57.71
C ILE H 273 -12.78 -45.04 -56.38
N TRP H 274 -11.79 -44.42 -55.72
CA TRP H 274 -11.27 -44.93 -54.47
C TRP H 274 -12.36 -44.97 -53.38
N LYS H 275 -13.20 -43.93 -53.31
CA LYS H 275 -14.26 -43.90 -52.31
C LYS H 275 -15.31 -44.98 -52.55
N ALA H 276 -15.64 -45.19 -53.81
CA ALA H 276 -16.62 -46.24 -54.16
C ALA H 276 -16.05 -47.65 -53.97
N ALA H 277 -14.78 -47.84 -54.34
CA ALA H 277 -14.16 -49.15 -54.30
C ALA H 277 -13.72 -49.59 -52.90
N ALA H 278 -13.38 -48.64 -52.02
CA ALA H 278 -12.74 -49.00 -50.76
C ALA H 278 -13.45 -48.33 -49.58
N PRO H 279 -14.68 -48.77 -49.29
CA PRO H 279 -15.48 -48.14 -48.24
C PRO H 279 -14.93 -48.39 -46.85
N ASN H 280 -14.01 -49.33 -46.72
CA ASN H 280 -13.48 -49.64 -45.40
C ASN H 280 -12.22 -48.88 -45.07
N ILE H 281 -11.65 -48.16 -46.03
CA ILE H 281 -10.48 -47.31 -45.79
C ILE H 281 -11.01 -45.95 -45.32
N ASP H 282 -10.58 -45.53 -44.15
CA ASP H 282 -11.18 -44.37 -43.50
C ASP H 282 -10.93 -43.06 -44.22
N LEU H 283 -9.70 -42.84 -44.70
CA LEU H 283 -9.40 -41.60 -45.43
C LEU H 283 -8.25 -41.78 -46.39
N ILE H 284 -8.16 -40.84 -47.32
CA ILE H 284 -7.13 -40.81 -48.31
C ILE H 284 -6.33 -39.52 -48.04
N ALA H 285 -5.06 -39.70 -47.71
CA ALA H 285 -4.19 -38.64 -47.22
C ALA H 285 -3.16 -38.18 -48.25
N PRO H 286 -3.07 -36.85 -48.46
CA PRO H 286 -2.04 -36.33 -49.37
C PRO H 286 -0.64 -36.29 -48.75
N ASP H 287 0.37 -36.64 -49.55
CA ASP H 287 1.78 -36.46 -49.20
C ASP H 287 2.28 -35.21 -49.93
N ILE H 288 2.57 -34.15 -49.18
CA ILE H 288 2.75 -32.83 -49.78
C ILE H 288 4.18 -32.39 -49.81
N TYR H 289 4.74 -32.32 -51.03
CA TYR H 289 6.12 -31.84 -51.21
C TYR H 289 6.21 -30.65 -52.17
N PHE H 290 5.08 -30.18 -52.69
CA PHE H 290 5.04 -28.91 -53.42
C PHE H 290 5.32 -27.81 -52.40
N ARG H 291 6.22 -26.88 -52.74
CA ARG H 291 6.62 -25.84 -51.78
C ARG H 291 5.71 -24.62 -51.81
N ASP H 292 5.16 -24.37 -53.00
CA ASP H 292 4.50 -23.10 -53.30
C ASP H 292 3.07 -23.05 -52.78
N TYR H 293 2.73 -21.92 -52.18
CA TYR H 293 1.44 -21.71 -51.54
C TYR H 293 0.24 -22.09 -52.39
N LYS H 294 0.21 -21.66 -53.64
CA LYS H 294 -0.95 -21.93 -54.45
C LYS H 294 -1.24 -23.40 -54.66
N THR H 295 -0.19 -24.17 -54.92
CA THR H 295 -0.34 -25.58 -55.21
C THR H 295 -0.69 -26.34 -53.93
N VAL H 296 -0.01 -26.04 -52.85
CA VAL H 296 -0.34 -26.65 -51.56
C VAL H 296 -1.79 -26.34 -51.19
N SER H 297 -2.21 -25.08 -51.31
CA SER H 297 -3.57 -24.70 -50.99
C SER H 297 -4.58 -25.47 -51.81
N LYS H 298 -4.28 -25.64 -53.08
CA LYS H 298 -5.16 -26.42 -53.94
C LYS H 298 -5.26 -27.89 -53.50
N VAL H 299 -4.13 -28.48 -53.13
CA VAL H 299 -4.13 -29.86 -52.66
C VAL H 299 -5.01 -29.96 -51.40
N LEU H 300 -4.85 -29.02 -50.46
CA LEU H 300 -5.65 -29.08 -49.23
C LEU H 300 -7.12 -28.98 -49.57
N GLU H 301 -7.46 -28.14 -50.55
CA GLU H 301 -8.85 -27.97 -50.98
C GLU H 301 -9.39 -29.27 -51.56
N LEU H 302 -8.61 -29.91 -52.42
CA LEU H 302 -9.07 -31.14 -53.07
C LEU H 302 -9.24 -32.34 -52.15
N TYR H 303 -8.41 -32.42 -51.12
CA TYR H 303 -8.44 -33.58 -50.25
C TYR H 303 -9.33 -33.40 -49.04
N THR H 304 -9.82 -32.18 -48.82
CA THR H 304 -10.80 -31.94 -47.76
C THR H 304 -12.20 -32.01 -48.38
N ARG H 305 -12.95 -33.05 -48.04
CA ARG H 305 -14.25 -33.30 -48.65
C ARG H 305 -15.22 -33.75 -47.57
N PRO H 306 -16.54 -33.64 -47.83
CA PRO H 306 -17.49 -34.23 -46.90
C PRO H 306 -17.20 -35.71 -46.63
N ASP H 307 -16.73 -36.42 -47.62
CA ASP H 307 -16.45 -37.86 -47.45
C ASP H 307 -14.97 -38.15 -47.15
N ASN H 308 -14.17 -37.14 -46.85
CA ASN H 308 -12.72 -37.36 -46.65
C ASN H 308 -12.12 -36.37 -45.68
N ALA H 309 -11.81 -36.87 -44.47
CA ALA H 309 -11.10 -36.11 -43.50
C ALA H 309 -9.73 -35.79 -44.07
N LEU H 310 -9.23 -34.60 -43.75
CA LEU H 310 -7.89 -34.15 -44.16
C LEU H 310 -6.84 -34.56 -43.15
N PHE H 311 -5.91 -35.39 -43.61
CA PHE H 311 -4.72 -35.75 -42.83
C PHE H 311 -3.52 -35.56 -43.73
N VAL H 312 -2.64 -34.62 -43.37
CA VAL H 312 -1.40 -34.40 -44.13
C VAL H 312 -0.42 -35.43 -43.63
N ALA H 313 -0.45 -36.59 -44.27
CA ALA H 313 0.26 -37.78 -43.81
C ALA H 313 1.76 -37.64 -43.94
N GLU H 314 2.20 -36.87 -44.93
CA GLU H 314 3.60 -36.50 -45.07
C GLU H 314 3.63 -35.09 -45.57
N ILE H 315 4.61 -34.32 -45.08
CA ILE H 315 4.90 -33.02 -45.67
C ILE H 315 6.41 -32.78 -45.57
N GLY H 316 6.97 -32.02 -46.50
CA GLY H 316 8.40 -31.74 -46.46
C GLY H 316 8.82 -31.12 -45.15
N ASN H 317 10.07 -31.34 -44.77
CA ASN H 317 10.58 -30.76 -43.52
C ASN H 317 11.38 -29.47 -43.66
N ASP H 318 11.42 -28.89 -44.87
CA ASP H 318 12.10 -27.64 -45.00
C ASP H 318 11.25 -26.52 -44.40
N GLN H 319 11.91 -25.43 -44.05
CA GLN H 319 11.26 -24.30 -43.39
C GLN H 319 9.92 -23.83 -43.98
N PRO H 320 9.81 -23.72 -45.32
CA PRO H 320 8.55 -23.19 -45.87
C PRO H 320 7.29 -24.00 -45.58
N PHE H 321 7.46 -25.29 -45.25
CA PHE H 321 6.31 -26.16 -45.04
C PHE H 321 5.63 -25.99 -43.69
N ALA H 322 6.33 -25.44 -42.70
CA ALA H 322 5.78 -25.37 -41.32
C ALA H 322 4.47 -24.60 -41.25
N ARG H 323 4.36 -23.53 -42.03
CA ARG H 323 3.20 -22.68 -41.97
C ARG H 323 1.94 -23.34 -42.49
N TYR H 324 2.08 -24.40 -43.26
CA TYR H 324 0.91 -25.08 -43.79
C TYR H 324 0.12 -25.83 -42.69
N LEU H 325 0.69 -25.95 -41.51
CA LEU H 325 -0.10 -26.46 -40.38
C LEU H 325 -1.37 -25.62 -40.19
N PHE H 326 -1.27 -24.31 -40.39
CA PHE H 326 -2.37 -23.42 -40.10
C PHE H 326 -3.61 -23.67 -40.99
N PRO H 327 -3.46 -23.62 -42.34
CA PRO H 327 -4.62 -23.96 -43.16
C PRO H 327 -5.07 -25.43 -43.03
N THR H 328 -4.14 -26.32 -42.74
CA THR H 328 -4.50 -27.71 -42.53
C THR H 328 -5.51 -27.81 -41.39
N LEU H 329 -5.20 -27.19 -40.26
CA LEU H 329 -6.11 -27.21 -39.12
C LEU H 329 -7.36 -26.42 -39.39
N GLY H 330 -7.22 -25.31 -40.11
CA GLY H 330 -8.34 -24.46 -40.48
C GLY H 330 -9.38 -25.13 -41.33
N LYS H 331 -8.94 -26.09 -42.13
CA LYS H 331 -9.88 -26.89 -42.91
C LYS H 331 -10.52 -28.01 -42.10
N GLY H 332 -10.19 -28.13 -40.81
CA GLY H 332 -10.70 -29.24 -39.98
C GLY H 332 -9.79 -30.45 -40.01
N GLY H 333 -8.55 -30.26 -40.46
CA GLY H 333 -7.61 -31.36 -40.55
C GLY H 333 -7.40 -32.05 -39.22
N ILE H 334 -7.23 -33.37 -39.25
CA ILE H 334 -7.02 -34.16 -38.04
C ILE H 334 -5.54 -34.36 -37.72
N GLY H 335 -4.66 -33.93 -38.62
CA GLY H 335 -3.25 -34.10 -38.38
C GLY H 335 -2.31 -33.68 -39.49
N PHE H 336 -1.03 -33.70 -39.16
CA PHE H 336 0.05 -33.07 -39.95
C PHE H 336 1.35 -33.71 -39.52
N SER H 337 2.10 -34.25 -40.47
CA SER H 337 3.24 -35.10 -40.15
C SER H 337 4.43 -34.84 -41.10
N PRO H 338 5.30 -33.90 -40.69
CA PRO H 338 6.52 -33.67 -41.45
C PRO H 338 7.41 -34.91 -41.55
N PHE H 339 7.93 -35.12 -42.76
CA PHE H 339 8.72 -36.30 -43.08
C PHE H 339 10.21 -36.11 -42.83
N GLY H 340 10.84 -37.15 -42.28
CA GLY H 340 12.29 -37.20 -42.16
C GLY H 340 12.81 -36.55 -40.91
N MET H 341 12.04 -36.61 -39.83
CA MET H 341 12.41 -35.95 -38.58
CA MET H 341 12.43 -35.95 -38.58
C MET H 341 13.22 -36.92 -37.71
N ASP H 342 14.39 -37.30 -38.20
CA ASP H 342 15.30 -38.09 -37.37
C ASP H 342 16.73 -37.77 -37.80
N ASP H 343 17.70 -38.24 -37.01
CA ASP H 343 19.09 -37.89 -37.23
C ASP H 343 19.87 -39.10 -37.73
N THR H 344 19.30 -39.81 -38.72
CA THR H 344 19.93 -41.03 -39.23
C THR H 344 20.80 -40.75 -40.47
N ASP H 345 21.24 -39.51 -40.63
CA ASP H 345 22.22 -39.15 -41.64
C ASP H 345 21.66 -39.31 -43.03
N TYR H 346 20.50 -38.70 -43.23
CA TYR H 346 19.88 -38.64 -44.53
C TYR H 346 19.12 -37.37 -44.64
N THR H 347 19.27 -36.67 -45.76
CA THR H 347 18.40 -35.56 -46.08
C THR H 347 17.83 -35.87 -47.46
N ASN H 348 16.48 -35.84 -47.54
CA ASN H 348 15.76 -36.05 -48.82
C ASN H 348 15.71 -34.80 -49.67
N TYR H 349 16.54 -33.82 -49.32
CA TYR H 349 16.73 -32.66 -50.15
C TYR H 349 16.95 -33.06 -51.56
N PRO H 350 16.70 -31.98 -52.36
CA PRO H 350 15.45 -31.51 -53.08
C PRO H 350 14.04 -31.40 -52.35
N LEU H 351 13.48 -32.55 -51.94
CA LEU H 351 12.09 -32.61 -51.36
C LEU H 351 11.97 -31.92 -49.97
N GLY H 352 12.98 -32.08 -49.11
CA GLY H 352 12.99 -31.44 -47.79
C GLY H 352 14.18 -30.54 -47.54
N ALA H 353 14.56 -30.43 -46.27
CA ALA H 353 15.61 -29.52 -45.83
C ALA H 353 16.97 -29.98 -46.35
N LYS H 354 17.82 -29.02 -46.70
CA LYS H 354 19.18 -29.34 -47.15
C LYS H 354 20.02 -29.95 -46.01
N VAL H 355 19.88 -29.40 -44.80
CA VAL H 355 20.60 -29.93 -43.64
C VAL H 355 19.60 -30.26 -42.54
N TYR H 356 19.94 -31.26 -41.71
CA TYR H 356 19.09 -31.64 -40.59
C TYR H 356 19.79 -31.30 -39.27
N ASN H 357 19.25 -30.30 -38.59
CA ASN H 357 19.79 -29.84 -37.34
C ASN H 357 18.67 -29.26 -36.49
N ASP H 358 19.04 -28.70 -35.35
CA ASP H 358 18.06 -28.19 -34.41
C ASP H 358 17.20 -27.09 -35.00
N GLU H 359 17.78 -26.28 -35.89
CA GLU H 359 17.04 -25.21 -36.52
C GLU H 359 15.94 -25.77 -37.43
N THR H 360 16.23 -26.86 -38.14
CA THR H 360 15.21 -27.52 -38.96
C THR H 360 13.99 -27.91 -38.12
N ILE H 361 14.28 -28.50 -36.96
CA ILE H 361 13.24 -28.97 -36.06
C ILE H 361 12.47 -27.79 -35.47
N GLU H 362 13.20 -26.74 -35.14
CA GLU H 362 12.62 -25.62 -34.44
C GLU H 362 11.55 -24.90 -35.26
N GLN H 363 11.65 -24.93 -36.60
CA GLN H 363 10.63 -24.28 -37.41
C GLN H 363 9.25 -24.94 -37.17
N PHE H 364 9.25 -26.25 -36.96
CA PHE H 364 8.01 -26.96 -36.62
C PHE H 364 7.69 -26.85 -35.16
N ALA H 365 8.69 -26.89 -34.31
CA ALA H 365 8.42 -26.77 -32.84
C ALA H 365 7.68 -25.47 -32.54
N GLN H 366 8.03 -24.40 -33.25
CA GLN H 366 7.44 -23.11 -33.00
C GLN H 366 5.97 -23.04 -33.31
N VAL H 367 5.54 -23.75 -34.36
CA VAL H 367 4.14 -23.77 -34.70
C VAL H 367 3.35 -24.80 -33.86
N TYR H 368 3.97 -25.93 -33.56
CA TYR H 368 3.34 -26.91 -32.65
C TYR H 368 3.07 -26.33 -31.26
N ARG H 369 3.95 -25.44 -30.79
CA ARG H 369 3.74 -24.75 -29.50
C ARG H 369 2.46 -23.94 -29.44
N LEU H 370 1.94 -23.53 -30.58
CA LEU H 370 0.68 -22.78 -30.60
C LEU H 370 -0.52 -23.69 -30.37
N VAL H 371 -0.38 -24.94 -30.77
CA VAL H 371 -1.51 -25.86 -30.78
C VAL H 371 -1.51 -26.81 -29.58
N ASN H 372 -0.33 -27.30 -29.19
CA ASN H 372 -0.21 -28.21 -28.06
C ASN H 372 -0.97 -27.79 -26.80
N PRO H 373 -0.83 -26.52 -26.36
CA PRO H 373 -1.56 -26.13 -25.15
C PRO H 373 -3.11 -26.19 -25.24
N MET H 374 -3.68 -26.14 -26.44
CA MET H 374 -5.14 -26.23 -26.62
C MET H 374 -5.55 -27.47 -27.46
N MET H 375 -4.72 -28.52 -27.53
CA MET H 375 -4.92 -29.54 -28.59
C MET H 375 -6.32 -30.17 -28.54
N ARG H 376 -6.73 -30.64 -27.36
CA ARG H 376 -8.06 -31.21 -27.20
C ARG H 376 -9.20 -30.22 -27.43
N GLU H 377 -9.04 -28.99 -26.94
CA GLU H 377 -10.08 -27.98 -27.14
C GLU H 377 -10.23 -27.63 -28.60
N TRP H 378 -9.09 -27.43 -29.28
CA TRP H 378 -9.13 -27.13 -30.73
C TRP H 378 -9.79 -28.26 -31.48
N ALA H 379 -9.39 -29.49 -31.17
CA ALA H 379 -9.93 -30.65 -31.89
C ALA H 379 -11.46 -30.72 -31.78
N ARG H 380 -11.99 -30.49 -30.59
CA ARG H 380 -13.44 -30.44 -30.39
C ARG H 380 -14.10 -29.30 -31.18
N LEU H 381 -13.55 -28.10 -31.08
CA LEU H 381 -14.11 -26.97 -31.82
C LEU H 381 -14.09 -27.19 -33.33
N SER H 382 -13.01 -27.80 -33.81
CA SER H 382 -12.89 -28.08 -35.22
C SER H 382 -14.01 -29.02 -35.69
N TYR H 383 -14.30 -30.04 -34.88
CA TYR H 383 -15.30 -31.05 -35.22
C TYR H 383 -16.74 -30.51 -35.06
N GLN H 384 -16.97 -29.77 -33.99
CA GLN H 384 -18.30 -29.42 -33.51
C GLN H 384 -18.69 -28.00 -33.84
N GLY H 385 -17.74 -27.18 -34.28
CA GLY H 385 -18.00 -25.74 -34.41
C GLY H 385 -17.33 -25.15 -35.64
N GLN H 386 -16.93 -23.90 -35.53
CA GLN H 386 -16.40 -23.21 -36.67
C GLN H 386 -14.96 -22.84 -36.34
N VAL H 387 -14.06 -23.27 -37.21
CA VAL H 387 -12.66 -22.89 -37.14
C VAL H 387 -12.19 -22.33 -38.50
N TRP H 388 -11.10 -21.58 -38.44
CA TRP H 388 -10.45 -21.04 -39.62
C TRP H 388 -8.97 -21.09 -39.41
N GLY H 389 -8.22 -21.09 -40.50
CA GLY H 389 -6.77 -21.14 -40.44
C GLY H 389 -6.16 -20.67 -41.75
N VAL H 390 -5.14 -19.84 -41.68
CA VAL H 390 -4.48 -19.26 -42.87
C VAL H 390 -3.00 -19.26 -42.70
N ALA H 391 -2.30 -19.34 -43.83
CA ALA H 391 -0.85 -19.19 -43.87
C ALA H 391 -0.47 -18.03 -44.79
N GLU H 392 0.71 -17.48 -44.57
CA GLU H 392 1.26 -16.38 -45.36
C GLU H 392 1.27 -16.78 -46.85
N PRO H 393 0.53 -16.02 -47.67
CA PRO H 393 0.18 -16.53 -49.01
C PRO H 393 1.16 -16.20 -50.12
N LEU H 394 2.27 -15.54 -49.83
CA LEU H 394 3.33 -15.36 -50.81
C LEU H 394 4.52 -16.13 -50.34
N ASP H 395 5.16 -16.84 -51.27
CA ASP H 395 6.38 -17.58 -50.99
C ASP H 395 7.54 -16.61 -50.86
N SER H 396 8.63 -17.03 -50.25
CA SER H 396 9.78 -16.17 -50.08
C SER H 396 10.22 -15.67 -51.47
N THR H 397 10.62 -14.41 -51.54
CA THR H 397 11.08 -13.82 -52.83
C THR H 397 12.34 -14.51 -53.32
N THR H 398 12.35 -14.95 -54.58
CA THR H 398 13.55 -15.60 -55.17
C THR H 398 14.67 -14.59 -55.45
N GLU H 399 15.87 -15.11 -55.68
CA GLU H 399 17.01 -14.28 -56.12
C GLU H 399 16.71 -13.66 -57.49
N THR H 400 16.16 -14.47 -58.41
CA THR H 400 15.68 -14.00 -59.72
C THR H 400 14.67 -12.86 -59.58
N GLN H 401 13.74 -12.99 -58.63
CA GLN H 401 12.77 -11.93 -58.36
C GLN H 401 13.41 -10.72 -57.69
N LYS H 402 14.44 -10.95 -56.86
CA LYS H 402 15.20 -9.86 -56.23
C LYS H 402 15.94 -9.02 -57.29
N ILE H 403 16.58 -9.69 -58.25
CA ILE H 403 17.23 -9.01 -59.38
C ILE H 403 16.20 -8.21 -60.18
N TRP H 404 15.16 -8.89 -60.67
CA TRP H 404 14.09 -8.22 -61.43
C TRP H 404 13.46 -7.05 -60.66
N ASN H 405 13.21 -7.25 -59.36
CA ASN H 405 12.72 -6.15 -58.50
C ASN H 405 13.60 -4.91 -58.53
N ALA H 406 14.92 -5.09 -58.40
CA ALA H 406 15.88 -3.97 -58.40
C ALA H 406 15.96 -3.20 -59.75
N GLU H 407 15.97 -3.92 -60.87
CA GLU H 407 16.19 -3.30 -62.24
C GLU H 407 15.13 -2.36 -62.87
N ALA H 408 13.89 -2.54 -62.44
CA ALA H 408 12.81 -1.55 -62.64
C ALA H 408 12.89 -0.57 -61.48
N THR H 409 12.18 0.55 -61.48
CA THR H 409 11.44 1.18 -62.56
C THR H 409 11.04 2.56 -62.03
N PRO H 410 10.65 2.66 -60.74
CA PRO H 410 10.27 3.57 -59.64
C PRO H 410 8.76 3.61 -59.39
N GLU H 411 8.00 3.90 -60.44
CA GLU H 411 6.54 3.81 -60.41
C GLU H 411 6.14 2.33 -60.30
N GLU H 412 6.90 1.47 -60.96
CA GLU H 412 6.66 0.03 -60.94
C GLU H 412 7.02 -0.59 -59.57
N LYS H 413 8.11 -0.13 -58.96
CA LYS H 413 8.50 -0.54 -57.62
C LYS H 413 7.42 -0.20 -56.58
N GLU H 414 6.86 1.01 -56.65
CA GLU H 414 5.79 1.40 -55.73
C GLU H 414 4.51 0.59 -55.98
N GLN H 415 4.23 0.30 -57.24
CA GLN H 415 3.09 -0.54 -57.59
C GLN H 415 3.26 -1.98 -57.10
N HIS H 416 4.49 -2.48 -57.14
CA HIS H 416 4.80 -3.84 -56.72
C HIS H 416 4.62 -4.00 -55.22
N LYS H 417 5.09 -3.01 -54.45
CA LYS H 417 4.87 -2.98 -53.00
C LYS H 417 3.40 -2.96 -52.64
N LYS H 418 2.60 -2.19 -53.37
CA LYS H 418 1.17 -2.15 -53.16
C LYS H 418 0.53 -3.49 -53.47
N ASP H 419 0.96 -4.10 -54.57
CA ASP H 419 0.46 -5.43 -54.97
C ASP H 419 0.77 -6.48 -53.92
N ARG H 420 1.98 -6.44 -53.38
CA ARG H 420 2.41 -7.38 -52.36
C ARG H 420 1.66 -7.18 -51.06
N ALA H 421 1.49 -5.93 -50.62
CA ALA H 421 0.70 -5.62 -49.42
C ALA H 421 -0.71 -6.18 -49.52
N SER H 422 -1.32 -5.98 -50.67
CA SER H 422 -2.66 -6.49 -50.91
C SER H 422 -2.73 -8.03 -50.94
N ALA H 423 -1.75 -8.68 -51.56
CA ALA H 423 -1.67 -10.14 -51.57
C ALA H 423 -1.39 -10.69 -50.15
N LEU H 424 -0.70 -9.91 -49.32
CA LEU H 424 -0.39 -10.29 -47.95
C LEU H 424 -1.47 -9.89 -46.94
N THR H 425 -2.69 -9.66 -47.42
CA THR H 425 -3.81 -9.29 -46.57
C THR H 425 -4.92 -10.30 -46.83
N GLN H 426 -5.33 -11.07 -45.81
CA GLN H 426 -6.39 -12.05 -46.00
C GLN H 426 -7.63 -11.69 -45.19
N GLN H 427 -8.81 -11.91 -45.77
CA GLN H 427 -10.09 -11.63 -45.13
C GLN H 427 -10.71 -12.97 -44.69
N LEU H 428 -11.25 -13.00 -43.48
CA LEU H 428 -12.01 -14.16 -42.98
C LEU H 428 -13.35 -13.67 -42.46
N ASP H 429 -14.42 -14.33 -42.90
CA ASP H 429 -15.78 -14.00 -42.48
C ASP H 429 -16.16 -14.87 -41.29
N LEU H 430 -16.26 -14.28 -40.11
CA LEU H 430 -16.47 -15.03 -38.89
C LEU H 430 -17.89 -14.89 -38.35
N GLY H 431 -18.81 -14.52 -39.24
CA GLY H 431 -20.23 -14.38 -38.86
C GLY H 431 -20.55 -12.90 -38.74
N LEU H 432 -20.77 -12.45 -37.52
CA LEU H 432 -21.02 -11.03 -37.23
C LEU H 432 -19.76 -10.18 -37.31
N TRP H 433 -18.60 -10.84 -37.26
CA TRP H 433 -17.30 -10.19 -37.31
C TRP H 433 -16.47 -10.80 -38.42
N ASP H 434 -15.59 -9.98 -38.99
CA ASP H 434 -14.56 -10.46 -39.88
C ASP H 434 -13.20 -10.28 -39.23
N ALA H 435 -12.23 -11.07 -39.67
CA ALA H 435 -10.83 -10.83 -39.30
C ALA H 435 -10.03 -10.55 -40.54
N GLU H 436 -9.06 -9.65 -40.42
CA GLU H 436 -8.11 -9.40 -41.46
C GLU H 436 -6.74 -9.81 -40.94
N VAL H 437 -6.08 -10.69 -41.69
CA VAL H 437 -4.76 -11.17 -41.30
C VAL H 437 -3.71 -10.61 -42.25
N THR H 438 -2.67 -10.01 -41.68
CA THR H 438 -1.59 -9.42 -42.45
C THR H 438 -0.25 -9.89 -41.93
N TYR H 439 0.75 -9.85 -42.80
CA TYR H 439 2.05 -10.48 -42.50
C TYR H 439 3.25 -9.56 -42.73
N GLY H 440 4.12 -9.49 -41.73
CA GLY H 440 5.40 -8.78 -41.84
C GLY H 440 5.23 -7.28 -41.71
N ARG H 441 4.91 -6.84 -40.51
CA ARG H 441 4.77 -5.42 -40.23
C ARG H 441 5.06 -5.16 -38.76
N PRO H 442 5.39 -3.92 -38.39
CA PRO H 442 5.59 -3.63 -36.97
C PRO H 442 4.34 -3.93 -36.11
N MET H 443 4.53 -3.93 -34.80
CA MET H 443 3.47 -4.21 -33.81
C MET H 443 2.70 -2.95 -33.39
N PHE H 444 3.06 -1.83 -34.02
CA PHE H 444 2.58 -0.49 -33.65
C PHE H 444 2.39 0.30 -34.95
N TRP H 445 1.36 1.13 -35.00
CA TRP H 445 0.98 1.90 -36.20
C TRP H 445 0.48 0.99 -37.34
N VAL H 446 0.33 1.57 -38.52
CA VAL H 446 -0.40 0.95 -39.64
C VAL H 446 0.41 0.86 -40.95
N THR H 447 1.74 0.90 -40.86
CA THR H 447 2.54 0.75 -42.08
C THR H 447 2.23 -0.61 -42.75
N PRO H 448 2.03 -0.61 -44.09
CA PRO H 448 1.54 -1.81 -44.78
C PRO H 448 2.46 -3.04 -44.70
N PRO H 449 1.87 -4.24 -44.82
CA PRO H 449 2.64 -5.49 -44.71
C PRO H 449 3.60 -5.73 -45.88
N GLU H 450 4.82 -6.17 -45.56
CA GLU H 450 5.82 -6.51 -46.56
C GLU H 450 6.22 -7.98 -46.54
N GLY H 451 5.59 -8.78 -45.66
CA GLY H 451 5.88 -10.21 -45.57
C GLY H 451 7.04 -10.51 -44.64
N ASN H 452 7.08 -11.74 -44.16
CA ASN H 452 8.20 -12.22 -43.38
C ASN H 452 9.26 -12.76 -44.30
N THR H 453 10.49 -12.74 -43.84
CA THR H 453 11.63 -13.25 -44.60
C THR H 453 12.38 -14.27 -43.74
N PRO H 454 12.26 -15.57 -44.07
CA PRO H 454 11.42 -16.19 -45.11
C PRO H 454 9.91 -16.14 -44.78
N ALA H 455 9.06 -16.41 -45.77
CA ALA H 455 7.62 -16.54 -45.57
C ALA H 455 7.39 -17.62 -44.49
N ALA H 456 6.55 -17.31 -43.51
CA ALA H 456 6.43 -18.18 -42.32
C ALA H 456 5.16 -18.01 -41.47
N GLY H 457 4.41 -16.94 -41.69
CA GLY H 457 3.31 -16.59 -40.82
C GLY H 457 2.04 -17.42 -40.97
N GLY H 458 1.17 -17.31 -39.97
CA GLY H 458 -0.16 -17.86 -40.06
C GLY H 458 -1.03 -17.52 -38.86
N ALA H 459 -2.27 -17.99 -38.90
CA ALA H 459 -3.24 -17.71 -37.84
C ALA H 459 -4.29 -18.79 -37.74
N LEU H 460 -4.72 -19.08 -36.51
CA LEU H 460 -5.83 -19.96 -36.25
C LEU H 460 -6.90 -19.17 -35.50
N ILE H 461 -8.17 -19.38 -35.87
CA ILE H 461 -9.32 -18.79 -35.18
C ILE H 461 -10.40 -19.85 -34.98
N ALA H 462 -10.98 -19.90 -33.77
CA ALA H 462 -12.14 -20.76 -33.49
C ALA H 462 -13.23 -19.90 -32.91
N GLN H 463 -14.48 -20.12 -33.32
CA GLN H 463 -15.57 -19.35 -32.78
C GLN H 463 -16.07 -19.99 -31.51
N LEU H 464 -16.10 -19.23 -30.43
CA LEU H 464 -16.67 -19.71 -29.17
C LEU H 464 -18.16 -19.32 -29.00
N ASP H 465 -18.54 -18.14 -29.49
CA ASP H 465 -19.93 -17.65 -29.33
CA ASP H 465 -19.95 -17.65 -29.38
C ASP H 465 -20.09 -16.58 -30.45
N ASP H 466 -21.26 -15.97 -30.56
CA ASP H 466 -21.53 -14.98 -31.61
C ASP H 466 -20.47 -13.87 -31.72
N ASN H 467 -19.95 -13.44 -30.57
CA ASN H 467 -19.06 -12.31 -30.48
C ASN H 467 -17.72 -12.65 -29.83
N GLU H 468 -17.39 -13.95 -29.75
CA GLU H 468 -16.21 -14.37 -29.05
C GLU H 468 -15.44 -15.43 -29.83
N TYR H 469 -14.12 -15.27 -29.87
CA TYR H 469 -13.24 -16.13 -30.66
C TYR H 469 -11.97 -16.48 -29.92
N LEU H 470 -11.46 -17.68 -30.18
CA LEU H 470 -10.18 -18.09 -29.71
C LEU H 470 -9.21 -17.81 -30.85
N VAL H 471 -8.07 -17.18 -30.57
CA VAL H 471 -7.16 -16.73 -31.61
C VAL H 471 -5.74 -16.99 -31.20
N THR H 472 -4.96 -17.60 -32.09
CA THR H 472 -3.52 -17.68 -31.90
C THR H 472 -2.86 -17.56 -33.29
N ALA H 473 -1.76 -16.88 -33.37
CA ALA H 473 -1.12 -16.63 -34.65
C ALA H 473 0.38 -16.51 -34.49
N TYR H 474 1.07 -16.29 -35.60
CA TYR H 474 2.48 -16.46 -35.69
C TYR H 474 3.00 -15.55 -36.76
N LYS H 475 3.87 -14.62 -36.38
CA LYS H 475 4.48 -13.66 -37.33
C LYS H 475 3.43 -13.03 -38.19
N ALA H 476 2.41 -12.48 -37.54
CA ALA H 476 1.30 -11.90 -38.23
C ALA H 476 0.52 -10.97 -37.34
N ARG H 477 -0.30 -10.15 -37.97
CA ARG H 477 -1.28 -9.33 -37.27
C ARG H 477 -2.67 -9.82 -37.61
N VAL H 478 -3.52 -9.90 -36.58
CA VAL H 478 -4.94 -10.20 -36.76
C VAL H 478 -5.78 -8.99 -36.27
N GLU H 479 -6.62 -8.43 -37.14
CA GLU H 479 -7.50 -7.29 -36.76
C GLU H 479 -8.97 -7.66 -37.03
N PHE H 480 -9.82 -7.36 -36.06
CA PHE H 480 -11.25 -7.66 -36.13
C PHE H 480 -12.05 -6.44 -36.53
N LYS H 481 -13.11 -6.66 -37.30
CA LYS H 481 -14.03 -5.60 -37.69
C LYS H 481 -15.42 -6.19 -37.89
N PRO H 482 -16.46 -5.34 -37.93
CA PRO H 482 -17.80 -5.87 -38.18
C PRO H 482 -17.91 -6.50 -39.54
N SER H 483 -18.66 -7.59 -39.65
CA SER H 483 -18.84 -8.27 -40.95
C SER H 483 -19.85 -7.55 -41.84
N GLN H 484 -20.74 -6.77 -41.22
CA GLN H 484 -21.82 -6.06 -41.90
C GLN H 484 -21.82 -4.65 -41.38
N GLU H 485 -22.01 -3.64 -42.24
CA GLU H 485 -22.15 -2.25 -41.79
C GLU H 485 -23.13 -2.24 -40.64
N LEU H 486 -22.76 -1.54 -39.57
CA LEU H 486 -23.64 -1.44 -38.43
C LEU H 486 -24.31 -0.15 -38.83
N ALA H 487 -25.42 0.12 -38.19
CA ALA H 487 -26.25 1.23 -38.65
C ALA H 487 -26.37 2.28 -37.56
N GLY H 488 -25.41 3.19 -37.41
CA GLY H 488 -25.42 4.13 -36.29
C GLY H 488 -24.92 3.47 -35.01
N LYS H 489 -24.43 2.23 -35.11
CA LYS H 489 -23.60 1.72 -34.03
C LYS H 489 -22.09 1.83 -34.32
N LYS H 490 -21.32 1.86 -33.24
CA LYS H 490 -19.88 1.77 -33.31
C LYS H 490 -19.46 0.38 -32.84
N PHE H 491 -18.17 0.07 -32.94
CA PHE H 491 -17.68 -1.20 -32.41
C PHE H 491 -16.34 -1.03 -31.76
N MET H 492 -16.04 -1.96 -30.87
CA MET H 492 -14.71 -2.07 -30.32
C MET H 492 -14.47 -3.50 -29.88
N ILE H 493 -13.21 -3.78 -29.57
CA ILE H 493 -12.85 -4.92 -28.74
C ILE H 493 -13.42 -4.70 -27.35
N GLU H 494 -14.16 -5.67 -26.83
CA GLU H 494 -14.65 -5.57 -25.46
C GLU H 494 -13.57 -6.04 -24.50
N ARG H 495 -12.95 -7.18 -24.83
CA ARG H 495 -11.91 -7.73 -23.98
C ARG H 495 -11.08 -8.77 -24.74
N VAL H 496 -9.77 -8.70 -24.59
CA VAL H 496 -8.85 -9.74 -25.05
C VAL H 496 -8.14 -10.31 -23.83
N GLU H 497 -8.28 -11.62 -23.61
CA GLU H 497 -7.55 -12.30 -22.53
C GLU H 497 -6.55 -13.26 -23.11
N GLU H 498 -5.32 -13.21 -22.59
CA GLU H 498 -4.36 -14.27 -22.88
C GLU H 498 -4.48 -15.31 -21.77
N GLY H 499 -4.45 -16.59 -22.13
CA GLY H 499 -4.53 -17.62 -21.11
C GLY H 499 -4.30 -19.01 -21.65
N ARG H 500 -4.86 -19.99 -20.92
CA ARG H 500 -4.66 -21.39 -21.25
C ARG H 500 -5.84 -22.19 -20.76
N PHE H 501 -5.92 -23.43 -21.23
CA PHE H 501 -6.89 -24.39 -20.71
C PHE H 501 -6.23 -25.30 -19.68
N GLU H 502 -6.87 -25.43 -18.53
CA GLU H 502 -6.39 -26.32 -17.47
C GLU H 502 -7.58 -27.22 -17.11
N LYS H 503 -7.43 -28.52 -17.30
CA LYS H 503 -8.52 -29.46 -17.04
C LYS H 503 -9.77 -29.06 -17.82
N GLY H 504 -9.59 -28.62 -19.07
CA GLY H 504 -10.69 -28.13 -19.92
C GLY H 504 -11.29 -26.77 -19.59
N LYS H 505 -10.79 -26.10 -18.55
CA LYS H 505 -11.30 -24.79 -18.14
C LYS H 505 -10.31 -23.66 -18.50
N TRP H 506 -10.84 -22.56 -19.03
CA TRP H 506 -10.04 -21.36 -19.34
C TRP H 506 -9.50 -20.68 -18.10
N VAL H 507 -8.19 -20.45 -18.08
CA VAL H 507 -7.53 -19.70 -17.03
C VAL H 507 -6.92 -18.47 -17.64
N MET H 508 -7.36 -17.30 -17.17
CA MET H 508 -6.84 -16.03 -17.67
C MET H 508 -5.47 -15.76 -17.07
N GLU H 509 -4.51 -15.33 -17.90
CA GLU H 509 -3.19 -14.92 -17.41
C GLU H 509 -3.08 -13.40 -17.37
N ARG H 510 -3.55 -12.75 -18.43
CA ARG H 510 -3.55 -11.30 -18.49
C ARG H 510 -4.55 -10.82 -19.52
N VAL H 511 -4.85 -9.54 -19.45
CA VAL H 511 -5.66 -8.87 -20.45
C VAL H 511 -4.75 -8.08 -21.40
N TRP H 512 -4.89 -8.29 -22.70
CA TRP H 512 -4.22 -7.44 -23.67
C TRP H 512 -5.06 -6.20 -23.82
N ASN H 513 -4.41 -5.04 -23.74
CA ASN H 513 -5.12 -3.78 -23.96
C ASN H 513 -4.12 -2.70 -24.40
N GLY H 514 -4.59 -1.47 -24.56
CA GLY H 514 -3.70 -0.38 -24.94
C GLY H 514 -2.95 -0.66 -26.23
N ASP H 515 -1.64 -0.50 -26.18
CA ASP H 515 -0.75 -0.70 -27.32
C ASP H 515 -0.97 -2.08 -27.90
N GLN H 516 -1.27 -3.07 -27.04
CA GLN H 516 -1.37 -4.45 -27.51
C GLN H 516 -2.65 -4.73 -28.33
N THR H 517 -3.63 -3.82 -28.28
CA THR H 517 -4.85 -3.98 -29.06
C THR H 517 -5.21 -2.79 -29.90
N ASP H 518 -4.41 -1.73 -29.86
CA ASP H 518 -4.69 -0.52 -30.65
C ASP H 518 -4.49 -0.76 -32.15
N TRP H 519 -3.60 -1.68 -32.52
CA TRP H 519 -3.17 -1.86 -33.90
C TRP H 519 -3.30 -3.32 -34.28
N GLY H 520 -4.47 -3.88 -34.03
CA GLY H 520 -4.68 -5.30 -34.18
C GLY H 520 -3.97 -6.09 -33.10
N LEU H 521 -3.95 -7.39 -33.28
CA LEU H 521 -3.32 -8.31 -32.35
C LEU H 521 -2.08 -8.85 -33.05
N ASN H 522 -0.92 -8.47 -32.53
CA ASN H 522 0.36 -8.73 -33.20
C ASN H 522 1.13 -9.85 -32.53
N PHE H 523 1.52 -10.83 -33.35
CA PHE H 523 2.17 -12.02 -32.88
C PHE H 523 3.54 -12.12 -33.53
N THR H 524 4.51 -12.60 -32.76
CA THR H 524 5.86 -12.84 -33.29
C THR H 524 6.03 -14.34 -33.37
N ASP H 525 7.14 -14.87 -32.86
CA ASP H 525 7.39 -16.29 -32.89
CA ASP H 525 7.42 -16.30 -32.87
C ASP H 525 6.98 -16.97 -31.59
N ARG H 526 6.62 -16.19 -30.58
CA ARG H 526 6.24 -16.78 -29.28
C ARG H 526 4.76 -17.12 -29.23
N PRO H 527 4.39 -18.16 -28.45
CA PRO H 527 3.01 -18.60 -28.36
C PRO H 527 2.14 -17.74 -27.45
N HIS H 528 1.00 -17.29 -27.95
CA HIS H 528 -0.02 -16.65 -27.12
C HIS H 528 -1.36 -17.14 -27.59
N LEU H 529 -2.16 -17.63 -26.65
CA LEU H 529 -3.53 -18.03 -26.92
C LEU H 529 -4.48 -17.00 -26.35
N LEU H 530 -5.31 -16.40 -27.20
CA LEU H 530 -6.17 -15.30 -26.83
C LEU H 530 -7.64 -15.65 -26.98
N ARG H 531 -8.44 -15.11 -26.06
CA ARG H 531 -9.90 -15.10 -26.22
C ARG H 531 -10.31 -13.67 -26.47
N VAL H 532 -10.95 -13.45 -27.60
CA VAL H 532 -11.26 -12.13 -28.07
C VAL H 532 -12.78 -11.97 -28.09
N LYS H 533 -13.27 -10.99 -27.32
CA LYS H 533 -14.70 -10.67 -27.30
C LYS H 533 -14.93 -9.31 -27.94
N MET H 534 -15.77 -9.29 -28.97
CA MET H 534 -16.06 -8.05 -29.71
C MET H 534 -17.43 -7.52 -29.29
N ALA H 535 -17.64 -6.20 -29.45
CA ALA H 535 -18.93 -5.59 -29.14
C ALA H 535 -19.24 -4.47 -30.10
N SER H 536 -20.48 -4.42 -30.55
CA SER H 536 -21.02 -3.24 -31.17
C SER H 536 -21.79 -2.48 -30.08
N TYR H 537 -21.87 -1.17 -30.21
CA TYR H 537 -22.54 -0.38 -29.20
C TYR H 537 -23.17 0.85 -29.81
N SER H 538 -24.26 1.31 -29.19
CA SER H 538 -24.99 2.47 -29.67
C SER H 538 -24.35 3.77 -29.20
N VAL H 539 -24.36 4.78 -30.09
CA VAL H 539 -24.01 6.16 -29.78
C VAL H 539 -25.18 7.14 -30.04
N GLN H 540 -26.40 6.61 -30.20
CA GLN H 540 -27.61 7.40 -30.55
C GLN H 540 -28.13 8.20 -29.36
#